data_8E96
#
_entry.id   8E96
#
_cell.length_a   1.00
_cell.length_b   1.00
_cell.length_c   1.00
_cell.angle_alpha   90.00
_cell.angle_beta   90.00
_cell.angle_gamma   90.00
#
_symmetry.space_group_name_H-M   'P 1'
#
loop_
_entity.id
_entity.type
_entity.pdbx_description
1 polymer 'Glutamate receptor ionotropic, NMDA 1'
2 polymer 'Glutamate receptor ionotropic, NMDA 2D'
3 non-polymer GLYCINE
4 non-polymer 2-acetamido-2-deoxy-beta-D-glucopyranose
5 non-polymer 'GLUTAMIC ACID'
#
loop_
_entity_poly.entity_id
_entity_poly.type
_entity_poly.pdbx_seq_one_letter_code
_entity_poly.pdbx_strand_id
1 'polypeptide(L)'
;RAASDPKIVNIGAVLSTRKHEQMFREAVNQANKRHGSWKIQLNATSVTHKPNAIQMALSVCEDLISSQVYAILVSHPPTP
NDHFTPTPVSYTAGFYRIPVLGLTTRMSIYSDKSIHLSFLRTVPPYSHQSSVWFEMMRVYSWNHIILLVSDDHEGRAAQK
RLETLLEERESKAEKVLQFDPGTKNVTALLMEAKELEARVIILSASEDDAATVYRAAAMLNMTGSGYVWLVGEREISGNA
LRYAPDGILGLQLINGKNESAHISDAVGVVAQAVHELLEKENITDPPRGCVGNTNIWKTGPLFKRVLMSSKYADGVTGRV
EFNEDGDRKFANYSIMNLQNRKLVQVGIYNGTHVIPNDRKIIWPGGETEKPRGYQMSTRLKIVTIHQEPFVYVKPTLSDG
TCKEEFTVNGDPVKKVICTGPNDTSPGSPRHTVPQCCYGFCIDLLIKLARTMNFTYEVHLVADGKFGTQERVNNSNKKEW
NGMMGELLSGQADMIVAPLTINNERAQYIEFSKPFKYQGLTILVKKEIPRSTLDSFMQPFQSTLWLLVGLSVHVVAVMLY
LLDRFSPFGRFKVNSEEEEEDALTLSSAMWFSWGVLLNSGIGEGAPRSFSARILGMVWAGFAMIIVASYTANLAAFLVLD
RPEERITGINDPRLRNPSDKFIYATVKQSSVDIYFRRQVELSTMYRHMEKHNYESAAEAIQAVRDNKLHAFIWDSAVLEF
EASQKCDLVTTGELFFRSGFGIGMRKDSPWKQNVSLSILKSHENGFMEDLDKTWVRYQECDSRSNAPATLTFENMAGVFM
LVAGGIVAGIFLIFIEIAYKRHKDANGAQ
;
A,C
2 'polypeptide(L)'
;WSHPQFEKGGGSGGGSGGSAWSHPQFEKGALVPRGFPEEAPGPGGAGGPGGGLGGARPLNVALVFSGPAYAAEAARLGPA
VAAAVRSPGLDVRPVALVLNGSDPRSLVLQLCDLLSGLRVHGVVFEDDSRAPAVAPILDFLSAQTSLPIVAVHGGAALVL
TPKEKGSTFLQLGSSTEQQLQVIFEVLEEYDWTSFVAVTTRAPGHRAFLSYIEVLTDGSLVGWEHRGALTLDPGAGEAVL
SAQLRSVSAQIRLLFCAREEAEPVFRAAEEAGLTGSGYVWFMVGPQLAGGGGSGAPGEPPLLPGGAPLPAGLFAVRSAGW
RDDLARRVAAGVAVVARGAQALLRDYGFLPELGHDCRAQNRTHRGESLHRYFMNITWDNRDYSFNEDGFLVNPSLVVISL
TRDRTWEVVGSWEQQTLRLKYPLWSRYGRFLQPVDDTQHLTVATLEERPFVIVEPADPISGTCIRDSVPCRSQLNRTHSP
PPDAPRPEKRCCKGFCIDILKRLAHTIGFSYDLYLVTNGKHGKKIDGVWNGMIGEVFYQRADMAIGSLTINEERSEIVDF
SVPFVETGISVMVARSNGTVSPSAFLEPYSPAVWVMMFVMCLTVVAVTVFIFEYLSPVGYNRSLATGKRPGGSTFTIGKS
IWLLWALVFNNSVPVENPRGTTSKIMVLVWAFFAVIFLASYTANLAAFMIQEEYVDTVSGLSDRKFQRPQEQYPPLKFGT
VPNGSTEKNIRSNYPDMHSYMVRYNQPRVEEALTQLKAGKLDAFIYDAAVLNYMARKDEGCKLVTIGSGKVFATTGYGIA
LHKGSRWKRPIDLALLQFLGDDEIEMLERLWLSGICHNDKIEVMSSKLDIDNMAGVFYMLLVAMGLSLLVFAWEHLVYWR
LRHCLGP
;
B,D
#
# COMPACT_ATOMS: atom_id res chain seq x y z
N LYS A 7 -52.62 28.37 28.29
CA LYS A 7 -51.63 27.56 29.00
C LYS A 7 -50.76 28.43 29.91
N ILE A 8 -50.76 28.11 31.19
CA ILE A 8 -49.98 28.88 32.16
C ILE A 8 -48.52 28.46 32.08
N VAL A 9 -47.64 29.45 31.92
CA VAL A 9 -46.20 29.22 31.88
C VAL A 9 -45.59 29.96 33.06
N ASN A 10 -44.90 29.22 33.92
CA ASN A 10 -44.30 29.77 35.13
C ASN A 10 -42.79 29.80 34.97
N ILE A 11 -42.17 30.91 35.32
CA ILE A 11 -40.73 31.10 35.22
C ILE A 11 -40.20 31.25 36.64
N GLY A 12 -39.64 30.18 37.18
CA GLY A 12 -39.09 30.22 38.52
C GLY A 12 -37.69 30.80 38.58
N ALA A 13 -37.29 31.17 39.78
CA ALA A 13 -35.98 31.78 40.01
C ALA A 13 -35.73 31.86 41.50
N VAL A 14 -34.45 31.74 41.88
CA VAL A 14 -34.02 31.97 43.25
C VAL A 14 -33.06 33.15 43.25
N LEU A 15 -33.38 34.17 44.06
CA LEU A 15 -32.62 35.40 44.10
C LEU A 15 -32.23 35.73 45.53
N SER A 16 -31.40 36.76 45.68
CA SER A 16 -30.99 37.27 46.97
C SER A 16 -31.53 38.68 47.14
N THR A 17 -31.94 39.01 48.38
CA THR A 17 -32.44 40.33 48.76
C THR A 17 -33.82 40.59 48.16
N ARG A 18 -34.70 41.22 48.93
CA ARG A 18 -36.07 41.47 48.47
C ARG A 18 -36.08 42.42 47.28
N LYS A 19 -35.22 43.45 47.30
CA LYS A 19 -35.25 44.46 46.24
C LYS A 19 -34.89 43.86 44.89
N HIS A 20 -33.92 42.94 44.84
CA HIS A 20 -33.53 42.33 43.59
C HIS A 20 -34.68 41.55 42.96
N GLU A 21 -35.48 40.87 43.80
CA GLU A 21 -36.63 40.12 43.30
C GLU A 21 -37.67 41.04 42.67
N GLN A 22 -37.69 42.32 43.06
CA GLN A 22 -38.65 43.25 42.47
C GLN A 22 -38.41 43.46 40.98
N MET A 23 -37.14 43.60 40.58
CA MET A 23 -36.82 43.74 39.17
C MET A 23 -37.10 42.47 38.38
N PHE A 24 -37.15 41.32 39.06
CA PHE A 24 -37.55 40.08 38.38
C PHE A 24 -38.97 40.19 37.86
N ARG A 25 -39.87 40.78 38.65
CA ARG A 25 -41.23 41.00 38.19
C ARG A 25 -41.28 41.95 37.01
N GLU A 26 -40.45 43.01 37.05
CA GLU A 26 -40.39 43.95 35.93
C GLU A 26 -39.90 43.28 34.66
N ALA A 27 -38.87 42.43 34.77
CA ALA A 27 -38.34 41.76 33.59
C ALA A 27 -39.37 40.81 32.98
N VAL A 28 -40.05 40.03 33.82
CA VAL A 28 -41.03 39.07 33.30
C VAL A 28 -42.26 39.79 32.77
N ASN A 29 -42.60 40.95 33.34
CA ASN A 29 -43.76 41.69 32.88
C ASN A 29 -43.57 42.17 31.44
N GLN A 30 -42.37 42.64 31.11
CA GLN A 30 -42.09 43.10 29.75
C GLN A 30 -42.13 41.97 28.73
N ALA A 31 -41.96 40.73 29.17
CA ALA A 31 -41.95 39.61 28.23
C ALA A 31 -43.30 39.45 27.54
N ASN A 32 -44.39 39.60 28.28
CA ASN A 32 -45.72 39.46 27.67
C ASN A 32 -45.98 40.54 26.63
N LYS A 33 -45.61 41.78 26.92
CA LYS A 33 -45.88 42.88 26.01
C LYS A 33 -44.92 42.90 24.83
N ARG A 34 -43.66 42.51 25.04
CA ARG A 34 -42.67 42.58 23.97
C ARG A 34 -42.93 41.57 22.85
N HIS A 35 -43.77 40.57 23.10
CA HIS A 35 -44.04 39.53 22.12
C HIS A 35 -45.53 39.47 21.80
N GLY A 36 -45.85 38.80 20.70
CA GLY A 36 -47.22 38.67 20.25
C GLY A 36 -47.89 37.41 20.75
N SER A 37 -47.34 36.81 21.80
CA SER A 37 -47.93 35.60 22.37
C SER A 37 -49.34 35.87 22.87
N TRP A 38 -50.25 34.97 22.51
CA TRP A 38 -51.66 35.10 22.86
C TRP A 38 -52.15 34.09 23.88
N LYS A 39 -51.73 32.83 23.75
CA LYS A 39 -52.14 31.77 24.67
C LYS A 39 -51.08 31.47 25.73
N ILE A 40 -50.05 32.30 25.82
CA ILE A 40 -48.95 32.07 26.76
C ILE A 40 -48.94 33.22 27.77
N GLN A 41 -48.98 32.85 29.05
CA GLN A 41 -48.93 33.81 30.14
C GLN A 41 -47.75 33.48 31.05
N LEU A 42 -47.04 34.51 31.50
CA LEU A 42 -45.84 34.35 32.30
C LEU A 42 -46.08 34.86 33.71
N ASN A 43 -45.63 34.09 34.70
CA ASN A 43 -45.74 34.46 36.10
C ASN A 43 -44.39 34.27 36.78
N ALA A 44 -44.15 35.07 37.81
CA ALA A 44 -42.88 35.08 38.54
C ALA A 44 -43.09 34.56 39.94
N THR A 45 -42.21 33.65 40.37
CA THR A 45 -42.21 33.11 41.73
C THR A 45 -40.98 33.60 42.46
N SER A 46 -41.19 34.18 43.64
CA SER A 46 -40.11 34.76 44.44
C SER A 46 -39.93 33.95 45.72
N VAL A 47 -38.69 33.52 45.96
CA VAL A 47 -38.33 32.81 47.18
C VAL A 47 -36.97 33.32 47.64
N THR A 48 -36.83 33.55 48.95
CA THR A 48 -35.57 34.02 49.50
C THR A 48 -34.66 32.85 49.83
N HIS A 49 -33.37 33.15 49.92
CA HIS A 49 -32.38 32.13 50.24
C HIS A 49 -32.45 31.75 51.72
N LYS A 50 -32.49 30.45 51.99
CA LYS A 50 -32.48 29.96 53.36
C LYS A 50 -31.06 29.77 53.83
N PRO A 51 -30.63 30.42 54.92
CA PRO A 51 -29.22 30.37 55.35
C PRO A 51 -28.83 29.07 56.05
N ASN A 52 -29.23 27.94 55.45
CA ASN A 52 -28.85 26.62 55.91
C ASN A 52 -29.23 25.61 54.85
N ALA A 53 -28.34 24.64 54.62
CA ALA A 53 -28.54 23.69 53.53
C ALA A 53 -29.59 22.63 53.83
N ILE A 54 -29.82 22.30 55.10
CA ILE A 54 -30.72 21.20 55.43
C ILE A 54 -32.15 21.51 54.99
N GLN A 55 -32.66 22.69 55.36
CA GLN A 55 -34.00 23.07 54.97
C GLN A 55 -34.04 23.85 53.67
N MET A 56 -32.90 24.03 53.01
CA MET A 56 -32.89 24.66 51.69
C MET A 56 -33.63 23.79 50.68
N ALA A 57 -33.44 22.47 50.75
CA ALA A 57 -34.11 21.57 49.82
C ALA A 57 -35.62 21.51 50.07
N LEU A 58 -36.05 21.73 51.31
CA LEU A 58 -37.48 21.70 51.61
C LEU A 58 -38.21 22.83 50.89
N SER A 59 -37.62 24.02 50.85
CA SER A 59 -38.29 25.17 50.26
C SER A 59 -38.44 25.02 48.74
N VAL A 60 -37.39 24.55 48.06
CA VAL A 60 -37.44 24.43 46.61
C VAL A 60 -38.42 23.34 46.20
N CYS A 61 -38.48 22.25 46.97
CA CYS A 61 -39.39 21.16 46.65
C CYS A 61 -40.84 21.56 46.87
N GLU A 62 -41.14 22.17 48.03
CA GLU A 62 -42.52 22.44 48.40
C GLU A 62 -43.13 23.63 47.66
N ASP A 63 -42.30 24.56 47.16
CA ASP A 63 -42.82 25.79 46.59
C ASP A 63 -42.53 25.90 45.09
N LEU A 64 -41.26 25.84 44.69
CA LEU A 64 -40.93 26.05 43.28
C LEU A 64 -41.30 24.85 42.43
N ILE A 65 -41.01 23.63 42.91
CA ILE A 65 -41.34 22.44 42.15
C ILE A 65 -42.84 22.27 42.01
N SER A 66 -43.58 22.51 43.11
CA SER A 66 -45.03 22.38 43.08
C SER A 66 -45.71 23.42 42.20
N SER A 67 -44.98 24.46 41.78
CA SER A 67 -45.53 25.51 40.93
C SER A 67 -45.21 25.30 39.46
N GLN A 68 -44.73 24.12 39.09
CA GLN A 68 -44.44 23.72 37.70
C GLN A 68 -43.77 24.85 36.90
N VAL A 69 -42.68 25.37 37.46
CA VAL A 69 -41.96 26.46 36.81
C VAL A 69 -41.20 25.94 35.58
N TYR A 70 -40.93 26.85 34.66
CA TYR A 70 -40.15 26.56 33.45
C TYR A 70 -38.81 27.26 33.61
N ALA A 71 -37.77 26.49 33.91
CA ALA A 71 -36.41 26.97 34.13
C ALA A 71 -36.30 27.80 35.40
N ILE A 72 -35.14 27.77 36.04
CA ILE A 72 -34.91 28.46 37.31
C ILE A 72 -33.65 29.30 37.19
N LEU A 73 -33.69 30.51 37.74
CA LEU A 73 -32.55 31.41 37.76
C LEU A 73 -31.92 31.39 39.15
N VAL A 74 -30.61 31.24 39.20
CA VAL A 74 -29.88 31.22 40.46
C VAL A 74 -29.14 32.55 40.62
N SER A 75 -28.57 32.76 41.81
CA SER A 75 -27.90 34.01 42.11
C SER A 75 -26.76 33.76 43.08
N HIS A 76 -25.84 34.71 43.12
CA HIS A 76 -24.71 34.64 44.03
C HIS A 76 -25.18 34.76 45.48
N PRO A 77 -24.67 33.91 46.38
CA PRO A 77 -25.09 34.01 47.78
C PRO A 77 -24.47 35.23 48.44
N PRO A 78 -25.05 35.71 49.55
CA PRO A 78 -24.47 36.88 50.23
C PRO A 78 -23.04 36.67 50.70
N THR A 79 -22.66 35.43 51.01
CA THR A 79 -21.29 35.17 51.43
C THR A 79 -20.33 35.46 50.29
N PRO A 80 -19.12 35.96 50.61
CA PRO A 80 -18.19 36.35 49.53
C PRO A 80 -17.83 35.22 48.57
N ASN A 81 -17.66 33.99 49.07
CA ASN A 81 -17.29 32.87 48.21
C ASN A 81 -17.72 31.56 48.89
N ASP A 82 -18.83 31.00 48.43
CA ASP A 82 -19.34 29.75 48.97
C ASP A 82 -20.11 29.00 47.89
N HIS A 83 -20.01 27.68 47.92
CA HIS A 83 -20.76 26.81 47.01
C HIS A 83 -22.09 26.41 47.64
N PHE A 84 -22.85 27.39 48.10
CA PHE A 84 -24.03 27.16 48.92
C PHE A 84 -25.32 27.26 48.11
N THR A 85 -25.53 28.40 47.44
CA THR A 85 -26.78 28.57 46.69
C THR A 85 -26.92 27.60 45.52
N PRO A 86 -25.95 27.44 44.61
CA PRO A 86 -26.21 26.70 43.38
C PRO A 86 -26.24 25.19 43.53
N THR A 87 -25.84 24.64 44.66
CA THR A 87 -25.75 23.18 44.75
C THR A 87 -27.12 22.53 44.96
N PRO A 88 -27.92 22.91 46.00
CA PRO A 88 -29.20 22.24 46.20
C PRO A 88 -30.18 22.47 45.05
N VAL A 89 -30.15 23.67 44.47
CA VAL A 89 -31.11 24.01 43.43
C VAL A 89 -30.90 23.17 42.18
N SER A 90 -29.66 22.85 41.85
CA SER A 90 -29.36 22.04 40.68
C SER A 90 -29.47 20.56 40.94
N TYR A 91 -29.79 20.14 42.17
CA TYR A 91 -29.97 18.73 42.49
C TYR A 91 -31.43 18.32 42.38
N THR A 92 -32.31 18.98 43.14
CA THR A 92 -33.72 18.61 43.13
C THR A 92 -34.34 18.80 41.75
N ALA A 93 -34.38 20.04 41.27
CA ALA A 93 -34.94 20.29 39.95
C ALA A 93 -34.02 19.81 38.84
N GLY A 94 -32.72 19.73 39.12
CA GLY A 94 -31.77 19.30 38.09
C GLY A 94 -31.98 17.87 37.66
N PHE A 95 -32.40 17.00 38.56
CA PHE A 95 -32.61 15.60 38.25
C PHE A 95 -34.04 15.30 37.82
N TYR A 96 -34.87 16.32 37.68
CA TYR A 96 -36.14 16.21 36.98
C TYR A 96 -36.01 16.60 35.51
N ARG A 97 -34.78 16.75 35.02
CA ARG A 97 -34.50 17.26 33.67
C ARG A 97 -35.12 18.64 33.45
N ILE A 98 -35.15 19.45 34.50
CA ILE A 98 -35.61 20.83 34.41
C ILE A 98 -34.39 21.71 34.24
N PRO A 99 -34.26 22.45 33.13
CA PRO A 99 -33.09 23.29 32.94
C PRO A 99 -32.96 24.35 34.02
N VAL A 100 -31.72 24.63 34.41
CA VAL A 100 -31.41 25.64 35.41
C VAL A 100 -30.46 26.65 34.78
N LEU A 101 -30.82 27.93 34.87
CA LEU A 101 -30.03 29.00 34.28
C LEU A 101 -29.16 29.64 35.36
N GLY A 102 -27.85 29.68 35.12
CA GLY A 102 -26.91 30.22 36.07
C GLY A 102 -26.58 31.68 35.82
N LEU A 103 -27.16 32.58 36.60
CA LEU A 103 -26.90 34.00 36.40
C LEU A 103 -25.50 34.39 36.86
N THR A 104 -25.07 33.89 38.02
CA THR A 104 -23.77 34.24 38.58
C THR A 104 -22.91 33.01 38.86
N THR A 105 -23.20 31.89 38.21
CA THR A 105 -22.40 30.68 38.38
C THR A 105 -21.13 30.80 37.56
N ARG A 106 -19.98 30.89 38.23
CA ARG A 106 -18.70 31.06 37.56
C ARG A 106 -17.65 30.03 37.95
N MET A 107 -17.89 29.23 38.97
CA MET A 107 -16.89 28.27 39.42
C MET A 107 -16.89 27.05 38.51
N SER A 108 -15.71 26.47 38.30
CA SER A 108 -15.46 25.58 37.18
C SER A 108 -15.85 24.12 37.43
N ILE A 109 -16.30 23.76 38.63
CA ILE A 109 -16.67 22.37 38.86
C ILE A 109 -17.95 22.00 38.11
N TYR A 110 -18.91 22.93 38.03
CA TYR A 110 -20.21 22.59 37.48
C TYR A 110 -20.20 22.58 35.96
N SER A 111 -19.24 21.88 35.36
CA SER A 111 -19.19 21.67 33.91
C SER A 111 -18.73 20.26 33.58
N ASP A 112 -19.25 19.27 34.31
CA ASP A 112 -18.81 17.89 34.15
C ASP A 112 -19.85 16.97 33.53
N LYS A 113 -21.14 17.23 33.77
CA LYS A 113 -22.25 16.46 33.23
C LYS A 113 -22.33 15.06 33.82
N SER A 114 -21.35 14.67 34.64
CA SER A 114 -21.53 13.50 35.48
C SER A 114 -22.46 13.84 36.64
N ILE A 115 -22.25 14.99 37.25
CA ILE A 115 -23.20 15.60 38.17
C ILE A 115 -23.71 16.86 37.49
N HIS A 116 -24.89 17.32 37.92
CA HIS A 116 -25.53 18.50 37.33
C HIS A 116 -25.81 18.27 35.85
N LEU A 117 -26.70 17.30 35.59
CA LEU A 117 -26.95 16.87 34.21
C LEU A 117 -27.47 18.01 33.34
N SER A 118 -28.39 18.81 33.87
CA SER A 118 -28.95 19.94 33.14
C SER A 118 -28.52 21.23 33.84
N PHE A 119 -27.85 22.11 33.09
CA PHE A 119 -27.34 23.36 33.63
C PHE A 119 -26.92 24.25 32.47
N LEU A 120 -27.28 25.53 32.55
CA LEU A 120 -26.87 26.52 31.57
C LEU A 120 -26.30 27.73 32.29
N ARG A 121 -25.21 28.27 31.73
CA ARG A 121 -24.51 29.41 32.32
C ARG A 121 -24.60 30.61 31.40
N THR A 122 -24.94 31.76 31.96
CA THR A 122 -24.91 33.02 31.23
C THR A 122 -23.59 33.76 31.41
N VAL A 123 -22.66 33.21 32.20
CA VAL A 123 -21.37 33.82 32.45
C VAL A 123 -20.29 32.77 32.23
N PRO A 124 -19.23 33.08 31.49
CA PRO A 124 -18.14 32.11 31.33
C PRO A 124 -17.47 31.84 32.66
N PRO A 125 -16.97 30.63 32.86
CA PRO A 125 -16.37 30.28 34.15
C PRO A 125 -14.92 30.79 34.24
N TYR A 126 -14.28 30.44 35.36
CA TYR A 126 -12.91 30.88 35.58
C TYR A 126 -11.92 30.12 34.71
N SER A 127 -12.22 28.86 34.37
CA SER A 127 -11.30 28.07 33.58
C SER A 127 -11.09 28.65 32.19
N HIS A 128 -12.08 29.39 31.68
CA HIS A 128 -11.95 30.00 30.36
C HIS A 128 -10.99 31.17 30.34
N GLN A 129 -10.51 31.62 31.51
CA GLN A 129 -9.53 32.71 31.54
C GLN A 129 -8.25 32.32 30.81
N SER A 130 -7.87 31.04 30.87
CA SER A 130 -6.65 30.60 30.20
C SER A 130 -6.76 30.70 28.68
N SER A 131 -7.96 30.79 28.14
CA SER A 131 -8.11 30.88 26.68
C SER A 131 -7.51 32.17 26.15
N VAL A 132 -7.75 33.29 26.83
CA VAL A 132 -7.19 34.56 26.39
C VAL A 132 -5.77 34.77 26.89
N TRP A 133 -5.33 34.01 27.89
CA TRP A 133 -3.96 34.11 28.36
C TRP A 133 -2.99 33.70 27.25
N PHE A 134 -3.30 32.62 26.54
CA PHE A 134 -2.39 32.13 25.51
C PHE A 134 -2.26 33.11 24.36
N GLU A 135 -3.39 33.67 23.90
CA GLU A 135 -3.34 34.62 22.79
C GLU A 135 -2.54 35.86 23.15
N MET A 136 -2.76 36.39 24.36
CA MET A 136 -1.96 37.52 24.83
C MET A 136 -0.50 37.10 25.04
N MET A 137 -0.30 35.87 25.51
CA MET A 137 1.07 35.37 25.67
C MET A 137 1.77 35.24 24.32
N ARG A 138 1.07 34.68 23.32
CA ARG A 138 1.71 34.38 22.04
C ARG A 138 2.15 35.66 21.33
N VAL A 139 1.30 36.68 21.31
CA VAL A 139 1.62 37.89 20.54
C VAL A 139 2.79 38.62 21.17
N TYR A 140 2.88 38.63 22.49
CA TYR A 140 3.98 39.32 23.19
C TYR A 140 5.15 38.38 23.45
N SER A 141 5.61 37.70 22.40
CA SER A 141 6.67 36.70 22.51
C SER A 141 6.34 35.69 23.59
N TRP A 142 7.06 35.73 24.72
CA TRP A 142 6.75 34.96 25.91
C TRP A 142 6.60 33.48 25.60
N ASN A 143 7.69 32.88 25.15
CA ASN A 143 7.69 31.47 24.77
C ASN A 143 8.10 30.54 25.90
N HIS A 144 8.45 31.09 27.06
CA HIS A 144 8.82 30.29 28.22
C HIS A 144 8.11 30.83 29.46
N ILE A 145 7.41 29.96 30.18
CA ILE A 145 6.58 30.35 31.32
C ILE A 145 6.72 29.31 32.42
N ILE A 146 6.16 29.63 33.58
CA ILE A 146 6.08 28.72 34.71
C ILE A 146 4.70 28.87 35.34
N LEU A 147 4.08 27.74 35.67
CA LEU A 147 2.75 27.72 36.27
C LEU A 147 2.84 27.52 37.77
N LEU A 148 1.99 28.22 38.50
CA LEU A 148 1.88 28.09 39.96
C LEU A 148 0.41 27.88 40.28
N VAL A 149 -0.02 26.62 40.27
CA VAL A 149 -1.42 26.26 40.50
C VAL A 149 -1.51 25.45 41.78
N SER A 150 -2.52 25.75 42.59
CA SER A 150 -2.71 25.07 43.87
C SER A 150 -3.41 23.72 43.66
N ASP A 151 -3.40 22.92 44.73
CA ASP A 151 -4.00 21.58 44.69
C ASP A 151 -5.51 21.69 44.90
N ASP A 152 -6.18 22.19 43.86
CA ASP A 152 -7.63 22.32 43.86
C ASP A 152 -8.16 21.79 42.53
N HIS A 153 -9.40 21.29 42.56
CA HIS A 153 -10.02 20.78 41.34
C HIS A 153 -10.21 21.89 40.31
N GLU A 154 -10.58 23.09 40.77
CA GLU A 154 -10.75 24.21 39.86
C GLU A 154 -9.44 24.57 39.17
N GLY A 155 -8.33 24.54 39.92
CA GLY A 155 -7.04 24.83 39.32
C GLY A 155 -6.63 23.83 38.26
N ARG A 156 -7.01 22.57 38.44
CA ARG A 156 -6.66 21.54 37.45
C ARG A 156 -7.29 21.84 36.10
N ALA A 157 -8.53 22.32 36.09
CA ALA A 157 -9.20 22.65 34.83
C ALA A 157 -8.47 23.76 34.10
N ALA A 158 -8.04 24.80 34.83
CA ALA A 158 -7.30 25.89 34.20
C ALA A 158 -5.97 25.42 33.66
N GLN A 159 -5.26 24.57 34.43
CA GLN A 159 -3.98 24.05 33.95
C GLN A 159 -4.15 23.19 32.72
N LYS A 160 -5.21 22.38 32.67
CA LYS A 160 -5.43 21.51 31.53
C LYS A 160 -5.72 22.31 30.26
N ARG A 161 -6.51 23.38 30.37
CA ARG A 161 -6.87 24.16 29.19
C ARG A 161 -5.64 24.78 28.54
N LEU A 162 -4.71 25.32 29.33
CA LEU A 162 -3.51 25.91 28.78
C LEU A 162 -2.65 24.85 28.07
N GLU A 163 -2.50 23.68 28.68
CA GLU A 163 -1.64 22.65 28.12
C GLU A 163 -2.28 21.96 26.92
N THR A 164 -3.60 21.78 26.95
CA THR A 164 -4.28 21.04 25.88
C THR A 164 -4.27 21.79 24.55
N LEU A 165 -3.99 23.10 24.56
CA LEU A 165 -3.90 23.88 23.32
C LEU A 165 -2.48 24.28 22.97
N LEU A 166 -1.54 24.17 23.90
CA LEU A 166 -0.15 24.53 23.65
C LEU A 166 0.61 23.50 22.85
N GLU A 167 0.06 22.28 22.72
CA GLU A 167 0.74 21.23 21.96
C GLU A 167 0.81 21.51 20.47
N GLU A 168 0.05 22.49 19.97
CA GLU A 168 0.14 22.85 18.56
C GLU A 168 1.52 23.41 18.23
N ARG A 169 2.08 24.21 19.13
CA ARG A 169 3.39 24.81 18.96
C ARG A 169 4.52 23.94 19.52
N GLU A 170 4.20 22.74 20.00
CA GLU A 170 5.18 21.80 20.55
C GLU A 170 5.94 22.41 21.72
N SER A 171 5.19 22.72 22.78
CA SER A 171 5.75 23.25 24.01
C SER A 171 5.15 22.54 25.20
N LYS A 172 5.99 22.20 26.18
CA LYS A 172 5.57 21.50 27.38
C LYS A 172 5.36 22.42 28.57
N ALA A 173 5.33 23.73 28.33
CA ALA A 173 5.12 24.73 29.39
C ALA A 173 6.17 24.63 30.49
N GLU A 174 7.39 24.25 30.11
CA GLU A 174 8.52 24.19 31.03
C GLU A 174 8.22 23.36 32.27
N LYS A 175 7.98 24.03 33.40
CA LYS A 175 7.83 23.37 34.68
C LYS A 175 6.57 23.88 35.37
N VAL A 176 5.88 22.98 36.07
CA VAL A 176 4.63 23.28 36.76
C VAL A 176 4.76 22.87 38.22
N LEU A 177 4.40 23.77 39.13
CA LEU A 177 4.49 23.53 40.56
C LEU A 177 3.08 23.46 41.14
N GLN A 178 2.88 22.52 42.06
CA GLN A 178 1.58 22.29 42.69
C GLN A 178 1.67 22.64 44.17
N PHE A 179 0.73 23.47 44.64
CA PHE A 179 0.71 23.92 46.02
C PHE A 179 -0.16 22.98 46.87
N ASP A 180 -0.45 23.43 48.09
CA ASP A 180 -1.47 22.83 48.94
C ASP A 180 -2.36 23.97 49.42
N PRO A 181 -3.65 23.97 49.08
CA PRO A 181 -4.50 25.11 49.43
C PRO A 181 -4.57 25.32 50.94
N GLY A 182 -4.57 26.59 51.34
CA GLY A 182 -4.62 26.97 52.73
C GLY A 182 -3.27 27.13 53.40
N THR A 183 -2.17 26.80 52.71
CA THR A 183 -0.85 26.94 53.30
C THR A 183 -0.49 28.41 53.46
N LYS A 184 0.40 28.68 54.43
CA LYS A 184 0.78 30.04 54.76
C LYS A 184 2.21 30.39 54.40
N ASN A 185 3.09 29.42 54.20
CA ASN A 185 4.50 29.66 53.87
C ASN A 185 4.90 28.72 52.74
N VAL A 186 5.11 29.28 51.55
CA VAL A 186 5.55 28.50 50.39
C VAL A 186 6.86 29.10 49.88
N THR A 187 7.59 29.78 50.76
CA THR A 187 8.83 30.43 50.36
C THR A 187 9.88 29.41 49.91
N ALA A 188 10.00 28.30 50.64
CA ALA A 188 11.04 27.32 50.34
C ALA A 188 10.84 26.71 48.95
N LEU A 189 9.60 26.37 48.61
CA LEU A 189 9.32 25.76 47.32
C LEU A 189 9.45 26.74 46.16
N LEU A 190 9.58 28.04 46.43
CA LEU A 190 9.77 29.01 45.37
C LEU A 190 11.20 29.02 44.82
N MET A 191 12.13 28.33 45.48
CA MET A 191 13.50 28.26 44.97
C MET A 191 13.54 27.55 43.63
N GLU A 192 12.69 26.55 43.44
CA GLU A 192 12.59 25.87 42.15
C GLU A 192 12.02 26.77 41.07
N ALA A 193 11.49 27.93 41.41
CA ALA A 193 10.95 28.88 40.45
C ALA A 193 11.92 30.03 40.17
N LYS A 194 13.17 29.91 40.59
CA LYS A 194 14.16 30.97 40.42
C LYS A 194 15.25 30.64 39.42
N GLU A 195 15.70 29.37 39.36
CA GLU A 195 16.83 29.01 38.52
C GLU A 195 16.46 28.90 37.04
N LEU A 196 15.18 28.78 36.71
CA LEU A 196 14.79 28.62 35.31
C LEU A 196 15.04 29.89 34.52
N GLU A 197 15.21 29.71 33.21
CA GLU A 197 15.44 30.85 32.31
C GLU A 197 14.20 31.74 32.24
N ALA A 198 13.02 31.15 32.23
CA ALA A 198 11.79 31.92 32.07
C ALA A 198 11.58 32.87 33.24
N ARG A 199 10.99 34.03 32.94
CA ARG A 199 10.68 35.03 33.96
C ARG A 199 9.22 35.44 33.87
N VAL A 200 8.36 34.57 33.37
CA VAL A 200 6.92 34.82 33.24
C VAL A 200 6.21 33.86 34.17
N ILE A 201 5.53 34.40 35.18
CA ILE A 201 4.85 33.60 36.19
C ILE A 201 3.35 33.78 36.01
N ILE A 202 2.63 32.66 35.98
CA ILE A 202 1.17 32.65 35.82
C ILE A 202 0.56 32.05 37.08
N LEU A 203 -0.38 32.77 37.68
CA LEU A 203 -1.06 32.32 38.89
C LEU A 203 -2.53 32.05 38.60
N SER A 204 -3.06 31.00 39.23
CA SER A 204 -4.49 30.70 39.18
C SER A 204 -4.83 30.03 40.52
N ALA A 205 -5.27 30.83 41.48
CA ALA A 205 -5.56 30.34 42.82
C ALA A 205 -6.58 31.26 43.47
N SER A 206 -6.79 31.09 44.77
CA SER A 206 -7.77 31.85 45.52
C SER A 206 -7.09 32.97 46.29
N GLU A 207 -7.91 33.72 47.04
CA GLU A 207 -7.38 34.82 47.85
C GLU A 207 -6.42 34.32 48.91
N ASP A 208 -6.79 33.25 49.60
CA ASP A 208 -5.94 32.72 50.67
C ASP A 208 -4.62 32.20 50.10
N ASP A 209 -4.68 31.45 49.01
CA ASP A 209 -3.45 30.92 48.40
C ASP A 209 -2.57 32.05 47.88
N ALA A 210 -3.16 33.05 47.23
CA ALA A 210 -2.38 34.15 46.68
C ALA A 210 -1.83 35.07 47.76
N ALA A 211 -2.33 34.99 48.99
CA ALA A 211 -1.80 35.82 50.07
C ALA A 211 -0.33 35.49 50.34
N THR A 212 -0.03 34.21 50.56
CA THR A 212 1.35 33.82 50.85
C THR A 212 2.26 33.99 49.64
N VAL A 213 1.70 33.88 48.43
CA VAL A 213 2.53 34.04 47.23
C VAL A 213 2.98 35.48 47.08
N TYR A 214 2.05 36.43 47.24
CA TYR A 214 2.39 37.84 47.11
C TYR A 214 3.15 38.37 48.31
N ARG A 215 3.04 37.72 49.47
CA ARG A 215 3.77 38.17 50.65
C ARG A 215 5.27 37.96 50.47
N ALA A 216 5.67 36.77 50.05
CA ALA A 216 7.09 36.44 49.90
C ALA A 216 7.66 36.84 48.55
N ALA A 217 6.82 37.29 47.62
CA ALA A 217 7.31 37.70 46.30
C ALA A 217 8.26 38.89 46.42
N ALA A 218 7.91 39.87 47.24
CA ALA A 218 8.81 41.00 47.46
C ALA A 218 9.99 40.63 48.34
N MET A 219 9.81 39.63 49.22
CA MET A 219 10.90 39.23 50.11
C MET A 219 12.06 38.61 49.34
N LEU A 220 11.76 37.77 48.34
CA LEU A 220 12.77 37.09 47.56
C LEU A 220 13.26 37.92 46.38
N ASN A 221 13.00 39.22 46.38
CA ASN A 221 13.38 40.12 45.29
C ASN A 221 12.81 39.65 43.95
N MET A 222 11.62 39.06 43.99
CA MET A 222 10.97 38.52 42.80
C MET A 222 10.10 39.55 42.08
N THR A 223 9.88 40.73 42.68
CA THR A 223 9.02 41.75 42.10
C THR A 223 9.81 42.87 41.42
N GLY A 224 11.12 42.70 41.26
CA GLY A 224 11.95 43.72 40.65
C GLY A 224 11.81 43.76 39.15
N SER A 225 12.81 44.37 38.50
CA SER A 225 12.83 44.44 37.05
C SER A 225 13.07 43.07 36.44
N GLY A 226 12.57 42.87 35.23
CA GLY A 226 12.75 41.62 34.52
C GLY A 226 11.76 40.53 34.87
N TYR A 227 10.85 40.77 35.80
CA TYR A 227 9.83 39.81 36.20
C TYR A 227 8.47 40.33 35.76
N VAL A 228 7.70 39.47 35.09
CA VAL A 228 6.34 39.80 34.66
C VAL A 228 5.39 38.79 35.28
N TRP A 229 4.29 39.29 35.83
CA TRP A 229 3.30 38.45 36.51
C TRP A 229 2.00 38.47 35.72
N LEU A 230 1.52 37.29 35.36
CA LEU A 230 0.18 37.10 34.82
C LEU A 230 -0.66 36.42 35.89
N VAL A 231 -1.83 36.98 36.19
CA VAL A 231 -2.53 36.64 37.41
C VAL A 231 -4.00 36.37 37.10
N GLY A 232 -4.65 35.64 38.02
CA GLY A 232 -6.08 35.39 37.93
C GLY A 232 -6.92 36.50 38.55
N GLU A 233 -8.20 36.52 38.17
CA GLU A 233 -9.06 37.63 38.53
C GLU A 233 -9.41 37.64 40.02
N ARG A 234 -9.37 36.47 40.67
CA ARG A 234 -9.85 36.38 42.05
C ARG A 234 -9.01 37.25 42.99
N GLU A 235 -7.68 37.22 42.83
CA GLU A 235 -6.78 37.86 43.78
C GLU A 235 -6.41 39.29 43.42
N ILE A 236 -6.87 39.79 42.27
CA ILE A 236 -6.62 41.19 41.93
C ILE A 236 -7.33 42.11 42.92
N SER A 237 -8.58 41.80 43.23
CA SER A 237 -9.37 42.56 44.19
C SER A 237 -9.68 41.67 45.38
N GLY A 238 -9.33 42.15 46.59
CA GLY A 238 -9.60 41.39 47.79
C GLY A 238 -8.54 41.54 48.86
N ASN A 239 -8.40 40.52 49.71
CA ASN A 239 -7.43 40.56 50.81
C ASN A 239 -5.99 40.46 50.35
N ALA A 240 -5.75 40.09 49.09
CA ALA A 240 -4.39 39.94 48.58
C ALA A 240 -3.78 41.26 48.10
N LEU A 241 -4.52 42.36 48.18
CA LEU A 241 -4.05 43.65 47.68
C LEU A 241 -3.03 44.31 48.60
N ARG A 242 -2.79 43.75 49.79
CA ARG A 242 -1.88 44.39 50.73
C ARG A 242 -0.46 44.47 50.19
N TYR A 243 0.05 43.35 49.66
CA TYR A 243 1.40 43.29 49.13
C TYR A 243 1.41 42.77 47.70
N ALA A 244 0.50 43.28 46.88
CA ALA A 244 0.48 42.94 45.47
C ALA A 244 1.55 43.72 44.73
N PRO A 245 2.41 43.07 43.94
CA PRO A 245 3.46 43.80 43.23
C PRO A 245 2.88 44.79 42.22
N ASP A 246 3.62 45.86 41.98
CA ASP A 246 3.20 46.87 41.03
C ASP A 246 3.28 46.35 39.60
N GLY A 247 2.56 47.00 38.70
CA GLY A 247 2.62 46.66 37.29
C GLY A 247 2.13 45.27 36.95
N ILE A 248 1.03 44.86 37.55
CA ILE A 248 0.48 43.52 37.35
C ILE A 248 -0.47 43.54 36.15
N LEU A 249 -0.29 42.58 35.25
CA LEU A 249 -1.12 42.46 34.05
C LEU A 249 -2.20 41.42 34.34
N GLY A 250 -3.32 41.89 34.87
CA GLY A 250 -4.41 41.03 35.30
C GLY A 250 -5.51 40.90 34.28
N LEU A 251 -6.67 40.40 34.74
CA LEU A 251 -7.82 40.22 33.89
C LEU A 251 -9.09 40.44 34.70
N GLN A 252 -10.15 40.87 34.01
CA GLN A 252 -11.47 41.03 34.61
C GLN A 252 -12.52 40.89 33.54
N LEU A 253 -13.74 40.59 33.97
CA LEU A 253 -14.89 40.41 33.08
C LEU A 253 -15.92 41.49 33.33
N ILE A 254 -16.45 42.06 32.25
CA ILE A 254 -17.48 43.09 32.38
C ILE A 254 -18.79 42.47 32.83
N ASN A 255 -19.59 43.27 33.54
CA ASN A 255 -20.89 42.84 34.07
C ASN A 255 -20.75 41.60 34.94
N GLY A 256 -19.66 41.55 35.71
CA GLY A 256 -19.41 40.40 36.57
C GLY A 256 -20.28 40.34 37.80
N LYS A 257 -20.85 41.46 38.22
CA LYS A 257 -21.71 41.51 39.40
C LYS A 257 -22.94 42.37 39.11
N ASN A 258 -23.45 42.29 37.89
CA ASN A 258 -24.63 43.04 37.47
C ASN A 258 -25.79 42.06 37.37
N GLU A 259 -26.49 41.85 38.49
CA GLU A 259 -27.61 40.92 38.50
C GLU A 259 -28.75 41.41 37.62
N SER A 260 -29.03 42.71 37.66
CA SER A 260 -30.15 43.26 36.90
C SER A 260 -29.95 43.10 35.40
N ALA A 261 -28.73 43.29 34.93
CA ALA A 261 -28.46 43.12 33.50
C ALA A 261 -28.54 41.66 33.09
N HIS A 262 -28.02 40.76 33.93
CA HIS A 262 -27.99 39.34 33.56
C HIS A 262 -29.38 38.72 33.60
N ILE A 263 -30.21 39.12 34.56
CA ILE A 263 -31.55 38.55 34.65
C ILE A 263 -32.39 38.96 33.44
N SER A 264 -32.18 40.17 32.92
CA SER A 264 -32.90 40.60 31.72
C SER A 264 -32.51 39.75 30.52
N ASP A 265 -31.21 39.47 30.37
CA ASP A 265 -30.76 38.64 29.25
C ASP A 265 -31.30 37.22 29.36
N ALA A 266 -31.32 36.66 30.57
CA ALA A 266 -31.81 35.30 30.76
C ALA A 266 -33.30 35.21 30.40
N VAL A 267 -34.08 36.24 30.76
CA VAL A 267 -35.48 36.27 30.38
C VAL A 267 -35.63 36.34 28.87
N GLY A 268 -34.80 37.17 28.21
CA GLY A 268 -34.91 37.31 26.77
C GLY A 268 -34.62 36.03 26.01
N VAL A 269 -33.65 35.25 26.50
CA VAL A 269 -33.30 34.00 25.83
C VAL A 269 -34.47 33.02 25.86
N VAL A 270 -35.10 32.87 27.03
CA VAL A 270 -36.21 31.94 27.15
C VAL A 270 -37.52 32.51 26.62
N ALA A 271 -37.61 33.83 26.45
CA ALA A 271 -38.83 34.41 25.91
C ALA A 271 -39.10 33.93 24.50
N GLN A 272 -38.06 33.88 23.66
CA GLN A 272 -38.22 33.32 22.32
C GLN A 272 -38.25 31.79 22.36
N ALA A 273 -37.56 31.18 23.32
CA ALA A 273 -37.53 29.72 23.39
C ALA A 273 -38.91 29.13 23.68
N VAL A 274 -39.67 29.75 24.59
CA VAL A 274 -40.97 29.20 24.96
C VAL A 274 -41.92 29.19 23.77
N HIS A 275 -41.74 30.12 22.83
CA HIS A 275 -42.53 30.09 21.60
C HIS A 275 -42.18 28.88 20.74
N GLU A 276 -40.89 28.50 20.73
CA GLU A 276 -40.47 27.35 19.95
C GLU A 276 -40.98 26.04 20.55
N LEU A 277 -41.08 25.97 21.87
CA LEU A 277 -41.57 24.75 22.51
C LEU A 277 -43.01 24.46 22.12
N LEU A 278 -43.85 25.50 22.06
CA LEU A 278 -45.25 25.32 21.69
C LEU A 278 -45.42 25.31 20.17
N GLU A 279 -44.60 24.51 19.49
CA GLU A 279 -44.70 24.34 18.05
C GLU A 279 -44.51 22.91 17.58
N LYS A 280 -44.25 21.97 18.49
CA LYS A 280 -44.00 20.58 18.13
C LYS A 280 -45.06 19.68 18.78
N GLU A 281 -44.87 18.38 18.65
CA GLU A 281 -45.78 17.39 19.21
C GLU A 281 -45.18 16.77 20.46
N ASN A 282 -46.03 16.03 21.19
CA ASN A 282 -45.63 15.35 22.43
C ASN A 282 -45.03 16.33 23.44
N ILE A 283 -45.64 17.51 23.53
CA ILE A 283 -45.15 18.55 24.45
C ILE A 283 -45.81 18.29 25.79
N THR A 284 -45.18 17.42 26.57
CA THR A 284 -45.67 17.07 27.90
C THR A 284 -45.22 18.13 28.90
N ASP A 285 -46.14 18.58 29.74
CA ASP A 285 -45.85 19.63 30.69
C ASP A 285 -44.85 19.12 31.76
N PRO A 286 -44.02 20.01 32.30
CA PRO A 286 -43.17 19.62 33.40
C PRO A 286 -43.99 19.17 34.59
N PRO A 287 -43.44 18.32 35.45
CA PRO A 287 -44.26 17.69 36.50
C PRO A 287 -44.90 18.71 37.44
N ARG A 288 -46.11 18.41 37.86
CA ARG A 288 -46.84 19.22 38.83
C ARG A 288 -46.66 18.59 40.21
N GLY A 289 -46.23 19.40 41.18
CA GLY A 289 -45.94 18.91 42.51
C GLY A 289 -44.55 18.31 42.62
N CYS A 290 -44.16 18.01 43.86
CA CYS A 290 -42.85 17.49 44.15
C CYS A 290 -42.86 16.04 44.63
N VAL A 291 -44.01 15.54 45.06
CA VAL A 291 -44.13 14.18 45.55
C VAL A 291 -44.94 13.28 44.63
N GLY A 292 -45.98 13.82 43.99
CA GLY A 292 -46.88 12.98 43.20
C GLY A 292 -46.20 12.26 42.06
N ASN A 293 -45.34 12.96 41.32
CA ASN A 293 -44.66 12.38 40.17
C ASN A 293 -43.33 11.77 40.61
N THR A 294 -43.09 10.54 40.19
CA THR A 294 -41.89 9.78 40.54
C THR A 294 -41.20 9.26 39.29
N ASN A 295 -41.21 10.04 38.21
CA ASN A 295 -40.62 9.60 36.96
C ASN A 295 -40.10 10.82 36.20
N ILE A 296 -39.15 10.55 35.30
CA ILE A 296 -38.58 11.60 34.45
C ILE A 296 -39.57 11.88 33.32
N TRP A 297 -39.92 13.16 33.15
CA TRP A 297 -40.95 13.51 32.19
C TRP A 297 -40.39 13.45 30.77
N LYS A 298 -41.31 13.41 29.80
CA LYS A 298 -41.00 12.89 28.47
C LYS A 298 -39.91 13.70 27.77
N THR A 299 -40.18 14.97 27.49
CA THR A 299 -39.28 15.79 26.68
C THR A 299 -38.01 16.05 27.49
N GLY A 300 -36.92 15.41 27.10
CA GLY A 300 -35.65 15.55 27.80
C GLY A 300 -34.71 16.47 27.07
N PRO A 301 -33.77 15.90 26.32
CA PRO A 301 -32.80 16.73 25.59
C PRO A 301 -33.43 17.66 24.57
N LEU A 302 -34.64 17.36 24.09
CA LEU A 302 -35.29 18.23 23.12
C LEU A 302 -35.53 19.62 23.69
N PHE A 303 -35.94 19.71 24.96
CA PHE A 303 -36.07 21.00 25.62
C PHE A 303 -34.71 21.70 25.73
N LYS A 304 -33.66 20.93 26.04
CA LYS A 304 -32.33 21.52 26.15
C LYS A 304 -31.75 21.83 24.77
N ARG A 305 -32.04 20.99 23.77
CA ARG A 305 -31.46 21.18 22.45
C ARG A 305 -31.87 22.54 21.86
N VAL A 306 -33.15 22.89 21.97
CA VAL A 306 -33.58 24.21 21.53
C VAL A 306 -33.04 25.28 22.48
N LEU A 307 -32.89 24.95 23.76
CA LEU A 307 -32.40 25.92 24.72
C LEU A 307 -30.98 26.37 24.38
N MET A 308 -30.11 25.41 24.06
CA MET A 308 -28.75 25.74 23.62
C MET A 308 -28.70 25.91 22.10
N SER A 309 -29.60 26.75 21.58
CA SER A 309 -29.60 27.09 20.17
C SER A 309 -29.88 28.57 19.93
N SER A 310 -30.01 29.37 20.98
CA SER A 310 -30.33 30.78 20.82
C SER A 310 -29.15 31.53 20.22
N LYS A 311 -29.43 32.36 19.21
CA LYS A 311 -28.41 33.20 18.60
C LYS A 311 -29.09 34.49 18.14
N TYR A 312 -29.07 35.50 19.00
CA TYR A 312 -29.70 36.79 18.73
C TYR A 312 -28.75 37.88 19.21
N ALA A 313 -29.25 39.11 19.24
CA ALA A 313 -28.51 40.27 19.74
C ALA A 313 -29.45 41.09 20.59
N ASP A 314 -29.47 40.81 21.89
CA ASP A 314 -30.34 41.51 22.82
C ASP A 314 -29.62 41.68 24.16
N GLY A 315 -30.00 42.72 24.89
CA GLY A 315 -29.40 43.00 26.17
C GLY A 315 -28.13 43.83 26.05
N VAL A 316 -27.60 44.20 27.21
CA VAL A 316 -26.38 45.01 27.24
C VAL A 316 -25.20 44.22 26.69
N THR A 317 -25.05 42.97 27.15
CA THR A 317 -23.95 42.14 26.66
C THR A 317 -24.15 41.75 25.20
N GLY A 318 -25.34 41.26 24.87
CA GLY A 318 -25.65 40.86 23.51
C GLY A 318 -24.86 39.66 23.03
N ARG A 319 -25.27 39.10 21.88
CA ARG A 319 -24.56 38.01 21.22
C ARG A 319 -24.40 36.81 22.16
N VAL A 320 -25.54 36.21 22.50
CA VAL A 320 -25.60 35.02 23.34
C VAL A 320 -25.68 33.80 22.45
N GLU A 321 -24.73 32.87 22.62
CA GLU A 321 -24.66 31.66 21.80
C GLU A 321 -24.35 30.45 22.68
N PHE A 322 -25.14 30.28 23.75
CA PHE A 322 -25.01 29.12 24.63
C PHE A 322 -24.94 27.83 23.83
N ASN A 323 -23.83 27.11 23.98
CA ASN A 323 -23.58 25.93 23.15
C ASN A 323 -22.71 24.94 23.93
N GLU A 324 -22.75 23.69 23.45
CA GLU A 324 -21.93 22.59 23.97
C GLU A 324 -22.27 22.39 25.45
N ASP A 325 -21.30 22.41 26.35
CA ASP A 325 -21.56 22.16 27.77
C ASP A 325 -22.41 23.24 28.42
N GLY A 326 -22.56 24.39 27.79
CA GLY A 326 -23.38 25.45 28.36
C GLY A 326 -22.55 26.58 28.94
N ASP A 327 -21.48 26.95 28.24
CA ASP A 327 -20.61 28.04 28.66
C ASP A 327 -20.62 29.13 27.60
N ARG A 328 -20.64 30.38 28.04
CA ARG A 328 -20.69 31.51 27.12
C ARG A 328 -19.42 31.59 26.29
N LYS A 329 -19.56 32.08 25.06
CA LYS A 329 -18.48 32.15 24.10
C LYS A 329 -18.21 33.60 23.72
N PHE A 330 -16.92 33.96 23.66
CA PHE A 330 -16.47 35.29 23.23
C PHE A 330 -17.06 36.39 24.11
N ALA A 331 -16.69 36.35 25.39
CA ALA A 331 -17.15 37.34 26.35
C ALA A 331 -16.33 38.62 26.22
N ASN A 332 -16.66 39.62 27.03
CA ASN A 332 -15.98 40.91 27.03
C ASN A 332 -15.08 40.98 28.26
N TYR A 333 -13.77 40.95 28.04
CA TYR A 333 -12.79 40.96 29.12
C TYR A 333 -12.05 42.29 29.17
N SER A 334 -11.42 42.55 30.32
CA SER A 334 -10.67 43.77 30.52
C SER A 334 -9.34 43.44 31.19
N ILE A 335 -8.32 44.23 30.88
CA ILE A 335 -6.98 44.09 31.43
C ILE A 335 -6.62 45.37 32.16
N MET A 336 -6.14 45.24 33.39
CA MET A 336 -5.85 46.38 34.25
C MET A 336 -4.43 46.29 34.78
N ASN A 337 -3.97 47.39 35.37
CA ASN A 337 -2.65 47.48 35.96
C ASN A 337 -2.76 48.11 37.34
N LEU A 338 -1.79 47.78 38.20
CA LEU A 338 -1.77 48.27 39.57
C LEU A 338 -0.63 49.28 39.71
N GLN A 339 -0.98 50.52 40.03
CA GLN A 339 0.00 51.59 40.17
C GLN A 339 -0.27 52.33 41.48
N ASN A 340 0.72 52.29 42.39
CA ASN A 340 0.65 52.99 43.67
C ASN A 340 -0.61 52.61 44.45
N ARG A 341 -0.84 51.30 44.57
CA ARG A 341 -2.01 50.73 45.25
C ARG A 341 -3.33 51.20 44.63
N LYS A 342 -3.28 51.65 43.38
CA LYS A 342 -4.47 52.10 42.66
C LYS A 342 -4.58 51.34 41.34
N LEU A 343 -5.81 50.96 40.99
CA LEU A 343 -6.06 50.11 39.83
C LEU A 343 -6.63 50.95 38.69
N VAL A 344 -6.05 50.79 37.50
CA VAL A 344 -6.53 51.46 36.29
C VAL A 344 -6.56 50.43 35.16
N GLN A 345 -7.63 50.46 34.38
CA GLN A 345 -7.81 49.51 33.29
C GLN A 345 -7.15 50.04 32.02
N VAL A 346 -6.35 49.20 31.37
CA VAL A 346 -5.61 49.60 30.17
C VAL A 346 -6.02 48.72 29.00
N GLY A 347 -6.44 47.49 29.28
CA GLY A 347 -6.75 46.53 28.25
C GLY A 347 -8.25 46.34 28.05
N ILE A 348 -8.65 46.21 26.78
CA ILE A 348 -10.03 45.97 26.40
C ILE A 348 -10.06 44.78 25.46
N TYR A 349 -10.89 43.79 25.77
CA TYR A 349 -11.05 42.59 24.96
C TYR A 349 -12.44 42.61 24.33
N ASN A 350 -12.49 42.50 23.01
CA ASN A 350 -13.75 42.53 22.27
C ASN A 350 -14.31 41.15 22.00
N GLY A 351 -13.65 40.09 22.48
CA GLY A 351 -14.10 38.73 22.25
C GLY A 351 -13.34 37.97 21.19
N THR A 352 -12.55 38.66 20.36
CA THR A 352 -11.75 38.02 19.32
C THR A 352 -10.26 38.18 19.55
N HIS A 353 -9.80 39.39 19.85
CA HIS A 353 -8.39 39.64 20.08
C HIS A 353 -8.25 40.77 21.10
N VAL A 354 -7.08 40.82 21.73
CA VAL A 354 -6.81 41.84 22.74
C VAL A 354 -6.61 43.18 22.06
N ILE A 355 -7.31 44.20 22.55
CA ILE A 355 -7.19 45.56 22.02
C ILE A 355 -6.54 46.44 23.08
N PRO A 356 -5.26 46.77 22.96
CA PRO A 356 -4.60 47.59 23.99
C PRO A 356 -5.01 49.06 23.92
N ASN A 357 -4.38 49.87 24.76
CA ASN A 357 -4.67 51.31 24.83
C ASN A 357 -3.36 52.07 24.80
N ASP A 358 -3.47 53.38 24.51
CA ASP A 358 -2.29 54.24 24.45
C ASP A 358 -1.66 54.47 25.82
N ARG A 359 -2.33 54.10 26.90
CA ARG A 359 -1.77 54.26 28.23
C ARG A 359 -0.51 53.41 28.39
N LYS A 360 0.46 53.92 29.13
CA LYS A 360 1.71 53.20 29.33
C LYS A 360 1.48 51.97 30.19
N ILE A 361 2.04 50.85 29.77
CA ILE A 361 1.94 49.58 30.50
C ILE A 361 3.25 49.42 31.26
N ILE A 362 3.27 49.94 32.48
CA ILE A 362 4.47 49.90 33.30
C ILE A 362 4.63 48.49 33.88
N TRP A 363 5.82 47.93 33.73
CA TRP A 363 6.14 46.58 34.16
C TRP A 363 6.47 46.53 35.64
N PRO A 364 6.39 45.35 36.26
CA PRO A 364 6.71 45.25 37.69
C PRO A 364 8.14 45.67 38.00
N GLY A 365 8.32 46.29 39.16
CA GLY A 365 9.60 46.79 39.59
C GLY A 365 9.95 48.17 39.09
N GLY A 366 9.07 48.80 38.31
CA GLY A 366 9.34 50.14 37.82
C GLY A 366 10.24 50.17 36.60
N GLU A 367 9.93 49.35 35.60
CA GLU A 367 10.66 49.32 34.35
C GLU A 367 9.70 49.49 33.18
N THR A 368 10.21 50.07 32.10
CA THR A 368 9.40 50.41 30.93
C THR A 368 9.66 49.52 29.72
N GLU A 369 10.91 49.13 29.49
CA GLU A 369 11.22 48.30 28.33
C GLU A 369 10.60 46.92 28.47
N LYS A 370 10.08 46.41 27.37
CA LYS A 370 9.39 45.12 27.38
C LYS A 370 10.38 44.00 27.64
N PRO A 371 10.17 43.19 28.67
CA PRO A 371 11.09 42.08 28.95
C PRO A 371 10.62 40.80 28.27
N ARG A 372 11.48 39.78 28.35
CA ARG A 372 11.18 38.46 27.81
C ARG A 372 11.53 37.40 28.84
N GLY A 373 10.77 36.31 28.82
CA GLY A 373 11.01 35.21 29.74
C GLY A 373 12.19 34.36 29.31
N TYR A 374 13.40 34.93 29.37
CA TYR A 374 14.59 34.22 28.95
C TYR A 374 15.78 34.75 29.73
N GLN A 375 16.61 33.84 30.24
CA GLN A 375 17.83 34.20 30.94
C GLN A 375 18.89 33.15 30.61
N MET A 376 20.01 33.60 30.04
CA MET A 376 21.04 32.66 29.59
C MET A 376 21.65 31.92 30.77
N SER A 377 22.03 30.67 30.53
CA SER A 377 22.73 29.85 31.51
C SER A 377 24.23 29.97 31.26
N THR A 378 24.92 30.61 32.21
CA THR A 378 26.35 30.89 32.01
C THR A 378 27.18 29.62 32.07
N ARG A 379 26.84 28.68 32.95
CA ARG A 379 27.62 27.47 33.17
C ARG A 379 26.94 26.29 32.48
N LEU A 380 27.74 25.36 31.98
CA LEU A 380 27.24 24.17 31.32
C LEU A 380 27.82 22.92 31.96
N LYS A 381 26.96 21.96 32.25
CA LYS A 381 27.36 20.64 32.74
C LYS A 381 27.40 19.68 31.56
N ILE A 382 28.48 18.92 31.46
CA ILE A 382 28.85 18.21 30.24
C ILE A 382 29.10 16.75 30.56
N VAL A 383 28.55 15.86 29.72
CA VAL A 383 28.62 14.42 29.91
C VAL A 383 29.59 13.84 28.89
N THR A 384 30.45 12.92 29.36
CA THR A 384 31.45 12.31 28.50
C THR A 384 31.60 10.84 28.89
N ILE A 385 32.06 10.03 27.93
CA ILE A 385 32.26 8.60 28.13
C ILE A 385 33.69 8.25 27.75
N HIS A 386 34.12 7.06 28.16
CA HIS A 386 35.50 6.60 27.96
C HIS A 386 35.60 5.84 26.64
N GLN A 387 36.19 6.48 25.63
CA GLN A 387 36.55 5.84 24.37
C GLN A 387 38.01 6.13 24.09
N GLU A 388 38.76 5.11 23.70
CA GLU A 388 40.22 5.20 23.71
C GLU A 388 40.76 6.29 22.79
N PRO A 389 40.41 6.35 21.50
CA PRO A 389 41.01 7.38 20.65
C PRO A 389 40.49 8.77 20.92
N PHE A 390 39.24 8.90 21.38
CA PHE A 390 38.58 10.19 21.52
C PHE A 390 38.70 10.78 22.91
N VAL A 391 38.41 9.99 23.96
CA VAL A 391 38.39 10.48 25.34
C VAL A 391 39.20 9.51 26.18
N TYR A 392 40.47 9.83 26.42
CA TYR A 392 41.24 9.07 27.38
C TYR A 392 40.84 9.44 28.80
N VAL A 393 41.07 8.53 29.73
CA VAL A 393 40.75 8.72 31.14
C VAL A 393 41.84 8.09 31.97
N LYS A 394 42.48 8.87 32.85
CA LYS A 394 43.54 8.39 33.70
C LYS A 394 43.45 9.05 35.06
N PRO A 395 43.91 8.38 36.12
CA PRO A 395 43.83 8.96 37.46
C PRO A 395 44.80 10.11 37.64
N THR A 396 44.46 10.98 38.60
CA THR A 396 45.25 12.18 38.86
C THR A 396 46.47 11.85 39.71
N LEU A 397 47.32 12.86 39.90
CA LEU A 397 48.51 12.72 40.73
C LEU A 397 48.11 12.78 42.21
N SER A 398 49.11 12.78 43.09
CA SER A 398 48.84 12.86 44.52
C SER A 398 48.20 14.20 44.88
N ASP A 399 48.68 15.28 44.28
CA ASP A 399 48.14 16.61 44.57
C ASP A 399 46.75 16.80 44.00
N GLY A 400 46.30 15.93 43.10
CA GLY A 400 45.06 16.11 42.40
C GLY A 400 45.17 16.87 41.09
N THR A 401 46.36 17.34 40.74
CA THR A 401 46.57 18.05 39.49
C THR A 401 46.75 17.05 38.35
N CYS A 402 47.15 17.54 37.18
CA CYS A 402 47.27 16.73 35.98
C CYS A 402 48.74 16.54 35.63
N LYS A 403 49.12 15.30 35.36
CA LYS A 403 50.49 15.02 34.93
C LYS A 403 50.78 15.67 33.59
N GLU A 404 52.02 16.09 33.40
CA GLU A 404 52.43 16.83 32.22
C GLU A 404 53.10 15.90 31.22
N GLU A 405 52.59 15.89 29.99
CA GLU A 405 53.16 15.11 28.91
C GLU A 405 53.31 16.00 27.68
N PHE A 406 54.19 15.59 26.77
CA PHE A 406 54.48 16.32 25.56
C PHE A 406 54.26 15.43 24.35
N THR A 407 53.94 16.06 23.22
CA THR A 407 53.73 15.32 21.98
C THR A 407 55.08 14.97 21.36
N VAL A 408 55.06 14.55 20.09
CA VAL A 408 56.30 14.14 19.42
C VAL A 408 57.31 15.28 19.38
N ASN A 409 56.84 16.53 19.26
CA ASN A 409 57.72 17.69 19.28
C ASN A 409 57.05 18.80 20.10
N GLY A 410 57.33 18.82 21.40
CA GLY A 410 56.77 19.84 22.26
C GLY A 410 55.26 19.83 22.25
N ASP A 411 54.68 21.04 22.28
CA ASP A 411 53.23 21.23 22.18
C ASP A 411 52.51 20.38 23.23
N PRO A 412 52.56 20.78 24.50
CA PRO A 412 52.00 19.93 25.56
C PRO A 412 50.51 19.68 25.35
N VAL A 413 50.08 18.47 25.75
CA VAL A 413 48.68 18.11 25.61
C VAL A 413 47.83 19.01 26.50
N LYS A 414 46.56 19.10 26.16
CA LYS A 414 45.58 19.85 26.94
C LYS A 414 44.73 18.87 27.73
N LYS A 415 44.69 19.05 29.05
CA LYS A 415 43.95 18.16 29.93
C LYS A 415 42.98 18.96 30.76
N VAL A 416 41.85 18.33 31.10
CA VAL A 416 40.81 18.97 31.90
C VAL A 416 40.51 18.07 33.08
N ILE A 417 39.97 18.68 34.14
CA ILE A 417 39.54 17.92 35.29
C ILE A 417 38.21 17.26 34.96
N CYS A 418 37.98 16.08 35.53
CA CYS A 418 36.95 15.19 34.99
C CYS A 418 36.55 14.20 36.07
N THR A 419 35.31 14.28 36.52
CA THR A 419 34.82 13.46 37.62
C THR A 419 33.98 12.30 37.11
N GLY A 420 33.67 11.37 38.02
CA GLY A 420 32.88 10.22 37.70
C GLY A 420 33.12 9.07 38.67
N PRO A 421 32.60 7.89 38.35
CA PRO A 421 32.82 6.74 39.21
C PRO A 421 34.26 6.22 39.08
N ASN A 422 34.70 5.52 40.12
CA ASN A 422 36.07 5.02 40.20
C ASN A 422 36.16 3.53 39.88
N ASP A 423 35.27 2.71 40.43
CA ASP A 423 35.31 1.28 40.21
C ASP A 423 34.56 0.83 38.97
N THR A 424 34.02 1.78 38.19
CA THR A 424 33.20 1.50 37.01
C THR A 424 31.94 0.72 37.35
N SER A 425 31.54 0.74 38.62
CA SER A 425 30.32 0.10 39.12
C SER A 425 30.24 -1.38 38.70
N PRO A 426 31.10 -2.25 39.23
CA PRO A 426 31.01 -3.69 38.95
C PRO A 426 30.08 -4.40 39.94
N GLY A 427 28.88 -3.85 40.12
CA GLY A 427 27.98 -4.34 41.15
C GLY A 427 28.25 -3.80 42.53
N SER A 428 29.15 -2.85 42.68
CA SER A 428 29.51 -2.28 43.97
C SER A 428 29.45 -0.76 43.89
N PRO A 429 29.14 -0.10 45.01
CA PRO A 429 29.06 1.37 45.00
C PRO A 429 30.43 2.01 45.16
N ARG A 430 30.54 3.23 44.63
CA ARG A 430 31.76 4.02 44.75
C ARG A 430 31.42 5.49 44.59
N HIS A 431 32.17 6.33 45.29
CA HIS A 431 31.97 7.77 45.23
C HIS A 431 32.56 8.33 43.94
N THR A 432 32.51 9.65 43.80
CA THR A 432 33.05 10.34 42.64
C THR A 432 34.38 10.97 43.01
N VAL A 433 35.43 10.64 42.24
CA VAL A 433 36.77 11.12 42.51
C VAL A 433 37.32 11.79 41.26
N PRO A 434 37.97 12.95 41.39
CA PRO A 434 38.48 13.65 40.20
C PRO A 434 39.50 12.82 39.43
N GLN A 435 39.44 12.94 38.11
CA GLN A 435 40.34 12.23 37.21
C GLN A 435 40.79 13.19 36.11
N CYS A 436 41.56 12.69 35.17
CA CYS A 436 42.06 13.47 34.05
C CYS A 436 41.45 12.95 32.76
N CYS A 437 40.78 13.84 32.02
CA CYS A 437 40.16 13.51 30.75
C CYS A 437 40.83 14.32 29.66
N TYR A 438 41.21 13.66 28.56
CA TYR A 438 41.84 14.33 27.44
C TYR A 438 41.71 13.45 26.20
N GLY A 439 41.82 14.08 25.03
CA GLY A 439 41.81 13.34 23.80
C GLY A 439 41.22 14.16 22.67
N PHE A 440 40.72 13.44 21.66
CA PHE A 440 40.18 14.06 20.45
C PHE A 440 38.96 14.92 20.77
N CYS A 441 37.97 14.33 21.45
CA CYS A 441 36.72 15.04 21.65
C CYS A 441 36.82 16.12 22.71
N ILE A 442 37.71 15.95 23.69
CA ILE A 442 37.95 17.02 24.66
C ILE A 442 38.57 18.23 23.96
N ASP A 443 39.42 17.98 22.98
CA ASP A 443 40.09 19.06 22.26
C ASP A 443 39.13 19.88 21.41
N LEU A 444 37.87 19.48 21.30
CA LEU A 444 36.85 20.35 20.71
C LEU A 444 36.20 21.26 21.73
N LEU A 445 36.21 20.88 23.02
CA LEU A 445 35.63 21.75 24.04
C LEU A 445 36.37 23.08 24.10
N ILE A 446 37.70 23.04 24.07
CA ILE A 446 38.47 24.27 24.19
C ILE A 446 38.18 25.21 23.03
N LYS A 447 38.11 24.68 21.80
CA LYS A 447 37.82 25.52 20.66
C LYS A 447 36.40 26.08 20.72
N LEU A 448 35.41 25.24 21.06
CA LEU A 448 34.04 25.72 21.16
C LEU A 448 33.89 26.72 22.29
N ALA A 449 34.48 26.44 23.45
CA ALA A 449 34.31 27.32 24.60
C ALA A 449 35.05 28.64 24.42
N ARG A 450 36.17 28.62 23.71
CA ARG A 450 36.95 29.85 23.52
C ARG A 450 36.22 30.84 22.62
N THR A 451 35.47 30.35 21.64
CA THR A 451 34.77 31.22 20.71
C THR A 451 33.35 31.56 21.12
N MET A 452 32.84 30.97 22.21
CA MET A 452 31.45 31.20 22.61
C MET A 452 31.29 31.49 24.09
N ASN A 453 32.38 31.67 24.84
CA ASN A 453 32.36 32.11 26.23
C ASN A 453 31.55 31.15 27.11
N PHE A 454 32.08 29.93 27.22
CA PHE A 454 31.55 28.97 28.16
C PHE A 454 32.33 28.96 29.47
N THR A 455 31.69 28.41 30.50
CA THR A 455 32.33 28.05 31.76
C THR A 455 31.90 26.60 32.01
N TYR A 456 32.64 25.66 31.43
CA TYR A 456 32.22 24.27 31.38
C TYR A 456 32.79 23.47 32.54
N GLU A 457 32.15 22.33 32.81
CA GLU A 457 32.68 21.33 33.72
C GLU A 457 32.29 19.95 33.17
N VAL A 458 33.17 18.98 33.37
CA VAL A 458 33.06 17.67 32.74
C VAL A 458 32.88 16.61 33.81
N HIS A 459 31.88 15.75 33.61
CA HIS A 459 31.65 14.62 34.51
C HIS A 459 31.28 13.40 33.68
N LEU A 460 31.79 12.24 34.09
CA LEU A 460 31.58 11.01 33.36
C LEU A 460 30.16 10.49 33.59
N VAL A 461 29.81 9.47 32.83
CA VAL A 461 28.47 8.87 32.91
C VAL A 461 28.37 8.02 34.17
N ALA A 462 27.18 8.02 34.77
CA ALA A 462 26.97 7.18 35.95
C ALA A 462 27.05 5.69 35.59
N ASP A 463 26.42 5.28 34.49
CA ASP A 463 26.39 3.88 34.11
C ASP A 463 27.54 3.51 33.17
N GLY A 464 27.59 4.15 32.00
CA GLY A 464 28.59 3.82 31.01
C GLY A 464 27.97 3.38 29.70
N LYS A 465 26.72 3.75 29.48
CA LYS A 465 25.97 3.34 28.29
C LYS A 465 25.68 4.55 27.41
N PHE A 466 25.65 4.31 26.10
CA PHE A 466 25.46 5.41 25.16
C PHE A 466 24.01 5.90 25.15
N GLY A 467 23.04 4.99 25.17
CA GLY A 467 21.64 5.39 25.25
C GLY A 467 20.68 4.58 24.41
N THR A 468 19.61 4.10 25.03
CA THR A 468 18.57 3.33 24.36
C THR A 468 17.29 3.45 25.17
N GLN A 469 16.15 3.24 24.51
CA GLN A 469 14.84 3.34 25.15
C GLN A 469 14.46 1.97 25.69
N GLU A 470 14.43 1.86 27.02
CA GLU A 470 14.03 0.63 27.68
C GLU A 470 12.61 0.74 28.22
N ARG A 471 12.10 -0.37 28.74
CA ARG A 471 10.74 -0.44 29.27
C ARG A 471 10.80 -0.43 30.78
N VAL A 472 10.05 0.49 31.39
CA VAL A 472 10.02 0.64 32.83
C VAL A 472 8.60 0.89 33.31
N LYS A 477 5.09 2.74 30.20
CA LYS A 477 6.03 3.85 30.03
C LYS A 477 7.42 3.34 29.67
N LYS A 478 8.15 4.14 28.89
CA LYS A 478 9.49 3.81 28.45
C LYS A 478 10.42 4.96 28.76
N GLU A 479 11.62 4.64 29.27
CA GLU A 479 12.59 5.64 29.66
C GLU A 479 13.96 5.28 29.09
N TRP A 480 14.80 6.31 28.94
CA TRP A 480 16.13 6.12 28.42
C TRP A 480 17.10 5.71 29.54
N ASN A 481 18.36 5.52 29.18
CA ASN A 481 19.40 5.22 30.15
C ASN A 481 20.75 5.60 29.56
N GLY A 482 21.62 6.16 30.38
CA GLY A 482 22.92 6.57 29.91
C GLY A 482 23.04 8.05 29.69
N MET A 483 23.79 8.45 28.66
CA MET A 483 23.99 9.87 28.40
C MET A 483 22.69 10.56 28.01
N MET A 484 21.78 9.85 27.32
CA MET A 484 20.53 10.45 26.89
C MET A 484 19.49 10.48 27.99
N GLY A 485 19.73 9.80 29.10
CA GLY A 485 18.94 10.00 30.29
C GLY A 485 19.41 11.14 31.14
N GLU A 486 20.38 11.91 30.67
CA GLU A 486 20.92 13.03 31.42
C GLU A 486 20.72 14.38 30.73
N LEU A 487 20.56 14.40 29.41
CA LEU A 487 20.08 15.63 28.76
C LEU A 487 18.65 15.92 29.17
N LEU A 488 17.77 14.92 29.05
CA LEU A 488 16.35 15.14 29.24
C LEU A 488 16.00 15.28 30.72
N SER A 489 16.71 14.56 31.59
CA SER A 489 16.45 14.66 33.02
C SER A 489 16.94 15.98 33.60
N GLY A 490 17.82 16.70 32.90
CA GLY A 490 18.30 17.98 33.35
C GLY A 490 19.66 17.97 34.03
N GLN A 491 20.36 16.84 34.04
CA GLN A 491 21.68 16.76 34.65
C GLN A 491 22.79 17.17 33.71
N ALA A 492 22.49 17.51 32.46
CA ALA A 492 23.50 17.87 31.48
C ALA A 492 22.94 18.94 30.55
N ASP A 493 23.85 19.60 29.84
CA ASP A 493 23.48 20.58 28.84
C ASP A 493 24.06 20.28 27.46
N MET A 494 25.01 19.35 27.35
CA MET A 494 25.59 18.95 26.09
C MET A 494 26.15 17.55 26.24
N ILE A 495 26.42 16.91 25.11
CA ILE A 495 27.00 15.57 25.07
C ILE A 495 28.17 15.62 24.09
N VAL A 496 29.38 15.83 24.59
CA VAL A 496 30.57 15.80 23.76
C VAL A 496 31.15 14.40 23.86
N ALA A 497 30.82 13.57 22.89
CA ALA A 497 31.28 12.19 22.80
C ALA A 497 30.90 11.67 21.42
N PRO A 498 31.46 10.55 20.98
CA PRO A 498 31.02 9.99 19.69
C PRO A 498 29.62 9.40 19.78
N LEU A 499 28.64 10.11 19.22
CA LEU A 499 27.26 9.67 19.17
C LEU A 499 26.79 9.68 17.72
N THR A 500 26.39 8.51 17.22
CA THR A 500 25.91 8.42 15.85
C THR A 500 24.52 9.02 15.75
N ILE A 501 24.30 9.87 14.74
CA ILE A 501 23.00 10.47 14.52
C ILE A 501 22.03 9.39 14.09
N ASN A 502 20.91 9.28 14.80
CA ASN A 502 19.99 8.17 14.64
C ASN A 502 18.57 8.70 14.54
N ASN A 503 17.71 7.93 13.85
CA ASN A 503 16.32 8.37 13.66
C ASN A 503 15.55 8.40 14.97
N GLU A 504 15.64 7.31 15.74
CA GLU A 504 14.91 7.25 17.01
C GLU A 504 15.43 8.29 17.99
N ARG A 505 16.75 8.50 18.02
CA ARG A 505 17.35 9.47 18.93
C ARG A 505 16.95 10.90 18.58
N ALA A 506 16.86 11.22 17.28
CA ALA A 506 16.70 12.60 16.83
C ALA A 506 15.30 13.16 17.11
N GLN A 507 14.35 12.33 17.51
CA GLN A 507 13.02 12.84 17.84
C GLN A 507 12.99 13.64 19.13
N TYR A 508 14.08 13.65 19.89
CA TYR A 508 14.14 14.41 21.14
C TYR A 508 15.39 15.26 21.28
N ILE A 509 16.39 15.10 20.41
CA ILE A 509 17.67 15.79 20.52
C ILE A 509 18.01 16.40 19.16
N GLU A 510 18.64 17.57 19.18
CA GLU A 510 19.19 18.18 17.98
C GLU A 510 20.68 17.88 17.95
N PHE A 511 21.14 17.29 16.84
CA PHE A 511 22.44 16.64 16.78
C PHE A 511 23.53 17.51 16.16
N SER A 512 23.23 18.73 15.75
CA SER A 512 24.19 19.62 15.08
C SER A 512 24.66 18.91 13.81
N LYS A 513 25.93 19.04 13.45
CA LYS A 513 26.47 18.44 12.24
C LYS A 513 27.70 17.61 12.59
N PRO A 514 27.95 16.54 11.84
CA PRO A 514 28.95 15.55 12.28
C PRO A 514 30.37 16.07 12.31
N PHE A 515 31.16 15.51 13.24
CA PHE A 515 32.60 15.67 13.23
C PHE A 515 33.17 14.80 12.13
N LYS A 516 32.97 13.49 12.29
CA LYS A 516 33.56 12.46 11.46
C LYS A 516 32.48 11.72 10.71
N TYR A 517 32.85 11.18 9.56
CA TYR A 517 31.97 10.35 8.74
C TYR A 517 32.52 8.93 8.78
N GLN A 518 31.69 7.97 9.16
CA GLN A 518 32.16 6.61 9.36
C GLN A 518 30.98 5.65 9.28
N GLY A 519 31.23 4.37 9.54
CA GLY A 519 30.21 3.36 9.52
C GLY A 519 30.60 2.20 10.42
N LEU A 520 29.83 1.12 10.32
CA LEU A 520 30.05 -0.06 11.14
C LEU A 520 30.82 -1.11 10.36
N THR A 521 31.75 -1.79 11.04
CA THR A 521 32.54 -2.87 10.44
C THR A 521 32.59 -4.03 11.42
N ILE A 522 33.43 -5.02 11.09
CA ILE A 522 33.59 -6.23 11.89
C ILE A 522 35.08 -6.44 12.16
N LEU A 523 35.41 -6.76 13.42
CA LEU A 523 36.78 -6.98 13.84
C LEU A 523 36.97 -8.45 14.19
N VAL A 524 37.93 -9.10 13.54
CA VAL A 524 38.22 -10.51 13.75
C VAL A 524 39.74 -10.69 13.87
N LYS A 525 40.13 -11.82 14.45
CA LYS A 525 41.54 -12.15 14.56
C LYS A 525 42.06 -12.68 13.23
N LYS A 526 43.35 -12.47 12.99
CA LYS A 526 43.97 -12.87 11.73
C LYS A 526 44.53 -14.28 11.84
N GLU A 527 45.30 -14.70 10.84
CA GLU A 527 45.70 -16.08 10.67
C GLU A 527 47.21 -16.22 10.76
N ILE A 528 47.66 -17.43 11.11
CA ILE A 528 49.05 -17.74 11.41
C ILE A 528 49.91 -17.53 10.17
N PRO A 529 51.21 -17.31 10.30
CA PRO A 529 52.03 -17.03 9.10
C PRO A 529 51.96 -18.13 8.05
N ARG A 530 51.89 -19.39 8.47
CA ARG A 530 51.80 -20.52 7.54
C ARG A 530 52.93 -20.48 6.51
N SER A 531 54.16 -20.33 7.01
CA SER A 531 55.33 -20.22 6.16
C SER A 531 55.67 -21.58 5.56
N THR A 532 56.81 -21.66 4.86
CA THR A 532 57.20 -22.90 4.21
C THR A 532 57.43 -24.01 5.23
N LEU A 533 58.26 -23.76 6.24
CA LEU A 533 58.57 -24.73 7.29
C LEU A 533 59.07 -26.04 6.67
N ASP A 534 59.93 -25.93 5.67
CA ASP A 534 60.46 -27.07 4.93
C ASP A 534 59.33 -27.90 4.32
N SER A 535 58.59 -27.26 3.42
CA SER A 535 57.45 -27.87 2.76
C SER A 535 57.95 -28.59 1.50
N PHE A 536 58.06 -29.91 1.59
CA PHE A 536 58.47 -30.73 0.45
C PHE A 536 57.25 -31.20 -0.34
N MET A 537 56.46 -30.23 -0.79
CA MET A 537 55.22 -30.49 -1.51
C MET A 537 55.48 -31.23 -2.82
N SER A 542 55.84 -39.30 1.33
CA SER A 542 57.20 -39.63 0.90
C SER A 542 57.18 -40.78 -0.12
N THR A 543 55.97 -41.17 -0.54
CA THR A 543 55.85 -42.25 -1.52
C THR A 543 56.46 -41.85 -2.86
N LEU A 544 56.24 -40.61 -3.28
CA LEU A 544 56.79 -40.15 -4.55
C LEU A 544 58.32 -40.16 -4.52
N TRP A 545 58.91 -39.68 -3.43
CA TRP A 545 60.37 -39.70 -3.31
C TRP A 545 60.89 -41.14 -3.25
N LEU A 546 60.20 -42.01 -2.51
CA LEU A 546 60.63 -43.40 -2.41
C LEU A 546 60.57 -44.12 -3.75
N LEU A 547 59.48 -43.89 -4.51
CA LEU A 547 59.36 -44.52 -5.82
C LEU A 547 60.45 -44.04 -6.76
N VAL A 548 60.70 -42.72 -6.78
CA VAL A 548 61.78 -42.18 -7.59
C VAL A 548 63.13 -42.59 -7.02
N GLY A 549 63.25 -42.63 -5.69
CA GLY A 549 64.50 -43.01 -5.07
C GLY A 549 64.87 -44.46 -5.32
N LEU A 550 63.89 -45.35 -5.40
CA LEU A 550 64.16 -46.76 -5.64
C LEU A 550 64.49 -47.05 -7.10
N SER A 551 64.11 -46.16 -8.03
CA SER A 551 64.30 -46.42 -9.45
C SER A 551 65.73 -46.24 -9.91
N VAL A 552 66.55 -45.50 -9.16
CA VAL A 552 67.92 -45.24 -9.60
C VAL A 552 68.76 -46.53 -9.52
N HIS A 553 68.55 -47.33 -8.47
CA HIS A 553 69.40 -48.51 -8.28
C HIS A 553 69.09 -49.58 -9.32
N VAL A 554 67.80 -49.81 -9.62
CA VAL A 554 67.43 -50.88 -10.54
C VAL A 554 67.84 -50.55 -11.96
N VAL A 555 67.59 -49.32 -12.40
CA VAL A 555 67.82 -48.95 -13.79
C VAL A 555 69.31 -48.90 -14.11
N ALA A 556 70.11 -48.30 -13.23
CA ALA A 556 71.53 -48.11 -13.51
C ALA A 556 72.27 -49.44 -13.61
N VAL A 557 71.91 -50.40 -12.75
CA VAL A 557 72.63 -51.68 -12.72
C VAL A 557 72.48 -52.42 -14.04
N MET A 558 71.27 -52.42 -14.60
CA MET A 558 71.03 -53.16 -15.84
C MET A 558 71.84 -52.60 -17.00
N LEU A 559 71.94 -51.27 -17.10
CA LEU A 559 72.66 -50.67 -18.21
C LEU A 559 74.14 -51.02 -18.17
N TYR A 560 74.75 -51.01 -16.99
CA TYR A 560 76.18 -51.30 -16.89
C TYR A 560 76.48 -52.75 -17.23
N LEU A 561 75.65 -53.68 -16.77
CA LEU A 561 75.89 -55.09 -17.03
C LEU A 561 75.80 -55.41 -18.52
N LEU A 562 74.79 -54.86 -19.20
CA LEU A 562 74.65 -55.13 -20.63
C LEU A 562 75.76 -54.48 -21.44
N ASP A 563 76.17 -53.27 -21.06
CA ASP A 563 77.22 -52.56 -21.79
C ASP A 563 78.58 -53.21 -21.62
N ARG A 564 78.79 -53.97 -20.55
CA ARG A 564 80.07 -54.62 -20.29
C ARG A 564 80.37 -55.68 -21.33
N LEU A 585 81.23 -51.36 -10.32
CA LEU A 585 80.50 -51.49 -9.08
C LEU A 585 80.00 -50.13 -8.60
N SER A 586 80.56 -49.65 -7.49
CA SER A 586 80.20 -48.34 -6.97
C SER A 586 80.62 -47.22 -7.92
N SER A 587 81.66 -47.45 -8.72
CA SER A 587 82.09 -46.45 -9.69
C SER A 587 81.03 -46.21 -10.75
N ALA A 588 80.27 -47.25 -11.11
CA ALA A 588 79.17 -47.07 -12.06
C ALA A 588 78.09 -46.15 -11.49
N MET A 589 77.79 -46.30 -10.20
CA MET A 589 76.80 -45.44 -9.56
C MET A 589 77.29 -44.01 -9.43
N TRP A 590 78.60 -43.77 -9.52
CA TRP A 590 79.13 -42.41 -9.48
C TRP A 590 78.62 -41.60 -10.66
N PHE A 591 78.61 -42.19 -11.86
CA PHE A 591 78.11 -41.49 -13.04
C PHE A 591 76.62 -41.17 -12.89
N SER A 592 75.84 -42.13 -12.38
CA SER A 592 74.40 -41.91 -12.24
C SER A 592 74.10 -40.78 -11.27
N TRP A 593 74.84 -40.72 -10.15
CA TRP A 593 74.61 -39.67 -9.17
C TRP A 593 74.92 -38.29 -9.76
N GLY A 594 75.98 -38.19 -10.56
CA GLY A 594 76.33 -36.90 -11.15
C GLY A 594 75.26 -36.39 -12.09
N VAL A 595 74.71 -37.27 -12.93
CA VAL A 595 73.61 -36.87 -13.80
C VAL A 595 72.38 -36.52 -12.98
N LEU A 596 72.18 -37.20 -11.85
CA LEU A 596 71.04 -36.90 -10.98
C LEU A 596 71.09 -35.48 -10.43
N LEU A 597 72.27 -34.87 -10.38
CA LEU A 597 72.43 -33.48 -9.98
C LEU A 597 72.75 -32.64 -11.22
N ASN A 598 72.87 -31.33 -11.01
CA ASN A 598 73.16 -30.39 -12.09
C ASN A 598 74.68 -30.28 -12.22
N SER A 599 75.26 -31.16 -13.03
CA SER A 599 76.70 -31.16 -13.27
C SER A 599 77.03 -31.91 -14.55
N SER A 608 80.87 -47.91 -24.58
CA SER A 608 80.43 -46.68 -23.94
C SER A 608 79.44 -45.92 -24.81
N PHE A 609 79.64 -46.01 -26.12
CA PHE A 609 78.74 -45.31 -27.05
C PHE A 609 77.33 -45.87 -26.98
N SER A 610 77.19 -47.20 -26.92
CA SER A 610 75.86 -47.80 -26.87
C SER A 610 75.12 -47.40 -25.60
N ALA A 611 75.81 -47.43 -24.46
CA ALA A 611 75.19 -46.99 -23.21
C ALA A 611 75.04 -45.49 -23.14
N ARG A 612 75.77 -44.74 -23.98
CA ARG A 612 75.64 -43.29 -23.97
C ARG A 612 74.26 -42.85 -24.45
N ILE A 613 73.83 -43.37 -25.60
CA ILE A 613 72.50 -43.01 -26.12
C ILE A 613 71.41 -43.61 -25.26
N LEU A 614 71.60 -44.84 -24.78
CA LEU A 614 70.61 -45.46 -23.91
C LEU A 614 70.59 -44.81 -22.54
N GLY A 615 71.71 -44.23 -22.10
CA GLY A 615 71.78 -43.58 -20.81
C GLY A 615 71.53 -42.09 -20.89
N MET A 616 71.51 -41.53 -22.10
CA MET A 616 71.29 -40.10 -22.24
C MET A 616 69.89 -39.70 -21.80
N VAL A 617 68.92 -40.60 -21.96
CA VAL A 617 67.55 -40.31 -21.54
C VAL A 617 67.45 -40.17 -20.03
N TRP A 618 68.47 -40.61 -19.29
CA TRP A 618 68.49 -40.40 -17.85
C TRP A 618 68.49 -38.92 -17.51
N ALA A 619 69.18 -38.11 -18.33
CA ALA A 619 69.13 -36.66 -18.13
C ALA A 619 67.72 -36.13 -18.30
N GLY A 620 67.00 -36.65 -19.30
CA GLY A 620 65.57 -36.36 -19.38
C GLY A 620 64.82 -36.91 -18.19
N PHE A 621 65.16 -38.12 -17.75
CA PHE A 621 64.57 -38.67 -16.54
C PHE A 621 64.95 -37.83 -15.32
N ALA A 622 66.15 -37.26 -15.31
CA ALA A 622 66.52 -36.31 -14.27
C ALA A 622 65.86 -34.95 -14.50
N MET A 623 65.53 -34.63 -15.74
CA MET A 623 64.89 -33.34 -16.02
C MET A 623 63.44 -33.32 -15.56
N ILE A 624 62.73 -34.44 -15.71
CA ILE A 624 61.31 -34.46 -15.39
C ILE A 624 61.10 -34.37 -13.88
N ILE A 625 61.97 -35.02 -13.10
CA ILE A 625 61.76 -35.07 -11.65
C ILE A 625 61.97 -33.69 -11.03
N VAL A 626 63.02 -32.98 -11.45
CA VAL A 626 63.25 -31.65 -10.91
C VAL A 626 62.17 -30.68 -11.41
N ALA A 627 61.74 -30.84 -12.67
CA ALA A 627 60.67 -30.00 -13.18
C ALA A 627 59.38 -30.23 -12.43
N SER A 628 59.06 -31.49 -12.12
CA SER A 628 57.83 -31.81 -11.41
C SER A 628 57.82 -31.19 -10.01
N TYR A 629 58.95 -31.30 -9.29
CA TYR A 629 59.02 -30.72 -7.96
C TYR A 629 58.87 -29.20 -8.01
N THR A 630 59.53 -28.55 -8.97
CA THR A 630 59.38 -27.11 -9.14
C THR A 630 57.95 -26.75 -9.52
N ALA A 631 57.33 -27.55 -10.40
CA ALA A 631 55.93 -27.33 -10.75
C ALA A 631 55.04 -27.51 -9.53
N ASN A 632 55.29 -28.57 -8.75
CA ASN A 632 54.51 -28.79 -7.53
C ASN A 632 54.76 -27.68 -6.51
N LEU A 633 56.01 -27.23 -6.40
CA LEU A 633 56.32 -26.16 -5.44
C LEU A 633 55.79 -24.81 -5.92
N ALA A 634 55.82 -24.58 -7.24
CA ALA A 634 55.35 -23.30 -7.77
C ALA A 634 53.87 -23.09 -7.46
N ALA A 635 53.06 -24.13 -7.64
CA ALA A 635 51.64 -24.02 -7.34
C ALA A 635 51.34 -24.03 -5.85
N PHE A 636 52.31 -24.41 -5.01
CA PHE A 636 52.06 -24.47 -3.58
C PHE A 636 51.75 -23.08 -3.02
N LEU A 637 52.47 -22.06 -3.47
CA LEU A 637 52.22 -20.69 -3.03
C LEU A 637 51.16 -19.98 -3.86
N VAL A 638 50.69 -20.61 -4.95
CA VAL A 638 49.65 -19.98 -5.76
C VAL A 638 48.37 -19.80 -4.96
N LEU A 639 48.00 -20.84 -4.20
CA LEU A 639 46.82 -20.76 -3.33
C LEU A 639 47.20 -20.11 -2.00
N ASP A 640 47.65 -18.86 -2.09
CA ASP A 640 48.04 -18.11 -0.90
C ASP A 640 46.82 -17.67 -0.12
N ARG A 641 46.84 -17.93 1.19
CA ARG A 641 45.73 -17.61 2.08
C ARG A 641 44.40 -18.15 1.55
N PRO A 642 44.28 -19.47 1.36
CA PRO A 642 43.02 -20.01 0.81
C PRO A 642 41.83 -19.80 1.71
N GLU A 643 42.03 -19.62 3.01
CA GLU A 643 40.92 -19.48 3.93
C GLU A 643 40.27 -18.11 3.80
N GLU A 644 38.96 -18.09 3.64
CA GLU A 644 38.17 -16.87 3.58
C GLU A 644 37.42 -16.75 4.90
N ARG A 645 37.64 -15.65 5.62
CA ARG A 645 37.10 -15.52 6.96
C ARG A 645 35.65 -15.05 6.96
N ILE A 646 35.40 -13.82 6.52
CA ILE A 646 34.06 -13.25 6.41
C ILE A 646 34.06 -12.25 5.26
N THR A 647 32.98 -12.25 4.49
CA THR A 647 32.82 -11.34 3.37
C THR A 647 32.10 -10.05 3.74
N GLY A 648 31.74 -9.87 5.01
CA GLY A 648 31.03 -8.69 5.47
C GLY A 648 29.63 -9.05 5.94
N ILE A 649 28.69 -8.13 5.68
CA ILE A 649 27.29 -8.39 5.97
C ILE A 649 26.75 -9.31 4.88
N ASN A 650 25.56 -9.87 5.10
CA ASN A 650 24.93 -10.83 4.19
C ASN A 650 25.70 -12.14 4.09
N ASP A 651 26.53 -12.44 5.08
CA ASP A 651 27.21 -13.72 5.12
C ASP A 651 26.22 -14.80 5.52
N PRO A 652 26.15 -15.93 4.80
CA PRO A 652 25.23 -17.00 5.22
C PRO A 652 25.48 -17.48 6.65
N ARG A 653 26.73 -17.46 7.12
CA ARG A 653 27.00 -17.74 8.51
C ARG A 653 26.40 -16.67 9.42
N LEU A 654 26.42 -15.42 8.97
CA LEU A 654 25.86 -14.33 9.77
C LEU A 654 24.35 -14.50 9.94
N ARG A 655 23.63 -14.69 8.84
CA ARG A 655 22.18 -14.82 8.91
C ARG A 655 21.76 -16.07 9.65
N ASN A 656 22.43 -17.19 9.41
CA ASN A 656 22.12 -18.45 10.07
C ASN A 656 23.21 -18.79 11.08
N PRO A 657 22.96 -18.63 12.38
CA PRO A 657 24.00 -18.92 13.37
C PRO A 657 24.39 -20.39 13.34
N SER A 658 25.67 -20.66 13.54
CA SER A 658 26.21 -22.01 13.55
C SER A 658 26.31 -22.60 14.95
N ASP A 659 25.80 -21.88 15.97
CA ASP A 659 25.78 -22.36 17.35
C ASP A 659 27.19 -22.54 17.92
N LYS A 660 28.21 -22.16 17.14
CA LYS A 660 29.58 -22.23 17.60
C LYS A 660 30.40 -20.99 17.29
N PHE A 661 30.03 -20.19 16.29
CA PHE A 661 30.80 -19.03 15.88
C PHE A 661 30.08 -17.79 16.41
N ILE A 662 30.65 -17.16 17.43
CA ILE A 662 29.92 -16.26 18.32
C ILE A 662 29.89 -14.84 17.75
N TYR A 663 28.76 -14.16 17.98
CA TYR A 663 28.60 -12.74 17.73
C TYR A 663 28.34 -12.00 19.04
N ALA A 664 28.86 -10.78 19.11
CA ALA A 664 28.66 -9.94 20.29
C ALA A 664 28.84 -8.49 19.89
N THR A 665 28.40 -7.60 20.77
CA THR A 665 28.53 -6.17 20.56
C THR A 665 28.45 -5.49 21.93
N VAL A 666 28.24 -4.18 21.94
CA VAL A 666 28.13 -3.40 23.17
C VAL A 666 26.65 -3.18 23.49
N LYS A 667 26.29 -3.41 24.74
CA LYS A 667 24.89 -3.24 25.16
C LYS A 667 24.46 -1.78 25.00
N GLN A 668 23.21 -1.60 24.55
CA GLN A 668 22.54 -0.31 24.57
C GLN A 668 23.33 0.76 23.80
N SER A 669 23.43 0.54 22.49
CA SER A 669 24.13 1.46 21.61
C SER A 669 23.37 1.53 20.29
N SER A 670 24.00 2.12 19.27
CA SER A 670 23.35 2.25 17.98
C SER A 670 23.18 0.91 17.29
N VAL A 671 24.12 -0.02 17.49
CA VAL A 671 24.01 -1.34 16.87
C VAL A 671 22.79 -2.10 17.39
N ASP A 672 22.46 -1.93 18.67
CA ASP A 672 21.24 -2.53 19.19
C ASP A 672 20.01 -1.97 18.48
N ILE A 673 19.99 -0.66 18.24
CA ILE A 673 18.86 -0.06 17.53
C ILE A 673 18.84 -0.50 16.07
N TYR A 674 20.02 -0.65 15.47
CA TYR A 674 20.07 -1.05 14.06
C TYR A 674 19.51 -2.43 13.85
N PHE A 675 19.83 -3.38 14.73
CA PHE A 675 19.39 -4.76 14.60
C PHE A 675 18.03 -5.03 15.21
N ARG A 676 17.45 -4.07 15.92
CA ARG A 676 16.15 -4.24 16.54
C ARG A 676 15.00 -3.70 15.69
N ARG A 677 15.29 -3.02 14.59
CA ARG A 677 14.25 -2.46 13.73
C ARG A 677 14.01 -3.29 12.48
N GLN A 678 14.64 -4.45 12.35
CA GLN A 678 14.49 -5.31 11.18
C GLN A 678 13.95 -6.67 11.61
N VAL A 679 12.96 -7.17 10.86
CA VAL A 679 12.29 -8.40 11.24
C VAL A 679 13.11 -9.62 10.83
N GLU A 680 13.69 -9.59 9.62
CA GLU A 680 14.36 -10.77 9.10
C GLU A 680 15.67 -11.08 9.81
N LEU A 681 16.15 -10.18 10.67
CA LEU A 681 17.34 -10.42 11.47
C LEU A 681 17.01 -10.92 12.87
N SER A 682 15.73 -11.20 13.15
CA SER A 682 15.32 -11.61 14.48
C SER A 682 15.88 -12.98 14.88
N THR A 683 16.38 -13.77 13.94
CA THR A 683 16.99 -15.04 14.29
C THR A 683 18.39 -14.86 14.87
N MET A 684 19.13 -13.85 14.42
CA MET A 684 20.47 -13.62 14.92
C MET A 684 20.52 -12.62 16.08
N TYR A 685 19.52 -11.75 16.21
CA TYR A 685 19.49 -10.84 17.34
C TYR A 685 19.41 -11.61 18.65
N ARG A 686 18.50 -12.58 18.73
CA ARG A 686 18.57 -13.57 19.79
C ARG A 686 19.82 -14.41 19.59
N HIS A 687 20.38 -14.90 20.71
CA HIS A 687 21.68 -15.58 20.76
C HIS A 687 22.82 -14.57 20.59
N MET A 688 22.47 -13.33 20.29
CA MET A 688 23.42 -12.21 20.31
C MET A 688 23.14 -11.23 21.43
N GLU A 689 21.87 -11.06 21.81
CA GLU A 689 21.54 -10.21 22.94
C GLU A 689 22.04 -10.80 24.26
N LYS A 690 22.30 -12.10 24.31
CA LYS A 690 22.80 -12.76 25.52
C LYS A 690 24.32 -12.90 25.52
N HIS A 691 25.01 -12.43 24.48
CA HIS A 691 26.45 -12.51 24.41
C HIS A 691 27.14 -11.15 24.31
N ASN A 692 26.39 -10.08 24.12
CA ASN A 692 26.97 -8.76 23.93
C ASN A 692 27.54 -8.20 25.23
N TYR A 693 28.60 -7.41 25.10
CA TYR A 693 29.38 -6.93 26.23
C TYR A 693 28.92 -5.55 26.70
N GLU A 694 29.47 -5.12 27.82
CA GLU A 694 29.11 -3.84 28.43
C GLU A 694 30.05 -2.70 28.05
N SER A 695 31.15 -2.99 27.36
CA SER A 695 32.07 -1.95 26.95
C SER A 695 32.91 -2.46 25.78
N ALA A 696 33.37 -1.52 24.96
CA ALA A 696 34.20 -1.90 23.82
C ALA A 696 35.54 -2.46 24.25
N ALA A 697 36.07 -1.99 25.39
CA ALA A 697 37.37 -2.46 25.85
C ALA A 697 37.34 -3.95 26.17
N GLU A 698 36.27 -4.41 26.81
CA GLU A 698 36.17 -5.82 27.17
C GLU A 698 36.07 -6.71 25.94
N ALA A 699 35.30 -6.28 24.93
CA ALA A 699 35.10 -7.10 23.74
C ALA A 699 36.40 -7.28 22.96
N ILE A 700 37.19 -6.23 22.82
CA ILE A 700 38.43 -6.33 22.08
C ILE A 700 39.41 -7.26 22.79
N GLN A 701 39.41 -7.24 24.12
CA GLN A 701 40.26 -8.17 24.86
C GLN A 701 39.80 -9.61 24.67
N ALA A 702 38.49 -9.82 24.56
CA ALA A 702 37.98 -11.17 24.35
C ALA A 702 38.39 -11.71 22.98
N VAL A 703 38.43 -10.86 21.97
CA VAL A 703 38.84 -11.30 20.63
C VAL A 703 40.31 -11.73 20.63
N ARG A 704 41.16 -10.98 21.35
CA ARG A 704 42.56 -11.37 21.46
C ARG A 704 42.73 -12.72 22.14
N ASP A 705 41.90 -13.01 23.15
CA ASP A 705 42.01 -14.24 23.92
C ASP A 705 41.26 -15.40 23.28
N ASN A 706 40.69 -15.20 22.09
CA ASN A 706 39.95 -16.23 21.36
C ASN A 706 38.73 -16.71 22.14
N LYS A 707 38.19 -15.85 23.00
CA LYS A 707 36.91 -16.10 23.64
C LYS A 707 35.74 -15.50 22.85
N LEU A 708 36.03 -14.84 21.73
CA LEU A 708 35.01 -14.26 20.88
C LEU A 708 35.51 -14.36 19.43
N HIS A 709 34.57 -14.32 18.49
CA HIS A 709 34.87 -14.48 17.09
C HIS A 709 34.78 -13.19 16.30
N ALA A 710 33.66 -12.46 16.41
CA ALA A 710 33.46 -11.24 15.67
C ALA A 710 32.92 -10.15 16.59
N PHE A 711 33.31 -8.92 16.31
CA PHE A 711 32.87 -7.74 17.06
C PHE A 711 32.46 -6.66 16.08
N ILE A 712 31.27 -6.12 16.26
CA ILE A 712 30.70 -5.12 15.36
C ILE A 712 30.65 -3.79 16.08
N TRP A 713 31.34 -2.80 15.52
CA TRP A 713 31.46 -1.49 16.16
C TRP A 713 31.86 -0.48 15.10
N ASP A 714 31.72 0.79 15.45
CA ASP A 714 31.90 1.86 14.46
C ASP A 714 33.33 1.89 13.93
N SER A 715 33.46 2.15 12.63
CA SER A 715 34.75 2.06 11.97
C SER A 715 35.58 3.32 12.17
N ALA A 716 35.72 3.75 13.42
CA ALA A 716 36.65 4.80 13.79
C ALA A 716 37.50 4.46 14.99
N VAL A 717 37.05 3.53 15.84
CA VAL A 717 37.88 3.01 16.92
C VAL A 717 38.44 1.63 16.58
N LEU A 718 37.82 0.90 15.65
CA LEU A 718 38.36 -0.38 15.22
C LEU A 718 39.56 -0.21 14.31
N GLU A 719 39.54 0.82 13.45
CA GLU A 719 40.70 1.11 12.63
C GLU A 719 41.84 1.72 13.41
N PHE A 720 41.63 2.06 14.68
CA PHE A 720 42.70 2.56 15.54
C PHE A 720 43.34 1.44 16.35
N GLU A 721 42.53 0.54 16.92
CA GLU A 721 43.07 -0.60 17.65
C GLU A 721 43.85 -1.52 16.72
N ALA A 722 43.33 -1.77 15.51
CA ALA A 722 44.04 -2.59 14.54
C ALA A 722 45.32 -1.93 14.06
N SER A 723 45.45 -0.62 14.22
CA SER A 723 46.67 0.07 13.79
C SER A 723 47.82 -0.18 14.76
N GLN A 724 47.51 -0.34 16.05
CA GLN A 724 48.55 -0.50 17.07
C GLN A 724 48.65 -1.92 17.61
N LYS A 725 47.53 -2.62 17.79
CA LYS A 725 47.60 -4.00 18.28
C LYS A 725 48.29 -4.91 17.29
N CYS A 726 47.98 -4.74 16.00
CA CYS A 726 48.70 -5.32 14.86
C CYS A 726 48.54 -6.83 14.74
N ASP A 727 47.88 -7.49 15.69
CA ASP A 727 47.52 -8.89 15.55
C ASP A 727 46.04 -9.08 15.21
N LEU A 728 45.31 -7.99 14.99
CA LEU A 728 43.90 -8.02 14.65
C LEU A 728 43.69 -7.26 13.35
N VAL A 729 42.69 -7.70 12.58
CA VAL A 729 42.37 -7.08 11.30
C VAL A 729 40.86 -6.89 11.23
N THR A 730 40.44 -5.94 10.39
CA THR A 730 39.04 -5.67 10.15
C THR A 730 38.71 -6.02 8.71
N THR A 731 37.64 -6.78 8.52
CA THR A 731 37.22 -7.26 7.21
C THR A 731 35.74 -7.01 7.00
N GLY A 732 35.37 -6.64 5.77
CA GLY A 732 33.99 -6.47 5.39
C GLY A 732 33.78 -5.12 4.74
N GLU A 733 32.51 -4.74 4.67
CA GLU A 733 32.10 -3.46 4.10
C GLU A 733 31.19 -2.73 5.09
N LEU A 734 31.33 -1.41 5.14
CA LEU A 734 30.52 -0.61 6.04
C LEU A 734 29.06 -0.70 5.65
N PHE A 735 28.18 -0.77 6.65
CA PHE A 735 26.76 -0.98 6.36
C PHE A 735 25.83 -0.07 7.16
N PHE A 736 26.34 0.95 7.85
CA PHE A 736 25.48 1.93 8.50
C PHE A 736 26.29 3.22 8.59
N ARG A 737 26.07 4.13 7.65
CA ARG A 737 26.90 5.32 7.50
C ARG A 737 26.22 6.49 8.18
N SER A 738 26.51 6.66 9.47
CA SER A 738 26.05 7.82 10.24
C SER A 738 27.23 8.37 11.02
N GLY A 739 27.47 9.67 10.89
CA GLY A 739 28.57 10.30 11.56
C GLY A 739 28.26 10.64 13.01
N PHE A 740 29.24 11.24 13.67
CA PHE A 740 29.11 11.65 15.05
C PHE A 740 28.35 12.97 15.12
N GLY A 741 28.37 13.63 16.26
CA GLY A 741 27.70 14.90 16.43
C GLY A 741 27.46 15.22 17.88
N ILE A 742 27.27 16.51 18.15
CA ILE A 742 27.05 17.00 19.50
C ILE A 742 25.55 17.02 19.77
N GLY A 743 25.13 16.32 20.83
CA GLY A 743 23.73 16.27 21.18
C GLY A 743 23.36 17.37 22.16
N MET A 744 22.25 18.06 21.86
CA MET A 744 21.74 19.12 22.71
C MET A 744 20.25 18.96 22.88
N ARG A 745 19.72 19.45 23.99
CA ARG A 745 18.30 19.37 24.26
C ARG A 745 17.53 20.17 23.21
N LYS A 746 16.31 19.72 22.94
CA LYS A 746 15.50 20.34 21.88
C LYS A 746 15.19 21.79 22.23
N ASP A 747 15.14 22.62 21.19
CA ASP A 747 14.84 24.05 21.31
C ASP A 747 15.90 24.78 22.14
N SER A 748 17.16 24.37 21.99
CA SER A 748 18.25 25.03 22.69
C SER A 748 18.87 26.09 21.80
N PRO A 749 18.95 27.34 22.27
CA PRO A 749 19.53 28.42 21.45
C PRO A 749 20.99 28.22 21.10
N TRP A 750 21.71 27.35 21.80
CA TRP A 750 23.13 27.15 21.53
C TRP A 750 23.39 26.38 20.24
N LYS A 751 22.36 25.87 19.57
CA LYS A 751 22.58 24.94 18.47
C LYS A 751 23.13 25.63 17.23
N GLN A 752 22.68 26.85 16.93
CA GLN A 752 23.05 27.48 15.67
C GLN A 752 24.53 27.81 15.62
N ASN A 753 25.08 28.42 16.68
CA ASN A 753 26.51 28.69 16.70
C ASN A 753 27.33 27.42 16.58
N VAL A 754 26.92 26.37 17.29
CA VAL A 754 27.73 25.16 17.41
C VAL A 754 27.87 24.47 16.07
N SER A 755 26.75 24.27 15.37
CA SER A 755 26.80 23.66 14.04
C SER A 755 27.57 24.53 13.07
N LEU A 756 27.49 25.85 13.22
CA LEU A 756 28.19 26.79 12.36
C LEU A 756 29.67 26.88 12.67
N SER A 757 30.12 26.25 13.76
CA SER A 757 31.53 26.22 14.13
C SER A 757 32.24 24.95 13.70
N ILE A 758 31.53 23.82 13.67
CA ILE A 758 32.08 22.59 13.12
C ILE A 758 32.32 22.75 11.63
N LEU A 759 31.43 23.47 10.94
CA LEU A 759 31.59 23.69 9.51
C LEU A 759 32.86 24.48 9.21
N LYS A 760 33.17 25.46 10.05
CA LYS A 760 34.38 26.26 9.83
C LYS A 760 35.64 25.44 10.05
N SER A 761 35.67 24.62 11.11
CA SER A 761 36.86 23.84 11.42
C SER A 761 37.16 22.79 10.37
N HIS A 762 36.16 22.36 9.60
CA HIS A 762 36.43 21.43 8.51
C HIS A 762 37.19 22.09 7.38
N GLU A 763 36.84 23.33 7.05
CA GLU A 763 37.36 24.01 5.87
C GLU A 763 38.59 24.86 6.16
N ASN A 764 39.05 24.92 7.40
CA ASN A 764 40.24 25.69 7.74
C ASN A 764 41.39 24.82 8.25
N GLY A 765 41.27 23.50 8.13
CA GLY A 765 42.36 22.61 8.45
C GLY A 765 42.50 22.23 9.91
N PHE A 766 41.63 22.75 10.79
CA PHE A 766 41.75 22.41 12.20
C PHE A 766 41.47 20.94 12.46
N MET A 767 40.49 20.38 11.78
CA MET A 767 40.17 18.96 11.96
C MET A 767 41.06 18.06 11.13
N GLU A 768 41.95 18.62 10.31
CA GLU A 768 43.04 17.87 9.70
C GLU A 768 44.29 17.87 10.57
N ASP A 769 44.26 18.58 11.70
CA ASP A 769 45.31 18.51 12.70
C ASP A 769 44.98 17.49 13.78
N LEU A 770 43.71 17.41 14.18
CA LEU A 770 43.31 16.50 15.24
C LEU A 770 43.49 15.05 14.83
N ASP A 771 43.17 14.71 13.58
CA ASP A 771 43.28 13.32 13.14
C ASP A 771 44.74 12.89 13.06
N LYS A 772 45.63 13.80 12.64
CA LYS A 772 47.05 13.47 12.59
C LYS A 772 47.61 13.23 13.98
N THR A 773 47.22 14.05 14.95
CA THR A 773 47.78 13.95 16.29
C THR A 773 47.27 12.72 17.02
N TRP A 774 46.01 12.36 16.81
CA TRP A 774 45.38 11.27 17.55
C TRP A 774 45.08 10.04 16.71
N VAL A 775 44.37 10.20 15.58
CA VAL A 775 43.87 9.04 14.86
C VAL A 775 44.95 8.41 13.99
N ARG A 776 45.74 9.22 13.29
CA ARG A 776 46.78 8.67 12.41
C ARG A 776 47.78 7.85 13.20
N TYR A 777 48.35 8.44 14.26
CA TYR A 777 49.13 7.73 15.27
C TYR A 777 50.28 7.01 14.58
N GLN A 778 50.54 5.73 14.86
CA GLN A 778 51.60 4.97 14.24
C GLN A 778 51.06 3.61 13.85
N GLU A 779 51.60 3.06 12.76
CA GLU A 779 51.15 1.78 12.21
C GLU A 779 51.98 0.65 12.81
N CYS A 780 51.32 -0.22 13.58
CA CYS A 780 51.96 -1.36 14.23
C CYS A 780 53.18 -0.95 15.06
N ALA B 56 -17.31 -2.31 74.31
CA ALA B 56 -18.74 -2.56 74.11
C ALA B 56 -19.46 -1.27 73.78
N ARG B 57 -18.89 -0.47 72.88
CA ARG B 57 -19.50 0.80 72.50
C ARG B 57 -20.76 0.54 71.70
N PRO B 58 -21.89 1.15 72.07
CA PRO B 58 -23.13 0.92 71.31
C PRO B 58 -23.05 1.52 69.91
N LEU B 59 -23.78 0.89 68.99
CA LEU B 59 -23.84 1.36 67.61
C LEU B 59 -25.19 0.92 67.03
N ASN B 60 -26.05 1.89 66.75
CA ASN B 60 -27.39 1.59 66.24
C ASN B 60 -27.41 1.84 64.73
N VAL B 61 -27.00 0.81 63.99
CA VAL B 61 -26.98 0.89 62.54
C VAL B 61 -28.40 0.90 62.00
N ALA B 62 -28.64 1.70 60.96
CA ALA B 62 -29.97 1.86 60.38
C ALA B 62 -30.03 1.23 59.00
N LEU B 63 -31.18 0.66 58.68
CA LEU B 63 -31.41 0.02 57.39
C LEU B 63 -32.65 0.65 56.75
N VAL B 64 -32.50 1.13 55.52
CA VAL B 64 -33.59 1.74 54.78
C VAL B 64 -33.75 1.03 53.44
N PHE B 65 -34.98 0.73 53.08
CA PHE B 65 -35.31 0.03 51.85
C PHE B 65 -36.43 0.74 51.13
N SER B 66 -36.40 0.68 49.80
CA SER B 66 -37.44 1.24 48.96
C SER B 66 -38.00 0.14 48.06
N GLY B 67 -39.33 -0.01 48.09
CA GLY B 67 -39.98 -1.02 47.29
C GLY B 67 -40.84 -1.95 48.12
N PRO B 68 -41.98 -2.36 47.59
CA PRO B 68 -42.87 -3.27 48.32
C PRO B 68 -42.25 -4.64 48.59
N ALA B 69 -41.26 -5.05 47.80
CA ALA B 69 -40.68 -6.39 47.97
C ALA B 69 -39.99 -6.52 49.33
N TYR B 70 -39.26 -5.49 49.75
CA TYR B 70 -38.55 -5.54 51.02
C TYR B 70 -39.48 -5.36 52.22
N ALA B 71 -40.69 -4.86 52.01
CA ALA B 71 -41.62 -4.67 53.11
C ALA B 71 -41.99 -6.00 53.77
N ALA B 72 -42.21 -7.04 52.96
CA ALA B 72 -42.55 -8.35 53.51
C ALA B 72 -41.38 -8.95 54.29
N GLU B 73 -40.16 -8.76 53.79
CA GLU B 73 -38.98 -9.35 54.39
C GLU B 73 -38.20 -8.37 55.27
N ALA B 74 -38.80 -7.24 55.63
CA ALA B 74 -38.11 -6.27 56.48
C ALA B 74 -37.79 -6.86 57.85
N ALA B 75 -38.73 -7.59 58.44
CA ALA B 75 -38.50 -8.20 59.75
C ALA B 75 -37.60 -9.42 59.66
N ARG B 76 -37.65 -10.16 58.54
CA ARG B 76 -36.84 -11.36 58.40
C ARG B 76 -35.34 -11.02 58.39
N LEU B 77 -34.98 -9.89 57.79
CA LEU B 77 -33.58 -9.50 57.70
C LEU B 77 -32.98 -9.10 59.05
N GLY B 78 -33.82 -8.93 60.08
CA GLY B 78 -33.34 -8.54 61.38
C GLY B 78 -32.37 -9.52 62.01
N PRO B 79 -32.85 -10.72 62.34
CA PRO B 79 -31.97 -11.72 62.96
C PRO B 79 -30.78 -12.10 62.09
N ALA B 80 -30.94 -12.13 60.77
CA ALA B 80 -29.84 -12.54 59.90
C ALA B 80 -28.72 -11.52 59.91
N VAL B 81 -29.05 -10.23 59.74
CA VAL B 81 -28.03 -9.19 59.72
C VAL B 81 -27.33 -9.07 61.06
N ALA B 82 -28.10 -9.11 62.15
CA ALA B 82 -27.51 -8.95 63.48
C ALA B 82 -26.56 -10.09 63.80
N ALA B 83 -26.93 -11.33 63.45
CA ALA B 83 -26.08 -12.47 63.74
C ALA B 83 -24.89 -12.56 62.79
N ALA B 84 -25.03 -12.07 61.56
CA ALA B 84 -23.95 -12.17 60.59
C ALA B 84 -22.73 -11.36 61.02
N VAL B 85 -22.95 -10.15 61.52
CA VAL B 85 -21.87 -9.23 61.88
C VAL B 85 -21.63 -9.32 63.38
N ARG B 86 -20.39 -9.59 63.76
CA ARG B 86 -20.02 -9.68 65.18
C ARG B 86 -18.57 -9.25 65.32
N SER B 87 -18.35 -8.13 65.99
CA SER B 87 -17.01 -7.59 66.22
C SER B 87 -16.81 -7.30 67.69
N PRO B 88 -15.58 -7.43 68.19
CA PRO B 88 -15.34 -7.17 69.62
C PRO B 88 -15.60 -5.72 69.98
N GLY B 89 -16.16 -5.51 71.17
CA GLY B 89 -16.38 -4.17 71.68
C GLY B 89 -17.37 -3.35 70.88
N LEU B 90 -18.19 -3.99 70.05
CA LEU B 90 -19.16 -3.29 69.22
C LEU B 90 -20.53 -3.93 69.38
N ASP B 91 -21.56 -3.09 69.34
CA ASP B 91 -22.95 -3.54 69.46
C ASP B 91 -23.65 -3.38 68.11
N VAL B 92 -24.33 -4.44 67.68
CA VAL B 92 -25.06 -4.45 66.42
C VAL B 92 -26.54 -4.37 66.75
N ARG B 93 -27.19 -3.26 66.40
CA ARG B 93 -28.60 -3.04 66.64
C ARG B 93 -29.26 -2.54 65.36
N PRO B 94 -29.45 -3.43 64.38
CA PRO B 94 -30.07 -3.00 63.11
C PRO B 94 -31.50 -2.54 63.31
N VAL B 95 -31.90 -1.53 62.55
CA VAL B 95 -33.26 -1.00 62.57
C VAL B 95 -33.79 -1.01 61.14
N ALA B 96 -34.99 -1.54 60.96
CA ALA B 96 -35.59 -1.68 59.63
C ALA B 96 -36.50 -0.49 59.33
N LEU B 97 -36.30 0.13 58.17
CA LEU B 97 -37.12 1.24 57.73
C LEU B 97 -37.47 1.06 56.27
N VAL B 98 -38.58 1.67 55.86
CA VAL B 98 -39.07 1.61 54.49
C VAL B 98 -39.25 3.02 53.98
N LEU B 99 -38.70 3.30 52.80
CA LEU B 99 -38.83 4.59 52.15
C LEU B 99 -39.99 4.57 51.15
N ASN B 100 -40.37 5.76 50.70
CA ASN B 100 -41.46 5.93 49.76
C ASN B 100 -40.92 6.48 48.45
N GLY B 101 -41.16 5.76 47.36
CA GLY B 101 -40.78 6.22 46.04
C GLY B 101 -39.30 6.16 45.76
N SER B 102 -38.93 6.22 44.48
CA SER B 102 -37.54 6.25 44.04
C SER B 102 -37.42 7.33 42.96
N ASP B 103 -37.17 8.56 43.40
CA ASP B 103 -37.12 9.73 42.52
C ASP B 103 -36.62 10.94 43.30
N PRO B 104 -36.27 12.04 42.62
CA PRO B 104 -36.00 13.29 43.36
C PRO B 104 -37.23 13.72 44.16
N ARG B 105 -37.10 13.70 45.49
CA ARG B 105 -38.25 13.95 46.36
C ARG B 105 -37.72 14.51 47.67
N SER B 106 -38.65 14.98 48.51
CA SER B 106 -38.30 15.60 49.79
C SER B 106 -37.89 14.55 50.81
N LEU B 107 -36.81 13.82 50.47
CA LEU B 107 -36.26 12.83 51.40
C LEU B 107 -35.66 13.50 52.63
N VAL B 108 -35.05 14.67 52.46
CA VAL B 108 -34.42 15.36 53.58
C VAL B 108 -35.43 15.73 54.66
N LEU B 109 -36.72 15.77 54.31
CA LEU B 109 -37.75 16.05 55.30
C LEU B 109 -37.78 14.98 56.40
N GLN B 110 -37.68 13.71 56.02
CA GLN B 110 -37.76 12.60 56.96
C GLN B 110 -36.44 11.92 57.25
N LEU B 111 -35.48 11.97 56.31
CA LEU B 111 -34.19 11.34 56.57
C LEU B 111 -33.47 11.99 57.75
N CYS B 112 -33.51 13.32 57.82
CA CYS B 112 -32.98 14.00 59.01
C CYS B 112 -33.89 13.81 60.21
N ASP B 113 -35.20 13.68 59.98
CA ASP B 113 -36.13 13.50 61.09
C ASP B 113 -35.85 12.19 61.81
N LEU B 114 -35.62 11.11 61.07
CA LEU B 114 -35.27 9.85 61.69
C LEU B 114 -33.85 9.90 62.27
N LEU B 115 -32.94 10.61 61.60
CA LEU B 115 -31.59 10.76 62.12
C LEU B 115 -31.58 11.54 63.42
N SER B 116 -32.41 12.58 63.52
CA SER B 116 -32.47 13.37 64.74
C SER B 116 -33.00 12.54 65.90
N GLY B 117 -32.32 12.63 67.03
CA GLY B 117 -32.70 11.90 68.22
C GLY B 117 -32.29 10.44 68.24
N LEU B 118 -31.62 9.96 67.20
CA LEU B 118 -31.18 8.57 67.13
C LEU B 118 -29.72 8.52 66.74
N ARG B 119 -29.01 7.54 67.32
CA ARG B 119 -27.58 7.35 67.02
C ARG B 119 -27.44 6.37 65.86
N VAL B 120 -27.75 6.89 64.66
CA VAL B 120 -27.73 6.05 63.46
C VAL B 120 -26.30 5.66 63.10
N HIS B 121 -25.35 6.57 63.30
CA HIS B 121 -23.94 6.32 62.99
C HIS B 121 -23.74 6.03 61.51
N GLY B 122 -24.27 4.89 61.04
CA GLY B 122 -24.19 4.56 59.64
C GLY B 122 -25.47 3.91 59.14
N VAL B 123 -25.91 4.28 57.95
CA VAL B 123 -27.14 3.75 57.36
C VAL B 123 -26.83 3.21 55.97
N VAL B 124 -27.35 2.03 55.67
CA VAL B 124 -27.14 1.38 54.37
C VAL B 124 -28.32 1.70 53.46
N PHE B 125 -28.03 2.14 52.25
CA PHE B 125 -29.04 2.53 51.28
C PHE B 125 -29.26 1.42 50.26
N GLU B 126 -30.51 1.02 50.08
CA GLU B 126 -30.87 -0.01 49.11
C GLU B 126 -32.08 0.47 48.31
N ASP B 127 -32.10 0.08 47.03
CA ASP B 127 -33.18 0.49 46.13
C ASP B 127 -33.22 -0.48 44.95
N ASP B 128 -34.41 -0.94 44.62
CA ASP B 128 -34.60 -1.83 43.47
C ASP B 128 -34.95 -1.03 42.21
N SER B 129 -34.12 -0.03 41.89
CA SER B 129 -34.32 0.82 40.73
C SER B 129 -33.02 0.93 39.95
N ARG B 130 -33.13 0.86 38.62
CA ARG B 130 -31.95 0.91 37.77
C ARG B 130 -31.39 2.32 37.64
N ALA B 131 -32.25 3.34 37.67
CA ALA B 131 -31.82 4.71 37.48
C ALA B 131 -31.08 5.21 38.72
N PRO B 132 -29.84 5.69 38.61
CA PRO B 132 -29.10 6.21 39.77
C PRO B 132 -29.35 7.70 39.99
N ALA B 133 -30.62 8.07 40.13
CA ALA B 133 -31.01 9.46 40.34
C ALA B 133 -31.23 9.81 41.81
N VAL B 134 -30.95 8.88 42.71
CA VAL B 134 -31.16 9.10 44.13
C VAL B 134 -29.87 9.28 44.90
N ALA B 135 -28.75 8.71 44.44
CA ALA B 135 -27.49 8.88 45.14
C ALA B 135 -27.03 10.32 45.23
N PRO B 136 -27.00 11.11 44.14
CA PRO B 136 -26.51 12.50 44.27
C PRO B 136 -27.31 13.34 45.24
N ILE B 137 -28.64 13.20 45.27
CA ILE B 137 -29.43 13.96 46.23
C ILE B 137 -29.22 13.42 47.64
N LEU B 138 -28.95 12.13 47.77
CA LEU B 138 -28.55 11.58 49.06
C LEU B 138 -27.11 11.95 49.40
N ASP B 139 -26.29 12.19 48.38
CA ASP B 139 -24.91 12.60 48.62
C ASP B 139 -24.86 13.96 49.31
N PHE B 140 -25.73 14.88 48.91
CA PHE B 140 -25.73 16.22 49.49
C PHE B 140 -26.03 16.17 50.98
N LEU B 141 -27.05 15.40 51.37
CA LEU B 141 -27.39 15.29 52.79
C LEU B 141 -26.32 14.54 53.57
N SER B 142 -25.47 13.77 52.89
CA SER B 142 -24.36 13.11 53.58
C SER B 142 -23.24 14.10 53.91
N ALA B 143 -23.09 15.15 53.11
CA ALA B 143 -22.01 16.11 53.34
C ALA B 143 -22.23 16.88 54.63
N GLN B 144 -23.46 17.35 54.87
CA GLN B 144 -23.73 18.12 56.08
C GLN B 144 -23.68 17.25 57.32
N THR B 145 -24.23 16.04 57.24
CA THR B 145 -24.23 15.15 58.40
C THR B 145 -22.87 14.53 58.67
N SER B 146 -21.98 14.51 57.68
CA SER B 146 -20.63 13.94 57.84
C SER B 146 -20.69 12.50 58.33
N LEU B 147 -21.60 11.72 57.75
CA LEU B 147 -21.77 10.32 58.11
C LEU B 147 -21.73 9.46 56.87
N PRO B 148 -21.24 8.22 56.98
CA PRO B 148 -21.10 7.37 55.78
C PRO B 148 -22.37 6.63 55.42
N ILE B 149 -22.67 6.62 54.12
CA ILE B 149 -23.79 5.87 53.56
C ILE B 149 -23.24 5.02 52.41
N VAL B 150 -23.57 3.74 52.43
CA VAL B 150 -23.12 2.80 51.41
C VAL B 150 -24.33 2.22 50.70
N ALA B 151 -24.23 2.10 49.38
CA ALA B 151 -25.29 1.54 48.55
C ALA B 151 -24.84 0.20 48.00
N VAL B 152 -25.69 -0.81 48.13
CA VAL B 152 -25.36 -2.17 47.72
C VAL B 152 -25.93 -2.46 46.34
N HIS B 153 -27.25 -2.37 46.21
CA HIS B 153 -27.95 -2.70 44.98
C HIS B 153 -28.80 -1.52 44.56
N GLY B 154 -28.70 -1.12 43.29
CA GLY B 154 -29.51 -0.05 42.75
C GLY B 154 -28.97 1.33 43.02
N GLY B 155 -28.76 1.66 44.30
CA GLY B 155 -28.23 2.98 44.64
C GLY B 155 -26.84 3.20 44.07
N ALA B 156 -25.97 2.21 44.17
CA ALA B 156 -24.63 2.29 43.62
C ALA B 156 -24.59 1.77 42.18
N ALA B 157 -25.48 2.29 41.34
CA ALA B 157 -25.55 1.82 39.96
C ALA B 157 -24.34 2.29 39.16
N LEU B 158 -23.92 3.54 39.35
CA LEU B 158 -22.80 4.12 38.62
C LEU B 158 -21.90 4.88 39.58
N VAL B 159 -20.65 5.01 39.18
CA VAL B 159 -19.65 5.72 39.98
C VAL B 159 -19.81 7.22 39.76
N LEU B 160 -20.07 7.95 40.83
CA LEU B 160 -20.26 9.40 40.79
C LEU B 160 -18.97 10.06 41.23
N THR B 161 -18.18 10.53 40.25
CA THR B 161 -16.92 11.20 40.53
C THR B 161 -16.77 12.39 39.59
N PRO B 162 -16.17 13.50 40.06
CA PRO B 162 -15.75 13.73 41.45
C PRO B 162 -16.92 14.10 42.36
N LYS B 163 -16.78 13.85 43.65
CA LYS B 163 -17.84 14.13 44.61
C LYS B 163 -17.63 15.52 45.22
N GLU B 164 -18.56 15.91 46.09
CA GLU B 164 -18.47 17.20 46.74
C GLU B 164 -17.41 17.18 47.83
N LYS B 165 -17.02 18.36 48.29
CA LYS B 165 -15.99 18.48 49.31
C LYS B 165 -16.47 17.90 50.63
N GLY B 166 -15.64 17.04 51.23
CA GLY B 166 -15.96 16.44 52.50
C GLY B 166 -16.92 15.27 52.45
N SER B 167 -17.36 14.86 51.26
CA SER B 167 -18.30 13.76 51.16
C SER B 167 -17.61 12.44 51.50
N THR B 168 -18.31 11.59 52.26
CA THR B 168 -17.82 10.26 52.62
C THR B 168 -18.70 9.15 52.05
N PHE B 169 -19.50 9.47 51.04
CA PHE B 169 -20.40 8.49 50.46
C PHE B 169 -19.60 7.49 49.61
N LEU B 170 -19.82 6.21 49.83
CA LEU B 170 -19.08 5.16 49.15
C LEU B 170 -20.04 4.20 48.46
N GLN B 171 -19.54 3.51 47.43
CA GLN B 171 -20.35 2.67 46.57
C GLN B 171 -19.72 1.28 46.46
N LEU B 172 -20.57 0.32 46.08
CA LEU B 172 -20.16 -1.05 45.73
C LEU B 172 -20.49 -1.23 44.25
N GLY B 173 -19.56 -0.81 43.39
CA GLY B 173 -19.77 -0.89 41.95
C GLY B 173 -18.49 -0.96 41.16
N SER B 174 -18.60 -0.85 39.83
CA SER B 174 -17.46 -0.92 38.94
C SER B 174 -17.27 0.41 38.22
N SER B 175 -16.04 0.91 38.22
CA SER B 175 -15.73 2.14 37.51
C SER B 175 -15.70 1.90 36.01
N THR B 176 -15.82 3.00 35.25
CA THR B 176 -15.77 2.90 33.79
C THR B 176 -14.43 2.38 33.32
N GLU B 177 -13.34 2.87 33.92
CA GLU B 177 -12.01 2.38 33.53
C GLU B 177 -11.85 0.91 33.88
N GLN B 178 -12.34 0.49 35.05
CA GLN B 178 -12.25 -0.90 35.45
C GLN B 178 -13.07 -1.82 34.57
N GLN B 179 -14.10 -1.30 33.89
CA GLN B 179 -14.87 -2.09 32.95
C GLN B 179 -14.20 -2.20 31.60
N LEU B 180 -13.19 -1.39 31.32
CA LEU B 180 -12.45 -1.43 30.06
C LEU B 180 -11.11 -2.13 30.18
N GLN B 181 -10.81 -2.72 31.33
CA GLN B 181 -9.55 -3.44 31.50
C GLN B 181 -9.73 -4.95 31.56
N VAL B 182 -10.87 -5.45 32.05
CA VAL B 182 -11.17 -6.86 31.89
C VAL B 182 -11.71 -7.18 30.50
N ILE B 183 -12.27 -6.19 29.80
CA ILE B 183 -12.78 -6.44 28.46
C ILE B 183 -11.64 -6.76 27.51
N PHE B 184 -10.46 -6.20 27.74
CA PHE B 184 -9.29 -6.49 26.91
C PHE B 184 -8.50 -7.69 27.43
N GLU B 185 -8.61 -7.99 28.73
CA GLU B 185 -7.88 -9.14 29.28
C GLU B 185 -8.39 -10.44 28.67
N VAL B 186 -9.71 -10.65 28.68
CA VAL B 186 -10.28 -11.84 28.05
C VAL B 186 -10.09 -11.77 26.55
N LEU B 187 -10.18 -10.58 25.97
CA LEU B 187 -9.95 -10.41 24.54
C LEU B 187 -8.50 -10.68 24.16
N GLU B 188 -7.56 -10.53 25.09
CA GLU B 188 -6.16 -10.79 24.78
C GLU B 188 -5.92 -12.25 24.40
N GLU B 189 -6.52 -13.17 25.14
CA GLU B 189 -6.31 -14.60 24.93
C GLU B 189 -7.25 -15.20 23.89
N TYR B 190 -8.19 -14.42 23.36
CA TYR B 190 -9.16 -14.90 22.39
C TYR B 190 -9.07 -14.12 21.07
N ASP B 191 -7.87 -13.68 20.71
CA ASP B 191 -7.63 -12.91 19.50
C ASP B 191 -8.50 -11.65 19.46
N TRP B 192 -9.47 -11.60 18.55
CA TRP B 192 -10.33 -10.44 18.35
C TRP B 192 -9.51 -9.16 18.21
N THR B 193 -8.48 -9.22 17.36
CA THR B 193 -7.61 -8.06 17.16
C THR B 193 -8.38 -6.88 16.59
N SER B 194 -9.26 -7.14 15.63
CA SER B 194 -10.03 -6.07 14.99
C SER B 194 -11.18 -5.63 15.87
N PHE B 195 -11.30 -4.33 16.09
CA PHE B 195 -12.39 -3.77 16.88
C PHE B 195 -12.61 -2.32 16.48
N VAL B 196 -13.83 -1.84 16.74
CA VAL B 196 -14.22 -0.47 16.46
C VAL B 196 -14.85 0.12 17.72
N ALA B 197 -15.00 1.44 17.71
CA ALA B 197 -15.61 2.17 18.82
C ALA B 197 -16.82 2.95 18.30
N VAL B 198 -17.96 2.74 18.95
CA VAL B 198 -19.20 3.44 18.61
C VAL B 198 -19.67 4.20 19.85
N THR B 199 -19.92 5.50 19.69
CA THR B 199 -20.33 6.34 20.80
C THR B 199 -21.61 7.09 20.42
N THR B 200 -22.30 7.57 21.45
CA THR B 200 -23.57 8.28 21.26
C THR B 200 -23.53 9.65 21.94
N ARG B 201 -24.69 10.30 22.02
CA ARG B 201 -24.79 11.63 22.63
C ARG B 201 -24.86 11.58 24.15
N ALA B 202 -24.76 10.40 24.75
CA ALA B 202 -24.87 10.30 26.20
C ALA B 202 -23.69 11.00 26.86
N PRO B 203 -23.89 11.64 28.01
CA PRO B 203 -22.78 12.34 28.68
C PRO B 203 -21.71 11.37 29.15
N GLY B 204 -20.48 11.89 29.23
CA GLY B 204 -19.35 11.09 29.64
C GLY B 204 -18.69 10.30 28.52
N HIS B 205 -19.07 10.56 27.27
CA HIS B 205 -18.48 9.81 26.16
C HIS B 205 -17.02 10.16 25.95
N ARG B 206 -16.60 11.37 26.35
CA ARG B 206 -15.22 11.78 26.13
C ARG B 206 -14.24 10.89 26.89
N ALA B 207 -14.60 10.52 28.13
CA ALA B 207 -13.73 9.64 28.90
C ALA B 207 -13.66 8.24 28.29
N PHE B 208 -14.74 7.78 27.65
CA PHE B 208 -14.76 6.44 27.08
C PHE B 208 -13.72 6.30 25.97
N LEU B 209 -13.65 7.29 25.07
CA LEU B 209 -12.65 7.23 24.00
C LEU B 209 -11.24 7.40 24.55
N SER B 210 -11.06 8.27 25.54
CA SER B 210 -9.73 8.49 26.09
C SER B 210 -9.21 7.25 26.82
N TYR B 211 -10.08 6.59 27.59
CA TYR B 211 -9.64 5.45 28.39
C TYR B 211 -9.17 4.29 27.51
N ILE B 212 -9.90 3.99 26.44
CA ILE B 212 -9.54 2.86 25.59
C ILE B 212 -8.25 3.16 24.83
N GLU B 213 -8.04 4.41 24.43
CA GLU B 213 -6.85 4.75 23.66
C GLU B 213 -5.59 4.56 24.48
N VAL B 214 -5.62 4.91 25.78
CA VAL B 214 -4.44 4.81 26.62
C VAL B 214 -3.99 3.34 26.74
N LEU B 215 -4.95 2.44 26.97
CA LEU B 215 -4.61 1.04 27.17
C LEU B 215 -4.07 0.41 25.87
N THR B 216 -4.64 0.78 24.73
CA THR B 216 -4.24 0.16 23.47
C THR B 216 -2.79 0.52 23.11
N ASP B 217 -2.41 1.77 23.29
CA ASP B 217 -1.08 2.21 22.90
C ASP B 217 -0.01 1.66 23.85
N GLY B 218 1.20 1.52 23.34
CA GLY B 218 2.31 1.03 24.13
C GLY B 218 2.17 -0.41 24.58
N SER B 219 1.71 -1.30 23.69
CA SER B 219 1.52 -2.70 24.00
C SER B 219 2.24 -3.55 22.97
N LEU B 220 2.82 -4.67 23.42
CA LEU B 220 3.52 -5.57 22.51
C LEU B 220 2.57 -6.25 21.54
N VAL B 221 1.29 -6.36 21.88
CA VAL B 221 0.31 -6.95 20.96
C VAL B 221 0.07 -6.03 19.77
N GLY B 222 -0.01 -4.73 20.01
CA GLY B 222 -0.23 -3.77 18.94
C GLY B 222 -1.64 -3.77 18.40
N TRP B 223 -2.60 -3.37 19.23
CA TRP B 223 -3.99 -3.30 18.78
C TRP B 223 -4.14 -2.27 17.66
N GLU B 224 -5.00 -2.58 16.70
CA GLU B 224 -5.30 -1.67 15.60
C GLU B 224 -6.72 -1.15 15.77
N HIS B 225 -6.91 0.13 15.42
CA HIS B 225 -8.19 0.80 15.57
C HIS B 225 -8.76 1.13 14.21
N ARG B 226 -10.09 1.04 14.10
CA ARG B 226 -10.80 1.36 12.86
C ARG B 226 -11.60 2.65 12.99
N GLY B 227 -11.03 3.63 13.68
CA GLY B 227 -11.65 4.93 13.83
C GLY B 227 -12.72 4.96 14.91
N ALA B 228 -13.21 6.16 15.17
CA ALA B 228 -14.27 6.39 16.15
C ALA B 228 -15.56 6.72 15.42
N LEU B 229 -16.63 6.01 15.78
CA LEU B 229 -17.93 6.17 15.15
C LEU B 229 -18.85 6.93 16.08
N THR B 230 -19.46 8.01 15.56
CA THR B 230 -20.39 8.84 16.30
C THR B 230 -21.76 8.80 15.63
N LEU B 231 -22.80 8.56 16.42
CA LEU B 231 -24.16 8.49 15.91
C LEU B 231 -25.07 9.36 16.76
N ASP B 232 -26.05 9.97 16.10
CA ASP B 232 -27.06 10.80 16.78
C ASP B 232 -28.42 10.16 16.62
N PRO B 233 -28.95 9.53 17.69
CA PRO B 233 -30.27 8.88 17.57
C PRO B 233 -31.39 9.83 17.18
N GLY B 234 -31.29 11.10 17.54
CA GLY B 234 -32.31 12.07 17.19
C GLY B 234 -32.24 12.64 15.79
N ALA B 235 -31.25 12.23 15.00
CA ALA B 235 -31.12 12.74 13.64
C ALA B 235 -32.09 12.05 12.69
N GLY B 236 -31.95 10.74 12.52
CA GLY B 236 -32.82 10.00 11.63
C GLY B 236 -32.40 8.55 11.45
N GLU B 237 -33.31 7.72 10.96
CA GLU B 237 -32.99 6.31 10.75
C GLU B 237 -32.00 6.13 9.61
N ALA B 238 -32.12 6.93 8.55
CA ALA B 238 -31.21 6.81 7.42
C ALA B 238 -29.78 7.14 7.82
N VAL B 239 -29.59 8.18 8.63
CA VAL B 239 -28.25 8.58 9.04
C VAL B 239 -27.64 7.53 9.97
N LEU B 240 -28.44 6.98 10.89
CA LEU B 240 -27.91 6.01 11.85
C LEU B 240 -27.42 4.75 11.15
N SER B 241 -28.20 4.24 10.19
CA SER B 241 -27.84 2.97 9.55
C SER B 241 -26.60 3.13 8.68
N ALA B 242 -26.48 4.23 7.95
CA ALA B 242 -25.34 4.42 7.04
C ALA B 242 -24.03 4.50 7.82
N GLN B 243 -24.02 5.24 8.94
CA GLN B 243 -22.80 5.38 9.72
C GLN B 243 -22.41 4.06 10.36
N LEU B 244 -23.39 3.29 10.85
CA LEU B 244 -23.09 2.04 11.54
C LEU B 244 -22.49 1.02 10.59
N ARG B 245 -22.97 0.97 9.35
CA ARG B 245 -22.46 0.03 8.35
C ARG B 245 -21.29 0.60 7.55
N SER B 246 -20.84 1.82 7.88
CA SER B 246 -19.72 2.41 7.14
C SER B 246 -18.44 1.62 7.35
N VAL B 247 -18.21 1.14 8.57
CA VAL B 247 -17.01 0.37 8.90
C VAL B 247 -17.40 -1.11 8.99
N SER B 248 -16.65 -1.95 8.30
CA SER B 248 -16.93 -3.39 8.24
C SER B 248 -16.10 -4.08 9.31
N ALA B 249 -16.75 -4.51 10.39
CA ALA B 249 -16.09 -5.25 11.45
C ALA B 249 -17.14 -6.01 12.24
N GLN B 250 -16.80 -7.23 12.64
CA GLN B 250 -17.71 -8.07 13.41
C GLN B 250 -17.60 -7.87 14.91
N ILE B 251 -16.67 -7.02 15.36
CA ILE B 251 -16.48 -6.73 16.78
C ILE B 251 -16.62 -5.22 16.95
N ARG B 252 -17.54 -4.81 17.84
CA ARG B 252 -17.85 -3.40 18.03
C ARG B 252 -17.93 -3.07 19.50
N LEU B 253 -17.66 -1.81 19.81
CA LEU B 253 -17.78 -1.28 21.16
C LEU B 253 -18.85 -0.19 21.16
N LEU B 254 -19.82 -0.32 22.07
CA LEU B 254 -20.94 0.61 22.13
C LEU B 254 -20.98 1.29 23.50
N PHE B 255 -21.43 2.55 23.50
CA PHE B 255 -21.62 3.31 24.72
C PHE B 255 -22.86 4.18 24.55
N CYS B 256 -23.91 3.86 25.31
CA CYS B 256 -25.15 4.59 25.24
C CYS B 256 -25.93 4.38 26.53
N ALA B 257 -26.91 5.25 26.76
CA ALA B 257 -27.72 5.17 27.96
C ALA B 257 -28.62 3.93 27.91
N ARG B 258 -29.19 3.60 29.07
CA ARG B 258 -30.02 2.40 29.17
C ARG B 258 -31.24 2.49 28.25
N GLU B 259 -31.89 3.64 28.22
CA GLU B 259 -33.03 3.86 27.33
C GLU B 259 -32.63 4.32 25.94
N GLU B 260 -31.36 4.69 25.74
CA GLU B 260 -30.87 5.08 24.43
C GLU B 260 -30.47 3.88 23.58
N ALA B 261 -30.38 2.69 24.17
CA ALA B 261 -29.93 1.52 23.43
C ALA B 261 -30.94 1.11 22.35
N GLU B 262 -32.23 1.16 22.67
CA GLU B 262 -33.25 0.64 21.76
C GLU B 262 -33.21 1.28 20.38
N PRO B 263 -33.09 2.60 20.22
CA PRO B 263 -32.93 3.16 18.86
C PRO B 263 -31.70 2.65 18.14
N VAL B 264 -30.63 2.33 18.87
CA VAL B 264 -29.41 1.84 18.23
C VAL B 264 -29.61 0.45 17.67
N PHE B 265 -30.27 -0.44 18.43
CA PHE B 265 -30.49 -1.80 17.96
C PHE B 265 -31.37 -1.84 16.71
N ARG B 266 -32.32 -0.91 16.59
CA ARG B 266 -33.17 -0.87 15.41
C ARG B 266 -32.36 -0.56 14.16
N ALA B 267 -31.39 0.35 14.27
CA ALA B 267 -30.55 0.67 13.12
C ALA B 267 -29.72 -0.53 12.68
N ALA B 268 -29.20 -1.29 13.65
CA ALA B 268 -28.38 -2.45 13.31
C ALA B 268 -29.19 -3.54 12.62
N GLU B 269 -30.48 -3.65 12.94
CA GLU B 269 -31.31 -4.66 12.30
C GLU B 269 -31.41 -4.44 10.80
N GLU B 270 -31.59 -3.19 10.38
CA GLU B 270 -31.69 -2.86 8.95
C GLU B 270 -30.33 -2.58 8.32
N ALA B 271 -29.26 -2.51 9.10
CA ALA B 271 -27.91 -2.35 8.56
C ALA B 271 -27.23 -3.68 8.27
N GLY B 272 -27.83 -4.79 8.67
CA GLY B 272 -27.27 -6.10 8.41
C GLY B 272 -26.29 -6.61 9.45
N LEU B 273 -25.94 -5.79 10.44
CA LEU B 273 -24.99 -6.19 11.47
C LEU B 273 -25.69 -6.78 12.69
N THR B 274 -26.58 -7.75 12.45
CA THR B 274 -27.25 -8.46 13.53
C THR B 274 -27.16 -9.98 13.36
N GLY B 275 -27.24 -10.48 12.13
CA GLY B 275 -27.17 -11.90 11.88
C GLY B 275 -25.75 -12.39 11.80
N SER B 276 -25.62 -13.68 11.51
CA SER B 276 -24.32 -14.38 11.40
C SER B 276 -23.59 -14.20 12.73
N GLY B 277 -22.28 -13.96 12.72
CA GLY B 277 -21.55 -13.76 13.95
C GLY B 277 -21.04 -12.35 14.13
N TYR B 278 -21.67 -11.62 15.05
CA TYR B 278 -21.26 -10.26 15.38
C TYR B 278 -21.22 -10.11 16.89
N VAL B 279 -20.32 -9.26 17.37
CA VAL B 279 -20.03 -9.13 18.79
C VAL B 279 -20.40 -7.72 19.24
N TRP B 280 -21.16 -7.62 20.32
CA TRP B 280 -21.52 -6.36 20.95
C TRP B 280 -21.04 -6.37 22.38
N PHE B 281 -20.39 -5.29 22.79
CA PHE B 281 -19.92 -5.13 24.17
C PHE B 281 -20.75 -4.03 24.83
N MET B 282 -21.71 -4.44 25.67
CA MET B 282 -22.65 -3.52 26.30
C MET B 282 -21.99 -2.91 27.53
N VAL B 283 -21.12 -1.94 27.29
CA VAL B 283 -20.37 -1.26 28.34
C VAL B 283 -20.87 0.18 28.42
N GLY B 284 -21.26 0.59 29.62
CA GLY B 284 -21.74 1.94 29.84
C GLY B 284 -22.53 2.06 31.13
N PRO B 285 -23.58 2.88 31.13
CA PRO B 285 -24.43 3.02 32.32
C PRO B 285 -25.05 1.70 32.75
N GLN B 286 -25.73 1.03 31.83
CA GLN B 286 -26.33 -0.26 32.12
C GLN B 286 -26.32 -1.15 30.89
N ALA B 306 -37.58 -7.61 23.05
CA ALA B 306 -37.63 -8.36 21.80
C ALA B 306 -36.51 -7.97 20.81
N PRO B 307 -36.27 -6.66 20.58
CA PRO B 307 -35.17 -6.31 19.66
C PRO B 307 -33.80 -6.47 20.32
N LEU B 308 -33.44 -7.71 20.64
CA LEU B 308 -32.18 -8.04 21.30
C LEU B 308 -31.50 -9.16 20.53
N PRO B 309 -30.85 -8.84 19.42
CA PRO B 309 -30.15 -9.88 18.65
C PRO B 309 -29.00 -10.47 19.44
N ALA B 310 -28.73 -11.75 19.16
CA ALA B 310 -27.64 -12.44 19.83
C ALA B 310 -26.29 -11.87 19.40
N GLY B 311 -25.33 -11.90 20.33
CA GLY B 311 -24.01 -11.37 20.05
C GLY B 311 -23.63 -10.23 20.96
N LEU B 312 -24.17 -10.21 22.18
CA LEU B 312 -23.94 -9.14 23.14
C LEU B 312 -23.15 -9.65 24.33
N PHE B 313 -22.29 -8.78 24.86
CA PHE B 313 -21.49 -9.09 26.04
C PHE B 313 -21.39 -7.85 26.91
N ALA B 314 -21.09 -8.07 28.18
CA ALA B 314 -20.94 -6.98 29.13
C ALA B 314 -20.12 -7.46 30.32
N VAL B 315 -19.88 -6.56 31.26
CA VAL B 315 -19.12 -6.85 32.47
C VAL B 315 -19.88 -6.32 33.67
N ARG B 316 -19.91 -7.09 34.75
CA ARG B 316 -20.64 -6.72 35.95
C ARG B 316 -19.79 -7.05 37.17
N SER B 317 -20.36 -6.83 38.35
CA SER B 317 -19.68 -7.11 39.60
C SER B 317 -19.84 -8.58 39.99
N ALA B 318 -19.01 -9.02 40.95
CA ALA B 318 -19.09 -10.40 41.41
C ALA B 318 -20.43 -10.68 42.08
N GLY B 319 -20.94 -9.73 42.86
CA GLY B 319 -22.22 -9.89 43.51
C GLY B 319 -23.39 -9.65 42.59
N TRP B 320 -23.34 -10.25 41.40
CA TRP B 320 -24.41 -10.05 40.42
C TRP B 320 -25.68 -10.78 40.82
N ARG B 321 -25.54 -11.93 41.50
CA ARG B 321 -26.69 -12.72 41.94
C ARG B 321 -26.55 -13.12 43.40
N ASP B 322 -26.06 -12.21 44.24
CA ASP B 322 -25.91 -12.50 45.66
C ASP B 322 -27.26 -12.49 46.35
N ASP B 323 -27.32 -13.19 47.49
CA ASP B 323 -28.54 -13.24 48.27
C ASP B 323 -28.87 -11.87 48.86
N LEU B 324 -30.17 -11.60 49.02
CA LEU B 324 -30.60 -10.32 49.57
C LEU B 324 -30.12 -10.16 51.02
N ALA B 325 -30.20 -11.23 51.81
CA ALA B 325 -29.74 -11.15 53.19
C ALA B 325 -28.23 -10.93 53.26
N ARG B 326 -27.48 -11.61 52.39
CA ARG B 326 -26.03 -11.46 52.39
C ARG B 326 -25.59 -10.14 51.77
N ARG B 327 -26.37 -9.60 50.83
CA ARG B 327 -26.03 -8.30 50.26
C ARG B 327 -26.04 -7.20 51.30
N VAL B 328 -27.07 -7.19 52.16
CA VAL B 328 -27.13 -6.21 53.23
C VAL B 328 -26.03 -6.46 54.24
N ALA B 329 -25.70 -7.73 54.47
CA ALA B 329 -24.61 -8.06 55.40
C ALA B 329 -23.28 -7.49 54.92
N ALA B 330 -23.02 -7.58 53.61
CA ALA B 330 -21.81 -6.96 53.07
C ALA B 330 -21.87 -5.45 53.20
N GLY B 331 -23.04 -4.85 52.98
CA GLY B 331 -23.16 -3.41 53.10
C GLY B 331 -22.98 -2.92 54.52
N VAL B 332 -23.51 -3.65 55.50
CA VAL B 332 -23.38 -3.23 56.89
C VAL B 332 -22.00 -3.53 57.45
N ALA B 333 -21.25 -4.44 56.82
CA ALA B 333 -19.94 -4.80 57.34
C ALA B 333 -18.96 -3.64 57.25
N VAL B 334 -18.98 -2.89 56.14
CA VAL B 334 -17.98 -1.86 55.93
C VAL B 334 -18.17 -0.69 56.89
N VAL B 335 -19.42 -0.27 57.11
CA VAL B 335 -19.68 0.89 57.94
C VAL B 335 -19.35 0.59 59.41
N ALA B 336 -19.60 -0.64 59.85
CA ALA B 336 -19.42 -0.99 61.25
C ALA B 336 -18.02 -1.52 61.55
N ARG B 337 -17.62 -2.59 60.86
CA ARG B 337 -16.34 -3.23 61.15
C ARG B 337 -15.16 -2.34 60.79
N GLY B 338 -15.30 -1.52 59.76
CA GLY B 338 -14.18 -0.67 59.34
C GLY B 338 -13.75 0.31 60.41
N ALA B 339 -14.69 0.82 61.21
CA ALA B 339 -14.39 1.80 62.23
C ALA B 339 -13.89 1.18 63.53
N GLN B 340 -13.83 -0.16 63.61
CA GLN B 340 -13.38 -0.81 64.83
C GLN B 340 -11.92 -0.51 65.14
N ALA B 341 -11.13 -0.11 64.14
CA ALA B 341 -9.74 0.25 64.38
C ALA B 341 -9.62 1.55 65.17
N LEU B 342 -10.64 2.41 65.12
CA LEU B 342 -10.60 3.65 65.90
C LEU B 342 -10.57 3.36 67.39
N LEU B 343 -11.35 2.38 67.84
CA LEU B 343 -11.34 2.01 69.26
C LEU B 343 -9.99 1.49 69.71
N ARG B 344 -9.18 0.94 68.80
CA ARG B 344 -7.83 0.54 69.14
C ARG B 344 -6.94 1.74 69.48
N ASP B 345 -7.28 2.92 68.97
CA ASP B 345 -6.50 4.12 69.26
C ASP B 345 -6.89 4.73 70.60
N TYR B 346 -8.19 4.88 70.84
CA TYR B 346 -8.69 5.45 72.08
C TYR B 346 -10.10 4.95 72.33
N GLY B 347 -10.55 5.08 73.58
CA GLY B 347 -11.88 4.66 73.95
C GLY B 347 -12.92 5.75 73.82
N LEU B 352 -20.95 12.46 67.24
CA LEU B 352 -20.09 12.03 66.14
C LEU B 352 -20.42 12.80 64.86
N GLY B 353 -21.56 12.47 64.27
CA GLY B 353 -21.99 13.13 63.06
C GLY B 353 -23.47 13.46 63.05
N HIS B 354 -24.05 13.62 64.24
CA HIS B 354 -25.48 13.92 64.37
C HIS B 354 -25.72 15.42 64.48
N ASP B 355 -25.22 16.17 63.49
CA ASP B 355 -25.30 17.62 63.50
C ASP B 355 -26.41 18.17 62.61
N CYS B 356 -27.22 17.31 62.00
CA CYS B 356 -28.37 17.80 61.25
C CYS B 356 -29.41 18.37 62.22
N ARG B 357 -30.13 19.39 61.75
CA ARG B 357 -30.95 20.22 62.65
C ARG B 357 -30.10 20.82 63.76
N ALA B 358 -28.87 21.18 63.42
CA ALA B 358 -27.95 21.84 64.33
C ALA B 358 -26.92 22.58 63.50
N GLN B 359 -26.30 23.60 64.07
CA GLN B 359 -25.36 24.44 63.35
C GLN B 359 -24.12 24.69 64.20
N ASN B 360 -23.28 25.60 63.70
CA ASN B 360 -22.05 26.00 64.38
C ASN B 360 -21.10 24.83 64.58
N ARG B 361 -20.98 23.96 63.59
CA ARG B 361 -20.06 22.83 63.64
C ARG B 361 -19.86 22.31 62.22
N THR B 362 -18.60 22.29 61.80
CA THR B 362 -18.25 21.74 60.49
C THR B 362 -17.09 20.75 60.63
N HIS B 363 -16.19 21.00 61.58
CA HIS B 363 -14.99 20.21 61.83
C HIS B 363 -14.34 19.67 60.56
N ARG B 364 -13.97 18.40 60.57
CA ARG B 364 -13.34 17.76 59.41
C ARG B 364 -14.11 16.51 59.03
N GLY B 365 -14.10 16.20 57.73
CA GLY B 365 -14.79 15.04 57.21
C GLY B 365 -13.99 14.27 56.18
N GLU B 366 -12.67 14.27 56.31
CA GLU B 366 -11.82 13.62 55.33
C GLU B 366 -11.02 12.48 55.96
N SER B 367 -11.01 12.42 57.29
CA SER B 367 -10.29 11.36 57.98
C SER B 367 -10.96 10.00 57.77
N LEU B 368 -12.24 10.01 57.40
CA LEU B 368 -13.00 8.77 57.27
C LEU B 368 -12.50 7.93 56.10
N HIS B 369 -12.08 8.58 55.00
CA HIS B 369 -11.67 7.85 53.82
C HIS B 369 -10.50 6.92 54.11
N ARG B 370 -9.44 7.44 54.72
CA ARG B 370 -8.28 6.60 55.02
C ARG B 370 -8.60 5.59 56.11
N TYR B 371 -9.63 5.84 56.92
CA TYR B 371 -10.03 4.87 57.92
C TYR B 371 -10.63 3.63 57.27
N PHE B 372 -11.47 3.83 56.25
CA PHE B 372 -12.14 2.74 55.55
C PHE B 372 -11.32 2.32 54.33
N MET B 373 -10.26 1.56 54.60
CA MET B 373 -9.40 1.03 53.55
C MET B 373 -9.31 -0.49 53.61
N ASN B 374 -9.20 -1.05 54.82
CA ASN B 374 -8.95 -2.47 54.99
C ASN B 374 -10.28 -3.18 55.20
N ILE B 375 -10.86 -3.67 54.11
CA ILE B 375 -12.09 -4.44 54.13
C ILE B 375 -11.85 -5.72 53.33
N THR B 376 -12.09 -6.87 53.96
CA THR B 376 -11.91 -8.16 53.30
C THR B 376 -12.95 -9.12 53.86
N TRP B 377 -13.81 -9.64 52.98
CA TRP B 377 -14.83 -10.59 53.39
C TRP B 377 -15.13 -11.51 52.21
N ASP B 378 -15.92 -12.55 52.49
CA ASP B 378 -16.44 -13.52 51.52
C ASP B 378 -15.45 -13.80 50.39
N ASN B 379 -14.21 -14.09 50.78
CA ASN B 379 -13.12 -14.43 49.85
C ASN B 379 -12.94 -13.35 48.78
N ARG B 380 -13.07 -12.09 49.18
CA ARG B 380 -12.93 -10.97 48.27
C ARG B 380 -12.10 -9.87 48.93
N ASP B 381 -11.44 -9.08 48.10
CA ASP B 381 -10.64 -7.94 48.55
C ASP B 381 -11.40 -6.67 48.22
N TYR B 382 -11.65 -5.85 49.24
CA TYR B 382 -12.40 -4.60 49.08
C TYR B 382 -11.51 -3.44 49.48
N SER B 383 -11.26 -2.52 48.54
CA SER B 383 -10.47 -1.33 48.79
C SER B 383 -11.14 -0.14 48.12
N PHE B 384 -10.92 1.04 48.70
CA PHE B 384 -11.53 2.28 48.20
C PHE B 384 -10.46 3.36 48.12
N ASN B 385 -10.63 4.26 47.15
CA ASN B 385 -9.75 5.41 47.03
C ASN B 385 -10.40 6.62 47.69
N GLU B 386 -9.83 7.81 47.47
CA GLU B 386 -10.36 9.02 48.10
C GLU B 386 -11.81 9.27 47.71
N ASP B 387 -12.10 9.25 46.41
CA ASP B 387 -13.49 9.41 45.96
C ASP B 387 -14.35 8.24 46.42
N GLY B 388 -13.84 7.01 46.28
CA GLY B 388 -14.51 5.85 46.83
C GLY B 388 -15.22 4.96 45.84
N PHE B 389 -14.57 3.86 45.47
CA PHE B 389 -15.19 2.75 44.74
C PHE B 389 -14.23 1.56 44.84
N LEU B 390 -14.53 0.50 44.11
CA LEU B 390 -13.75 -0.74 44.19
C LEU B 390 -12.38 -0.53 43.56
N VAL B 391 -11.37 -0.31 44.41
CA VAL B 391 -10.00 -0.20 43.92
C VAL B 391 -9.51 -1.57 43.45
N ASN B 392 -9.83 -2.63 44.20
CA ASN B 392 -9.53 -4.00 43.80
C ASN B 392 -10.84 -4.71 43.48
N PRO B 393 -11.41 -4.48 42.30
CA PRO B 393 -12.76 -5.00 42.00
C PRO B 393 -12.78 -6.45 41.55
N SER B 394 -12.75 -7.36 42.53
CA SER B 394 -12.94 -8.78 42.25
C SER B 394 -14.34 -8.97 41.68
N LEU B 395 -14.43 -9.30 40.39
CA LEU B 395 -15.69 -9.33 39.68
C LEU B 395 -15.66 -10.45 38.65
N VAL B 396 -16.78 -10.61 37.93
CA VAL B 396 -16.92 -11.61 36.89
C VAL B 396 -17.51 -10.94 35.65
N VAL B 397 -17.30 -11.59 34.50
CA VAL B 397 -17.79 -11.12 33.22
C VAL B 397 -18.96 -12.00 32.80
N ILE B 398 -20.09 -11.38 32.48
CA ILE B 398 -21.26 -12.15 32.06
C ILE B 398 -21.02 -12.75 30.68
N SER B 399 -21.63 -13.91 30.45
CA SER B 399 -21.49 -14.63 29.19
C SER B 399 -22.52 -14.13 28.18
N LEU B 400 -22.55 -14.76 27.01
CA LEU B 400 -23.53 -14.41 25.99
C LEU B 400 -24.93 -14.77 26.46
N THR B 401 -25.87 -13.87 26.19
CA THR B 401 -27.27 -14.06 26.59
C THR B 401 -28.05 -14.62 25.40
N ARG B 402 -28.63 -15.81 25.58
CA ARG B 402 -29.45 -16.44 24.54
C ARG B 402 -30.91 -16.55 24.94
N ASP B 403 -31.20 -17.24 26.04
CA ASP B 403 -32.58 -17.37 26.52
C ASP B 403 -32.91 -16.32 27.58
N ARG B 404 -32.61 -15.06 27.29
CA ARG B 404 -32.88 -13.93 28.20
C ARG B 404 -32.33 -14.22 29.60
N THR B 405 -31.18 -14.87 29.66
CA THR B 405 -30.56 -15.29 30.92
C THR B 405 -29.17 -14.67 31.01
N TRP B 406 -28.81 -14.24 32.23
CA TRP B 406 -27.52 -13.58 32.46
C TRP B 406 -26.49 -14.64 32.83
N GLU B 407 -26.02 -15.37 31.83
CA GLU B 407 -24.95 -16.34 32.04
C GLU B 407 -23.64 -15.63 32.31
N VAL B 408 -22.78 -16.30 33.08
CA VAL B 408 -21.46 -15.79 33.43
C VAL B 408 -20.43 -16.84 33.07
N VAL B 409 -19.40 -16.44 32.33
CA VAL B 409 -18.35 -17.37 31.90
C VAL B 409 -16.95 -16.94 32.31
N GLY B 410 -16.69 -15.66 32.58
CA GLY B 410 -15.37 -15.18 32.90
C GLY B 410 -15.26 -14.78 34.36
N SER B 411 -14.08 -14.98 34.94
CA SER B 411 -13.82 -14.61 36.32
C SER B 411 -12.50 -13.87 36.39
N TRP B 412 -12.41 -12.95 37.34
CA TRP B 412 -11.20 -12.14 37.51
C TRP B 412 -10.98 -11.91 39.00
N GLU B 413 -9.94 -12.54 39.55
CA GLU B 413 -9.58 -12.40 40.95
C GLU B 413 -8.08 -12.20 41.08
N GLN B 414 -7.69 -11.41 42.08
CA GLN B 414 -6.29 -11.13 42.37
C GLN B 414 -5.57 -10.58 41.14
N GLN B 415 -6.29 -9.73 40.38
CA GLN B 415 -5.76 -9.13 39.16
C GLN B 415 -5.28 -10.17 38.16
N THR B 416 -5.92 -11.35 38.16
CA THR B 416 -5.54 -12.45 37.29
C THR B 416 -6.76 -12.96 36.56
N LEU B 417 -6.59 -13.24 35.27
CA LEU B 417 -7.69 -13.71 34.44
C LEU B 417 -7.89 -15.20 34.59
N ARG B 418 -9.15 -15.63 34.49
CA ARG B 418 -9.50 -17.04 34.58
C ARG B 418 -10.79 -17.27 33.79
N LEU B 419 -10.79 -18.31 32.96
CA LEU B 419 -11.94 -18.65 32.14
C LEU B 419 -12.36 -20.09 32.40
N LYS B 420 -13.67 -20.33 32.30
CA LYS B 420 -14.22 -21.66 32.48
C LYS B 420 -14.36 -22.42 31.18
N TYR B 421 -14.30 -21.73 30.03
CA TYR B 421 -14.44 -22.36 28.72
C TYR B 421 -13.28 -21.91 27.84
N PRO B 422 -12.09 -22.48 28.04
CA PRO B 422 -10.96 -22.15 27.16
C PRO B 422 -11.24 -22.57 25.72
N LEU B 423 -10.75 -21.77 24.78
CA LEU B 423 -11.03 -22.00 23.38
C LEU B 423 -9.89 -21.48 22.53
N TRP B 424 -9.79 -22.00 21.31
CA TRP B 424 -8.80 -21.57 20.33
C TRP B 424 -9.51 -21.19 19.04
N SER B 425 -9.17 -20.01 18.51
CA SER B 425 -9.74 -19.48 17.26
C SER B 425 -11.26 -19.44 17.42
N ARG B 426 -12.02 -19.84 16.39
CA ARG B 426 -13.48 -19.85 16.44
C ARG B 426 -13.95 -21.29 16.22
N TYR B 427 -14.60 -21.86 17.21
CA TYR B 427 -15.06 -23.25 17.15
C TYR B 427 -16.58 -23.30 17.29
N GLY B 428 -17.11 -24.52 17.41
CA GLY B 428 -18.55 -24.71 17.35
C GLY B 428 -19.27 -24.06 18.52
N ARG B 429 -20.45 -23.50 18.21
CA ARG B 429 -21.39 -22.94 19.18
C ARG B 429 -20.81 -21.77 19.97
N PHE B 430 -19.61 -21.30 19.61
CA PHE B 430 -18.99 -20.15 20.27
C PHE B 430 -18.48 -19.20 19.19
N LEU B 431 -19.37 -18.33 18.70
CA LEU B 431 -19.01 -17.30 17.73
C LEU B 431 -18.31 -17.88 16.51
N GLN B 432 -19.02 -18.68 15.71
CA GLN B 432 -18.44 -19.29 14.53
C GLN B 432 -18.02 -18.20 13.56
N PRO B 433 -17.01 -18.47 12.72
CA PRO B 433 -16.44 -17.41 11.87
C PRO B 433 -17.48 -16.82 10.92
N VAL B 434 -17.32 -15.54 10.63
CA VAL B 434 -18.27 -14.78 9.82
C VAL B 434 -17.92 -14.95 8.35
N ASP B 435 -16.82 -15.66 8.07
CA ASP B 435 -16.36 -15.84 6.70
C ASP B 435 -16.18 -17.34 6.46
N ASP B 436 -17.25 -17.99 6.00
CA ASP B 436 -17.19 -19.41 5.69
C ASP B 436 -16.44 -19.69 4.40
N THR B 437 -16.36 -18.71 3.49
CA THR B 437 -15.69 -18.87 2.21
C THR B 437 -14.30 -18.25 2.18
N GLN B 438 -13.82 -17.74 3.32
CA GLN B 438 -12.49 -17.12 3.38
C GLN B 438 -11.63 -17.75 4.48
N HIS B 439 -11.95 -18.96 4.91
CA HIS B 439 -11.20 -19.65 5.95
C HIS B 439 -10.72 -20.99 5.42
N LEU B 440 -9.48 -21.34 5.75
CA LEU B 440 -8.87 -22.58 5.29
C LEU B 440 -8.22 -23.30 6.47
N THR B 441 -8.22 -24.63 6.40
CA THR B 441 -7.52 -25.48 7.34
C THR B 441 -6.34 -26.10 6.60
N VAL B 442 -5.13 -25.87 7.11
CA VAL B 442 -3.90 -26.21 6.40
C VAL B 442 -3.12 -27.23 7.21
N ALA B 443 -2.69 -28.31 6.56
CA ALA B 443 -1.86 -29.33 7.17
C ALA B 443 -0.41 -29.14 6.78
N THR B 444 0.50 -29.48 7.69
CA THR B 444 1.92 -29.26 7.46
C THR B 444 2.72 -30.32 8.21
N LEU B 445 3.96 -30.53 7.76
CA LEU B 445 4.90 -31.42 8.40
C LEU B 445 6.26 -30.72 8.48
N GLU B 446 7.08 -31.17 9.42
CA GLU B 446 8.35 -30.50 9.71
C GLU B 446 9.45 -31.03 8.80
N GLU B 447 10.02 -30.15 7.99
CA GLU B 447 11.21 -30.42 7.22
C GLU B 447 12.22 -29.33 7.52
N ARG B 448 13.43 -29.74 7.91
CA ARG B 448 14.37 -28.81 8.55
C ARG B 448 14.64 -27.52 7.77
N PRO B 449 14.84 -27.53 6.45
CA PRO B 449 15.09 -26.25 5.77
C PRO B 449 13.82 -25.53 5.35
N PHE B 450 12.71 -26.25 5.24
CA PHE B 450 11.48 -25.70 4.67
C PHE B 450 10.43 -25.34 5.72
N VAL B 451 10.18 -26.22 6.69
CA VAL B 451 9.25 -25.95 7.77
C VAL B 451 9.96 -26.24 9.09
N ILE B 452 10.19 -25.20 9.88
CA ILE B 452 10.92 -25.31 11.13
C ILE B 452 9.98 -24.99 12.28
N VAL B 453 9.87 -25.89 13.24
CA VAL B 453 9.05 -25.69 14.42
C VAL B 453 9.96 -25.46 15.62
N GLU B 454 9.45 -24.73 16.60
CA GLU B 454 10.21 -24.36 17.79
C GLU B 454 9.29 -24.42 18.99
N PRO B 455 9.85 -24.60 20.20
CA PRO B 455 9.01 -24.62 21.40
C PRO B 455 8.32 -23.30 21.73
N ALA B 456 8.48 -22.28 20.88
CA ALA B 456 7.76 -21.02 20.96
C ALA B 456 8.10 -20.20 22.19
N ASP B 457 9.25 -20.47 22.82
CA ASP B 457 9.75 -19.69 23.95
C ASP B 457 8.68 -19.53 25.03
N PRO B 458 8.39 -20.58 25.79
CA PRO B 458 7.26 -20.49 26.74
C PRO B 458 7.55 -19.55 27.90
N ILE B 459 7.56 -18.24 27.62
CA ILE B 459 7.71 -17.24 28.67
C ILE B 459 6.34 -17.01 29.29
N SER B 460 5.41 -16.46 28.52
CA SER B 460 4.00 -16.49 28.90
C SER B 460 3.14 -17.25 27.90
N GLY B 461 3.05 -16.78 26.65
CA GLY B 461 2.35 -17.53 25.63
C GLY B 461 2.82 -17.32 24.21
N THR B 462 3.90 -16.57 24.00
CA THR B 462 4.22 -16.05 22.69
C THR B 462 5.68 -16.29 22.33
N CYS B 463 5.95 -16.20 21.03
CA CYS B 463 7.30 -16.36 20.49
C CYS B 463 7.67 -15.17 19.61
N ILE B 464 8.78 -15.30 18.87
CA ILE B 464 9.27 -14.19 18.07
C ILE B 464 8.28 -13.81 16.97
N ARG B 465 8.48 -12.62 16.41
CA ARG B 465 7.48 -12.04 15.51
C ARG B 465 7.47 -12.66 14.13
N ASP B 466 8.62 -13.13 13.64
CA ASP B 466 8.69 -13.76 12.31
C ASP B 466 8.35 -15.25 12.41
N SER B 467 7.19 -15.52 12.98
CA SER B 467 6.69 -16.88 13.12
C SER B 467 5.17 -16.84 13.14
N VAL B 468 4.57 -17.99 12.89
CA VAL B 468 3.12 -18.12 12.87
C VAL B 468 2.72 -19.25 13.82
N PRO B 469 1.59 -19.13 14.53
CA PRO B 469 1.19 -20.19 15.46
C PRO B 469 0.89 -21.49 14.74
N CYS B 470 1.14 -22.60 15.43
CA CYS B 470 0.88 -23.92 14.87
C CYS B 470 0.11 -24.78 15.87
N ARG B 471 -0.05 -26.05 15.56
CA ARG B 471 -0.76 -26.99 16.42
C ARG B 471 -0.30 -28.40 16.07
N SER B 472 -0.63 -29.34 16.95
CA SER B 472 -0.27 -30.74 16.78
C SER B 472 -1.52 -31.61 16.86
N GLN B 473 -2.54 -31.23 16.09
CA GLN B 473 -3.85 -31.87 16.14
C GLN B 473 -3.73 -33.39 16.11
N LEU B 474 -4.25 -34.02 17.16
CA LEU B 474 -4.25 -35.48 17.28
C LEU B 474 -5.63 -35.93 17.74
N ASN B 475 -6.02 -37.11 17.26
CA ASN B 475 -7.31 -37.69 17.62
C ASN B 475 -7.31 -39.20 17.46
N ARG B 486 -2.24 -32.16 27.21
CA ARG B 486 -1.08 -31.31 26.97
C ARG B 486 -1.33 -30.32 25.85
N PRO B 487 -1.95 -29.17 26.19
CA PRO B 487 -2.27 -28.14 25.18
C PRO B 487 -1.10 -27.21 24.87
N GLU B 488 0.04 -27.80 24.54
CA GLU B 488 1.23 -27.02 24.21
C GLU B 488 1.03 -26.25 22.92
N LYS B 489 1.56 -25.03 22.87
CA LYS B 489 1.48 -24.19 21.69
C LYS B 489 2.89 -23.94 21.15
N ARG B 490 3.06 -24.11 19.85
CA ARG B 490 4.34 -23.91 19.20
C ARG B 490 4.12 -23.15 17.90
N CYS B 491 5.15 -22.43 17.47
CA CYS B 491 5.06 -21.58 16.29
C CYS B 491 6.15 -21.94 15.29
N CYS B 492 5.82 -21.80 14.00
CA CYS B 492 6.61 -22.34 12.91
C CYS B 492 7.03 -21.25 11.94
N LYS B 493 8.13 -21.52 11.22
CA LYS B 493 8.64 -20.61 10.22
C LYS B 493 9.48 -21.40 9.22
N GLY B 494 9.65 -20.84 8.05
CA GLY B 494 10.48 -21.46 7.03
C GLY B 494 10.21 -20.89 5.65
N PHE B 495 10.83 -21.53 4.67
CA PHE B 495 10.66 -21.11 3.27
C PHE B 495 9.21 -21.28 2.82
N CYS B 496 8.58 -22.40 3.17
CA CYS B 496 7.22 -22.67 2.72
C CYS B 496 6.23 -21.71 3.37
N ILE B 497 6.40 -21.44 4.67
CA ILE B 497 5.45 -20.60 5.38
C ILE B 497 5.51 -19.16 4.89
N ASP B 498 6.70 -18.68 4.51
CA ASP B 498 6.80 -17.34 3.95
C ASP B 498 5.94 -17.21 2.70
N ILE B 499 5.89 -18.26 1.88
CA ILE B 499 5.00 -18.26 0.72
C ILE B 499 3.54 -18.22 1.17
N LEU B 500 3.21 -18.97 2.22
CA LEU B 500 1.83 -19.02 2.70
C LEU B 500 1.35 -17.65 3.18
N LYS B 501 2.22 -16.92 3.89
CA LYS B 501 1.84 -15.58 4.35
C LYS B 501 1.61 -14.64 3.18
N ARG B 502 2.47 -14.70 2.16
CA ARG B 502 2.30 -13.83 1.00
C ARG B 502 1.04 -14.17 0.22
N LEU B 503 0.72 -15.46 0.12
CA LEU B 503 -0.50 -15.86 -0.59
C LEU B 503 -1.74 -15.34 0.10
N ALA B 504 -1.78 -15.42 1.44
CA ALA B 504 -2.94 -14.96 2.19
C ALA B 504 -3.11 -13.45 2.16
N HIS B 505 -2.12 -12.71 1.68
CA HIS B 505 -2.20 -11.26 1.60
C HIS B 505 -2.75 -10.80 0.25
N THR B 506 -2.27 -11.40 -0.85
CA THR B 506 -2.77 -11.02 -2.17
C THR B 506 -4.24 -11.37 -2.33
N ILE B 507 -4.61 -12.60 -1.96
CA ILE B 507 -6.01 -13.01 -1.90
C ILE B 507 -6.39 -13.17 -0.44
N GLY B 508 -7.47 -12.51 -0.04
CA GLY B 508 -7.85 -12.46 1.36
C GLY B 508 -8.41 -13.76 1.89
N PHE B 509 -7.64 -14.41 2.77
CA PHE B 509 -8.15 -15.56 3.52
C PHE B 509 -7.30 -15.71 4.78
N SER B 510 -7.81 -16.50 5.71
CA SER B 510 -7.13 -16.82 6.95
C SER B 510 -6.86 -18.33 7.00
N TYR B 511 -5.84 -18.70 7.76
CA TYR B 511 -5.38 -20.08 7.82
C TYR B 511 -5.22 -20.52 9.27
N ASP B 512 -5.30 -21.84 9.47
CA ASP B 512 -5.11 -22.46 10.79
C ASP B 512 -4.14 -23.63 10.60
N LEU B 513 -2.85 -23.36 10.72
CA LEU B 513 -1.85 -24.40 10.53
C LEU B 513 -1.93 -25.44 11.63
N TYR B 514 -1.83 -26.71 11.26
CA TYR B 514 -1.63 -27.75 12.25
C TYR B 514 -0.72 -28.82 11.66
N LEU B 515 0.03 -29.49 12.52
CA LEU B 515 0.98 -30.50 12.10
C LEU B 515 0.32 -31.87 12.03
N VAL B 516 0.76 -32.68 11.09
CA VAL B 516 0.20 -34.01 10.88
C VAL B 516 0.82 -34.98 11.87
N THR B 517 -0.02 -35.69 12.63
CA THR B 517 0.44 -36.68 13.58
C THR B 517 0.24 -38.11 13.11
N ASN B 518 -0.28 -38.30 11.89
CA ASN B 518 -0.54 -39.63 11.35
C ASN B 518 0.30 -39.82 10.10
N GLY B 519 1.32 -40.67 10.19
CA GLY B 519 2.15 -40.93 9.04
C GLY B 519 3.05 -39.75 8.69
N LYS B 520 3.27 -39.58 7.40
CA LYS B 520 4.20 -38.59 6.87
C LYS B 520 3.66 -38.12 5.52
N HIS B 521 4.53 -37.54 4.70
CA HIS B 521 4.17 -36.87 3.45
C HIS B 521 3.03 -37.55 2.68
N GLY B 522 2.98 -38.88 2.66
CA GLY B 522 1.85 -39.56 2.06
C GLY B 522 2.16 -40.97 1.59
N LYS B 523 1.24 -41.89 1.85
CA LYS B 523 1.41 -43.28 1.44
C LYS B 523 0.04 -43.93 1.35
N LYS B 524 -0.04 -45.03 0.61
CA LYS B 524 -1.27 -45.80 0.46
C LYS B 524 -0.99 -47.25 0.84
N ILE B 525 -1.44 -47.64 2.02
CA ILE B 525 -1.31 -49.02 2.50
C ILE B 525 -2.71 -49.58 2.72
N ASP B 526 -2.98 -50.73 2.10
CA ASP B 526 -4.28 -51.39 2.19
C ASP B 526 -5.43 -50.47 1.76
N GLY B 527 -5.16 -49.65 0.74
CA GLY B 527 -6.20 -48.81 0.18
C GLY B 527 -6.60 -47.62 1.01
N VAL B 528 -5.77 -47.19 1.95
CA VAL B 528 -6.05 -46.03 2.79
C VAL B 528 -4.88 -45.09 2.74
N TRP B 529 -5.15 -43.82 2.42
CA TRP B 529 -4.09 -42.81 2.39
C TRP B 529 -3.86 -42.25 3.78
N ASN B 530 -2.59 -42.21 4.20
CA ASN B 530 -2.21 -41.68 5.50
C ASN B 530 -1.19 -40.57 5.30
N GLY B 531 -1.38 -39.46 6.02
CA GLY B 531 -0.46 -38.34 5.99
C GLY B 531 -1.10 -37.09 5.43
N MET B 532 -0.26 -36.23 4.86
CA MET B 532 -0.74 -34.95 4.34
C MET B 532 -1.75 -35.14 3.23
N ILE B 533 -1.49 -36.09 2.32
CA ILE B 533 -2.42 -36.36 1.24
C ILE B 533 -3.72 -36.98 1.78
N GLY B 534 -3.63 -37.79 2.83
CA GLY B 534 -4.81 -38.35 3.45
C GLY B 534 -5.68 -37.32 4.14
N GLU B 535 -5.12 -36.19 4.55
CA GLU B 535 -5.93 -35.11 5.10
C GLU B 535 -6.77 -34.45 4.01
N VAL B 536 -6.13 -34.13 2.87
CA VAL B 536 -6.83 -33.48 1.77
C VAL B 536 -7.82 -34.43 1.11
N PHE B 537 -7.42 -35.70 0.94
CA PHE B 537 -8.29 -36.67 0.28
C PHE B 537 -9.59 -36.88 1.05
N TYR B 538 -9.50 -36.96 2.38
CA TYR B 538 -10.66 -37.22 3.22
C TYR B 538 -11.33 -35.95 3.72
N GLN B 539 -11.11 -34.83 3.06
CA GLN B 539 -11.78 -33.56 3.37
C GLN B 539 -11.52 -33.11 4.81
N ARG B 540 -10.35 -33.44 5.35
CA ARG B 540 -9.96 -33.00 6.68
C ARG B 540 -9.20 -31.68 6.66
N ALA B 541 -8.81 -31.20 5.48
CA ALA B 541 -8.12 -29.94 5.33
C ALA B 541 -8.24 -29.49 3.89
N ASP B 542 -8.36 -28.18 3.70
CA ASP B 542 -8.54 -27.61 2.37
C ASP B 542 -7.23 -27.41 1.63
N MET B 543 -6.09 -27.65 2.27
CA MET B 543 -4.81 -27.22 1.71
C MET B 543 -3.66 -27.88 2.46
N ALA B 544 -2.73 -28.49 1.73
CA ALA B 544 -1.52 -29.05 2.33
C ALA B 544 -0.32 -28.34 1.75
N ILE B 545 0.60 -27.92 2.62
CA ILE B 545 1.80 -27.21 2.20
C ILE B 545 2.99 -27.82 2.92
N GLY B 546 4.17 -27.65 2.33
CA GLY B 546 5.39 -28.19 2.87
C GLY B 546 6.30 -28.72 1.79
N SER B 547 6.77 -29.94 1.94
CA SER B 547 7.60 -30.61 0.94
C SER B 547 6.80 -31.78 0.37
N LEU B 548 5.96 -31.49 -0.62
CA LEU B 548 5.22 -32.49 -1.36
C LEU B 548 5.68 -32.51 -2.81
N THR B 549 6.01 -33.69 -3.31
CA THR B 549 6.49 -33.85 -4.67
C THR B 549 5.34 -34.29 -5.56
N ILE B 550 5.19 -33.61 -6.72
CA ILE B 550 4.15 -33.99 -7.67
C ILE B 550 4.45 -35.39 -8.19
N ASN B 551 3.47 -36.27 -8.09
CA ASN B 551 3.65 -37.67 -8.43
C ASN B 551 2.44 -38.16 -9.22
N GLU B 552 2.64 -39.24 -9.97
CA GLU B 552 1.59 -39.77 -10.83
C GLU B 552 0.40 -40.27 -10.03
N GLU B 553 0.66 -40.98 -8.92
CA GLU B 553 -0.43 -41.58 -8.15
C GLU B 553 -1.19 -40.56 -7.31
N ARG B 554 -0.49 -39.55 -6.77
CA ARG B 554 -1.15 -38.55 -5.96
C ARG B 554 -1.94 -37.56 -6.80
N SER B 555 -1.39 -37.15 -7.95
CA SER B 555 -2.03 -36.12 -8.76
C SER B 555 -3.31 -36.61 -9.44
N GLU B 556 -3.58 -37.90 -9.43
CA GLU B 556 -4.84 -38.41 -9.94
C GLU B 556 -5.93 -38.46 -8.88
N ILE B 557 -5.60 -38.18 -7.62
CA ILE B 557 -6.55 -38.19 -6.53
C ILE B 557 -6.68 -36.78 -5.95
N VAL B 558 -5.59 -36.02 -6.03
CA VAL B 558 -5.50 -34.71 -5.40
C VAL B 558 -4.93 -33.72 -6.40
N ASP B 559 -5.60 -32.58 -6.57
CA ASP B 559 -5.15 -31.57 -7.53
C ASP B 559 -3.98 -30.78 -6.96
N PHE B 560 -2.92 -30.65 -7.75
CA PHE B 560 -1.74 -29.91 -7.36
C PHE B 560 -1.76 -28.53 -8.01
N SER B 561 -0.69 -27.76 -7.79
CA SER B 561 -0.57 -26.44 -8.39
C SER B 561 0.75 -26.31 -9.12
N VAL B 562 1.10 -25.09 -9.53
CA VAL B 562 2.38 -24.85 -10.20
C VAL B 562 3.52 -25.12 -9.22
N PRO B 563 4.54 -25.90 -9.60
CA PRO B 563 5.64 -26.17 -8.67
C PRO B 563 6.43 -24.93 -8.30
N PHE B 564 6.91 -24.90 -7.06
CA PHE B 564 7.79 -23.83 -6.62
C PHE B 564 9.19 -24.02 -7.17
N VAL B 565 9.82 -25.14 -6.80
CA VAL B 565 11.24 -25.37 -7.04
C VAL B 565 11.42 -26.79 -7.59
N GLU B 566 12.54 -26.98 -8.28
CA GLU B 566 12.83 -28.28 -8.87
C GLU B 566 13.25 -29.29 -7.82
N THR B 567 12.99 -30.56 -8.10
CA THR B 567 13.32 -31.64 -7.18
C THR B 567 13.61 -32.87 -8.05
N GLY B 568 13.65 -34.04 -7.45
CA GLY B 568 13.85 -35.27 -8.17
C GLY B 568 14.53 -36.30 -7.28
N ILE B 569 15.53 -36.97 -7.86
CA ILE B 569 16.32 -37.97 -7.13
C ILE B 569 17.78 -37.73 -7.44
N SER B 570 18.61 -37.72 -6.41
CA SER B 570 20.05 -37.53 -6.58
C SER B 570 20.77 -38.32 -5.50
N VAL B 571 22.09 -38.47 -5.68
CA VAL B 571 22.93 -39.29 -4.82
C VAL B 571 24.09 -38.46 -4.32
N MET B 572 24.42 -38.58 -3.04
CA MET B 572 25.58 -37.93 -2.48
C MET B 572 26.62 -38.96 -2.03
N VAL B 573 27.87 -38.52 -1.97
CA VAL B 573 28.98 -39.37 -1.59
C VAL B 573 29.98 -38.53 -0.80
N ALA B 574 30.68 -39.19 0.14
CA ALA B 574 31.65 -38.49 0.97
C ALA B 574 32.84 -38.06 0.14
N ARG B 575 33.23 -36.79 0.29
CA ARG B 575 34.34 -36.24 -0.47
C ARG B 575 35.65 -36.89 -0.04
N SER B 576 36.48 -37.23 -1.03
CA SER B 576 37.77 -37.85 -0.76
C SER B 576 38.90 -37.14 -1.50
N ILE B 641 79.25 -35.81 -33.21
CA ILE B 641 77.87 -35.91 -33.67
C ILE B 641 77.00 -36.44 -32.54
N TRP B 642 77.41 -37.57 -31.96
CA TRP B 642 76.64 -38.16 -30.85
C TRP B 642 76.73 -37.28 -29.61
N LEU B 643 77.93 -36.84 -29.24
CA LEU B 643 78.09 -36.00 -28.06
C LEU B 643 77.42 -34.64 -28.26
N LEU B 644 77.55 -34.06 -29.45
CA LEU B 644 76.91 -32.76 -29.71
C LEU B 644 75.39 -32.88 -29.62
N TRP B 645 74.82 -33.95 -30.19
CA TRP B 645 73.39 -34.15 -30.08
C TRP B 645 72.98 -34.47 -28.64
N ALA B 646 73.82 -35.19 -27.91
CA ALA B 646 73.52 -35.50 -26.52
C ALA B 646 73.49 -34.24 -25.67
N LEU B 647 74.41 -33.31 -25.92
CA LEU B 647 74.49 -32.10 -25.11
C LEU B 647 73.26 -31.22 -25.24
N VAL B 648 72.53 -31.32 -26.36
CA VAL B 648 71.33 -30.52 -26.54
C VAL B 648 70.27 -30.91 -25.51
N PHE B 649 70.08 -32.21 -25.29
CA PHE B 649 69.08 -32.69 -24.34
C PHE B 649 69.54 -32.47 -22.90
N GLY B 660 87.71 -27.34 -35.89
CA GLY B 660 88.56 -26.18 -35.97
C GLY B 660 87.80 -24.88 -36.17
N THR B 661 87.01 -24.51 -35.16
CA THR B 661 86.21 -23.29 -35.18
C THR B 661 85.29 -23.26 -36.41
N THR B 662 84.77 -24.42 -36.78
CA THR B 662 83.86 -24.55 -37.91
C THR B 662 82.46 -24.97 -37.47
N SER B 663 82.36 -26.08 -36.74
CA SER B 663 81.09 -26.54 -36.20
C SER B 663 80.81 -25.97 -34.81
N LYS B 664 81.75 -25.23 -34.23
CA LYS B 664 81.55 -24.66 -32.91
C LYS B 664 80.49 -23.57 -32.91
N ILE B 665 80.18 -23.00 -34.07
CA ILE B 665 79.18 -21.93 -34.13
C ILE B 665 77.78 -22.47 -33.89
N MET B 666 77.44 -23.60 -34.53
CA MET B 666 76.08 -24.09 -34.44
C MET B 666 75.80 -24.70 -33.07
N VAL B 667 76.79 -25.39 -32.49
CA VAL B 667 76.61 -25.93 -31.15
C VAL B 667 76.45 -24.81 -30.14
N LEU B 668 77.05 -23.64 -30.41
CA LEU B 668 76.80 -22.47 -29.59
C LEU B 668 75.34 -22.05 -29.69
N VAL B 669 74.79 -22.05 -30.90
CA VAL B 669 73.37 -21.73 -31.07
C VAL B 669 72.50 -22.84 -30.49
N TRP B 670 72.94 -24.10 -30.64
CA TRP B 670 72.14 -25.22 -30.16
C TRP B 670 71.96 -25.16 -28.65
N ALA B 671 73.00 -24.77 -27.92
CA ALA B 671 72.89 -24.65 -26.47
C ALA B 671 71.86 -23.61 -26.07
N PHE B 672 71.67 -22.58 -26.89
CA PHE B 672 70.69 -21.55 -26.58
C PHE B 672 69.28 -22.14 -26.55
N PHE B 673 68.99 -23.06 -27.46
CA PHE B 673 67.65 -23.65 -27.52
C PHE B 673 67.33 -24.44 -26.27
N ALA B 674 68.35 -24.97 -25.58
CA ALA B 674 68.10 -25.84 -24.42
C ALA B 674 67.37 -25.08 -23.32
N VAL B 675 67.80 -23.85 -23.02
CA VAL B 675 67.14 -23.08 -21.96
C VAL B 675 65.73 -22.70 -22.37
N ILE B 676 65.47 -22.59 -23.68
CA ILE B 676 64.15 -22.18 -24.15
C ILE B 676 63.13 -23.29 -23.90
N PHE B 677 63.51 -24.54 -24.17
CA PHE B 677 62.59 -25.66 -24.00
C PHE B 677 62.20 -25.85 -22.53
N LEU B 678 63.17 -25.75 -21.63
CA LEU B 678 62.86 -25.90 -20.20
C LEU B 678 62.02 -24.74 -19.70
N ALA B 679 62.37 -23.51 -20.09
CA ALA B 679 61.63 -22.34 -19.63
C ALA B 679 60.20 -22.36 -20.12
N SER B 680 59.98 -22.75 -21.38
CA SER B 680 58.63 -22.81 -21.92
C SER B 680 57.78 -23.84 -21.17
N TYR B 681 58.41 -24.88 -20.62
CA TYR B 681 57.67 -25.87 -19.86
C TYR B 681 57.08 -25.27 -18.59
N THR B 682 57.73 -24.25 -18.03
CA THR B 682 57.25 -23.65 -16.79
C THR B 682 55.92 -22.93 -17.00
N ALA B 683 55.71 -22.33 -18.18
CA ALA B 683 54.46 -21.62 -18.43
C ALA B 683 53.27 -22.57 -18.39
N ASN B 684 53.41 -23.76 -18.99
CA ASN B 684 52.30 -24.72 -18.99
C ASN B 684 51.95 -25.18 -17.58
N LEU B 685 52.96 -25.46 -16.76
CA LEU B 685 52.72 -25.95 -15.42
C LEU B 685 52.27 -24.84 -14.47
N ALA B 686 52.74 -23.62 -14.67
CA ALA B 686 52.38 -22.52 -13.77
C ALA B 686 50.88 -22.25 -13.82
N ALA B 687 50.31 -22.23 -15.01
CA ALA B 687 48.88 -21.96 -15.17
C ALA B 687 48.02 -23.21 -15.06
N PHE B 688 48.63 -24.40 -15.01
CA PHE B 688 47.84 -25.63 -14.93
C PHE B 688 47.06 -25.69 -13.63
N MET B 689 47.68 -25.31 -12.52
CA MET B 689 46.98 -25.19 -11.25
C MET B 689 46.65 -23.74 -10.95
N VAL B 698 30.53 -43.70 -7.27
CA VAL B 698 29.92 -44.79 -8.01
C VAL B 698 28.87 -44.27 -8.98
N SER B 699 29.06 -43.03 -9.43
CA SER B 699 28.27 -42.39 -10.47
C SER B 699 26.79 -42.40 -10.07
N GLY B 700 25.88 -42.34 -11.04
CA GLY B 700 24.47 -42.28 -10.80
C GLY B 700 23.81 -43.64 -10.81
N LEU B 701 22.51 -43.65 -11.10
CA LEU B 701 21.74 -44.88 -11.14
C LEU B 701 21.89 -45.64 -12.45
N SER B 702 22.56 -45.06 -13.45
CA SER B 702 22.63 -45.69 -14.76
C SER B 702 23.61 -46.85 -14.79
N ASP B 703 24.70 -46.77 -14.03
CA ASP B 703 25.76 -47.75 -14.15
C ASP B 703 25.38 -49.08 -13.50
N ARG B 704 26.15 -50.12 -13.84
CA ARG B 704 25.91 -51.46 -13.33
C ARG B 704 26.16 -51.57 -11.83
N LYS B 705 26.89 -50.62 -11.25
CA LYS B 705 27.21 -50.68 -9.82
C LYS B 705 25.96 -50.67 -8.95
N PHE B 706 24.91 -49.96 -9.38
CA PHE B 706 23.69 -49.86 -8.59
C PHE B 706 22.73 -51.01 -8.86
N GLN B 707 22.40 -51.25 -10.14
CA GLN B 707 21.39 -52.24 -10.47
C GLN B 707 21.83 -53.65 -10.09
N ARG B 708 23.09 -54.00 -10.37
CA ARG B 708 23.63 -55.31 -10.03
C ARG B 708 24.93 -55.09 -9.26
N PRO B 709 24.83 -54.78 -7.97
CA PRO B 709 26.06 -54.50 -7.20
C PRO B 709 26.83 -55.77 -6.84
N GLN B 710 26.11 -56.87 -6.65
CA GLN B 710 26.76 -58.11 -6.23
C GLN B 710 27.74 -58.61 -7.29
N GLU B 711 27.34 -58.57 -8.56
CA GLU B 711 28.18 -59.13 -9.62
C GLU B 711 29.46 -58.33 -9.81
N GLN B 712 29.36 -57.00 -9.77
CA GLN B 712 30.52 -56.14 -10.07
C GLN B 712 31.37 -55.89 -8.82
N TYR B 713 30.78 -55.29 -7.80
CA TYR B 713 31.51 -54.93 -6.58
C TYR B 713 30.59 -55.12 -5.38
N PRO B 714 30.69 -56.25 -4.69
CA PRO B 714 29.84 -56.49 -3.51
C PRO B 714 29.98 -55.41 -2.45
N PRO B 715 31.19 -54.84 -2.22
CA PRO B 715 31.27 -53.73 -1.25
C PRO B 715 30.63 -52.45 -1.75
N LEU B 716 29.30 -52.37 -1.67
CA LEU B 716 28.58 -51.15 -2.01
C LEU B 716 27.29 -51.13 -1.20
N LYS B 717 27.06 -50.05 -0.46
CA LYS B 717 25.93 -49.95 0.44
C LYS B 717 25.07 -48.74 0.09
N PHE B 718 23.74 -48.92 0.22
CA PHE B 718 22.77 -47.93 -0.23
C PHE B 718 21.75 -47.65 0.88
N GLY B 719 20.69 -46.93 0.56
CA GLY B 719 19.61 -46.73 1.52
C GLY B 719 18.77 -45.53 1.20
N THR B 720 17.55 -45.54 1.74
CA THR B 720 16.57 -44.47 1.58
C THR B 720 15.40 -44.74 2.51
N VAL B 721 14.84 -43.69 3.12
CA VAL B 721 13.73 -43.88 4.06
C VAL B 721 12.53 -44.46 3.34
N PRO B 722 11.96 -45.57 3.82
CA PRO B 722 11.04 -46.35 2.98
C PRO B 722 9.56 -45.98 3.03
N ASN B 723 9.19 -44.71 3.01
CA ASN B 723 7.78 -44.33 2.81
C ASN B 723 7.66 -43.07 1.98
N GLY B 724 8.58 -42.85 1.06
CA GLY B 724 8.60 -41.64 0.27
C GLY B 724 8.11 -41.85 -1.15
N SER B 725 8.57 -40.98 -2.05
CA SER B 725 8.31 -41.15 -3.48
C SER B 725 9.48 -41.79 -4.22
N THR B 726 10.71 -41.56 -3.75
CA THR B 726 11.85 -42.23 -4.35
C THR B 726 11.79 -43.74 -4.12
N GLU B 727 11.35 -44.15 -2.93
CA GLU B 727 11.16 -45.57 -2.65
C GLU B 727 10.12 -46.18 -3.58
N LYS B 728 9.01 -45.48 -3.81
CA LYS B 728 7.99 -45.97 -4.72
C LYS B 728 8.50 -45.98 -6.16
N ASN B 729 9.22 -44.93 -6.57
CA ASN B 729 9.76 -44.88 -7.93
C ASN B 729 10.76 -45.99 -8.17
N ILE B 730 11.65 -46.24 -7.20
CA ILE B 730 12.65 -47.30 -7.34
C ILE B 730 11.97 -48.67 -7.41
N ARG B 731 10.98 -48.89 -6.54
CA ARG B 731 10.36 -50.21 -6.42
C ARG B 731 9.69 -50.62 -7.73
N SER B 732 9.03 -49.68 -8.41
CA SER B 732 8.31 -49.98 -9.63
C SER B 732 9.12 -49.77 -10.90
N ASN B 733 10.40 -49.42 -10.77
CA ASN B 733 11.24 -49.18 -11.94
C ASN B 733 12.48 -50.05 -11.98
N TYR B 734 13.13 -50.27 -10.83
CA TYR B 734 14.32 -51.13 -10.75
C TYR B 734 14.08 -52.19 -9.68
N PRO B 735 13.26 -53.20 -9.98
CA PRO B 735 12.95 -54.21 -8.95
C PRO B 735 14.14 -55.02 -8.51
N ASP B 736 15.22 -55.06 -9.30
CA ASP B 736 16.40 -55.82 -8.92
C ASP B 736 17.10 -55.20 -7.72
N MET B 737 17.26 -53.87 -7.71
CA MET B 737 18.01 -53.20 -6.67
C MET B 737 17.19 -52.88 -5.42
N HIS B 738 15.85 -52.99 -5.49
CA HIS B 738 15.05 -52.65 -4.33
C HIS B 738 15.20 -53.68 -3.22
N SER B 739 15.22 -54.96 -3.58
CA SER B 739 15.35 -56.01 -2.57
C SER B 739 16.71 -56.03 -1.91
N TYR B 740 17.68 -55.29 -2.43
CA TYR B 740 19.00 -55.18 -1.82
C TYR B 740 19.09 -54.05 -0.81
N MET B 741 18.25 -53.02 -0.94
CA MET B 741 18.30 -51.87 -0.05
C MET B 741 17.51 -52.07 1.23
N VAL B 742 16.77 -53.18 1.35
CA VAL B 742 15.97 -53.40 2.54
C VAL B 742 16.86 -53.61 3.77
N ARG B 743 18.00 -54.28 3.59
CA ARG B 743 18.87 -54.56 4.74
C ARG B 743 19.60 -53.31 5.19
N TYR B 744 20.05 -52.48 4.25
CA TYR B 744 20.76 -51.25 4.57
C TYR B 744 19.83 -50.06 4.70
N ASN B 745 18.57 -50.31 5.06
CA ASN B 745 17.59 -49.25 5.25
C ASN B 745 17.92 -48.46 6.51
N GLN B 746 17.45 -47.21 6.55
CA GLN B 746 17.75 -46.37 7.70
C GLN B 746 16.75 -45.24 7.80
N PRO B 747 16.29 -44.89 9.01
CA PRO B 747 15.35 -43.79 9.16
C PRO B 747 16.04 -42.45 9.40
N ARG B 748 15.36 -41.40 8.95
CA ARG B 748 15.76 -40.00 9.17
C ARG B 748 16.97 -39.63 8.33
N VAL B 749 16.94 -38.43 7.74
CA VAL B 749 18.07 -37.95 6.95
C VAL B 749 19.26 -37.61 7.85
N GLU B 750 18.99 -37.02 9.01
CA GLU B 750 20.07 -36.62 9.92
C GLU B 750 20.84 -37.83 10.41
N GLU B 751 20.15 -38.92 10.74
CA GLU B 751 20.81 -40.15 11.12
C GLU B 751 21.46 -40.84 9.92
N ALA B 752 21.12 -40.45 8.71
CA ALA B 752 21.69 -41.01 7.49
C ALA B 752 22.96 -40.31 7.05
N LEU B 753 23.43 -39.32 7.81
CA LEU B 753 24.68 -38.64 7.51
C LEU B 753 25.80 -38.98 8.48
N THR B 754 25.47 -39.32 9.73
CA THR B 754 26.49 -39.78 10.67
C THR B 754 27.07 -41.11 10.22
N GLN B 755 26.21 -42.04 9.80
CA GLN B 755 26.69 -43.32 9.31
C GLN B 755 27.47 -43.16 8.01
N LEU B 756 27.04 -42.25 7.15
CA LEU B 756 27.74 -42.02 5.88
C LEU B 756 29.15 -41.49 6.13
N LYS B 757 29.29 -40.57 7.08
CA LYS B 757 30.60 -40.01 7.39
C LYS B 757 31.48 -40.98 8.16
N ALA B 758 30.88 -41.83 9.01
CA ALA B 758 31.67 -42.74 9.83
C ALA B 758 32.44 -43.73 8.95
N GLY B 759 31.80 -44.25 7.92
CA GLY B 759 32.47 -45.19 7.03
C GLY B 759 31.63 -46.41 6.73
N LYS B 760 30.38 -46.42 7.19
CA LYS B 760 29.51 -47.57 6.94
C LYS B 760 28.92 -47.52 5.54
N LEU B 761 28.16 -46.48 5.22
CA LEU B 761 27.54 -46.37 3.91
C LEU B 761 28.45 -45.62 2.95
N ASP B 762 28.21 -45.86 1.66
CA ASP B 762 28.98 -45.21 0.60
C ASP B 762 28.19 -44.17 -0.17
N ALA B 763 26.87 -44.30 -0.24
CA ALA B 763 26.05 -43.35 -0.98
C ALA B 763 24.64 -43.34 -0.41
N PHE B 764 23.99 -42.19 -0.49
CA PHE B 764 22.64 -41.99 0.00
C PHE B 764 21.77 -41.49 -1.14
N ILE B 765 20.59 -42.10 -1.30
CA ILE B 765 19.67 -41.77 -2.38
C ILE B 765 18.46 -41.07 -1.78
N TYR B 766 18.22 -39.83 -2.19
CA TYR B 766 17.16 -38.99 -1.61
C TYR B 766 16.81 -37.91 -2.63
N ASP B 767 16.08 -36.90 -2.16
CA ASP B 767 15.68 -35.80 -3.02
C ASP B 767 16.88 -34.98 -3.46
N ALA B 768 16.63 -33.96 -4.27
CA ALA B 768 17.68 -33.07 -4.75
C ALA B 768 17.72 -31.75 -3.98
N ALA B 769 16.56 -31.11 -3.77
CA ALA B 769 16.55 -29.82 -3.09
C ALA B 769 17.00 -29.91 -1.64
N VAL B 770 16.87 -31.09 -1.03
CA VAL B 770 17.35 -31.27 0.34
C VAL B 770 18.84 -31.60 0.34
N LEU B 771 19.26 -32.56 -0.47
CA LEU B 771 20.66 -32.96 -0.49
C LEU B 771 21.55 -31.85 -1.03
N ASN B 772 21.10 -31.12 -2.06
CA ASN B 772 21.89 -30.04 -2.63
C ASN B 772 22.04 -28.86 -1.68
N TYR B 773 21.26 -28.81 -0.61
CA TYR B 773 21.39 -27.77 0.41
C TYR B 773 22.14 -28.23 1.63
N MET B 774 21.92 -29.47 2.08
CA MET B 774 22.65 -29.99 3.23
C MET B 774 24.14 -30.08 2.94
N ALA B 775 24.50 -30.51 1.74
CA ALA B 775 25.91 -30.50 1.34
C ALA B 775 26.44 -29.09 1.11
N ARG B 776 25.57 -28.09 1.02
CA ARG B 776 25.97 -26.70 0.85
C ARG B 776 25.99 -25.92 2.16
N LYS B 777 25.72 -26.58 3.27
CA LYS B 777 25.62 -25.94 4.58
C LYS B 777 26.92 -26.21 5.36
N ASP B 778 26.93 -25.84 6.64
CA ASP B 778 28.08 -26.12 7.49
C ASP B 778 28.38 -27.61 7.57
N GLU B 779 27.41 -28.47 7.28
CA GLU B 779 27.67 -29.90 7.13
C GLU B 779 28.53 -30.21 5.92
N GLY B 780 28.77 -29.23 5.05
CA GLY B 780 29.62 -29.42 3.90
C GLY B 780 31.08 -29.61 4.23
N CYS B 781 31.95 -29.38 3.24
CA CYS B 781 33.39 -29.62 3.27
C CYS B 781 33.72 -31.11 3.33
N LYS B 782 32.72 -31.98 3.45
CA LYS B 782 32.93 -33.43 3.48
C LYS B 782 31.96 -34.20 2.60
N LEU B 783 30.80 -33.65 2.26
CA LEU B 783 29.78 -34.34 1.49
C LEU B 783 29.58 -33.61 0.17
N VAL B 784 29.62 -34.37 -0.93
CA VAL B 784 29.37 -33.84 -2.26
C VAL B 784 28.43 -34.78 -2.99
N THR B 785 27.43 -34.21 -3.66
CA THR B 785 26.52 -35.01 -4.46
C THR B 785 27.21 -35.50 -5.72
N ILE B 786 26.99 -36.77 -6.06
CA ILE B 786 27.63 -37.35 -7.23
C ILE B 786 27.22 -36.60 -8.49
N GLY B 787 25.91 -36.36 -8.64
CA GLY B 787 25.45 -35.51 -9.71
C GLY B 787 25.55 -34.05 -9.32
N SER B 788 26.57 -33.36 -9.83
CA SER B 788 26.73 -31.95 -9.53
C SER B 788 25.53 -31.14 -10.01
N GLY B 789 24.97 -31.51 -11.15
CA GLY B 789 23.73 -30.93 -11.63
C GLY B 789 22.83 -31.99 -12.24
N LYS B 790 23.03 -33.24 -11.84
CA LYS B 790 22.30 -34.38 -12.40
C LYS B 790 21.22 -34.81 -11.44
N VAL B 791 19.98 -34.85 -11.94
CA VAL B 791 18.82 -35.27 -11.17
C VAL B 791 18.02 -36.26 -12.00
N PHE B 792 17.51 -37.30 -11.36
CA PHE B 792 16.76 -38.36 -12.03
C PHE B 792 15.28 -38.25 -11.66
N ALA B 793 14.42 -38.38 -12.68
CA ALA B 793 12.98 -38.30 -12.53
C ALA B 793 12.55 -36.95 -11.94
N THR B 794 12.88 -35.89 -12.68
CA THR B 794 12.73 -34.55 -12.15
C THR B 794 11.27 -34.14 -12.04
N THR B 795 10.92 -33.55 -10.90
CA THR B 795 9.58 -33.02 -10.61
C THR B 795 9.76 -31.73 -9.82
N GLY B 796 8.67 -31.27 -9.21
CA GLY B 796 8.75 -30.12 -8.32
C GLY B 796 7.89 -30.28 -7.09
N TYR B 797 7.79 -29.23 -6.28
CA TYR B 797 6.86 -29.20 -5.18
C TYR B 797 5.49 -28.70 -5.63
N GLY B 798 4.62 -28.39 -4.69
CA GLY B 798 3.31 -27.86 -5.02
C GLY B 798 2.37 -28.00 -3.84
N ILE B 799 1.25 -27.29 -3.95
CA ILE B 799 0.18 -27.35 -2.97
C ILE B 799 -0.74 -28.50 -3.34
N ALA B 800 -1.48 -29.02 -2.36
CA ALA B 800 -2.43 -30.09 -2.58
C ALA B 800 -3.82 -29.62 -2.19
N LEU B 801 -4.77 -29.75 -3.11
CA LEU B 801 -6.16 -29.35 -2.90
C LEU B 801 -7.07 -30.51 -3.31
N HIS B 802 -8.36 -30.35 -3.07
CA HIS B 802 -9.32 -31.37 -3.45
C HIS B 802 -9.49 -31.38 -4.97
N LYS B 803 -10.43 -32.20 -5.45
CA LYS B 803 -10.73 -32.20 -6.88
C LYS B 803 -11.49 -30.96 -7.31
N GLY B 804 -12.38 -30.45 -6.46
CA GLY B 804 -13.09 -29.24 -6.78
C GLY B 804 -12.16 -28.05 -6.85
N SER B 805 -11.60 -27.66 -5.70
CA SER B 805 -10.50 -26.71 -5.62
C SER B 805 -10.87 -25.36 -6.28
N ARG B 806 -11.84 -24.69 -5.67
CA ARG B 806 -12.15 -23.34 -6.10
C ARG B 806 -10.94 -22.42 -5.97
N TRP B 807 -10.06 -22.68 -5.00
CA TRP B 807 -8.87 -21.89 -4.80
C TRP B 807 -7.71 -22.29 -5.69
N LYS B 808 -7.87 -23.32 -6.52
CA LYS B 808 -6.79 -23.73 -7.41
C LYS B 808 -6.45 -22.64 -8.41
N ARG B 809 -7.46 -22.02 -9.02
CA ARG B 809 -7.20 -21.01 -10.04
C ARG B 809 -6.51 -19.76 -9.49
N PRO B 810 -7.01 -19.11 -8.44
CA PRO B 810 -6.32 -17.90 -7.97
C PRO B 810 -4.92 -18.15 -7.44
N ILE B 811 -4.63 -19.34 -6.91
CA ILE B 811 -3.32 -19.60 -6.32
C ILE B 811 -2.25 -19.65 -7.40
N ASP B 812 -2.54 -20.32 -8.53
CA ASP B 812 -1.54 -20.50 -9.56
C ASP B 812 -1.07 -19.17 -10.13
N LEU B 813 -2.01 -18.27 -10.43
CA LEU B 813 -1.65 -16.95 -10.95
C LEU B 813 -0.83 -16.16 -9.95
N ALA B 814 -1.18 -16.29 -8.66
CA ALA B 814 -0.37 -15.65 -7.62
C ALA B 814 1.04 -16.22 -7.60
N LEU B 815 1.16 -17.54 -7.75
CA LEU B 815 2.49 -18.16 -7.74
C LEU B 815 3.29 -17.77 -8.97
N LEU B 816 2.61 -17.58 -10.11
CA LEU B 816 3.32 -17.26 -11.35
C LEU B 816 3.81 -15.81 -11.37
N GLN B 817 3.04 -14.89 -10.80
CA GLN B 817 3.48 -13.49 -10.79
C GLN B 817 4.60 -13.25 -9.78
N PHE B 818 4.78 -14.14 -8.80
CA PHE B 818 5.97 -14.07 -7.96
C PHE B 818 7.23 -14.29 -8.79
N LEU B 819 7.17 -15.25 -9.72
CA LEU B 819 8.32 -15.54 -10.57
C LEU B 819 8.64 -14.35 -11.48
N GLY B 820 7.62 -13.64 -11.95
CA GLY B 820 7.86 -12.48 -12.80
C GLY B 820 8.70 -11.43 -12.11
N ASP B 821 8.48 -11.24 -10.81
CA ASP B 821 9.31 -10.37 -10.00
C ASP B 821 10.45 -11.20 -9.39
N ASP B 822 11.18 -10.61 -8.46
CA ASP B 822 12.32 -11.27 -7.83
C ASP B 822 11.95 -11.99 -6.55
N GLU B 823 10.67 -12.08 -6.23
CA GLU B 823 10.25 -12.50 -4.89
C GLU B 823 10.66 -13.95 -4.59
N ILE B 824 10.49 -14.85 -5.54
CA ILE B 824 10.79 -16.26 -5.28
C ILE B 824 12.29 -16.47 -5.15
N GLU B 825 13.08 -15.87 -6.05
CA GLU B 825 14.51 -16.09 -6.02
C GLU B 825 15.25 -15.16 -5.07
N MET B 826 14.56 -14.29 -4.37
CA MET B 826 15.13 -13.61 -3.22
C MET B 826 14.81 -14.33 -1.91
N LEU B 827 14.08 -15.45 -1.98
CA LEU B 827 13.75 -16.24 -0.80
C LEU B 827 14.70 -17.40 -0.58
N GLU B 828 15.13 -18.09 -1.64
CA GLU B 828 16.09 -19.16 -1.45
C GLU B 828 17.48 -18.62 -1.12
N ARG B 829 17.78 -17.38 -1.50
CA ARG B 829 19.03 -16.76 -1.07
C ARG B 829 19.01 -16.37 0.39
N LEU B 830 17.85 -16.42 1.05
CA LEU B 830 17.72 -16.13 2.46
C LEU B 830 17.67 -17.38 3.32
N TRP B 831 17.02 -18.44 2.84
CA TRP B 831 16.86 -19.67 3.60
C TRP B 831 17.73 -20.82 3.12
N LEU B 832 18.05 -20.88 1.82
CA LEU B 832 18.76 -22.01 1.25
C LEU B 832 20.19 -21.66 0.85
N SER B 833 20.73 -20.55 1.37
CA SER B 833 22.09 -20.17 1.05
C SER B 833 23.08 -21.01 1.85
N GLY B 834 24.37 -20.83 1.56
CA GLY B 834 25.40 -21.56 2.25
C GLY B 834 26.76 -21.18 1.70
N ILE B 835 27.79 -21.77 2.30
CA ILE B 835 29.16 -21.54 1.90
C ILE B 835 29.84 -22.89 1.67
N CYS B 836 30.85 -22.90 0.81
CA CYS B 836 31.61 -24.10 0.46
C CYS B 836 30.69 -25.18 -0.08
N HIS B 837 30.09 -24.87 -1.22
CA HIS B 837 29.22 -25.79 -1.95
C HIS B 837 29.88 -27.14 -2.21
N ALA B 854 54.42 -41.96 -8.03
CA ALA B 854 53.15 -42.47 -7.56
C ALA B 854 52.05 -42.26 -8.60
N GLY B 855 51.66 -40.99 -8.80
CA GLY B 855 50.62 -40.67 -9.75
C GLY B 855 51.08 -40.57 -11.19
N VAL B 856 52.38 -40.69 -11.44
CA VAL B 856 52.92 -40.63 -12.79
C VAL B 856 53.56 -41.96 -13.14
N PHE B 857 53.02 -43.04 -12.58
CA PHE B 857 53.58 -44.38 -12.82
C PHE B 857 53.47 -44.76 -14.30
N TYR B 858 52.33 -44.45 -14.92
CA TYR B 858 52.15 -44.81 -16.33
C TYR B 858 53.16 -44.09 -17.22
N MET B 859 53.38 -42.79 -16.97
CA MET B 859 54.36 -42.05 -17.74
C MET B 859 55.77 -42.54 -17.46
N LEU B 860 56.08 -42.83 -16.19
CA LEU B 860 57.41 -43.32 -15.84
C LEU B 860 57.67 -44.70 -16.41
N LEU B 861 56.70 -45.61 -16.29
CA LEU B 861 56.88 -46.97 -16.78
C LEU B 861 57.04 -47.00 -18.30
N VAL B 862 56.26 -46.19 -19.01
CA VAL B 862 56.39 -46.12 -20.47
C VAL B 862 57.76 -45.56 -20.85
N ALA B 863 58.17 -44.48 -20.18
CA ALA B 863 59.47 -43.88 -20.47
C ALA B 863 60.61 -44.83 -20.13
N MET B 864 60.53 -45.48 -18.96
CA MET B 864 61.56 -46.44 -18.58
C MET B 864 61.56 -47.65 -19.51
N GLY B 865 60.36 -48.13 -19.88
CA GLY B 865 60.29 -49.27 -20.78
C GLY B 865 60.79 -48.95 -22.18
N LEU B 866 60.56 -47.73 -22.64
CA LEU B 866 60.99 -47.35 -23.98
C LEU B 866 62.51 -47.39 -24.12
N SER B 867 63.22 -46.89 -23.11
CA SER B 867 64.68 -46.87 -23.16
C SER B 867 65.29 -48.27 -23.09
N LEU B 868 64.58 -49.23 -22.52
CA LEU B 868 65.11 -50.59 -22.42
C LEU B 868 65.31 -51.21 -23.80
N LEU B 869 64.35 -50.99 -24.70
CA LEU B 869 64.45 -51.57 -26.04
C LEU B 869 65.66 -51.04 -26.79
N VAL B 870 65.91 -49.73 -26.70
CA VAL B 870 67.03 -49.11 -27.40
C VAL B 870 68.35 -49.57 -26.82
N LYS C 7 -64.18 13.65 -7.79
CA LYS C 7 -65.18 13.96 -8.79
C LYS C 7 -65.11 12.97 -9.95
N ILE C 8 -65.79 13.29 -11.05
CA ILE C 8 -65.78 12.41 -12.22
C ILE C 8 -64.38 12.42 -12.84
N VAL C 9 -63.85 11.23 -13.08
CA VAL C 9 -62.51 11.05 -13.62
C VAL C 9 -62.59 10.13 -14.82
N ASN C 10 -61.98 10.55 -15.93
CA ASN C 10 -61.98 9.75 -17.15
C ASN C 10 -60.74 8.87 -17.20
N ILE C 11 -60.92 7.65 -17.68
CA ILE C 11 -59.83 6.73 -17.97
C ILE C 11 -60.11 6.16 -19.37
N GLY C 12 -59.53 6.78 -20.39
CA GLY C 12 -59.79 6.36 -21.75
C GLY C 12 -59.07 5.08 -22.11
N ALA C 13 -59.50 4.47 -23.21
CA ALA C 13 -58.88 3.24 -23.68
C ALA C 13 -59.12 3.11 -25.18
N VAL C 14 -58.20 2.41 -25.84
CA VAL C 14 -58.33 2.06 -27.25
C VAL C 14 -58.39 0.54 -27.34
N LEU C 15 -59.50 0.02 -27.85
CA LEU C 15 -59.73 -1.42 -27.90
C LEU C 15 -59.81 -1.88 -29.35
N SER C 16 -59.84 -3.19 -29.53
CA SER C 16 -59.82 -3.81 -30.85
C SER C 16 -61.20 -4.22 -31.34
N THR C 17 -61.97 -4.92 -30.50
CA THR C 17 -63.29 -5.41 -30.88
C THR C 17 -64.37 -4.53 -30.27
N ARG C 18 -65.46 -4.35 -31.03
CA ARG C 18 -66.56 -3.52 -30.56
C ARG C 18 -67.19 -4.11 -29.30
N LYS C 19 -67.31 -5.44 -29.24
CA LYS C 19 -67.88 -6.09 -28.06
C LYS C 19 -67.04 -5.81 -26.82
N HIS C 20 -65.72 -5.64 -26.99
CA HIS C 20 -64.87 -5.33 -25.86
C HIS C 20 -65.16 -3.95 -25.29
N GLU C 21 -65.68 -3.03 -26.12
CA GLU C 21 -65.89 -1.65 -25.67
C GLU C 21 -66.90 -1.59 -24.53
N GLN C 22 -68.05 -2.24 -24.70
CA GLN C 22 -69.02 -2.26 -23.62
C GLN C 22 -68.55 -3.09 -22.44
N MET C 23 -67.65 -4.06 -22.66
CA MET C 23 -67.06 -4.79 -21.56
C MET C 23 -66.24 -3.86 -20.67
N PHE C 24 -65.58 -2.86 -21.27
CA PHE C 24 -64.85 -1.88 -20.49
C PHE C 24 -65.76 -1.11 -19.54
N ARG C 25 -67.04 -0.98 -19.89
CA ARG C 25 -67.98 -0.31 -19.00
C ARG C 25 -68.15 -1.08 -17.70
N GLU C 26 -68.31 -2.40 -17.78
CA GLU C 26 -68.38 -3.20 -16.56
C GLU C 26 -67.03 -3.29 -15.86
N ALA C 27 -65.93 -3.06 -16.58
CA ALA C 27 -64.62 -3.04 -15.93
C ALA C 27 -64.53 -1.93 -14.90
N VAL C 28 -65.08 -0.76 -15.21
CA VAL C 28 -65.11 0.36 -14.28
C VAL C 28 -66.42 0.46 -13.52
N ASN C 29 -67.40 -0.38 -13.84
CA ASN C 29 -68.68 -0.32 -13.15
C ASN C 29 -68.55 -0.73 -11.70
N GLN C 30 -68.11 -1.97 -11.45
CA GLN C 30 -67.93 -2.46 -10.10
C GLN C 30 -66.56 -2.13 -9.53
N ALA C 31 -65.67 -1.54 -10.33
CA ALA C 31 -64.38 -1.13 -9.80
C ALA C 31 -64.53 -0.01 -8.79
N ASN C 32 -65.45 0.93 -9.04
CA ASN C 32 -65.62 2.06 -8.13
C ASN C 32 -66.34 1.65 -6.85
N LYS C 33 -67.22 0.64 -6.92
CA LYS C 33 -67.98 0.22 -5.74
C LYS C 33 -67.04 -0.30 -4.66
N ARG C 34 -66.17 -1.25 -5.01
CA ARG C 34 -65.18 -1.74 -4.06
C ARG C 34 -64.10 -0.72 -3.77
N HIS C 35 -63.92 0.27 -4.65
CA HIS C 35 -62.93 1.32 -4.41
C HIS C 35 -63.32 2.16 -3.20
N GLY C 36 -64.60 2.45 -3.04
CA GLY C 36 -65.07 3.30 -1.96
C GLY C 36 -66.06 4.34 -2.44
N SER C 37 -65.85 4.82 -3.68
CA SER C 37 -66.75 5.76 -4.33
C SER C 37 -66.94 7.03 -3.50
N TRP C 38 -65.87 7.48 -2.83
CA TRP C 38 -65.96 8.70 -2.04
C TRP C 38 -66.17 9.91 -2.94
N LYS C 39 -65.34 10.06 -3.96
CA LYS C 39 -65.50 11.09 -4.98
C LYS C 39 -65.21 10.47 -6.35
N ILE C 40 -65.75 9.29 -6.58
CA ILE C 40 -65.40 8.45 -7.73
C ILE C 40 -66.62 8.33 -8.62
N GLN C 41 -66.51 8.83 -9.85
CA GLN C 41 -67.56 8.75 -10.85
C GLN C 41 -66.95 8.36 -12.20
N LEU C 42 -66.14 7.30 -12.20
CA LEU C 42 -65.36 6.94 -13.37
C LEU C 42 -66.25 6.58 -14.55
N ASN C 43 -65.77 6.90 -15.75
CA ASN C 43 -66.37 6.53 -17.01
C ASN C 43 -65.27 6.01 -17.94
N ALA C 44 -65.64 5.66 -19.18
CA ALA C 44 -64.72 4.98 -20.07
C ALA C 44 -64.28 5.85 -21.24
N THR C 45 -65.21 6.35 -22.05
CA THR C 45 -64.90 7.16 -23.23
C THR C 45 -63.86 6.46 -24.12
N SER C 46 -64.23 5.30 -24.64
CA SER C 46 -63.33 4.49 -25.44
C SER C 46 -63.46 4.84 -26.93
N VAL C 47 -62.68 4.14 -27.76
CA VAL C 47 -62.68 4.36 -29.19
C VAL C 47 -62.05 3.14 -29.85
N THR C 48 -62.33 2.94 -31.13
CA THR C 48 -61.75 1.87 -31.92
C THR C 48 -60.76 2.45 -32.91
N HIS C 49 -59.64 1.74 -33.10
CA HIS C 49 -58.55 2.25 -33.93
C HIS C 49 -58.95 2.30 -35.39
N LYS C 50 -58.52 3.36 -36.08
CA LYS C 50 -58.79 3.55 -37.49
C LYS C 50 -57.85 2.69 -38.34
N PRO C 51 -58.29 2.29 -39.54
CA PRO C 51 -57.43 1.43 -40.37
C PRO C 51 -56.10 2.06 -40.77
N ASN C 52 -56.07 3.36 -40.99
CA ASN C 52 -54.85 4.03 -41.41
C ASN C 52 -54.02 4.43 -40.19
N ALA C 53 -52.83 4.97 -40.45
CA ALA C 53 -51.87 5.27 -39.40
C ALA C 53 -51.99 6.71 -38.90
N ILE C 54 -51.81 7.67 -39.81
CA ILE C 54 -51.71 9.07 -39.38
C ILE C 54 -53.05 9.57 -38.84
N GLN C 55 -54.17 8.99 -39.29
CA GLN C 55 -55.46 9.35 -38.72
C GLN C 55 -55.62 8.88 -37.29
N MET C 56 -54.93 7.80 -36.90
CA MET C 56 -55.00 7.34 -35.52
C MET C 56 -54.40 8.36 -34.57
N ALA C 57 -53.30 9.00 -34.98
CA ALA C 57 -52.62 9.95 -34.11
C ALA C 57 -53.52 11.14 -33.77
N LEU C 58 -54.21 11.69 -34.78
CA LEU C 58 -55.08 12.83 -34.52
C LEU C 58 -56.34 12.44 -33.80
N SER C 59 -56.82 11.21 -34.00
CA SER C 59 -58.06 10.78 -33.36
C SER C 59 -57.87 10.58 -31.85
N VAL C 60 -56.65 10.26 -31.42
CA VAL C 60 -56.42 10.00 -30.00
C VAL C 60 -56.64 11.27 -29.17
N CYS C 61 -56.02 12.38 -29.58
CA CYS C 61 -56.12 13.59 -28.78
C CYS C 61 -57.48 14.24 -28.92
N GLU C 62 -58.11 14.13 -30.09
CA GLU C 62 -59.41 14.76 -30.30
C GLU C 62 -60.48 14.14 -29.40
N ASP C 63 -60.44 12.82 -29.21
CA ASP C 63 -61.50 12.12 -28.51
C ASP C 63 -61.16 11.71 -27.08
N LEU C 64 -59.90 11.37 -26.80
CA LEU C 64 -59.54 10.82 -25.50
C LEU C 64 -59.10 11.90 -24.51
N ILE C 65 -58.03 12.64 -24.83
CA ILE C 65 -57.52 13.64 -23.88
C ILE C 65 -58.42 14.85 -23.78
N SER C 66 -59.44 14.96 -24.63
CA SER C 66 -60.42 16.04 -24.51
C SER C 66 -61.45 15.75 -23.42
N SER C 67 -61.41 14.57 -22.80
CA SER C 67 -62.32 14.22 -21.72
C SER C 67 -61.59 14.14 -20.38
N GLN C 68 -60.37 14.67 -20.31
CA GLN C 68 -59.58 14.71 -19.09
C GLN C 68 -59.30 13.29 -18.55
N VAL C 69 -58.54 12.55 -19.35
CA VAL C 69 -58.18 11.17 -19.02
C VAL C 69 -56.88 11.18 -18.22
N TYR C 70 -56.79 10.26 -17.26
CA TYR C 70 -55.58 10.10 -16.45
C TYR C 70 -54.67 8.99 -16.95
N ALA C 71 -55.19 8.05 -17.72
CA ALA C 71 -54.38 6.96 -18.27
C ALA C 71 -55.08 6.41 -19.50
N ILE C 72 -54.30 5.78 -20.37
CA ILE C 72 -54.78 5.25 -21.63
C ILE C 72 -54.46 3.76 -21.71
N LEU C 73 -55.43 2.97 -22.13
CA LEU C 73 -55.24 1.55 -22.38
C LEU C 73 -55.27 1.30 -23.87
N VAL C 74 -54.30 0.52 -24.37
CA VAL C 74 -54.23 0.18 -25.78
C VAL C 74 -54.13 -1.34 -25.92
N SER C 75 -54.58 -1.83 -27.07
CA SER C 75 -54.57 -3.26 -27.35
C SER C 75 -54.13 -3.49 -28.78
N HIS C 76 -53.55 -4.66 -29.03
CA HIS C 76 -53.08 -5.01 -30.36
C HIS C 76 -54.27 -5.11 -31.31
N PRO C 77 -54.14 -4.62 -32.55
CA PRO C 77 -55.25 -4.70 -33.49
C PRO C 77 -55.54 -6.14 -33.87
N PRO C 78 -56.78 -6.46 -34.24
CA PRO C 78 -57.09 -7.84 -34.63
C PRO C 78 -56.29 -8.35 -35.81
N THR C 79 -55.97 -7.47 -36.77
CA THR C 79 -55.17 -7.88 -37.91
C THR C 79 -53.74 -8.20 -37.48
N PRO C 80 -53.08 -9.15 -38.14
CA PRO C 80 -51.70 -9.52 -37.76
C PRO C 80 -50.67 -8.57 -38.34
N ASN C 81 -50.70 -7.32 -37.88
CA ASN C 81 -49.68 -6.32 -38.23
C ASN C 81 -48.98 -5.88 -36.95
N ASP C 82 -47.66 -5.87 -36.99
CA ASP C 82 -46.85 -5.61 -35.80
C ASP C 82 -46.67 -4.11 -35.60
N HIS C 83 -46.79 -3.68 -34.34
CA HIS C 83 -46.51 -2.31 -33.90
C HIS C 83 -47.14 -1.27 -34.82
N PHE C 84 -48.46 -1.30 -34.89
CA PHE C 84 -49.21 -0.34 -35.68
C PHE C 84 -50.00 0.62 -34.80
N THR C 85 -50.86 0.08 -33.93
CA THR C 85 -51.59 0.88 -32.94
C THR C 85 -50.70 1.53 -31.88
N PRO C 86 -49.71 0.84 -31.31
CA PRO C 86 -49.05 1.39 -30.12
C PRO C 86 -48.14 2.59 -30.38
N THR C 87 -47.67 2.79 -31.62
CA THR C 87 -46.74 3.90 -31.82
C THR C 87 -47.43 5.27 -31.87
N PRO C 88 -48.54 5.45 -32.59
CA PRO C 88 -49.18 6.78 -32.55
C PRO C 88 -49.66 7.19 -31.18
N VAL C 89 -50.12 6.24 -30.37
CA VAL C 89 -50.62 6.57 -29.04
C VAL C 89 -49.47 6.98 -28.13
N SER C 90 -48.36 6.24 -28.16
CA SER C 90 -47.24 6.53 -27.27
C SER C 90 -46.49 7.79 -27.65
N TYR C 91 -46.71 8.33 -28.86
CA TYR C 91 -46.06 9.55 -29.27
C TYR C 91 -46.91 10.80 -29.02
N THR C 92 -48.22 10.64 -28.89
CA THR C 92 -49.09 11.78 -28.58
C THR C 92 -49.36 11.90 -27.08
N ALA C 93 -49.62 10.77 -26.41
CA ALA C 93 -49.81 10.82 -24.97
C ALA C 93 -48.51 11.15 -24.25
N GLY C 94 -47.38 10.68 -24.77
CA GLY C 94 -46.09 11.00 -24.17
C GLY C 94 -45.70 12.45 -24.28
N PHE C 95 -46.34 13.20 -25.19
CA PHE C 95 -46.07 14.62 -25.30
C PHE C 95 -46.44 15.35 -24.01
N TYR C 96 -47.56 15.00 -23.41
CA TYR C 96 -48.01 15.57 -22.14
C TYR C 96 -47.68 14.67 -20.96
N ARG C 97 -46.86 13.64 -21.17
CA ARG C 97 -46.54 12.65 -20.13
C ARG C 97 -47.80 11.92 -19.66
N ILE C 98 -48.80 11.82 -20.53
CA ILE C 98 -49.99 11.04 -20.23
C ILE C 98 -49.61 9.56 -20.29
N PRO C 99 -49.79 8.81 -19.20
CA PRO C 99 -49.39 7.41 -19.19
C PRO C 99 -50.26 6.56 -20.11
N VAL C 100 -49.66 5.47 -20.60
CA VAL C 100 -50.34 4.52 -21.45
C VAL C 100 -50.08 3.11 -20.93
N LEU C 101 -51.13 2.28 -20.92
CA LEU C 101 -51.02 0.89 -20.51
C LEU C 101 -51.14 0.00 -21.75
N GLY C 102 -50.21 -0.94 -21.89
CA GLY C 102 -50.18 -1.82 -23.04
C GLY C 102 -50.79 -3.18 -22.72
N LEU C 103 -51.62 -3.67 -23.63
CA LEU C 103 -52.26 -4.97 -23.51
C LEU C 103 -51.94 -5.80 -24.75
N THR C 104 -51.51 -7.03 -24.52
CA THR C 104 -51.24 -8.00 -25.59
C THR C 104 -50.28 -7.41 -26.64
N THR C 105 -49.22 -6.76 -26.16
CA THR C 105 -48.19 -6.21 -27.03
C THR C 105 -46.83 -6.68 -26.53
N ARG C 106 -46.19 -7.56 -27.29
CA ARG C 106 -44.87 -8.11 -26.95
C ARG C 106 -43.89 -7.66 -28.01
N MET C 107 -43.21 -6.53 -27.78
CA MET C 107 -42.25 -5.98 -28.72
C MET C 107 -41.13 -5.37 -27.90
N SER C 108 -39.90 -5.84 -28.08
CA SER C 108 -38.81 -5.41 -27.22
C SER C 108 -38.39 -3.96 -27.47
N ILE C 109 -38.86 -3.34 -28.54
CA ILE C 109 -38.48 -1.95 -28.81
C ILE C 109 -39.03 -1.02 -27.74
N TYR C 110 -40.25 -1.30 -27.26
CA TYR C 110 -40.86 -0.44 -26.25
C TYR C 110 -40.31 -0.73 -24.86
N SER C 111 -38.99 -0.65 -24.72
CA SER C 111 -38.37 -0.87 -23.41
C SER C 111 -37.32 0.16 -23.06
N ASP C 112 -36.84 0.96 -24.00
CA ASP C 112 -35.88 2.03 -23.72
C ASP C 112 -36.63 3.35 -23.57
N LYS C 113 -36.51 3.95 -22.39
CA LYS C 113 -37.28 5.15 -22.07
C LYS C 113 -36.80 6.39 -22.83
N SER C 114 -35.65 6.30 -23.51
CA SER C 114 -35.16 7.46 -24.26
C SER C 114 -36.09 7.85 -25.41
N ILE C 115 -36.94 6.94 -25.88
CA ILE C 115 -37.91 7.23 -26.92
C ILE C 115 -39.33 7.28 -26.37
N HIS C 116 -39.78 6.18 -25.76
CA HIS C 116 -41.12 6.12 -25.15
C HIS C 116 -40.97 6.54 -23.69
N LEU C 117 -41.41 7.77 -23.39
CA LEU C 117 -41.17 8.35 -22.07
C LEU C 117 -41.88 7.59 -20.97
N SER C 118 -43.14 7.21 -21.19
CA SER C 118 -43.94 6.55 -20.16
C SER C 118 -44.82 5.50 -20.82
N PHE C 119 -44.35 4.26 -20.80
CA PHE C 119 -45.10 3.12 -21.32
C PHE C 119 -45.05 1.99 -20.31
N LEU C 120 -46.21 1.40 -20.03
CA LEU C 120 -46.33 0.27 -19.13
C LEU C 120 -47.15 -0.82 -19.79
N ARG C 121 -46.82 -2.08 -19.49
CA ARG C 121 -47.45 -3.21 -20.14
C ARG C 121 -47.78 -4.27 -19.09
N THR C 122 -48.71 -5.15 -19.44
CA THR C 122 -49.12 -6.25 -18.58
C THR C 122 -48.78 -7.62 -19.20
N VAL C 123 -47.89 -7.65 -20.17
CA VAL C 123 -47.46 -8.90 -20.79
C VAL C 123 -45.96 -8.86 -21.00
N PRO C 124 -45.20 -9.87 -20.58
CA PRO C 124 -43.74 -9.81 -20.72
C PRO C 124 -43.34 -9.78 -22.18
N PRO C 125 -42.25 -9.11 -22.52
CA PRO C 125 -41.85 -8.98 -23.91
C PRO C 125 -41.15 -10.24 -24.42
N TYR C 126 -40.88 -10.24 -25.72
CA TYR C 126 -40.25 -11.40 -26.36
C TYR C 126 -38.85 -11.63 -25.83
N SER C 127 -38.10 -10.55 -25.60
CA SER C 127 -36.71 -10.70 -25.16
C SER C 127 -36.60 -11.35 -23.78
N HIS C 128 -37.66 -11.31 -22.98
CA HIS C 128 -37.61 -11.94 -21.66
C HIS C 128 -37.68 -13.46 -21.74
N GLN C 129 -37.94 -14.03 -22.92
CA GLN C 129 -37.97 -15.48 -23.05
C GLN C 129 -36.61 -16.10 -22.78
N SER C 130 -35.54 -15.32 -22.93
CA SER C 130 -34.20 -15.86 -22.76
C SER C 130 -33.98 -16.37 -21.33
N SER C 131 -34.64 -15.77 -20.35
CA SER C 131 -34.52 -16.25 -18.98
C SER C 131 -35.08 -17.65 -18.82
N VAL C 132 -36.06 -18.03 -19.64
CA VAL C 132 -36.61 -19.37 -19.56
C VAL C 132 -35.61 -20.40 -20.05
N TRP C 133 -34.91 -20.11 -21.15
CA TRP C 133 -33.96 -21.07 -21.71
C TRP C 133 -32.82 -21.34 -20.75
N PHE C 134 -32.40 -20.35 -19.96
CA PHE C 134 -31.35 -20.57 -18.99
C PHE C 134 -31.76 -21.60 -17.94
N GLU C 135 -33.00 -21.51 -17.46
CA GLU C 135 -33.47 -22.47 -16.46
C GLU C 135 -33.52 -23.87 -17.04
N MET C 136 -34.05 -24.03 -18.25
CA MET C 136 -34.06 -25.34 -18.90
C MET C 136 -32.65 -25.85 -19.13
N MET C 137 -31.69 -24.94 -19.33
CA MET C 137 -30.33 -25.35 -19.63
C MET C 137 -29.67 -26.06 -18.44
N ARG C 138 -29.95 -25.58 -17.22
CA ARG C 138 -29.30 -26.13 -16.04
C ARG C 138 -30.00 -27.36 -15.48
N VAL C 139 -31.33 -27.41 -15.56
CA VAL C 139 -32.05 -28.55 -15.03
C VAL C 139 -31.81 -29.80 -15.88
N TYR C 140 -31.72 -29.61 -17.20
CA TYR C 140 -31.49 -30.73 -18.11
C TYR C 140 -30.01 -30.99 -18.34
N SER C 141 -29.12 -30.24 -17.69
CA SER C 141 -27.67 -30.43 -17.78
C SER C 141 -27.18 -30.30 -19.22
N TRP C 142 -27.34 -29.09 -19.77
CA TRP C 142 -26.89 -28.77 -21.11
C TRP C 142 -25.84 -27.67 -21.09
N ASN C 143 -24.95 -27.69 -22.07
CA ASN C 143 -23.93 -26.66 -22.22
C ASN C 143 -23.44 -26.69 -23.66
N HIS C 144 -22.52 -25.78 -23.98
CA HIS C 144 -21.93 -25.68 -25.32
C HIS C 144 -23.00 -25.45 -26.37
N ILE C 145 -23.66 -24.29 -26.28
CA ILE C 145 -24.77 -23.94 -27.15
C ILE C 145 -24.29 -23.01 -28.25
N ILE C 146 -25.02 -23.02 -29.37
CA ILE C 146 -24.84 -22.07 -30.44
C ILE C 146 -26.23 -21.53 -30.81
N LEU C 147 -26.35 -20.22 -30.90
CA LEU C 147 -27.65 -19.57 -31.09
C LEU C 147 -27.65 -18.75 -32.38
N LEU C 148 -28.71 -18.90 -33.16
CA LEU C 148 -28.93 -18.13 -34.37
C LEU C 148 -29.83 -16.96 -34.04
N VAL C 149 -29.43 -15.75 -34.45
CA VAL C 149 -30.10 -14.52 -34.06
C VAL C 149 -30.27 -13.64 -35.29
N SER C 150 -31.48 -13.12 -35.48
CA SER C 150 -31.75 -12.21 -36.58
C SER C 150 -31.15 -10.82 -36.29
N ASP C 151 -30.77 -10.13 -37.36
CA ASP C 151 -30.12 -8.83 -37.25
C ASP C 151 -31.17 -7.73 -37.20
N ASP C 152 -31.70 -7.50 -36.01
CA ASP C 152 -32.63 -6.40 -35.75
C ASP C 152 -32.65 -6.17 -34.25
N HIS C 153 -33.55 -5.30 -33.79
CA HIS C 153 -33.60 -4.99 -32.37
C HIS C 153 -34.10 -6.18 -31.55
N GLU C 154 -35.07 -6.93 -32.07
CA GLU C 154 -35.56 -8.10 -31.35
C GLU C 154 -34.47 -9.15 -31.21
N GLY C 155 -33.70 -9.38 -32.27
CA GLY C 155 -32.62 -10.35 -32.18
C GLY C 155 -31.54 -9.94 -31.20
N ARG C 156 -31.14 -8.67 -31.25
CA ARG C 156 -30.05 -8.21 -30.38
C ARG C 156 -30.46 -8.29 -28.91
N ALA C 157 -31.71 -7.96 -28.60
CA ALA C 157 -32.17 -7.99 -27.21
C ALA C 157 -32.11 -9.40 -26.64
N ALA C 158 -32.55 -10.39 -27.42
CA ALA C 158 -32.53 -11.77 -26.95
C ALA C 158 -31.09 -12.26 -26.73
N GLN C 159 -30.19 -11.92 -27.65
CA GLN C 159 -28.80 -12.35 -27.51
C GLN C 159 -28.13 -11.68 -26.31
N LYS C 160 -28.34 -10.37 -26.15
CA LYS C 160 -27.65 -9.64 -25.08
C LYS C 160 -28.06 -10.15 -23.70
N ARG C 161 -29.36 -10.43 -23.52
CA ARG C 161 -29.82 -10.92 -22.23
C ARG C 161 -29.24 -12.29 -21.91
N LEU C 162 -29.16 -13.18 -22.91
CA LEU C 162 -28.69 -14.53 -22.66
C LEU C 162 -27.21 -14.54 -22.26
N GLU C 163 -26.38 -13.80 -22.99
CA GLU C 163 -24.94 -13.85 -22.73
C GLU C 163 -24.59 -13.31 -21.35
N THR C 164 -25.27 -12.24 -20.92
CA THR C 164 -24.99 -11.70 -19.58
C THR C 164 -25.60 -12.59 -18.50
N LEU C 165 -26.67 -13.31 -18.81
CA LEU C 165 -27.23 -14.26 -17.85
C LEU C 165 -26.43 -15.56 -17.80
N LEU C 166 -25.61 -15.82 -18.81
CA LEU C 166 -24.81 -17.03 -18.87
C LEU C 166 -23.39 -16.83 -18.38
N GLU C 167 -22.88 -15.60 -18.41
CA GLU C 167 -21.49 -15.35 -18.06
C GLU C 167 -21.16 -15.70 -16.62
N GLU C 168 -22.15 -15.71 -15.72
CA GLU C 168 -21.89 -16.05 -14.34
C GLU C 168 -21.49 -17.51 -14.18
N ARG C 169 -21.95 -18.39 -15.07
CA ARG C 169 -21.65 -19.80 -14.99
C ARG C 169 -20.78 -20.29 -16.14
N GLU C 170 -21.21 -20.07 -17.38
CA GLU C 170 -20.46 -20.48 -18.56
C GLU C 170 -19.90 -19.25 -19.26
N SER C 171 -18.60 -19.25 -19.50
CA SER C 171 -17.97 -18.11 -20.15
C SER C 171 -18.34 -18.07 -21.63
N LYS C 172 -19.41 -17.32 -21.95
CA LYS C 172 -19.90 -17.08 -23.31
C LYS C 172 -20.37 -18.36 -24.00
N ALA C 173 -21.20 -18.20 -25.03
CA ALA C 173 -21.67 -19.32 -25.82
C ALA C 173 -20.67 -19.64 -26.93
N GLU C 174 -20.85 -20.80 -27.55
CA GLU C 174 -19.88 -21.25 -28.55
C GLU C 174 -19.87 -20.35 -29.77
N LYS C 175 -21.04 -19.98 -30.28
CA LYS C 175 -21.12 -19.12 -31.45
C LYS C 175 -22.34 -18.21 -31.35
N VAL C 176 -22.29 -17.13 -32.13
CA VAL C 176 -23.34 -16.10 -32.12
C VAL C 176 -23.85 -15.84 -33.52
N LEU C 177 -23.86 -16.88 -34.36
CA LEU C 177 -24.25 -16.77 -35.77
C LEU C 177 -25.45 -15.87 -35.96
N GLN C 178 -25.38 -15.00 -36.97
CA GLN C 178 -26.43 -14.06 -37.30
C GLN C 178 -26.80 -14.20 -38.77
N PHE C 179 -28.06 -13.90 -39.08
CA PHE C 179 -28.55 -13.98 -40.45
C PHE C 179 -29.38 -12.74 -40.76
N ASP C 180 -29.42 -12.39 -42.05
CA ASP C 180 -30.14 -11.21 -42.49
C ASP C 180 -31.64 -11.39 -42.30
N PRO C 181 -32.36 -10.32 -41.96
CA PRO C 181 -33.82 -10.43 -41.81
C PRO C 181 -34.51 -10.90 -43.08
N GLY C 182 -34.04 -10.48 -44.25
CA GLY C 182 -34.60 -10.95 -45.51
C GLY C 182 -34.05 -12.30 -45.89
N THR C 183 -34.51 -13.34 -45.18
CA THR C 183 -33.93 -14.66 -45.34
C THR C 183 -34.25 -15.23 -46.73
N LYS C 184 -33.23 -15.72 -47.41
CA LYS C 184 -33.40 -16.37 -48.71
C LYS C 184 -32.17 -17.21 -48.99
N ASN C 185 -32.35 -18.54 -49.07
CA ASN C 185 -31.27 -19.48 -49.32
C ASN C 185 -30.15 -19.31 -48.30
N VAL C 186 -30.48 -19.58 -47.04
CA VAL C 186 -29.51 -19.50 -45.95
C VAL C 186 -28.91 -20.89 -45.77
N THR C 187 -27.68 -21.05 -46.26
CA THR C 187 -26.96 -22.31 -46.11
C THR C 187 -25.50 -22.16 -45.70
N ALA C 188 -24.87 -21.01 -45.95
CA ALA C 188 -23.49 -20.82 -45.53
C ALA C 188 -23.37 -20.84 -44.01
N LEU C 189 -24.29 -20.19 -43.30
CA LEU C 189 -24.27 -20.21 -41.85
C LEU C 189 -24.54 -21.61 -41.31
N LEU C 190 -25.51 -22.30 -41.88
CA LEU C 190 -25.79 -23.66 -41.44
C LEU C 190 -24.59 -24.57 -41.71
N MET C 191 -23.92 -24.38 -42.85
CA MET C 191 -22.68 -25.10 -43.11
C MET C 191 -21.64 -24.78 -42.06
N GLU C 192 -21.56 -23.51 -41.64
CA GLU C 192 -20.62 -23.10 -40.59
C GLU C 192 -20.95 -23.72 -39.24
N ALA C 193 -22.17 -24.24 -39.06
CA ALA C 193 -22.56 -24.82 -37.78
C ALA C 193 -22.27 -26.31 -37.68
N LYS C 194 -21.98 -26.98 -38.79
CA LYS C 194 -21.79 -28.44 -38.77
C LYS C 194 -20.31 -28.80 -38.58
N GLU C 195 -19.65 -28.15 -37.61
CA GLU C 195 -18.30 -28.54 -37.22
C GLU C 195 -18.04 -28.49 -35.71
N LEU C 196 -18.90 -27.85 -34.91
CA LEU C 196 -18.51 -27.41 -33.58
C LEU C 196 -19.12 -28.23 -32.46
N GLU C 197 -19.59 -29.44 -32.77
CA GLU C 197 -20.02 -30.43 -31.77
C GLU C 197 -20.89 -29.82 -30.66
N ALA C 198 -21.87 -29.01 -31.09
CA ALA C 198 -22.75 -28.35 -30.12
C ALA C 198 -24.03 -29.16 -29.87
N ARG C 199 -24.81 -29.41 -30.92
CA ARG C 199 -25.99 -30.27 -30.90
C ARG C 199 -27.13 -29.78 -30.02
N VAL C 200 -27.03 -28.58 -29.45
CA VAL C 200 -28.09 -28.04 -28.60
C VAL C 200 -28.57 -26.70 -29.15
N ILE C 201 -28.59 -26.57 -30.47
CA ILE C 201 -28.86 -25.28 -31.11
C ILE C 201 -30.21 -24.73 -30.67
N ILE C 202 -30.28 -23.40 -30.58
CA ILE C 202 -31.51 -22.70 -30.25
C ILE C 202 -31.78 -21.68 -31.35
N LEU C 203 -33.01 -21.14 -31.36
CA LEU C 203 -33.46 -20.26 -32.43
C LEU C 203 -34.22 -19.09 -31.83
N SER C 204 -34.12 -17.94 -32.51
CA SER C 204 -34.86 -16.75 -32.12
C SER C 204 -35.37 -15.98 -33.32
N ALA C 205 -35.69 -16.68 -34.41
CA ALA C 205 -36.01 -16.04 -35.68
C ALA C 205 -37.41 -15.44 -35.65
N SER C 206 -37.85 -14.92 -36.79
CA SER C 206 -39.17 -14.33 -36.92
C SER C 206 -40.19 -15.41 -37.28
N GLU C 207 -41.39 -14.99 -37.67
CA GLU C 207 -42.46 -15.94 -37.96
C GLU C 207 -42.19 -16.72 -39.24
N ASP C 208 -41.80 -16.03 -40.30
CA ASP C 208 -41.60 -16.69 -41.60
C ASP C 208 -40.13 -16.97 -41.92
N ASP C 209 -39.19 -16.25 -41.29
CA ASP C 209 -37.79 -16.58 -41.50
C ASP C 209 -37.45 -17.94 -40.89
N ALA C 210 -38.11 -18.30 -39.79
CA ALA C 210 -37.91 -19.61 -39.19
C ALA C 210 -38.40 -20.74 -40.08
N ALA C 211 -39.34 -20.46 -40.98
CA ALA C 211 -39.76 -21.49 -41.94
C ALA C 211 -38.64 -21.85 -42.88
N THR C 212 -37.88 -20.86 -43.35
CA THR C 212 -36.78 -21.13 -44.27
C THR C 212 -35.68 -21.95 -43.60
N VAL C 213 -35.30 -21.60 -42.37
CA VAL C 213 -34.21 -22.31 -41.72
C VAL C 213 -34.62 -23.73 -41.36
N TYR C 214 -35.91 -23.95 -41.09
CA TYR C 214 -36.38 -25.31 -40.87
C TYR C 214 -36.21 -26.18 -42.10
N ARG C 215 -36.54 -25.64 -43.28
CA ARG C 215 -36.33 -26.41 -44.51
C ARG C 215 -34.87 -26.41 -44.92
N ALA C 216 -34.12 -25.35 -44.60
CA ALA C 216 -32.68 -25.37 -44.86
C ALA C 216 -31.97 -26.43 -44.04
N ALA C 217 -32.36 -26.57 -42.77
CA ALA C 217 -31.82 -27.62 -41.92
C ALA C 217 -32.45 -28.98 -42.18
N ALA C 218 -33.54 -29.03 -42.94
CA ALA C 218 -34.12 -30.32 -43.31
C ALA C 218 -33.29 -31.04 -44.37
N MET C 219 -32.81 -30.31 -45.36
CA MET C 219 -32.04 -30.92 -46.44
C MET C 219 -30.62 -31.30 -46.03
N LEU C 220 -30.12 -30.75 -44.93
CA LEU C 220 -28.75 -31.03 -44.48
C LEU C 220 -28.69 -32.13 -43.44
N ASN C 221 -29.82 -32.79 -43.14
CA ASN C 221 -29.85 -33.91 -42.20
C ASN C 221 -29.39 -33.51 -40.81
N MET C 222 -29.67 -32.27 -40.40
CA MET C 222 -29.34 -31.79 -39.06
C MET C 222 -30.50 -31.88 -38.10
N THR C 223 -31.65 -32.40 -38.53
CA THR C 223 -32.83 -32.55 -37.69
C THR C 223 -33.01 -33.98 -37.19
N GLY C 224 -32.00 -34.83 -37.35
CA GLY C 224 -32.09 -36.22 -36.95
C GLY C 224 -31.81 -36.41 -35.48
N SER C 225 -31.47 -37.65 -35.13
CA SER C 225 -31.19 -37.99 -33.75
C SER C 225 -29.94 -37.28 -33.26
N GLY C 226 -29.95 -36.89 -31.99
CA GLY C 226 -28.81 -36.24 -31.38
C GLY C 226 -29.04 -34.76 -31.11
N TYR C 227 -29.69 -34.07 -32.04
CA TYR C 227 -29.95 -32.65 -31.89
C TYR C 227 -31.12 -32.42 -30.95
N VAL C 228 -31.09 -31.30 -30.25
CA VAL C 228 -32.20 -30.83 -29.43
C VAL C 228 -32.42 -29.35 -29.72
N TRP C 229 -33.44 -29.05 -30.52
CA TRP C 229 -33.75 -27.67 -30.83
C TRP C 229 -34.37 -26.97 -29.62
N LEU C 230 -34.31 -25.65 -29.64
CA LEU C 230 -35.01 -24.82 -28.67
C LEU C 230 -35.51 -23.58 -29.39
N VAL C 231 -36.78 -23.24 -29.19
CA VAL C 231 -37.46 -22.25 -30.00
C VAL C 231 -38.38 -21.42 -29.11
N GLY C 232 -38.48 -20.13 -29.44
CA GLY C 232 -39.39 -19.25 -28.75
C GLY C 232 -40.85 -19.51 -29.08
N GLU C 233 -41.69 -18.49 -28.96
CA GLU C 233 -43.11 -18.66 -29.22
C GLU C 233 -43.49 -18.38 -30.67
N ARG C 234 -42.88 -17.35 -31.28
CA ARG C 234 -43.24 -17.00 -32.65
C ARG C 234 -42.95 -18.13 -33.63
N GLU C 235 -41.80 -18.77 -33.48
CA GLU C 235 -41.33 -19.77 -34.43
C GLU C 235 -41.94 -21.14 -34.20
N ILE C 236 -43.04 -21.23 -33.46
CA ILE C 236 -43.77 -22.48 -33.29
C ILE C 236 -45.21 -22.38 -33.75
N SER C 237 -45.74 -21.19 -33.97
CA SER C 237 -47.12 -21.00 -34.41
C SER C 237 -47.14 -20.36 -35.79
N GLY C 238 -48.31 -20.40 -36.41
CA GLY C 238 -48.45 -19.83 -37.75
C GLY C 238 -47.94 -20.80 -38.79
N ASN C 239 -47.11 -20.29 -39.71
CA ASN C 239 -46.53 -21.12 -40.74
C ASN C 239 -45.48 -22.08 -40.20
N ALA C 240 -45.06 -21.91 -38.94
CA ALA C 240 -44.05 -22.79 -38.36
C ALA C 240 -44.55 -24.22 -38.20
N LEU C 241 -45.87 -24.44 -38.18
CA LEU C 241 -46.39 -25.79 -38.11
C LEU C 241 -45.98 -26.61 -39.34
N ARG C 242 -45.98 -25.97 -40.50
CA ARG C 242 -45.48 -26.59 -41.73
C ARG C 242 -43.97 -26.40 -41.78
N TYR C 243 -43.26 -27.46 -42.19
CA TYR C 243 -41.81 -27.57 -42.01
C TYR C 243 -41.45 -27.49 -40.52
N ALA C 244 -41.94 -28.47 -39.77
CA ALA C 244 -41.71 -28.51 -38.33
C ALA C 244 -41.07 -29.84 -37.93
N PRO C 245 -39.87 -29.83 -37.35
CA PRO C 245 -39.30 -31.07 -36.80
C PRO C 245 -40.16 -31.62 -35.67
N ASP C 246 -39.79 -32.83 -35.22
CA ASP C 246 -40.61 -33.59 -34.29
C ASP C 246 -40.06 -33.61 -32.88
N GLY C 247 -39.24 -32.64 -32.50
CA GLY C 247 -38.69 -32.59 -31.16
C GLY C 247 -38.56 -31.19 -30.61
N ILE C 248 -39.24 -30.22 -31.23
CA ILE C 248 -39.11 -28.84 -30.82
C ILE C 248 -39.69 -28.64 -29.43
N LEU C 249 -38.99 -27.87 -28.61
CA LEU C 249 -39.46 -27.48 -27.28
C LEU C 249 -39.71 -25.98 -27.32
N GLY C 250 -40.91 -25.59 -27.73
CA GLY C 250 -41.26 -24.19 -27.90
C GLY C 250 -42.05 -23.66 -26.71
N LEU C 251 -41.73 -22.43 -26.33
CA LEU C 251 -42.43 -21.76 -25.24
C LEU C 251 -43.74 -21.16 -25.74
N GLN C 252 -44.51 -20.62 -24.78
CA GLN C 252 -45.76 -19.93 -25.09
C GLN C 252 -46.13 -19.09 -23.88
N LEU C 253 -47.33 -18.50 -23.91
CA LEU C 253 -47.84 -17.69 -22.82
C LEU C 253 -49.19 -18.25 -22.39
N ILE C 254 -49.46 -18.21 -21.08
CA ILE C 254 -50.65 -18.87 -20.56
C ILE C 254 -51.92 -18.15 -20.98
N ASN C 255 -51.94 -16.82 -20.90
CA ASN C 255 -53.17 -16.04 -21.06
C ASN C 255 -52.96 -14.91 -22.06
N GLY C 256 -52.39 -15.21 -23.21
CA GLY C 256 -52.30 -14.25 -24.28
C GLY C 256 -53.50 -14.34 -25.22
N LYS C 257 -53.52 -13.41 -26.18
CA LYS C 257 -54.49 -13.34 -27.28
C LYS C 257 -55.91 -13.04 -26.83
N ASN C 258 -56.17 -12.84 -25.54
CA ASN C 258 -57.42 -12.26 -25.08
C ASN C 258 -57.19 -10.92 -24.39
N GLU C 259 -58.21 -10.08 -24.46
CA GLU C 259 -58.23 -8.83 -23.71
C GLU C 259 -59.24 -8.85 -22.57
N SER C 260 -60.23 -9.74 -22.62
CA SER C 260 -61.25 -9.80 -21.57
C SER C 260 -60.63 -10.10 -20.21
N ALA C 261 -59.70 -11.06 -20.17
CA ALA C 261 -59.00 -11.35 -18.92
C ALA C 261 -57.99 -10.26 -18.57
N HIS C 262 -57.65 -9.40 -19.54
CA HIS C 262 -56.68 -8.34 -19.30
C HIS C 262 -57.33 -6.98 -19.08
N ILE C 263 -58.48 -6.72 -19.70
CA ILE C 263 -59.18 -5.46 -19.45
C ILE C 263 -59.57 -5.35 -17.98
N SER C 264 -60.10 -6.45 -17.42
CA SER C 264 -60.46 -6.45 -16.00
C SER C 264 -59.22 -6.25 -15.13
N ASP C 265 -58.11 -6.87 -15.49
CA ASP C 265 -56.87 -6.71 -14.74
C ASP C 265 -56.21 -5.37 -14.98
N ALA C 266 -56.57 -4.66 -16.06
CA ALA C 266 -55.95 -3.36 -16.33
C ALA C 266 -56.48 -2.29 -15.40
N VAL C 267 -57.80 -2.29 -15.13
CA VAL C 267 -58.38 -1.25 -14.30
C VAL C 267 -58.05 -1.43 -12.82
N GLY C 268 -57.73 -2.64 -12.39
CA GLY C 268 -57.45 -2.87 -10.98
C GLY C 268 -56.24 -2.11 -10.49
N VAL C 269 -55.14 -2.17 -11.25
CA VAL C 269 -53.92 -1.47 -10.85
C VAL C 269 -54.10 0.03 -10.97
N VAL C 270 -54.80 0.49 -12.01
CA VAL C 270 -54.99 1.93 -12.22
C VAL C 270 -55.84 2.51 -11.09
N ALA C 271 -56.93 1.84 -10.72
CA ALA C 271 -57.82 2.37 -9.70
C ALA C 271 -57.13 2.48 -8.35
N GLN C 272 -56.30 1.48 -8.00
CA GLN C 272 -55.63 1.51 -6.71
C GLN C 272 -54.62 2.63 -6.63
N ALA C 273 -54.04 3.04 -7.76
CA ALA C 273 -53.08 4.14 -7.76
C ALA C 273 -53.71 5.47 -7.37
N VAL C 274 -55.00 5.64 -7.67
CA VAL C 274 -55.69 6.88 -7.32
C VAL C 274 -55.79 7.04 -5.80
N HIS C 275 -55.95 5.93 -5.08
CA HIS C 275 -56.12 6.00 -3.62
C HIS C 275 -54.99 6.77 -2.96
N GLU C 276 -53.75 6.54 -3.38
CA GLU C 276 -52.60 7.25 -2.84
C GLU C 276 -52.23 8.46 -3.68
N LEU C 277 -52.97 8.75 -4.75
CA LEU C 277 -52.70 9.95 -5.53
C LEU C 277 -53.08 11.21 -4.75
N LEU C 278 -54.04 11.11 -3.84
CA LEU C 278 -54.50 12.27 -3.07
C LEU C 278 -53.41 12.70 -2.10
N GLU C 279 -52.85 13.88 -2.33
CA GLU C 279 -51.81 14.48 -1.49
C GLU C 279 -51.66 15.93 -1.92
N LYS C 280 -50.60 16.58 -1.44
CA LYS C 280 -50.38 18.00 -1.71
C LYS C 280 -50.08 18.28 -3.18
N GLU C 281 -49.83 17.26 -3.98
CA GLU C 281 -49.51 17.45 -5.40
C GLU C 281 -50.67 18.11 -6.14
N ASN C 282 -50.39 18.53 -7.37
CA ASN C 282 -51.40 19.15 -8.20
C ASN C 282 -52.37 18.09 -8.71
N ILE C 283 -53.42 17.84 -7.93
CA ILE C 283 -54.40 16.81 -8.28
C ILE C 283 -55.35 17.26 -9.38
N THR C 284 -55.18 18.48 -9.91
CA THR C 284 -56.06 18.96 -10.96
C THR C 284 -55.92 18.11 -12.21
N ASP C 285 -56.96 18.14 -13.02
CA ASP C 285 -57.04 17.27 -14.19
C ASP C 285 -56.01 17.69 -15.25
N PRO C 286 -55.60 16.76 -16.10
CA PRO C 286 -54.57 17.06 -17.12
C PRO C 286 -55.04 18.12 -18.10
N PRO C 287 -54.17 18.58 -19.01
CA PRO C 287 -54.58 19.63 -19.95
C PRO C 287 -55.77 19.20 -20.79
N ARG C 288 -56.62 20.19 -21.10
CA ARG C 288 -57.90 19.93 -21.75
C ARG C 288 -57.75 20.10 -23.26
N GLY C 289 -57.79 18.98 -23.98
CA GLY C 289 -57.75 19.01 -25.42
C GLY C 289 -56.34 19.19 -25.96
N CYS C 290 -56.18 18.84 -27.23
CA CYS C 290 -54.94 19.01 -27.95
C CYS C 290 -54.96 20.24 -28.85
N VAL C 291 -55.94 21.13 -28.68
CA VAL C 291 -56.05 22.30 -29.55
C VAL C 291 -54.86 23.24 -29.36
N GLY C 292 -54.57 23.59 -28.12
CA GLY C 292 -53.40 24.42 -27.85
C GLY C 292 -52.82 24.29 -26.46
N ASN C 293 -51.54 23.90 -26.41
CA ASN C 293 -50.72 23.73 -25.20
C ASN C 293 -49.26 23.56 -25.61
N THR C 294 -48.34 24.05 -24.79
CA THR C 294 -46.92 23.83 -25.02
C THR C 294 -46.22 23.56 -23.69
N ASN C 295 -46.87 22.74 -22.85
CA ASN C 295 -46.34 22.46 -21.54
C ASN C 295 -46.82 21.08 -21.09
N ILE C 296 -46.14 20.53 -20.10
CA ILE C 296 -46.50 19.25 -19.51
C ILE C 296 -46.98 19.49 -18.09
N TRP C 297 -47.81 18.59 -17.59
CA TRP C 297 -48.31 18.67 -16.23
C TRP C 297 -47.39 17.85 -15.34
N LYS C 298 -46.74 18.54 -14.38
CA LYS C 298 -45.62 17.96 -13.66
C LYS C 298 -46.01 16.80 -12.75
N THR C 299 -47.29 16.65 -12.44
CA THR C 299 -47.70 15.61 -11.50
C THR C 299 -47.90 14.25 -12.15
N GLY C 300 -47.78 14.15 -13.47
CA GLY C 300 -47.81 12.88 -14.15
C GLY C 300 -46.69 11.96 -13.72
N PRO C 301 -45.45 12.42 -13.82
CA PRO C 301 -44.32 11.60 -13.34
C PRO C 301 -44.35 11.35 -11.84
N LEU C 302 -45.07 12.14 -11.07
CA LEU C 302 -45.02 12.02 -9.62
C LEU C 302 -45.58 10.69 -9.13
N PHE C 303 -46.68 10.22 -9.72
CA PHE C 303 -47.35 9.02 -9.24
C PHE C 303 -46.92 7.77 -10.01
N LYS C 304 -45.90 7.87 -10.85
CA LYS C 304 -45.35 6.66 -11.47
C LYS C 304 -44.71 5.75 -10.44
N ARG C 305 -44.06 6.32 -9.42
CA ARG C 305 -43.51 5.51 -8.35
C ARG C 305 -44.60 4.66 -7.69
N VAL C 306 -45.84 5.17 -7.67
CA VAL C 306 -46.97 4.36 -7.22
C VAL C 306 -47.25 3.24 -8.23
N LEU C 307 -47.32 3.58 -9.52
CA LEU C 307 -47.65 2.58 -10.53
C LEU C 307 -46.50 1.61 -10.75
N MET C 308 -45.25 2.07 -10.67
CA MET C 308 -44.12 1.16 -10.77
C MET C 308 -44.09 0.18 -9.61
N SER C 309 -44.75 0.50 -8.51
CA SER C 309 -44.83 -0.36 -7.33
C SER C 309 -46.28 -0.68 -6.99
N SER C 310 -47.09 -0.97 -8.00
CA SER C 310 -48.49 -1.29 -7.80
C SER C 310 -48.64 -2.79 -7.60
N LYS C 311 -49.15 -3.20 -6.44
CA LYS C 311 -49.34 -4.60 -6.09
C LYS C 311 -50.82 -4.94 -6.16
N TYR C 312 -51.14 -6.02 -6.87
CA TYR C 312 -52.52 -6.46 -7.07
C TYR C 312 -52.57 -7.95 -6.83
N ALA C 313 -53.11 -8.36 -5.69
CA ALA C 313 -53.21 -9.78 -5.33
C ALA C 313 -54.58 -10.34 -5.74
N ASP C 314 -54.88 -10.20 -7.03
CA ASP C 314 -56.13 -10.67 -7.59
C ASP C 314 -55.98 -10.76 -9.10
N GLY C 315 -57.07 -11.15 -9.77
CA GLY C 315 -57.03 -11.27 -11.21
C GLY C 315 -56.26 -12.50 -11.64
N VAL C 316 -55.63 -12.39 -12.81
CA VAL C 316 -54.86 -13.50 -13.37
C VAL C 316 -53.49 -13.55 -12.68
N THR C 317 -53.17 -14.72 -12.11
CA THR C 317 -51.88 -15.01 -11.48
C THR C 317 -51.66 -14.19 -10.22
N GLY C 318 -52.57 -13.26 -9.92
CA GLY C 318 -52.52 -12.44 -8.72
C GLY C 318 -51.17 -11.82 -8.39
N ARG C 319 -50.30 -11.70 -9.40
CA ARG C 319 -48.93 -11.26 -9.19
C ARG C 319 -48.56 -10.19 -10.21
N VAL C 320 -49.41 -9.17 -10.35
CA VAL C 320 -49.16 -8.08 -11.27
C VAL C 320 -48.16 -7.13 -10.62
N GLU C 321 -46.88 -7.29 -10.94
CA GLU C 321 -45.84 -6.38 -10.49
C GLU C 321 -45.04 -5.91 -11.69
N PHE C 322 -44.43 -4.73 -11.54
CA PHE C 322 -43.66 -4.10 -12.61
C PHE C 322 -42.21 -3.94 -12.17
N ASN C 323 -41.30 -4.12 -13.11
CA ASN C 323 -39.88 -3.94 -12.85
C ASN C 323 -39.53 -2.46 -12.91
N GLU C 324 -38.24 -2.14 -12.94
CA GLU C 324 -37.83 -0.74 -13.00
C GLU C 324 -38.33 -0.06 -14.28
N ASP C 325 -38.32 -0.80 -15.39
CA ASP C 325 -38.92 -0.31 -16.63
C ASP C 325 -40.37 -0.78 -16.67
N GLY C 326 -41.01 -0.62 -17.84
CA GLY C 326 -42.38 -1.11 -17.96
C GLY C 326 -42.44 -2.51 -18.54
N ASP C 327 -42.52 -3.50 -17.64
CA ASP C 327 -42.56 -4.91 -18.03
C ASP C 327 -43.13 -5.69 -16.86
N ARG C 328 -44.01 -6.64 -17.16
CA ARG C 328 -44.59 -7.46 -16.11
C ARG C 328 -43.54 -8.40 -15.54
N LYS C 329 -43.76 -8.81 -14.29
CA LYS C 329 -42.85 -9.72 -13.59
C LYS C 329 -43.59 -10.97 -13.16
N PHE C 330 -42.84 -12.07 -13.06
CA PHE C 330 -43.34 -13.33 -12.50
C PHE C 330 -44.55 -13.85 -13.29
N ALA C 331 -44.30 -14.19 -14.56
CA ALA C 331 -45.32 -14.75 -15.43
C ALA C 331 -45.12 -16.25 -15.61
N ASN C 332 -46.17 -16.90 -16.10
CA ASN C 332 -46.18 -18.33 -16.38
C ASN C 332 -46.03 -18.56 -17.87
N TYR C 333 -45.32 -19.64 -18.23
CA TYR C 333 -44.97 -19.87 -19.63
C TYR C 333 -45.44 -21.21 -20.18
N SER C 334 -45.47 -22.27 -19.38
CA SER C 334 -46.11 -23.54 -19.77
C SER C 334 -45.47 -24.14 -21.03
N ILE C 335 -44.23 -24.60 -20.85
CA ILE C 335 -43.47 -25.29 -21.89
C ILE C 335 -44.36 -26.30 -22.60
N MET C 336 -44.36 -26.26 -23.94
CA MET C 336 -45.31 -27.02 -24.73
C MET C 336 -44.57 -27.69 -25.89
N ASN C 337 -44.36 -29.00 -25.77
CA ASN C 337 -43.60 -29.78 -26.73
C ASN C 337 -44.45 -30.10 -27.96
N LEU C 338 -43.82 -30.71 -28.96
CA LEU C 338 -44.49 -31.22 -30.13
C LEU C 338 -44.38 -32.74 -30.17
N GLN C 339 -45.43 -33.40 -30.66
CA GLN C 339 -45.46 -34.86 -30.70
C GLN C 339 -46.42 -35.30 -31.79
N ASN C 340 -45.88 -35.83 -32.88
CA ASN C 340 -46.66 -36.35 -34.00
C ASN C 340 -47.63 -35.29 -34.54
N ARG C 341 -47.08 -34.15 -34.90
CA ARG C 341 -47.80 -33.02 -35.49
C ARG C 341 -48.84 -32.42 -34.56
N LYS C 342 -48.89 -32.87 -33.31
CA LYS C 342 -49.82 -32.32 -32.32
C LYS C 342 -49.01 -31.90 -31.10
N LEU C 343 -49.25 -30.68 -30.63
CA LEU C 343 -48.49 -30.15 -29.51
C LEU C 343 -49.13 -30.57 -28.19
N VAL C 344 -48.33 -31.16 -27.30
CA VAL C 344 -48.80 -31.65 -26.01
C VAL C 344 -47.93 -31.06 -24.91
N GLN C 345 -48.57 -30.56 -23.87
CA GLN C 345 -47.85 -29.94 -22.76
C GLN C 345 -47.00 -30.98 -22.03
N VAL C 346 -45.82 -30.54 -21.57
CA VAL C 346 -44.92 -31.44 -20.86
C VAL C 346 -44.41 -30.80 -19.58
N GLY C 347 -44.61 -29.49 -19.43
CA GLY C 347 -44.11 -28.80 -18.26
C GLY C 347 -44.68 -27.40 -18.15
N ILE C 348 -44.55 -26.84 -16.94
CA ILE C 348 -45.04 -25.52 -16.62
C ILE C 348 -43.94 -24.74 -15.91
N TYR C 349 -43.75 -23.49 -16.32
CA TYR C 349 -42.79 -22.60 -15.67
C TYR C 349 -43.55 -21.62 -14.77
N ASN C 350 -43.17 -21.55 -13.51
CA ASN C 350 -43.85 -20.72 -12.53
C ASN C 350 -43.21 -19.36 -12.36
N GLY C 351 -42.17 -19.03 -13.12
CA GLY C 351 -41.50 -17.77 -12.99
C GLY C 351 -40.45 -17.71 -11.90
N THR C 352 -40.28 -18.78 -11.13
CA THR C 352 -39.28 -18.87 -10.08
C THR C 352 -38.32 -20.00 -10.39
N HIS C 353 -37.46 -20.32 -9.43
CA HIS C 353 -36.46 -21.38 -9.59
C HIS C 353 -37.11 -22.76 -9.45
N VAL C 354 -38.07 -23.02 -10.33
CA VAL C 354 -38.79 -24.29 -10.35
C VAL C 354 -39.32 -24.52 -11.76
N ILE C 355 -39.42 -25.79 -12.14
CA ILE C 355 -39.84 -26.16 -13.49
C ILE C 355 -40.37 -27.60 -13.45
N PRO C 356 -41.58 -27.82 -12.95
CA PRO C 356 -42.11 -29.18 -12.88
C PRO C 356 -42.35 -29.79 -14.25
N ASN C 357 -42.20 -31.10 -14.33
CA ASN C 357 -42.50 -31.88 -15.52
C ASN C 357 -43.55 -32.93 -15.18
N ASP C 358 -44.49 -33.13 -16.09
CA ASP C 358 -45.65 -33.99 -15.82
C ASP C 358 -45.68 -35.23 -16.71
N ARG C 359 -45.65 -35.06 -18.03
CA ARG C 359 -45.87 -36.14 -18.98
C ARG C 359 -44.56 -36.57 -19.61
N LYS C 360 -44.61 -37.65 -20.38
CA LYS C 360 -43.45 -38.15 -21.09
C LYS C 360 -43.04 -37.17 -22.18
N ILE C 361 -41.74 -37.12 -22.46
CA ILE C 361 -41.16 -36.18 -23.41
C ILE C 361 -40.34 -36.93 -24.44
N ILE C 362 -40.48 -36.55 -25.71
CA ILE C 362 -39.75 -37.17 -26.79
C ILE C 362 -38.66 -36.20 -27.27
N TRP C 363 -37.80 -36.70 -28.14
CA TRP C 363 -36.67 -35.96 -28.68
C TRP C 363 -36.57 -36.24 -30.17
N PRO C 364 -35.92 -35.36 -30.92
CA PRO C 364 -35.85 -35.56 -32.38
C PRO C 364 -35.22 -36.89 -32.74
N GLY C 365 -35.75 -37.51 -33.79
CA GLY C 365 -35.33 -38.83 -34.21
C GLY C 365 -36.11 -39.97 -33.61
N GLY C 366 -37.00 -39.69 -32.65
CA GLY C 366 -37.85 -40.71 -32.07
C GLY C 366 -37.31 -41.40 -30.83
N GLU C 367 -36.06 -41.13 -30.45
CA GLU C 367 -35.50 -41.80 -29.28
C GLU C 367 -36.13 -41.24 -28.00
N THR C 368 -36.48 -42.13 -27.09
CA THR C 368 -37.08 -41.69 -25.82
C THR C 368 -36.03 -41.09 -24.90
N GLU C 369 -34.86 -41.72 -24.80
CA GLU C 369 -33.78 -41.18 -23.98
C GLU C 369 -33.21 -39.91 -24.61
N LYS C 370 -32.96 -38.91 -23.77
CA LYS C 370 -32.46 -37.64 -24.28
C LYS C 370 -31.05 -37.82 -24.83
N PRO C 371 -30.70 -37.11 -25.90
CA PRO C 371 -29.33 -37.18 -26.42
C PRO C 371 -28.37 -36.42 -25.52
N ARG C 372 -27.08 -36.71 -25.71
CA ARG C 372 -26.04 -36.12 -24.90
C ARG C 372 -25.92 -34.63 -25.20
N GLY C 373 -25.20 -33.93 -24.31
CA GLY C 373 -25.06 -32.49 -24.46
C GLY C 373 -24.25 -32.10 -25.68
N TYR C 374 -23.14 -32.78 -25.92
CA TYR C 374 -22.23 -32.37 -26.99
C TYR C 374 -21.47 -33.58 -27.51
N GLN C 375 -20.89 -33.41 -28.70
CA GLN C 375 -20.10 -34.43 -29.37
C GLN C 375 -18.62 -34.21 -29.11
N MET C 376 -17.84 -35.28 -29.27
CA MET C 376 -16.40 -35.23 -29.11
C MET C 376 -15.72 -35.52 -30.44
N SER C 377 -14.68 -34.74 -30.74
CA SER C 377 -13.93 -34.87 -31.98
C SER C 377 -12.57 -35.47 -31.69
N THR C 378 -12.17 -36.45 -32.50
CA THR C 378 -10.89 -37.13 -32.34
C THR C 378 -9.93 -36.83 -33.48
N ARG C 379 -10.00 -35.61 -34.03
CA ARG C 379 -9.12 -35.16 -35.10
C ARG C 379 -8.78 -33.70 -34.80
N LEU C 380 -7.68 -33.49 -34.10
CA LEU C 380 -7.31 -32.17 -33.60
C LEU C 380 -6.02 -31.70 -34.25
N LYS C 381 -5.91 -30.39 -34.44
CA LYS C 381 -4.78 -29.78 -35.12
C LYS C 381 -3.75 -29.27 -34.13
N ILE C 382 -2.51 -29.12 -34.61
CA ILE C 382 -1.37 -28.71 -33.80
C ILE C 382 -0.61 -27.61 -34.51
N VAL C 383 -0.17 -26.61 -33.76
CA VAL C 383 0.66 -25.53 -34.25
C VAL C 383 2.08 -25.71 -33.69
N THR C 384 3.06 -25.73 -34.58
CA THR C 384 4.45 -25.98 -34.21
C THR C 384 5.32 -24.86 -34.76
N ILE C 385 6.32 -24.47 -33.98
CA ILE C 385 7.27 -23.43 -34.38
C ILE C 385 8.62 -24.09 -34.65
N HIS C 386 9.53 -23.33 -35.26
CA HIS C 386 10.84 -23.82 -35.66
C HIS C 386 11.88 -23.43 -34.61
N GLN C 387 12.24 -24.39 -33.76
CA GLN C 387 13.37 -24.25 -32.84
C GLN C 387 14.29 -25.43 -33.06
N GLU C 388 15.57 -25.14 -33.30
CA GLU C 388 16.46 -26.15 -33.87
C GLU C 388 16.61 -27.40 -33.00
N PRO C 389 16.97 -27.32 -31.71
CA PRO C 389 17.12 -28.56 -30.94
C PRO C 389 15.81 -29.27 -30.68
N PHE C 390 14.68 -28.58 -30.80
CA PHE C 390 13.36 -29.14 -30.49
C PHE C 390 12.53 -29.45 -31.71
N VAL C 391 12.53 -28.58 -32.73
CA VAL C 391 11.78 -28.84 -33.96
C VAL C 391 12.62 -28.48 -35.18
N TYR C 392 13.16 -29.50 -35.85
CA TYR C 392 13.85 -29.27 -37.10
C TYR C 392 12.83 -29.20 -38.24
N VAL C 393 13.13 -28.39 -39.24
CA VAL C 393 12.29 -28.29 -40.43
C VAL C 393 13.21 -28.40 -41.65
N LYS C 394 12.93 -29.39 -42.50
CA LYS C 394 13.70 -29.60 -43.71
C LYS C 394 12.77 -29.84 -44.89
N PRO C 395 13.17 -29.44 -46.09
CA PRO C 395 12.31 -29.64 -47.25
C PRO C 395 12.16 -31.12 -47.58
N THR C 396 11.00 -31.44 -48.16
CA THR C 396 10.68 -32.81 -48.53
C THR C 396 11.24 -33.13 -49.91
N LEU C 397 11.24 -34.42 -50.24
CA LEU C 397 11.78 -34.88 -51.51
C LEU C 397 10.81 -34.57 -52.64
N SER C 398 11.20 -34.96 -53.86
CA SER C 398 10.36 -34.72 -55.03
C SER C 398 9.05 -35.48 -54.95
N ASP C 399 9.10 -36.74 -54.51
CA ASP C 399 7.90 -37.57 -54.45
C ASP C 399 6.93 -37.14 -53.35
N GLY C 400 7.35 -36.27 -52.43
CA GLY C 400 6.51 -35.81 -51.36
C GLY C 400 6.80 -36.43 -50.00
N THR C 401 7.69 -37.43 -49.95
CA THR C 401 8.11 -38.04 -48.69
C THR C 401 9.62 -37.82 -48.54
N CYS C 402 10.02 -37.23 -47.42
CA CYS C 402 11.41 -36.80 -47.30
C CYS C 402 12.31 -37.96 -46.89
N LYS C 403 13.61 -37.74 -47.05
CA LYS C 403 14.59 -38.82 -47.05
C LYS C 403 14.69 -39.49 -45.69
N GLU C 404 14.92 -40.80 -45.70
CA GLU C 404 14.93 -41.60 -44.48
C GLU C 404 16.32 -41.59 -43.85
N GLU C 405 16.38 -41.25 -42.55
CA GLU C 405 17.63 -41.13 -41.83
C GLU C 405 17.74 -42.21 -40.77
N PHE C 406 18.98 -42.57 -40.44
CA PHE C 406 19.27 -43.62 -39.45
C PHE C 406 20.44 -43.14 -38.61
N THR C 407 20.13 -42.52 -37.47
CA THR C 407 21.18 -42.04 -36.58
C THR C 407 21.78 -43.21 -35.81
N VAL C 408 23.10 -43.38 -35.90
CA VAL C 408 23.87 -44.51 -35.36
C VAL C 408 23.02 -45.78 -35.45
N ASN C 409 22.64 -46.37 -34.32
CA ASN C 409 21.63 -47.42 -34.37
C ASN C 409 20.24 -46.80 -34.42
N GLY C 410 19.85 -46.08 -33.36
CA GLY C 410 18.77 -45.13 -33.44
C GLY C 410 17.37 -45.69 -33.58
N ASP C 411 17.21 -46.65 -34.50
CA ASP C 411 15.94 -47.09 -35.08
C ASP C 411 15.54 -46.02 -36.10
N PRO C 412 14.55 -46.26 -36.96
CA PRO C 412 14.17 -45.24 -37.94
C PRO C 412 13.78 -43.93 -37.27
N VAL C 413 14.23 -42.82 -37.87
CA VAL C 413 13.85 -41.51 -37.36
C VAL C 413 12.40 -41.22 -37.68
N LYS C 414 11.70 -40.65 -36.70
CA LYS C 414 10.27 -40.37 -36.81
C LYS C 414 10.07 -38.98 -37.39
N LYS C 415 9.37 -38.90 -38.51
CA LYS C 415 9.14 -37.64 -39.21
C LYS C 415 7.67 -37.51 -39.56
N VAL C 416 7.12 -36.31 -39.36
CA VAL C 416 5.73 -36.00 -39.69
C VAL C 416 5.76 -34.90 -40.75
N ILE C 417 4.74 -34.89 -41.61
CA ILE C 417 4.68 -33.94 -42.72
C ILE C 417 4.05 -32.63 -42.27
N CYS C 418 4.88 -31.62 -42.03
CA CYS C 418 4.38 -30.29 -41.70
C CYS C 418 3.96 -29.57 -42.96
N THR C 419 2.86 -28.82 -42.87
CA THR C 419 2.32 -28.05 -43.99
C THR C 419 2.30 -26.58 -43.59
N GLY C 420 3.30 -25.84 -44.05
CA GLY C 420 3.41 -24.43 -43.71
C GLY C 420 4.31 -23.68 -44.67
N PRO C 421 4.39 -22.35 -44.49
CA PRO C 421 5.17 -21.49 -45.38
C PRO C 421 6.67 -21.73 -45.27
N HIS C 431 3.90 -19.10 -50.64
CA HIS C 431 2.65 -19.44 -49.97
C HIS C 431 2.83 -20.62 -49.02
N THR C 432 2.05 -21.69 -49.22
CA THR C 432 2.09 -22.86 -48.35
C THR C 432 2.53 -24.07 -49.18
N VAL C 433 3.58 -24.73 -48.72
CA VAL C 433 4.08 -25.96 -49.34
C VAL C 433 4.40 -26.97 -48.25
N PRO C 434 4.20 -28.26 -48.48
CA PRO C 434 4.49 -29.25 -47.43
C PRO C 434 5.98 -29.42 -47.18
N GLN C 435 6.30 -29.81 -45.95
CA GLN C 435 7.67 -30.07 -45.53
C GLN C 435 7.65 -31.29 -44.62
N CYS C 436 8.76 -31.58 -43.95
CA CYS C 436 8.77 -32.62 -42.94
C CYS C 436 9.62 -32.19 -41.75
N CYS C 437 9.18 -32.57 -40.56
CA CYS C 437 9.77 -32.10 -39.31
C CYS C 437 10.25 -33.28 -38.47
N TYR C 438 11.44 -33.13 -37.89
CA TYR C 438 12.08 -34.22 -37.15
C TYR C 438 11.67 -34.20 -35.68
N GLY C 439 12.05 -33.14 -34.97
CA GLY C 439 11.53 -32.87 -33.65
C GLY C 439 12.12 -33.61 -32.47
N PHE C 440 12.30 -32.87 -31.37
CA PHE C 440 12.39 -33.41 -30.02
C PHE C 440 11.01 -33.60 -29.40
N CYS C 441 10.20 -32.55 -29.43
CA CYS C 441 8.83 -32.61 -28.92
C CYS C 441 7.87 -33.26 -29.91
N ILE C 442 8.28 -33.44 -31.16
CA ILE C 442 7.48 -34.23 -32.09
C ILE C 442 7.58 -35.71 -31.74
N ASP C 443 8.77 -36.18 -31.33
CA ASP C 443 8.88 -37.51 -30.76
C ASP C 443 8.06 -37.65 -29.49
N LEU C 444 7.70 -36.54 -28.86
CA LEU C 444 6.78 -36.53 -27.72
C LEU C 444 5.33 -36.47 -28.18
N LEU C 445 5.05 -35.82 -29.31
CA LEU C 445 3.71 -35.83 -29.87
C LEU C 445 3.27 -37.22 -30.26
N ILE C 446 4.14 -37.99 -30.92
CA ILE C 446 3.78 -39.33 -31.36
C ILE C 446 3.52 -40.24 -30.16
N LYS C 447 4.13 -39.93 -29.02
CA LYS C 447 3.86 -40.72 -27.81
C LYS C 447 2.48 -40.42 -27.25
N LEU C 448 2.11 -39.14 -27.20
CA LEU C 448 0.77 -38.78 -26.74
C LEU C 448 -0.31 -39.27 -27.69
N ALA C 449 0.02 -39.40 -28.97
CA ALA C 449 -0.98 -39.80 -29.96
C ALA C 449 -1.47 -41.22 -29.70
N ARG C 450 -0.57 -42.14 -29.38
CA ARG C 450 -0.99 -43.52 -29.18
C ARG C 450 -1.66 -43.76 -27.83
N THR C 451 -1.40 -42.90 -26.84
CA THR C 451 -1.96 -43.12 -25.51
C THR C 451 -3.45 -42.84 -25.47
N MET C 452 -3.88 -41.73 -26.05
CA MET C 452 -5.30 -41.38 -26.10
C MET C 452 -5.90 -41.59 -27.49
N ASN C 453 -5.18 -42.25 -28.38
CA ASN C 453 -5.63 -42.63 -29.74
C ASN C 453 -6.45 -41.52 -30.40
N PHE C 454 -5.80 -40.37 -30.58
CA PHE C 454 -6.36 -39.28 -31.36
C PHE C 454 -5.44 -38.97 -32.51
N THR C 455 -6.01 -38.87 -33.71
CA THR C 455 -5.24 -38.54 -34.90
C THR C 455 -4.98 -37.03 -34.95
N TYR C 456 -4.03 -36.64 -35.80
CA TYR C 456 -3.52 -35.28 -35.76
C TYR C 456 -3.04 -34.85 -37.14
N GLU C 457 -2.96 -33.53 -37.34
CA GLU C 457 -2.31 -32.94 -38.49
C GLU C 457 -1.52 -31.72 -38.00
N VAL C 458 -0.31 -31.56 -38.51
CA VAL C 458 0.64 -30.57 -38.01
C VAL C 458 0.89 -29.53 -39.08
N HIS C 459 0.73 -28.25 -38.74
CA HIS C 459 1.03 -27.15 -39.63
C HIS C 459 1.82 -26.09 -38.88
N LEU C 460 2.75 -25.47 -39.58
CA LEU C 460 3.64 -24.49 -38.95
C LEU C 460 2.89 -23.20 -38.64
N VAL C 461 3.52 -22.36 -37.83
CA VAL C 461 2.93 -21.08 -37.46
C VAL C 461 2.85 -20.18 -38.68
N ALA C 462 1.78 -19.38 -38.76
CA ALA C 462 1.56 -18.55 -39.94
C ALA C 462 2.63 -17.48 -40.10
N ASP C 463 3.00 -16.82 -39.00
CA ASP C 463 3.95 -15.71 -39.05
C ASP C 463 5.25 -15.99 -38.32
N GLY C 464 5.39 -17.13 -37.66
CA GLY C 464 6.64 -17.48 -37.03
C GLY C 464 6.92 -16.79 -35.72
N LYS C 465 5.92 -16.17 -35.10
CA LYS C 465 6.08 -15.50 -33.82
C LYS C 465 5.53 -16.38 -32.70
N PHE C 466 6.06 -16.19 -31.50
CA PHE C 466 5.61 -16.98 -30.36
C PHE C 466 4.27 -16.48 -29.84
N GLY C 467 4.20 -15.23 -29.38
CA GLY C 467 2.95 -14.68 -28.94
C GLY C 467 3.05 -13.66 -27.82
N THR C 468 2.28 -12.59 -27.90
CA THR C 468 2.25 -11.54 -26.89
C THR C 468 0.96 -10.75 -27.06
N GLN C 469 0.83 -9.66 -26.31
CA GLN C 469 -0.34 -8.81 -26.36
C GLN C 469 -0.05 -7.60 -27.25
N GLU C 470 -0.87 -7.42 -28.28
CA GLU C 470 -0.68 -6.34 -29.23
C GLU C 470 -1.47 -5.10 -28.80
N ARG C 471 -1.00 -3.94 -29.26
CA ARG C 471 -1.65 -2.65 -28.98
C ARG C 471 -1.75 -2.37 -27.49
N LYS C 478 -4.49 -5.62 -26.95
CA LYS C 478 -5.92 -5.87 -27.11
C LYS C 478 -6.18 -7.20 -27.80
N GLU C 479 -5.16 -7.71 -28.50
CA GLU C 479 -5.28 -8.98 -29.19
C GLU C 479 -3.93 -9.69 -29.18
N TRP C 480 -3.97 -11.00 -29.35
CA TRP C 480 -2.78 -11.84 -29.34
C TRP C 480 -2.30 -12.11 -30.76
N ASN C 481 -1.03 -12.47 -30.87
CA ASN C 481 -0.38 -12.74 -32.16
C ASN C 481 0.40 -14.04 -32.05
N GLY C 482 0.97 -14.46 -33.18
CA GLY C 482 1.79 -15.66 -33.19
C GLY C 482 0.98 -16.91 -32.92
N MET C 483 1.58 -17.84 -32.17
CA MET C 483 0.91 -19.11 -31.88
C MET C 483 -0.34 -18.90 -31.05
N MET C 484 -0.30 -17.97 -30.09
CA MET C 484 -1.49 -17.69 -29.28
C MET C 484 -2.63 -17.15 -30.12
N GLY C 485 -2.32 -16.48 -31.23
CA GLY C 485 -3.37 -16.00 -32.10
C GLY C 485 -4.10 -17.08 -32.86
N GLU C 486 -3.66 -18.34 -32.74
CA GLU C 486 -4.29 -19.45 -33.43
C GLU C 486 -4.98 -20.44 -32.49
N LEU C 487 -4.70 -20.40 -31.19
CA LEU C 487 -5.48 -21.18 -30.25
C LEU C 487 -6.84 -20.54 -30.01
N LEU C 488 -6.86 -19.27 -29.63
CA LEU C 488 -8.10 -18.60 -29.27
C LEU C 488 -9.05 -18.52 -30.46
N SER C 489 -8.51 -18.22 -31.64
CA SER C 489 -9.36 -18.09 -32.83
C SER C 489 -10.05 -19.40 -33.18
N GLY C 490 -9.31 -20.51 -33.16
CA GLY C 490 -9.88 -21.80 -33.45
C GLY C 490 -9.14 -22.60 -34.50
N GLN C 491 -7.99 -22.08 -34.95
CA GLN C 491 -7.21 -22.74 -35.98
C GLN C 491 -6.30 -23.85 -35.44
N ALA C 492 -6.30 -24.07 -34.12
CA ALA C 492 -5.52 -25.15 -33.55
C ALA C 492 -6.13 -25.54 -32.21
N ASP C 493 -5.91 -26.79 -31.81
CA ASP C 493 -6.41 -27.31 -30.55
C ASP C 493 -5.30 -27.66 -29.58
N MET C 494 -4.04 -27.49 -29.97
CA MET C 494 -2.91 -27.80 -29.12
C MET C 494 -1.71 -27.03 -29.63
N ILE C 495 -0.72 -26.84 -28.76
CA ILE C 495 0.53 -26.18 -29.10
C ILE C 495 1.66 -27.10 -28.67
N VAL C 496 2.34 -27.71 -29.63
CA VAL C 496 3.49 -28.54 -29.33
C VAL C 496 4.74 -27.80 -29.79
N ALA C 497 5.31 -27.02 -28.88
CA ALA C 497 6.51 -26.22 -29.13
C ALA C 497 7.01 -25.71 -27.79
N PRO C 498 8.30 -25.36 -27.70
CA PRO C 498 8.80 -24.80 -26.44
C PRO C 498 8.16 -23.44 -26.15
N LEU C 499 7.30 -23.40 -25.14
CA LEU C 499 6.50 -22.21 -24.86
C LEU C 499 6.45 -22.05 -23.34
N THR C 500 7.11 -21.01 -22.82
CA THR C 500 7.26 -20.86 -21.39
C THR C 500 5.93 -20.55 -20.72
N ILE C 501 5.92 -20.69 -19.39
CA ILE C 501 4.73 -20.47 -18.58
C ILE C 501 4.91 -19.19 -17.79
N ASN C 502 3.91 -18.30 -17.87
CA ASN C 502 3.96 -17.05 -17.13
C ASN C 502 2.52 -16.57 -16.89
N ASN C 503 2.41 -15.53 -16.06
CA ASN C 503 1.10 -15.11 -15.57
C ASN C 503 0.19 -14.62 -16.70
N GLU C 504 0.74 -13.84 -17.63
CA GLU C 504 -0.10 -13.22 -18.66
C GLU C 504 -0.75 -14.28 -19.54
N ARG C 505 0.00 -15.30 -19.95
CA ARG C 505 -0.56 -16.34 -20.79
C ARG C 505 -1.54 -17.23 -20.02
N ALA C 506 -1.29 -17.44 -18.74
CA ALA C 506 -2.07 -18.40 -17.96
C ALA C 506 -3.52 -17.96 -17.73
N GLN C 507 -3.84 -16.69 -17.96
CA GLN C 507 -5.20 -16.20 -17.79
C GLN C 507 -6.08 -16.42 -19.01
N TYR C 508 -5.52 -16.96 -20.10
CA TYR C 508 -6.28 -17.19 -21.32
C TYR C 508 -6.23 -18.63 -21.83
N ILE C 509 -5.23 -19.42 -21.44
CA ILE C 509 -5.09 -20.79 -21.88
C ILE C 509 -4.74 -21.66 -20.67
N GLU C 510 -4.55 -22.95 -20.92
CA GLU C 510 -4.16 -23.91 -19.90
C GLU C 510 -2.85 -24.57 -20.33
N PHE C 511 -2.04 -24.95 -19.34
CA PHE C 511 -0.63 -25.19 -19.59
C PHE C 511 -0.12 -26.59 -19.26
N SER C 512 -0.83 -27.36 -18.43
CA SER C 512 -0.37 -28.66 -17.99
C SER C 512 0.96 -28.56 -17.26
N LYS C 513 1.70 -29.65 -17.18
CA LYS C 513 2.97 -29.66 -16.48
C LYS C 513 4.13 -29.61 -17.47
N PRO C 514 5.24 -29.00 -17.09
CA PRO C 514 6.32 -28.77 -18.06
C PRO C 514 6.97 -30.04 -18.56
N PHE C 515 7.40 -30.00 -19.82
CA PHE C 515 8.29 -31.04 -20.34
C PHE C 515 9.55 -31.11 -19.50
N LYS C 516 10.33 -30.03 -19.54
CA LYS C 516 11.62 -29.92 -18.92
C LYS C 516 11.72 -28.58 -18.22
N TYR C 517 12.55 -28.52 -17.18
CA TYR C 517 12.71 -27.34 -16.37
C TYR C 517 14.00 -26.63 -16.79
N GLN C 518 13.92 -25.32 -16.99
CA GLN C 518 15.04 -24.57 -17.52
C GLN C 518 14.94 -23.12 -17.06
N GLY C 519 15.77 -22.26 -17.63
CA GLY C 519 15.77 -20.84 -17.31
C GLY C 519 16.08 -20.00 -18.53
N LEU C 520 17.01 -19.05 -18.39
CA LEU C 520 17.43 -18.23 -19.51
C LEU C 520 18.71 -17.51 -19.14
N THR C 521 19.59 -17.33 -20.13
CA THR C 521 20.93 -16.81 -19.89
C THR C 521 21.30 -15.87 -21.04
N ILE C 522 22.58 -15.54 -21.12
CA ILE C 522 23.10 -14.61 -22.12
C ILE C 522 24.25 -15.27 -22.86
N LEU C 523 24.23 -15.18 -24.19
CA LEU C 523 25.27 -15.76 -25.03
C LEU C 523 26.11 -14.65 -25.65
N VAL C 524 27.44 -14.81 -25.58
CA VAL C 524 28.39 -13.83 -26.07
C VAL C 524 29.50 -14.56 -26.82
N LYS C 525 30.40 -13.79 -27.42
CA LYS C 525 31.53 -14.37 -28.13
C LYS C 525 32.48 -15.09 -27.17
N LYS C 526 33.18 -16.09 -27.71
CA LYS C 526 34.20 -16.80 -26.96
C LYS C 526 35.53 -16.65 -27.67
N GLU C 527 35.85 -15.43 -28.09
CA GLU C 527 37.12 -15.16 -28.77
C GLU C 527 38.24 -15.25 -27.75
N ILE C 528 38.92 -16.40 -27.73
CA ILE C 528 40.01 -16.64 -26.78
C ILE C 528 41.25 -17.06 -27.54
N PRO C 529 42.11 -16.11 -27.94
CA PRO C 529 43.35 -16.41 -28.67
C PRO C 529 44.30 -17.31 -27.88
N SER C 535 51.53 -13.84 -27.66
CA SER C 535 52.94 -13.63 -27.96
C SER C 535 53.81 -14.70 -27.30
N PHE C 536 54.93 -15.02 -27.93
CA PHE C 536 55.82 -16.04 -27.41
C PHE C 536 56.63 -15.51 -26.23
N MET C 537 57.43 -14.47 -26.45
CA MET C 537 58.21 -13.81 -25.40
C MET C 537 58.00 -12.31 -25.55
N GLN C 538 56.96 -11.80 -24.89
CA GLN C 538 56.65 -10.37 -24.97
C GLN C 538 57.75 -9.48 -24.39
N PRO C 539 58.27 -9.73 -23.18
CA PRO C 539 59.23 -8.78 -22.60
C PRO C 539 60.62 -8.86 -23.20
N PHE C 540 60.88 -9.79 -24.12
CA PHE C 540 62.22 -9.95 -24.67
C PHE C 540 62.55 -8.83 -25.65
N GLN C 541 62.66 -7.60 -25.16
CA GLN C 541 62.95 -6.45 -25.98
C GLN C 541 63.37 -5.29 -25.08
N SER C 542 63.73 -4.18 -25.70
CA SER C 542 64.10 -2.93 -25.02
C SER C 542 65.32 -3.21 -24.15
N THR C 543 65.34 -2.80 -22.87
CA THR C 543 66.52 -2.99 -22.05
C THR C 543 66.75 -4.45 -21.69
N LEU C 544 65.72 -5.29 -21.72
CA LEU C 544 65.90 -6.69 -21.41
C LEU C 544 66.79 -7.37 -22.44
N TRP C 545 66.58 -7.07 -23.72
CA TRP C 545 67.46 -7.59 -24.76
C TRP C 545 68.77 -6.83 -24.81
N LEU C 546 68.74 -5.52 -24.55
CA LEU C 546 69.95 -4.72 -24.59
C LEU C 546 70.97 -5.17 -23.54
N LEU C 547 70.49 -5.48 -22.33
CA LEU C 547 71.38 -5.94 -21.28
C LEU C 547 72.03 -7.28 -21.60
N VAL C 548 71.44 -8.07 -22.49
CA VAL C 548 72.02 -9.36 -22.86
C VAL C 548 73.31 -9.15 -23.64
N GLY C 549 73.30 -8.26 -24.63
CA GLY C 549 74.49 -8.01 -25.42
C GLY C 549 75.60 -7.36 -24.63
N LEU C 550 75.25 -6.44 -23.73
CA LEU C 550 76.26 -5.72 -22.96
C LEU C 550 77.06 -6.66 -22.06
N SER C 551 76.38 -7.62 -21.42
CA SER C 551 77.06 -8.51 -20.50
C SER C 551 78.09 -9.38 -21.20
N VAL C 552 77.75 -9.92 -22.37
CA VAL C 552 78.68 -10.77 -23.10
C VAL C 552 79.84 -9.96 -23.65
N HIS C 553 79.54 -8.79 -24.24
CA HIS C 553 80.60 -7.97 -24.84
C HIS C 553 81.59 -7.49 -23.78
N VAL C 554 81.09 -7.06 -22.62
CA VAL C 554 81.97 -6.58 -21.56
C VAL C 554 82.88 -7.69 -21.07
N VAL C 555 82.31 -8.88 -20.85
CA VAL C 555 83.11 -10.01 -20.37
C VAL C 555 83.96 -10.62 -21.48
N ALA C 556 83.67 -10.32 -22.75
CA ALA C 556 84.45 -10.88 -23.85
C ALA C 556 85.89 -10.38 -23.81
N VAL C 557 86.09 -9.11 -23.45
CA VAL C 557 87.42 -8.52 -23.40
C VAL C 557 87.75 -8.12 -21.96
N MET C 558 87.22 -8.87 -21.00
CA MET C 558 87.44 -8.55 -19.59
C MET C 558 88.92 -8.66 -19.23
N LEU C 559 89.59 -9.69 -19.71
CA LEU C 559 91.01 -9.89 -19.42
C LEU C 559 91.87 -9.02 -20.34
N LEU C 585 94.74 -17.98 -25.48
CA LEU C 585 94.06 -16.82 -24.90
C LEU C 585 92.63 -16.71 -25.42
N SER C 586 92.42 -17.18 -26.65
CA SER C 586 91.10 -17.11 -27.27
C SER C 586 90.17 -18.21 -26.81
N SER C 587 90.67 -19.19 -26.04
CA SER C 587 89.80 -20.27 -25.57
C SER C 587 88.70 -19.73 -24.66
N ALA C 588 89.03 -18.77 -23.80
CA ALA C 588 88.03 -18.17 -22.92
C ALA C 588 87.11 -17.19 -23.65
N MET C 589 87.45 -16.81 -24.88
CA MET C 589 86.60 -15.88 -25.62
C MET C 589 85.23 -16.48 -25.89
N TRP C 590 85.17 -17.74 -26.33
CA TRP C 590 83.90 -18.41 -26.52
C TRP C 590 83.31 -18.95 -25.22
N PHE C 591 84.06 -18.90 -24.12
CA PHE C 591 83.58 -19.49 -22.87
C PHE C 591 82.37 -18.74 -22.34
N SER C 592 82.37 -17.40 -22.45
CA SER C 592 81.26 -16.61 -21.90
C SER C 592 79.95 -16.96 -22.58
N TRP C 593 79.97 -17.12 -23.92
CA TRP C 593 78.75 -17.48 -24.62
C TRP C 593 78.28 -18.87 -24.23
N GLY C 594 79.18 -19.84 -24.17
CA GLY C 594 78.80 -21.19 -23.84
C GLY C 594 78.33 -21.35 -22.41
N VAL C 595 79.00 -20.68 -21.48
CA VAL C 595 78.64 -20.80 -20.07
C VAL C 595 77.27 -20.17 -19.78
N LEU C 596 76.80 -19.28 -20.65
CA LEU C 596 75.47 -18.71 -20.48
C LEU C 596 74.39 -19.79 -20.58
N LEU C 597 74.54 -20.70 -21.53
CA LEU C 597 73.62 -21.82 -21.73
C LEU C 597 74.38 -23.10 -21.40
N ASN C 598 74.30 -23.52 -20.13
CA ASN C 598 75.01 -24.70 -19.64
C ASN C 598 76.51 -24.59 -19.94
N SER C 599 77.03 -25.54 -20.72
CA SER C 599 78.44 -25.52 -21.08
C SER C 599 78.63 -26.39 -22.31
N GLY C 600 79.80 -26.24 -22.93
CA GLY C 600 80.14 -27.01 -24.12
C GLY C 600 81.12 -28.13 -23.84
N ARG C 607 91.95 -20.72 -16.56
CA ARG C 607 92.09 -20.15 -15.22
C ARG C 607 93.21 -19.11 -15.18
N SER C 608 92.95 -18.00 -14.50
CA SER C 608 93.92 -16.92 -14.37
C SER C 608 93.95 -16.39 -12.94
N PHE C 609 93.95 -17.31 -11.97
CA PHE C 609 94.01 -16.97 -10.55
C PHE C 609 92.87 -16.05 -10.15
N SER C 610 93.13 -14.73 -10.13
CA SER C 610 92.09 -13.78 -9.75
C SER C 610 90.91 -13.83 -10.71
N ALA C 611 91.18 -13.94 -12.01
CA ALA C 611 90.10 -14.05 -12.99
C ALA C 611 89.38 -15.39 -12.86
N ARG C 612 90.11 -16.46 -12.48
CA ARG C 612 89.46 -17.75 -12.28
C ARG C 612 88.44 -17.68 -11.15
N ILE C 613 88.80 -17.02 -10.05
CA ILE C 613 87.82 -16.76 -9.00
C ILE C 613 86.77 -15.78 -9.48
N LEU C 614 87.18 -14.78 -10.27
CA LEU C 614 86.22 -13.84 -10.84
C LEU C 614 85.26 -14.55 -11.79
N GLY C 615 85.77 -15.46 -12.61
CA GLY C 615 84.89 -16.26 -13.45
C GLY C 615 83.99 -17.17 -12.63
N MET C 616 84.55 -17.78 -11.58
CA MET C 616 83.78 -18.70 -10.75
C MET C 616 82.63 -17.98 -10.06
N VAL C 617 82.90 -16.80 -9.49
CA VAL C 617 81.83 -16.03 -8.87
C VAL C 617 80.87 -15.50 -9.92
N TRP C 618 81.37 -15.19 -11.13
CA TRP C 618 80.48 -14.76 -12.20
C TRP C 618 79.76 -15.92 -12.84
N ALA C 619 80.25 -17.15 -12.67
CA ALA C 619 79.56 -18.32 -13.19
C ALA C 619 78.18 -18.46 -12.56
N GLY C 620 78.08 -18.25 -11.25
CA GLY C 620 76.78 -18.23 -10.60
C GLY C 620 75.97 -17.00 -10.91
N PHE C 621 76.62 -15.92 -11.36
CA PHE C 621 75.90 -14.71 -11.75
C PHE C 621 75.04 -14.95 -12.99
N ALA C 622 75.50 -15.79 -13.91
CA ALA C 622 74.70 -16.10 -15.08
C ALA C 622 73.47 -16.92 -14.70
N MET C 623 73.52 -17.66 -13.60
CA MET C 623 72.39 -18.50 -13.21
C MET C 623 71.24 -17.67 -12.65
N ILE C 624 71.54 -16.69 -11.81
CA ILE C 624 70.48 -15.91 -11.18
C ILE C 624 69.76 -15.05 -12.20
N ILE C 625 70.50 -14.48 -13.16
CA ILE C 625 69.87 -13.58 -14.14
C ILE C 625 68.95 -14.37 -15.06
N VAL C 626 69.32 -15.59 -15.43
CA VAL C 626 68.46 -16.40 -16.29
C VAL C 626 67.35 -17.06 -15.51
N ALA C 627 67.51 -17.23 -14.19
CA ALA C 627 66.45 -17.83 -13.38
C ALA C 627 65.19 -16.96 -13.39
N SER C 628 65.37 -15.64 -13.30
CA SER C 628 64.22 -14.74 -13.38
C SER C 628 63.55 -14.84 -14.74
N TYR C 629 64.33 -15.01 -15.80
CA TYR C 629 63.76 -15.15 -17.14
C TYR C 629 62.83 -16.35 -17.21
N THR C 630 63.23 -17.47 -16.59
CA THR C 630 62.39 -18.67 -16.61
C THR C 630 61.04 -18.40 -15.97
N ALA C 631 61.02 -17.70 -14.84
CA ALA C 631 59.76 -17.34 -14.20
C ALA C 631 59.14 -16.08 -14.78
N ASN C 632 59.88 -15.32 -15.59
CA ASN C 632 59.33 -14.10 -16.18
C ASN C 632 58.15 -14.41 -17.10
N LEU C 633 58.34 -15.35 -18.03
CA LEU C 633 57.23 -15.77 -18.88
C LEU C 633 56.22 -16.58 -18.09
N ALA C 634 56.66 -17.34 -17.08
CA ALA C 634 55.74 -18.04 -16.22
C ALA C 634 54.82 -17.07 -15.48
N ALA C 635 55.40 -15.97 -14.98
CA ALA C 635 54.57 -14.91 -14.40
C ALA C 635 53.71 -14.24 -15.45
N PHE C 636 54.26 -14.05 -16.66
CA PHE C 636 53.50 -13.44 -17.74
C PHE C 636 52.42 -14.34 -18.30
N LEU C 637 52.39 -15.62 -17.91
CA LEU C 637 51.41 -16.56 -18.41
C LEU C 637 50.12 -16.58 -17.61
N VAL C 638 49.99 -15.75 -16.58
CA VAL C 638 48.81 -15.76 -15.71
C VAL C 638 48.12 -14.40 -15.69
N LEU C 639 48.43 -13.52 -16.65
CA LEU C 639 47.74 -12.24 -16.71
C LEU C 639 46.27 -12.41 -17.06
N ASP C 640 45.95 -13.32 -17.98
CA ASP C 640 44.58 -13.62 -18.38
C ASP C 640 43.87 -12.41 -18.99
N ARG C 641 42.61 -12.57 -19.33
CA ARG C 641 41.80 -11.53 -19.95
C ARG C 641 40.44 -11.50 -19.28
N PRO C 642 39.76 -10.35 -19.32
CA PRO C 642 38.40 -10.26 -18.73
C PRO C 642 37.31 -10.90 -19.60
N GLU C 643 37.21 -12.22 -19.49
CA GLU C 643 36.17 -12.95 -20.20
C GLU C 643 34.81 -12.88 -19.53
N GLU C 644 34.75 -12.37 -18.29
CA GLU C 644 33.49 -12.21 -17.55
C GLU C 644 32.79 -10.94 -18.04
N ARG C 645 32.35 -10.99 -19.29
CA ARG C 645 31.77 -9.81 -19.92
C ARG C 645 30.47 -9.39 -19.24
N ILE C 646 29.58 -10.34 -18.96
CA ILE C 646 28.27 -10.04 -18.40
C ILE C 646 27.94 -11.14 -17.40
N THR C 647 27.91 -10.80 -16.11
CA THR C 647 27.54 -11.74 -15.06
C THR C 647 26.10 -11.45 -14.62
N GLY C 648 25.16 -11.86 -15.46
CA GLY C 648 23.75 -11.69 -15.14
C GLY C 648 23.25 -10.28 -15.41
N ILE C 649 21.99 -10.06 -15.05
CA ILE C 649 21.37 -8.76 -15.25
C ILE C 649 22.00 -7.72 -14.35
N ASN C 650 22.28 -8.08 -13.10
CA ASN C 650 22.71 -7.11 -12.09
C ASN C 650 24.06 -6.48 -12.36
N ASP C 651 24.71 -6.80 -13.48
CA ASP C 651 25.95 -6.14 -13.83
C ASP C 651 25.68 -4.67 -14.16
N PRO C 652 26.59 -3.76 -13.79
CA PRO C 652 26.35 -2.33 -14.04
C PRO C 652 26.19 -1.98 -15.51
N ARG C 653 26.77 -2.77 -16.42
CA ARG C 653 26.66 -2.48 -17.84
C ARG C 653 25.22 -2.58 -18.32
N LEU C 654 24.46 -3.55 -17.81
CA LEU C 654 23.07 -3.71 -18.23
C LEU C 654 22.21 -2.56 -17.70
N ARG C 655 22.32 -2.25 -16.41
CA ARG C 655 21.50 -1.20 -15.82
C ARG C 655 21.85 0.17 -16.39
N ASN C 656 23.09 0.36 -16.86
CA ASN C 656 23.53 1.60 -17.49
C ASN C 656 24.08 1.24 -18.86
N PRO C 657 23.21 1.10 -19.85
CA PRO C 657 23.67 0.65 -21.17
C PRO C 657 24.43 1.74 -21.90
N SER C 658 25.55 1.35 -22.52
CA SER C 658 26.38 2.24 -23.31
C SER C 658 26.26 1.88 -24.78
N ASP C 659 26.56 2.85 -25.64
CA ASP C 659 26.44 2.64 -27.08
C ASP C 659 27.40 1.59 -27.61
N LYS C 660 28.50 1.32 -26.90
CA LYS C 660 29.41 0.27 -27.33
C LYS C 660 28.72 -1.09 -27.29
N PHE C 661 27.95 -1.36 -26.24
CA PHE C 661 27.25 -2.63 -26.11
C PHE C 661 25.91 -2.59 -26.83
N ILE C 662 25.61 -3.66 -27.56
CA ILE C 662 24.32 -3.84 -28.21
C ILE C 662 23.68 -5.10 -27.67
N TYR C 663 22.46 -4.96 -27.15
CA TYR C 663 21.73 -6.08 -26.58
C TYR C 663 20.50 -6.38 -27.44
N ALA C 664 20.15 -7.65 -27.52
CA ALA C 664 19.02 -8.04 -28.36
C ALA C 664 18.36 -9.30 -27.80
N THR C 665 17.11 -9.49 -28.18
CA THR C 665 16.34 -10.69 -27.90
C THR C 665 15.54 -11.02 -29.15
N VAL C 666 14.55 -11.87 -29.01
CA VAL C 666 13.64 -12.21 -30.11
C VAL C 666 12.35 -11.42 -29.92
N LYS C 667 11.87 -10.83 -31.00
CA LYS C 667 10.68 -9.98 -30.95
C LYS C 667 9.45 -10.79 -30.56
N GLN C 668 8.62 -10.22 -29.69
CA GLN C 668 7.33 -10.78 -29.31
C GLN C 668 7.49 -12.18 -28.71
N SER C 669 8.17 -12.23 -27.56
CA SER C 669 8.42 -13.48 -26.86
C SER C 669 8.24 -13.25 -25.37
N SER C 670 8.66 -14.23 -24.57
CA SER C 670 8.51 -14.12 -23.13
C SER C 670 9.57 -13.20 -22.53
N VAL C 671 10.79 -13.19 -23.09
CA VAL C 671 11.82 -12.30 -22.61
C VAL C 671 11.42 -10.84 -22.83
N ASP C 672 10.71 -10.56 -23.92
CA ASP C 672 10.16 -9.22 -24.12
C ASP C 672 9.19 -8.86 -23.01
N ILE C 673 8.32 -9.81 -22.62
CA ILE C 673 7.36 -9.56 -21.57
C ILE C 673 8.07 -9.34 -20.23
N TYR C 674 9.11 -10.13 -19.96
CA TYR C 674 9.77 -10.06 -18.66
C TYR C 674 10.39 -8.70 -18.41
N PHE C 675 10.85 -8.01 -19.45
CA PHE C 675 11.47 -6.70 -19.29
C PHE C 675 10.45 -5.56 -19.32
N ARG C 676 9.19 -5.84 -19.62
CA ARG C 676 8.14 -4.84 -19.56
C ARG C 676 7.31 -4.94 -18.29
N ARG C 677 7.73 -5.75 -17.33
CA ARG C 677 7.05 -5.85 -16.04
C ARG C 677 7.67 -4.98 -14.98
N GLN C 678 8.92 -4.55 -15.14
CA GLN C 678 9.67 -3.86 -14.10
C GLN C 678 9.91 -2.42 -14.49
N VAL C 679 9.53 -1.49 -13.61
CA VAL C 679 9.69 -0.07 -13.89
C VAL C 679 11.16 0.32 -13.87
N GLU C 680 11.95 -0.27 -12.96
CA GLU C 680 13.35 0.10 -12.84
C GLU C 680 14.15 -0.21 -14.10
N LEU C 681 13.63 -1.08 -14.96
CA LEU C 681 14.27 -1.40 -16.24
C LEU C 681 13.57 -0.73 -17.41
N SER C 682 12.91 0.41 -17.17
CA SER C 682 12.25 1.13 -18.24
C SER C 682 13.25 1.70 -19.25
N THR C 683 14.48 1.95 -18.84
CA THR C 683 15.53 2.40 -19.74
C THR C 683 16.35 1.25 -20.30
N MET C 684 16.09 0.02 -19.87
CA MET C 684 16.80 -1.12 -20.43
C MET C 684 16.49 -1.27 -21.92
N TYR C 685 15.21 -1.31 -22.27
CA TYR C 685 14.79 -1.40 -23.66
C TYR C 685 14.04 -0.16 -24.13
N ARG C 686 14.32 0.99 -23.51
CA ARG C 686 13.83 2.25 -24.05
C ARG C 686 14.47 2.52 -25.41
N HIS C 687 15.76 2.23 -25.54
CA HIS C 687 16.48 2.40 -26.79
C HIS C 687 17.08 1.11 -27.34
N MET C 688 17.33 0.10 -26.50
CA MET C 688 17.77 -1.21 -26.95
C MET C 688 16.61 -2.08 -27.48
N GLU C 689 15.40 -1.53 -27.58
CA GLU C 689 14.30 -2.27 -28.19
C GLU C 689 14.44 -2.31 -29.71
N LYS C 690 15.02 -1.27 -30.31
CA LYS C 690 15.13 -1.18 -31.76
C LYS C 690 16.13 -2.17 -32.34
N HIS C 691 16.90 -2.86 -31.51
CA HIS C 691 17.83 -3.88 -31.97
C HIS C 691 17.28 -5.29 -31.80
N ASN C 692 16.00 -5.42 -31.45
CA ASN C 692 15.40 -6.74 -31.27
C ASN C 692 15.32 -7.48 -32.60
N TYR C 693 15.66 -8.77 -32.58
CA TYR C 693 15.74 -9.56 -33.79
C TYR C 693 14.43 -10.31 -34.05
N GLU C 694 14.28 -10.77 -35.30
CA GLU C 694 13.05 -11.42 -35.70
C GLU C 694 12.96 -12.85 -35.19
N SER C 695 14.09 -13.57 -35.14
CA SER C 695 14.08 -14.96 -34.73
C SER C 695 15.43 -15.32 -34.14
N ALA C 696 15.43 -16.33 -33.27
CA ALA C 696 16.66 -16.79 -32.64
C ALA C 696 17.58 -17.52 -33.60
N ALA C 697 17.10 -17.87 -34.80
CA ALA C 697 17.96 -18.53 -35.76
C ALA C 697 19.00 -17.59 -36.34
N GLU C 698 18.64 -16.31 -36.53
CA GLU C 698 19.54 -15.33 -37.11
C GLU C 698 20.15 -14.39 -36.07
N ALA C 699 19.64 -14.38 -34.84
CA ALA C 699 20.28 -13.60 -33.79
C ALA C 699 21.61 -14.23 -33.37
N ILE C 700 21.67 -15.55 -33.35
CA ILE C 700 22.92 -16.23 -33.04
C ILE C 700 23.96 -15.98 -34.11
N GLN C 701 23.54 -15.99 -35.39
CA GLN C 701 24.45 -15.70 -36.48
C GLN C 701 25.03 -14.31 -36.37
N ALA C 702 24.26 -13.35 -35.85
CA ALA C 702 24.76 -12.00 -35.67
C ALA C 702 25.89 -11.97 -34.64
N VAL C 703 25.78 -12.77 -33.59
CA VAL C 703 26.84 -12.83 -32.58
C VAL C 703 28.14 -13.32 -33.22
N ARG C 704 28.06 -14.39 -34.02
CA ARG C 704 29.25 -14.92 -34.67
C ARG C 704 29.81 -14.01 -35.75
N ASP C 705 29.07 -12.97 -36.15
CA ASP C 705 29.52 -12.04 -37.17
C ASP C 705 30.08 -10.76 -36.58
N ASN C 706 30.29 -10.71 -35.27
CA ASN C 706 30.82 -9.53 -34.58
C ASN C 706 29.92 -8.32 -34.80
N LYS C 707 28.62 -8.55 -34.97
CA LYS C 707 27.65 -7.48 -35.13
C LYS C 707 26.72 -7.33 -33.94
N LEU C 708 26.58 -8.36 -33.11
CA LEU C 708 25.84 -8.30 -31.87
C LEU C 708 26.76 -8.64 -30.72
N HIS C 709 26.47 -8.08 -29.55
CA HIS C 709 27.32 -8.26 -28.39
C HIS C 709 26.70 -9.15 -27.31
N ALA C 710 25.38 -9.09 -27.12
CA ALA C 710 24.72 -9.94 -26.14
C ALA C 710 23.42 -10.46 -26.72
N PHE C 711 23.06 -11.68 -26.33
CA PHE C 711 21.82 -12.31 -26.76
C PHE C 711 21.19 -13.00 -25.56
N ILE C 712 19.96 -12.63 -25.24
CA ILE C 712 19.24 -13.18 -24.09
C ILE C 712 18.14 -14.09 -24.61
N TRP C 713 18.18 -15.36 -24.22
CA TRP C 713 17.23 -16.34 -24.71
C TRP C 713 17.20 -17.52 -23.75
N ASP C 714 16.47 -18.58 -24.13
CA ASP C 714 16.29 -19.71 -23.24
C ASP C 714 17.61 -20.43 -22.98
N SER C 715 17.70 -21.05 -21.80
CA SER C 715 18.92 -21.76 -21.43
C SER C 715 19.04 -23.07 -22.19
N ALA C 716 17.92 -23.80 -22.37
CA ALA C 716 17.97 -25.10 -23.01
C ALA C 716 18.36 -25.02 -24.48
N VAL C 717 18.26 -23.85 -25.09
CA VAL C 717 18.58 -23.68 -26.50
C VAL C 717 20.00 -23.17 -26.70
N LEU C 718 20.40 -22.15 -25.93
CA LEU C 718 21.72 -21.57 -26.11
C LEU C 718 22.83 -22.53 -25.69
N GLU C 719 22.59 -23.30 -24.62
CA GLU C 719 23.60 -24.25 -24.17
C GLU C 719 23.86 -25.32 -25.23
N PHE C 720 22.82 -25.77 -25.92
CA PHE C 720 23.00 -26.73 -27.00
C PHE C 720 23.81 -26.12 -28.14
N GLU C 721 23.52 -24.86 -28.49
CA GLU C 721 24.25 -24.21 -29.58
C GLU C 721 25.72 -24.03 -29.22
N ALA C 722 26.01 -23.68 -27.96
CA ALA C 722 27.40 -23.54 -27.54
C ALA C 722 28.17 -24.83 -27.68
N SER C 723 27.49 -25.98 -27.58
CA SER C 723 28.16 -27.26 -27.74
C SER C 723 28.53 -27.51 -29.20
N GLN C 724 27.62 -27.23 -30.13
CA GLN C 724 27.89 -27.47 -31.54
C GLN C 724 28.93 -26.51 -32.07
N LYS C 725 28.78 -25.21 -31.78
CA LYS C 725 29.62 -24.20 -32.39
C LYS C 725 31.07 -24.32 -31.95
N CYS C 726 31.29 -24.58 -30.66
CA CYS C 726 32.63 -24.69 -30.06
C CYS C 726 33.44 -23.40 -30.20
N ASP C 727 32.78 -22.27 -30.48
CA ASP C 727 33.45 -20.98 -30.47
C ASP C 727 32.63 -19.89 -29.80
N LEU C 728 31.49 -20.21 -29.21
CA LEU C 728 30.68 -19.29 -28.43
C LEU C 728 30.68 -19.75 -26.98
N VAL C 729 30.10 -18.91 -26.11
CA VAL C 729 30.07 -19.20 -24.68
C VAL C 729 28.86 -18.49 -24.08
N THR C 730 28.31 -19.06 -23.02
CA THR C 730 27.19 -18.49 -22.29
C THR C 730 27.67 -18.09 -20.91
N THR C 731 27.51 -16.82 -20.57
CA THR C 731 27.92 -16.27 -19.28
C THR C 731 26.69 -15.94 -18.44
N GLY C 732 26.94 -15.47 -17.22
CA GLY C 732 25.86 -15.06 -16.35
C GLY C 732 25.20 -16.23 -15.65
N GLU C 733 24.05 -15.93 -15.04
CA GLU C 733 23.29 -16.90 -14.28
C GLU C 733 21.82 -16.82 -14.65
N LEU C 734 21.11 -17.92 -14.45
CA LEU C 734 19.69 -17.98 -14.74
C LEU C 734 18.92 -17.08 -13.77
N PHE C 735 17.90 -16.40 -14.28
CA PHE C 735 17.15 -15.46 -13.44
C PHE C 735 15.63 -15.56 -13.53
N PHE C 736 15.07 -16.37 -14.42
CA PHE C 736 13.62 -16.54 -14.51
C PHE C 736 13.37 -18.01 -14.84
N ARG C 737 13.18 -18.81 -13.81
CA ARG C 737 13.09 -20.26 -13.94
C ARG C 737 11.65 -20.67 -14.18
N SER C 738 11.38 -21.26 -15.34
CA SER C 738 10.08 -21.80 -15.69
C SER C 738 10.31 -23.01 -16.59
N GLY C 739 9.25 -23.46 -17.26
CA GLY C 739 9.34 -24.63 -18.11
C GLY C 739 8.51 -24.49 -19.36
N PHE C 740 8.64 -25.48 -20.24
CA PHE C 740 7.87 -25.55 -21.47
C PHE C 740 6.68 -26.48 -21.24
N GLY C 741 5.48 -25.97 -21.41
CA GLY C 741 4.30 -26.80 -21.25
C GLY C 741 3.44 -26.84 -22.49
N ILE C 742 2.62 -27.88 -22.62
CA ILE C 742 1.70 -27.99 -23.75
C ILE C 742 0.53 -27.04 -23.48
N GLY C 743 0.46 -25.97 -24.24
CA GLY C 743 -0.68 -25.08 -24.15
C GLY C 743 -1.89 -25.67 -24.84
N MET C 744 -3.06 -25.36 -24.29
CA MET C 744 -4.31 -25.84 -24.88
C MET C 744 -5.45 -24.97 -24.35
N ARG C 745 -6.45 -24.78 -25.21
CA ARG C 745 -7.48 -23.78 -24.96
C ARG C 745 -8.27 -24.12 -23.70
N LYS C 746 -8.79 -23.09 -23.06
CA LYS C 746 -9.42 -23.25 -21.75
C LYS C 746 -10.62 -24.17 -21.84
N ASP C 747 -10.83 -24.95 -20.78
CA ASP C 747 -11.93 -25.91 -20.64
C ASP C 747 -11.87 -27.02 -21.68
N SER C 748 -10.68 -27.29 -22.21
CA SER C 748 -10.52 -28.40 -23.14
C SER C 748 -10.69 -29.73 -22.39
N PRO C 749 -11.29 -30.73 -23.02
CA PRO C 749 -11.51 -32.02 -22.35
C PRO C 749 -10.30 -32.94 -22.31
N TRP C 750 -9.10 -32.45 -22.63
CA TRP C 750 -7.88 -33.24 -22.55
C TRP C 750 -6.94 -32.66 -21.50
N LYS C 751 -7.49 -31.94 -20.52
CA LYS C 751 -6.67 -31.29 -19.52
C LYS C 751 -5.96 -32.29 -18.62
N GLN C 752 -6.65 -33.35 -18.21
CA GLN C 752 -6.08 -34.28 -17.23
C GLN C 752 -5.25 -35.35 -17.92
N ASN C 753 -5.65 -35.75 -19.12
CA ASN C 753 -4.94 -36.80 -19.82
C ASN C 753 -3.49 -36.40 -20.07
N VAL C 754 -3.28 -35.19 -20.60
CA VAL C 754 -1.95 -34.77 -21.06
C VAL C 754 -1.01 -34.58 -19.88
N SER C 755 -1.49 -33.94 -18.81
CA SER C 755 -0.63 -33.63 -17.68
C SER C 755 -0.33 -34.84 -16.82
N LEU C 756 -0.90 -36.00 -17.13
CA LEU C 756 -0.56 -37.25 -16.48
C LEU C 756 0.46 -38.06 -17.26
N SER C 757 0.35 -38.10 -18.59
CA SER C 757 1.34 -38.83 -19.39
C SER C 757 2.70 -38.16 -19.32
N ILE C 758 2.73 -36.83 -19.33
CA ILE C 758 3.99 -36.10 -19.15
C ILE C 758 4.56 -36.42 -17.78
N LEU C 759 3.70 -36.44 -16.76
CA LEU C 759 4.15 -36.68 -15.40
C LEU C 759 4.62 -38.12 -15.22
N LYS C 760 4.02 -39.06 -15.94
CA LYS C 760 4.47 -40.45 -15.89
C LYS C 760 5.75 -40.66 -16.68
N SER C 761 5.91 -39.93 -17.79
CA SER C 761 7.05 -40.14 -18.67
C SER C 761 8.37 -39.79 -18.00
N HIS C 762 8.36 -38.87 -17.04
CA HIS C 762 9.59 -38.55 -16.33
C HIS C 762 10.08 -39.75 -15.52
N GLU C 763 9.17 -40.48 -14.88
CA GLU C 763 9.54 -41.58 -14.01
C GLU C 763 9.87 -42.86 -14.77
N ASN C 764 9.36 -43.02 -15.99
CA ASN C 764 9.73 -44.17 -16.80
C ASN C 764 11.16 -44.06 -17.31
N GLY C 765 11.66 -42.83 -17.46
CA GLY C 765 12.91 -42.58 -18.14
C GLY C 765 12.77 -42.18 -19.58
N PHE C 766 11.54 -42.05 -20.08
CA PHE C 766 11.33 -41.72 -21.49
C PHE C 766 11.89 -40.35 -21.82
N MET C 767 11.67 -39.37 -20.93
CA MET C 767 12.18 -38.03 -21.19
C MET C 767 13.68 -37.93 -21.02
N GLU C 768 14.34 -38.97 -20.50
CA GLU C 768 15.79 -39.04 -20.47
C GLU C 768 16.36 -39.71 -21.70
N ASP C 769 15.65 -40.70 -22.25
CA ASP C 769 16.06 -41.30 -23.52
C ASP C 769 15.98 -40.28 -24.65
N LEU C 770 14.95 -39.43 -24.63
CA LEU C 770 14.88 -38.36 -25.60
C LEU C 770 16.01 -37.37 -25.43
N ASP C 771 16.38 -37.08 -24.18
CA ASP C 771 17.40 -36.07 -23.92
C ASP C 771 18.75 -36.46 -24.49
N LYS C 772 19.13 -37.73 -24.36
CA LYS C 772 20.44 -38.16 -24.83
C LYS C 772 20.49 -38.22 -26.35
N THR C 773 19.40 -38.64 -26.99
CA THR C 773 19.40 -38.78 -28.44
C THR C 773 19.32 -37.44 -29.16
N TRP C 774 18.88 -36.38 -28.48
CA TRP C 774 18.52 -35.14 -29.17
C TRP C 774 19.29 -33.91 -28.68
N VAL C 775 19.58 -33.79 -27.39
CA VAL C 775 20.13 -32.57 -26.83
C VAL C 775 21.58 -32.73 -26.42
N ARG C 776 21.87 -33.67 -25.53
CA ARG C 776 23.15 -33.69 -24.85
C ARG C 776 24.22 -34.53 -25.55
N TYR C 777 23.93 -35.10 -26.71
CA TYR C 777 24.96 -35.84 -27.41
C TYR C 777 26.01 -34.87 -27.97
N GLN C 778 27.14 -35.43 -28.37
CA GLN C 778 28.18 -34.64 -29.02
C GLN C 778 29.11 -35.54 -29.82
N ALA D 56 -32.93 21.85 -65.93
CA ALA D 56 -32.65 21.97 -64.50
C ALA D 56 -33.92 21.81 -63.69
N ARG D 57 -34.09 20.65 -63.07
CA ARG D 57 -35.27 20.39 -62.25
C ARG D 57 -35.20 21.21 -60.98
N PRO D 58 -36.22 22.02 -60.67
CA PRO D 58 -36.17 22.81 -59.44
C PRO D 58 -36.24 21.94 -58.20
N LEU D 59 -35.60 22.41 -57.14
CA LEU D 59 -35.57 21.73 -55.85
C LEU D 59 -36.27 22.62 -54.82
N ASN D 60 -37.56 22.37 -54.61
CA ASN D 60 -38.33 23.12 -53.64
C ASN D 60 -38.14 22.54 -52.24
N VAL D 61 -37.86 23.42 -51.28
CA VAL D 61 -37.63 23.02 -49.89
C VAL D 61 -38.48 23.91 -49.00
N ALA D 62 -39.29 23.29 -48.13
CA ALA D 62 -40.13 24.03 -47.22
C ALA D 62 -39.34 24.45 -45.99
N LEU D 63 -39.80 25.52 -45.35
CA LEU D 63 -39.16 26.07 -44.15
C LEU D 63 -40.24 26.31 -43.10
N VAL D 64 -40.36 25.38 -42.16
CA VAL D 64 -41.31 25.53 -41.05
C VAL D 64 -40.61 26.26 -39.91
N PHE D 65 -41.39 27.02 -39.15
CA PHE D 65 -40.85 27.85 -38.08
C PHE D 65 -41.67 27.66 -36.82
N SER D 66 -40.98 27.76 -35.68
CA SER D 66 -41.62 27.70 -34.36
C SER D 66 -41.14 28.90 -33.56
N GLY D 67 -42.08 29.69 -33.05
CA GLY D 67 -41.75 30.85 -32.25
C GLY D 67 -42.24 32.14 -32.87
N PRO D 68 -42.88 32.99 -32.07
CA PRO D 68 -43.36 34.28 -32.60
C PRO D 68 -42.25 35.19 -33.07
N ALA D 69 -41.04 35.05 -32.50
CA ALA D 69 -39.94 35.91 -32.90
C ALA D 69 -39.54 35.68 -34.36
N TYR D 70 -39.59 34.43 -34.80
CA TYR D 70 -39.21 34.10 -36.18
C TYR D 70 -40.16 34.72 -37.20
N ALA D 71 -41.36 35.12 -36.78
CA ALA D 71 -42.31 35.70 -37.73
C ALA D 71 -41.82 37.02 -38.30
N ALA D 72 -40.99 37.75 -37.56
CA ALA D 72 -40.51 39.05 -38.04
C ALA D 72 -39.64 38.89 -39.28
N GLU D 73 -38.73 37.91 -39.27
CA GLU D 73 -37.82 37.68 -40.38
C GLU D 73 -38.21 36.51 -41.26
N ALA D 74 -39.46 36.03 -41.13
CA ALA D 74 -39.90 34.91 -41.95
C ALA D 74 -39.87 35.25 -43.43
N ALA D 75 -40.33 36.45 -43.78
CA ALA D 75 -40.34 36.86 -45.19
C ALA D 75 -38.92 37.08 -45.70
N ARG D 76 -38.04 37.62 -44.86
CA ARG D 76 -36.68 37.93 -45.30
C ARG D 76 -35.89 36.66 -45.61
N LEU D 77 -36.10 35.60 -44.83
CA LEU D 77 -35.30 34.38 -44.98
C LEU D 77 -35.55 33.66 -46.30
N GLY D 78 -36.62 34.01 -47.02
CA GLY D 78 -36.91 33.37 -48.27
C GLY D 78 -35.92 33.74 -49.35
N PRO D 79 -35.95 35.00 -49.80
CA PRO D 79 -34.96 35.44 -50.80
C PRO D 79 -33.53 35.39 -50.32
N ALA D 80 -33.30 35.51 -49.01
CA ALA D 80 -31.93 35.53 -48.50
C ALA D 80 -31.20 34.22 -48.78
N VAL D 81 -31.88 33.09 -48.57
CA VAL D 81 -31.26 31.79 -48.80
C VAL D 81 -31.22 31.40 -50.27
N ALA D 82 -31.85 32.18 -51.15
CA ALA D 82 -31.82 31.87 -52.57
C ALA D 82 -30.40 31.93 -53.12
N ALA D 83 -29.64 32.95 -52.73
CA ALA D 83 -28.25 33.07 -53.16
C ALA D 83 -27.27 32.40 -52.21
N ALA D 84 -27.75 31.90 -51.05
CA ALA D 84 -26.85 31.26 -50.10
C ALA D 84 -26.30 29.94 -50.66
N VAL D 85 -27.14 29.16 -51.33
CA VAL D 85 -26.76 27.85 -51.84
C VAL D 85 -26.95 27.84 -53.35
N ARG D 86 -26.00 27.25 -54.06
CA ARG D 86 -26.07 27.13 -55.51
C ARG D 86 -25.54 25.77 -55.93
N SER D 87 -26.26 25.11 -56.83
CA SER D 87 -25.88 23.80 -57.34
C SER D 87 -26.04 23.79 -58.86
N PRO D 88 -25.24 23.00 -59.57
CA PRO D 88 -25.36 22.96 -61.03
C PRO D 88 -26.67 22.29 -61.46
N GLY D 89 -27.40 22.96 -62.33
CA GLY D 89 -28.66 22.43 -62.80
C GLY D 89 -29.69 22.22 -61.70
N LEU D 90 -29.81 23.19 -60.79
CA LEU D 90 -30.68 23.05 -59.64
C LEU D 90 -31.21 24.43 -59.25
N ASP D 91 -32.52 24.54 -59.07
CA ASP D 91 -33.17 25.78 -58.68
C ASP D 91 -33.91 25.57 -57.37
N VAL D 92 -33.81 26.56 -56.47
CA VAL D 92 -34.39 26.48 -55.14
C VAL D 92 -35.58 27.44 -55.07
N ARG D 93 -36.72 26.95 -54.61
CA ARG D 93 -37.92 27.75 -54.41
C ARG D 93 -38.40 27.55 -52.98
N PRO D 94 -37.75 28.19 -52.01
CA PRO D 94 -38.14 27.98 -50.61
C PRO D 94 -39.54 28.49 -50.33
N VAL D 95 -40.22 27.80 -49.41
CA VAL D 95 -41.55 28.18 -48.95
C VAL D 95 -41.53 28.22 -47.43
N ALA D 96 -42.02 29.31 -46.86
CA ALA D 96 -41.97 29.52 -45.42
C ALA D 96 -43.34 29.26 -44.78
N LEU D 97 -43.30 28.88 -43.51
CA LEU D 97 -44.51 28.70 -42.71
C LEU D 97 -44.36 29.43 -41.39
N VAL D 98 -45.48 29.97 -40.90
CA VAL D 98 -45.49 30.72 -39.65
C VAL D 98 -46.50 30.06 -38.72
N LEU D 99 -46.63 28.73 -38.85
CA LEU D 99 -47.64 27.99 -38.10
C LEU D 99 -47.47 28.21 -36.60
N ASN D 100 -48.59 28.36 -35.91
CA ASN D 100 -48.61 28.63 -34.48
C ASN D 100 -48.88 27.36 -33.70
N GLY D 101 -48.34 27.30 -32.48
CA GLY D 101 -48.53 26.16 -31.61
C GLY D 101 -47.56 25.03 -31.90
N SER D 102 -47.49 24.10 -30.95
CA SER D 102 -46.61 22.95 -31.09
C SER D 102 -47.27 21.65 -30.63
N ASP D 103 -48.57 21.65 -30.36
CA ASP D 103 -49.26 20.43 -29.97
C ASP D 103 -49.29 19.45 -31.13
N PRO D 104 -49.31 18.15 -30.84
CA PRO D 104 -49.35 17.17 -31.94
C PRO D 104 -50.73 17.02 -32.55
N ARG D 105 -51.42 18.14 -32.77
CA ARG D 105 -52.60 18.18 -33.62
C ARG D 105 -52.51 19.27 -34.68
N SER D 106 -51.98 20.45 -34.32
CA SER D 106 -51.75 21.48 -35.32
C SER D 106 -50.51 21.16 -36.15
N LEU D 107 -49.49 20.58 -35.52
CA LEU D 107 -48.29 20.19 -36.25
C LEU D 107 -48.61 19.16 -37.32
N VAL D 108 -49.44 18.17 -36.99
CA VAL D 108 -49.82 17.17 -37.97
C VAL D 108 -50.74 17.76 -39.03
N LEU D 109 -51.70 18.60 -38.61
CA LEU D 109 -52.68 19.12 -39.55
C LEU D 109 -52.05 20.10 -40.53
N GLN D 110 -51.28 21.06 -40.02
CA GLN D 110 -50.71 22.09 -40.89
C GLN D 110 -49.67 21.49 -41.85
N LEU D 111 -48.84 20.58 -41.37
CA LEU D 111 -47.77 20.04 -42.19
C LEU D 111 -48.31 19.25 -43.38
N CYS D 112 -49.37 18.46 -43.16
CA CYS D 112 -49.99 17.74 -44.28
C CYS D 112 -50.61 18.72 -45.27
N ASP D 113 -51.24 19.78 -44.78
CA ASP D 113 -51.90 20.73 -45.68
C ASP D 113 -50.90 21.36 -46.63
N LEU D 114 -49.72 21.76 -46.13
CA LEU D 114 -48.70 22.30 -47.00
C LEU D 114 -48.19 21.26 -47.99
N LEU D 115 -47.95 20.03 -47.50
CA LEU D 115 -47.32 19.02 -48.33
C LEU D 115 -48.30 18.47 -49.37
N SER D 116 -49.57 18.33 -49.00
CA SER D 116 -50.54 17.74 -49.93
C SER D 116 -50.74 18.61 -51.15
N GLY D 117 -50.85 19.92 -50.95
CA GLY D 117 -51.09 20.82 -52.08
C GLY D 117 -49.93 20.88 -53.06
N LEU D 118 -48.71 20.99 -52.55
CA LEU D 118 -47.53 21.16 -53.38
C LEU D 118 -46.46 20.17 -52.92
N ARG D 119 -45.87 19.45 -53.88
CA ARG D 119 -44.89 18.42 -53.55
C ARG D 119 -43.55 19.04 -53.21
N VAL D 120 -42.99 18.64 -52.06
CA VAL D 120 -41.73 19.17 -51.56
C VAL D 120 -40.77 18.02 -51.37
N HIS D 121 -39.49 18.27 -51.62
CA HIS D 121 -38.45 17.26 -51.46
C HIS D 121 -37.73 17.34 -50.12
N GLY D 122 -38.12 18.26 -49.24
CA GLY D 122 -37.46 18.38 -47.96
C GLY D 122 -37.94 19.55 -47.12
N VAL D 123 -37.95 19.38 -45.79
CA VAL D 123 -38.42 20.40 -44.87
C VAL D 123 -37.35 20.63 -43.82
N VAL D 124 -37.01 21.89 -43.58
CA VAL D 124 -36.06 22.29 -42.54
C VAL D 124 -36.85 22.82 -41.36
N PHE D 125 -36.59 22.28 -40.17
CA PHE D 125 -37.38 22.58 -38.98
C PHE D 125 -36.54 23.39 -38.01
N GLU D 126 -37.18 24.36 -37.36
CA GLU D 126 -36.54 25.21 -36.36
C GLU D 126 -37.44 25.31 -35.14
N ASP D 127 -36.81 25.58 -33.99
CA ASP D 127 -37.56 25.77 -32.76
C ASP D 127 -36.77 26.68 -31.83
N ASP D 128 -37.49 27.46 -31.03
CA ASP D 128 -36.88 28.28 -29.99
C ASP D 128 -36.99 27.67 -28.60
N SER D 129 -37.92 26.75 -28.39
CA SER D 129 -38.09 26.12 -27.10
C SER D 129 -36.95 25.13 -26.84
N ARG D 130 -36.69 24.88 -25.56
CA ARG D 130 -35.66 23.93 -25.15
C ARG D 130 -36.21 22.52 -24.95
N ALA D 131 -37.50 22.40 -24.66
CA ALA D 131 -38.09 21.08 -24.41
C ALA D 131 -37.99 20.21 -25.66
N PRO D 132 -37.49 18.98 -25.54
CA PRO D 132 -37.34 18.12 -26.72
C PRO D 132 -38.59 17.30 -27.01
N ALA D 133 -39.72 17.69 -26.44
CA ALA D 133 -40.94 16.89 -26.57
C ALA D 133 -41.39 16.75 -28.02
N VAL D 134 -41.04 17.72 -28.88
CA VAL D 134 -41.47 17.68 -30.28
C VAL D 134 -40.48 16.90 -31.14
N ALA D 135 -39.37 16.45 -30.58
CA ALA D 135 -38.39 15.69 -31.37
C ALA D 135 -38.94 14.36 -31.89
N PRO D 136 -39.56 13.49 -31.07
CA PRO D 136 -39.92 12.16 -31.59
C PRO D 136 -41.12 12.17 -32.51
N ILE D 137 -42.07 13.10 -32.29
CA ILE D 137 -43.27 13.12 -33.13
C ILE D 137 -42.91 13.43 -34.57
N LEU D 138 -41.89 14.27 -34.80
CA LEU D 138 -41.43 14.52 -36.16
C LEU D 138 -40.89 13.24 -36.79
N ASP D 139 -40.20 12.42 -36.01
CA ASP D 139 -39.64 11.19 -36.56
C ASP D 139 -40.72 10.24 -37.05
N PHE D 140 -41.83 10.14 -36.31
CA PHE D 140 -42.94 9.30 -36.74
C PHE D 140 -43.54 9.81 -38.04
N LEU D 141 -43.72 11.13 -38.16
CA LEU D 141 -44.34 11.70 -39.34
C LEU D 141 -43.51 11.43 -40.59
N SER D 142 -42.19 11.60 -40.49
CA SER D 142 -41.33 11.36 -41.64
C SER D 142 -41.29 9.90 -42.06
N ALA D 143 -41.59 8.99 -41.14
CA ALA D 143 -41.59 7.57 -41.48
C ALA D 143 -42.68 7.24 -42.49
N GLN D 144 -43.87 7.82 -42.31
CA GLN D 144 -45.00 7.55 -43.19
C GLN D 144 -45.04 8.45 -44.42
N THR D 145 -44.07 9.35 -44.58
CA THR D 145 -44.04 10.24 -45.73
C THR D 145 -42.74 10.20 -46.52
N SER D 146 -41.66 9.68 -45.94
CA SER D 146 -40.35 9.61 -46.60
C SER D 146 -39.80 11.01 -46.93
N LEU D 147 -40.13 12.00 -46.11
CA LEU D 147 -39.59 13.34 -46.26
C LEU D 147 -38.42 13.52 -45.31
N PRO D 148 -37.21 13.78 -45.82
CA PRO D 148 -36.07 14.00 -44.92
C PRO D 148 -36.18 15.32 -44.15
N ILE D 149 -36.40 15.23 -42.85
CA ILE D 149 -36.48 16.41 -41.99
C ILE D 149 -35.13 16.61 -41.33
N VAL D 150 -34.52 17.77 -41.58
CA VAL D 150 -33.20 18.09 -41.05
C VAL D 150 -33.38 19.14 -39.97
N ALA D 151 -33.09 18.77 -38.73
CA ALA D 151 -33.15 19.71 -37.63
C ALA D 151 -31.96 20.66 -37.68
N VAL D 152 -32.14 21.86 -37.14
CA VAL D 152 -31.09 22.88 -37.17
C VAL D 152 -30.76 23.35 -35.76
N HIS D 153 -31.76 23.89 -35.07
CA HIS D 153 -31.52 24.48 -33.76
C HIS D 153 -32.79 24.41 -32.93
N GLY D 154 -32.62 24.29 -31.62
CA GLY D 154 -33.71 24.29 -30.67
C GLY D 154 -33.79 22.99 -29.91
N GLY D 155 -34.92 22.81 -29.21
CA GLY D 155 -35.14 21.58 -28.48
C GLY D 155 -35.25 20.37 -29.37
N ALA D 156 -35.81 20.53 -30.58
CA ALA D 156 -35.93 19.42 -31.51
C ALA D 156 -34.65 19.28 -32.33
N ALA D 157 -33.50 19.25 -31.65
CA ALA D 157 -32.23 19.04 -32.32
C ALA D 157 -31.29 18.13 -31.55
N LEU D 158 -31.73 17.57 -30.43
CA LEU D 158 -30.89 16.65 -29.67
C LEU D 158 -30.92 15.27 -30.31
N VAL D 159 -29.90 14.47 -29.99
CA VAL D 159 -29.81 13.13 -30.54
C VAL D 159 -30.94 12.26 -29.99
N LEU D 160 -31.59 11.51 -30.89
CA LEU D 160 -32.70 10.63 -30.52
C LEU D 160 -32.50 9.33 -31.27
N THR D 161 -31.94 8.33 -30.58
CA THR D 161 -31.65 7.03 -31.18
C THR D 161 -32.13 5.93 -30.26
N PRO D 162 -32.54 4.77 -30.83
CA PRO D 162 -32.66 4.51 -32.26
C PRO D 162 -33.97 5.04 -32.84
N LYS D 163 -34.01 5.22 -34.16
CA LYS D 163 -35.18 5.78 -34.83
C LYS D 163 -36.04 4.67 -35.44
N GLU D 164 -37.19 5.08 -35.94
CA GLU D 164 -38.09 4.14 -36.61
C GLU D 164 -37.48 3.63 -37.90
N LYS D 165 -37.78 2.38 -38.24
CA LYS D 165 -37.24 1.78 -39.46
C LYS D 165 -37.76 2.53 -40.68
N GLY D 166 -36.84 2.86 -41.59
CA GLY D 166 -37.17 3.59 -42.79
C GLY D 166 -37.29 5.09 -42.61
N SER D 167 -37.10 5.60 -41.40
CA SER D 167 -37.20 7.03 -41.17
C SER D 167 -35.93 7.73 -41.67
N THR D 168 -36.07 9.02 -41.96
CA THR D 168 -34.97 9.84 -42.46
C THR D 168 -34.91 11.15 -41.68
N PHE D 169 -34.88 11.03 -40.36
CA PHE D 169 -34.78 12.19 -39.48
C PHE D 169 -33.30 12.49 -39.24
N LEU D 170 -32.88 13.70 -39.59
CA LEU D 170 -31.49 14.11 -39.49
C LEU D 170 -31.36 15.21 -38.45
N GLN D 171 -30.41 15.04 -37.53
CA GLN D 171 -30.18 15.98 -36.45
C GLN D 171 -28.74 16.47 -36.50
N LEU D 172 -28.56 17.79 -36.39
CA LEU D 172 -27.23 18.38 -36.32
C LEU D 172 -26.80 18.58 -34.87
N GLY D 173 -26.87 17.50 -34.08
CA GLY D 173 -26.53 17.53 -32.68
C GLY D 173 -25.28 16.73 -32.35
N SER D 174 -24.93 16.75 -31.07
CA SER D 174 -23.78 16.03 -30.54
C SER D 174 -24.27 14.98 -29.57
N SER D 175 -23.88 13.72 -29.80
CA SER D 175 -24.31 12.64 -28.94
C SER D 175 -23.57 12.66 -27.62
N THR D 176 -24.10 11.91 -26.65
CA THR D 176 -23.45 11.81 -25.35
C THR D 176 -22.16 11.00 -25.40
N GLU D 177 -21.88 10.34 -26.52
CA GLU D 177 -20.60 9.64 -26.70
C GLU D 177 -19.56 10.53 -27.36
N GLN D 178 -19.98 11.41 -28.28
CA GLN D 178 -19.06 12.34 -28.91
C GLN D 178 -18.75 13.55 -28.04
N GLN D 179 -19.56 13.79 -27.00
CA GLN D 179 -19.32 14.90 -26.10
C GLN D 179 -18.45 14.52 -24.90
N LEU D 180 -18.08 13.24 -24.78
CA LEU D 180 -17.33 12.77 -23.64
C LEU D 180 -15.87 12.48 -23.95
N GLN D 181 -15.56 12.08 -25.18
CA GLN D 181 -14.16 11.87 -25.55
C GLN D 181 -13.41 13.18 -25.69
N VAL D 182 -14.10 14.26 -26.05
CA VAL D 182 -13.47 15.58 -26.07
C VAL D 182 -13.13 16.03 -24.66
N ILE D 183 -13.99 15.71 -23.69
CA ILE D 183 -13.70 16.02 -22.29
C ILE D 183 -12.45 15.27 -21.83
N PHE D 184 -12.36 13.99 -22.17
CA PHE D 184 -11.21 13.18 -21.73
C PHE D 184 -9.92 13.54 -22.46
N GLU D 185 -9.99 14.34 -23.52
CA GLU D 185 -8.80 14.89 -24.15
C GLU D 185 -8.46 16.28 -23.63
N VAL D 186 -9.27 16.83 -22.73
CA VAL D 186 -8.91 18.02 -21.98
C VAL D 186 -8.58 17.68 -20.53
N LEU D 187 -9.06 16.55 -20.02
CA LEU D 187 -8.74 16.11 -18.66
C LEU D 187 -7.36 15.49 -18.55
N GLU D 188 -6.67 15.27 -19.66
CA GLU D 188 -5.33 14.69 -19.63
C GLU D 188 -4.23 15.67 -19.97
N GLU D 189 -4.51 16.72 -20.75
CA GLU D 189 -3.50 17.76 -20.97
C GLU D 189 -3.27 18.56 -19.70
N TYR D 190 -4.32 18.82 -18.94
CA TYR D 190 -4.21 19.44 -17.62
C TYR D 190 -3.96 18.41 -16.54
N ASP D 191 -3.86 17.13 -16.90
CA ASP D 191 -3.67 16.00 -16.00
C ASP D 191 -4.50 16.10 -14.72
N TRP D 192 -5.77 16.47 -14.86
CA TRP D 192 -6.73 16.34 -13.77
C TRP D 192 -7.24 14.90 -13.69
N THR D 193 -6.27 14.00 -13.51
CA THR D 193 -6.55 12.57 -13.63
C THR D 193 -7.52 12.07 -12.56
N SER D 194 -7.56 12.72 -11.40
CA SER D 194 -8.54 12.36 -10.38
C SER D 194 -9.92 12.86 -10.80
N PHE D 195 -10.86 11.93 -10.99
CA PHE D 195 -12.19 12.29 -11.43
C PHE D 195 -13.20 11.34 -10.79
N VAL D 196 -14.43 11.84 -10.64
CA VAL D 196 -15.54 11.05 -10.11
C VAL D 196 -16.76 11.31 -10.98
N ALA D 197 -17.65 10.31 -11.05
CA ALA D 197 -18.85 10.37 -11.87
C ALA D 197 -20.07 10.36 -10.97
N VAL D 198 -20.94 11.35 -11.14
CA VAL D 198 -22.20 11.45 -10.41
C VAL D 198 -23.33 11.57 -11.43
N THR D 199 -24.42 10.85 -11.18
CA THR D 199 -25.53 10.83 -12.13
C THR D 199 -26.83 10.60 -11.37
N THR D 200 -27.94 10.92 -12.05
CA THR D 200 -29.28 10.70 -11.54
C THR D 200 -29.95 9.58 -12.34
N ARG D 201 -31.23 9.34 -12.07
CA ARG D 201 -31.99 8.30 -12.75
C ARG D 201 -32.66 8.78 -14.03
N ALA D 202 -32.18 9.90 -14.60
CA ALA D 202 -32.73 10.37 -15.86
C ALA D 202 -32.41 9.38 -16.98
N PRO D 203 -33.28 9.27 -17.98
CA PRO D 203 -33.06 8.30 -19.05
C PRO D 203 -31.74 8.52 -19.77
N GLY D 204 -31.10 7.43 -20.17
CA GLY D 204 -29.80 7.48 -20.79
C GLY D 204 -28.62 7.38 -19.84
N HIS D 205 -28.87 7.32 -18.53
CA HIS D 205 -27.78 7.25 -17.57
C HIS D 205 -27.13 5.87 -17.53
N ARG D 206 -27.89 4.81 -17.84
CA ARG D 206 -27.29 3.48 -17.95
C ARG D 206 -26.23 3.44 -19.04
N ALA D 207 -26.50 4.04 -20.19
CA ALA D 207 -25.52 4.04 -21.27
C ALA D 207 -24.39 5.03 -21.01
N PHE D 208 -24.67 6.09 -20.24
CA PHE D 208 -23.66 7.11 -20.00
C PHE D 208 -22.47 6.55 -19.22
N LEU D 209 -22.74 5.89 -18.09
CA LEU D 209 -21.65 5.39 -17.26
C LEU D 209 -20.96 4.18 -17.88
N SER D 210 -21.69 3.42 -18.70
CA SER D 210 -21.08 2.26 -19.36
C SER D 210 -19.96 2.64 -20.30
N TYR D 211 -19.97 3.88 -20.82
CA TYR D 211 -18.93 4.32 -21.73
C TYR D 211 -17.67 4.79 -21.01
N ILE D 212 -17.75 4.99 -19.70
CA ILE D 212 -16.56 5.43 -18.95
C ILE D 212 -15.53 4.32 -18.89
N GLU D 213 -15.96 3.10 -18.55
CA GLU D 213 -15.02 2.02 -18.31
C GLU D 213 -14.23 1.67 -19.57
N VAL D 214 -14.89 1.68 -20.73
CA VAL D 214 -14.19 1.34 -21.97
C VAL D 214 -13.13 2.39 -22.29
N LEU D 215 -13.40 3.65 -21.97
CA LEU D 215 -12.46 4.73 -22.30
C LEU D 215 -11.42 4.97 -21.21
N THR D 216 -11.64 4.46 -20.00
CA THR D 216 -10.69 4.63 -18.91
C THR D 216 -9.76 3.43 -18.73
N ASP D 217 -9.86 2.43 -19.61
CA ASP D 217 -9.04 1.23 -19.52
C ASP D 217 -8.07 1.16 -20.69
N GLY D 218 -6.95 0.49 -20.47
CA GLY D 218 -5.93 0.35 -21.50
C GLY D 218 -5.28 1.65 -21.90
N SER D 219 -4.98 2.52 -20.94
CA SER D 219 -4.35 3.80 -21.20
C SER D 219 -3.09 3.92 -20.37
N LEU D 220 -2.00 4.35 -21.01
CA LEU D 220 -0.74 4.55 -20.29
C LEU D 220 -0.80 5.70 -19.32
N VAL D 221 -1.76 6.62 -19.48
CA VAL D 221 -1.90 7.74 -18.56
C VAL D 221 -2.32 7.23 -17.18
N GLY D 222 -3.15 6.19 -17.14
CA GLY D 222 -3.56 5.61 -15.88
C GLY D 222 -4.60 6.42 -15.13
N TRP D 223 -5.79 6.54 -15.72
CA TRP D 223 -6.90 7.17 -15.00
C TRP D 223 -7.32 6.32 -13.81
N GLU D 224 -7.58 6.97 -12.69
CA GLU D 224 -8.11 6.32 -11.49
C GLU D 224 -9.56 6.73 -11.30
N HIS D 225 -10.42 5.74 -11.03
CA HIS D 225 -11.84 5.98 -10.84
C HIS D 225 -12.11 6.19 -9.37
N ARG D 226 -12.47 7.42 -9.00
CA ARG D 226 -12.83 7.70 -7.61
C ARG D 226 -14.08 6.92 -7.21
N GLY D 227 -15.07 6.86 -8.08
CA GLY D 227 -16.28 6.11 -7.80
C GLY D 227 -17.41 6.54 -8.69
N ALA D 228 -18.53 5.83 -8.56
CA ALA D 228 -19.75 6.11 -9.31
C ALA D 228 -20.86 6.43 -8.31
N LEU D 229 -21.50 7.58 -8.51
CA LEU D 229 -22.53 8.06 -7.59
C LEU D 229 -23.89 8.04 -8.28
N THR D 230 -24.87 7.43 -7.62
CA THR D 230 -26.26 7.40 -8.10
C THR D 230 -27.11 8.17 -7.10
N LEU D 231 -27.61 9.33 -7.51
CA LEU D 231 -28.38 10.20 -6.65
C LEU D 231 -29.79 10.36 -7.18
N ASP D 232 -30.77 10.33 -6.28
CA ASP D 232 -32.16 10.57 -6.62
C ASP D 232 -32.65 11.89 -6.05
N PRO D 233 -33.10 12.83 -6.90
CA PRO D 233 -33.55 14.13 -6.39
C PRO D 233 -34.78 14.05 -5.49
N GLY D 234 -35.59 12.98 -5.61
CA GLY D 234 -36.81 12.89 -4.84
C GLY D 234 -36.65 12.53 -3.38
N ALA D 235 -35.46 12.07 -2.97
CA ALA D 235 -35.25 11.71 -1.57
C ALA D 235 -35.35 12.91 -0.67
N GLY D 236 -34.80 14.04 -1.08
CA GLY D 236 -34.80 15.25 -0.28
C GLY D 236 -33.51 16.03 -0.47
N GLU D 237 -33.60 17.34 -0.24
CA GLU D 237 -32.45 18.20 -0.41
C GLU D 237 -31.34 17.86 0.58
N ALA D 238 -31.69 17.63 1.85
CA ALA D 238 -30.71 17.30 2.86
C ALA D 238 -30.22 15.85 2.76
N VAL D 239 -30.99 14.97 2.13
CA VAL D 239 -30.60 13.57 2.03
C VAL D 239 -29.39 13.42 1.12
N LEU D 240 -29.32 14.21 0.05
CA LEU D 240 -28.23 14.07 -0.91
C LEU D 240 -26.88 14.41 -0.29
N SER D 241 -26.83 15.44 0.55
CA SER D 241 -25.58 15.86 1.15
C SER D 241 -25.02 14.82 2.10
N ALA D 242 -25.83 13.84 2.53
CA ALA D 242 -25.34 12.81 3.43
C ALA D 242 -24.27 11.95 2.76
N GLN D 243 -24.47 11.61 1.48
CA GLN D 243 -23.52 10.75 0.77
C GLN D 243 -22.74 11.47 -0.32
N LEU D 244 -23.20 12.65 -0.76
CA LEU D 244 -22.47 13.37 -1.79
C LEU D 244 -21.10 13.82 -1.31
N ARG D 245 -20.96 14.07 0.00
CA ARG D 245 -19.68 14.48 0.57
C ARG D 245 -18.62 13.39 0.52
N SER D 246 -19.02 12.14 0.24
CA SER D 246 -18.07 11.04 0.21
C SER D 246 -17.35 10.99 -1.14
N VAL D 247 -16.75 12.11 -1.54
CA VAL D 247 -16.00 12.21 -2.79
C VAL D 247 -14.58 12.65 -2.46
N SER D 248 -13.60 11.89 -2.94
CA SER D 248 -12.19 12.18 -2.72
C SER D 248 -11.52 12.62 -4.02
N ALA D 249 -12.22 13.40 -4.83
CA ALA D 249 -11.71 13.84 -6.12
C ALA D 249 -11.98 15.33 -6.30
N GLN D 250 -11.15 15.95 -7.14
CA GLN D 250 -11.28 17.37 -7.44
C GLN D 250 -12.11 17.63 -8.69
N ILE D 251 -12.30 16.62 -9.54
CA ILE D 251 -13.03 16.77 -10.80
C ILE D 251 -14.23 15.84 -10.77
N ARG D 252 -15.41 16.38 -11.07
CA ARG D 252 -16.64 15.62 -11.05
C ARG D 252 -17.39 15.79 -12.37
N LEU D 253 -17.92 14.70 -12.89
CA LEU D 253 -18.74 14.69 -14.09
C LEU D 253 -20.19 14.52 -13.69
N LEU D 254 -21.05 15.44 -14.16
CA LEU D 254 -22.45 15.46 -13.78
C LEU D 254 -23.33 15.13 -14.98
N PHE D 255 -24.32 14.27 -14.77
CA PHE D 255 -25.27 13.91 -15.81
C PHE D 255 -26.67 13.89 -15.20
N CYS D 256 -27.46 14.92 -15.49
CA CYS D 256 -28.81 15.03 -14.96
C CYS D 256 -29.70 15.70 -15.99
N ALA D 257 -31.01 15.55 -15.80
CA ALA D 257 -31.95 16.20 -16.70
C ALA D 257 -31.92 17.71 -16.51
N ARG D 258 -32.58 18.42 -17.44
CA ARG D 258 -32.55 19.87 -17.43
C ARG D 258 -33.15 20.43 -16.15
N GLU D 259 -34.30 19.91 -15.74
CA GLU D 259 -34.96 20.39 -14.53
C GLU D 259 -34.15 20.03 -13.28
N GLU D 260 -33.57 18.82 -13.27
CA GLU D 260 -32.88 18.31 -12.10
C GLU D 260 -31.55 19.01 -11.82
N ALA D 261 -31.13 19.95 -12.68
CA ALA D 261 -29.87 20.65 -12.44
C ALA D 261 -29.92 21.46 -11.15
N GLU D 262 -31.04 22.17 -10.91
CA GLU D 262 -31.13 23.01 -9.72
C GLU D 262 -31.09 22.21 -8.42
N PRO D 263 -31.90 21.17 -8.21
CA PRO D 263 -31.85 20.45 -6.92
C PRO D 263 -30.49 19.81 -6.65
N VAL D 264 -29.82 19.30 -7.68
CA VAL D 264 -28.50 18.69 -7.46
C VAL D 264 -27.47 19.75 -7.11
N PHE D 265 -27.52 20.90 -7.80
CA PHE D 265 -26.56 21.97 -7.52
C PHE D 265 -26.74 22.54 -6.12
N ARG D 266 -28.00 22.68 -5.67
CA ARG D 266 -28.24 23.20 -4.34
C ARG D 266 -27.64 22.29 -3.27
N ALA D 267 -27.79 20.97 -3.43
CA ALA D 267 -27.16 20.04 -2.50
C ALA D 267 -25.65 20.02 -2.66
N ALA D 268 -25.16 20.31 -3.87
CA ALA D 268 -23.72 20.35 -4.09
C ALA D 268 -23.09 21.58 -3.45
N GLU D 269 -23.71 22.75 -3.63
CA GLU D 269 -23.13 23.99 -3.11
C GLU D 269 -23.26 24.10 -1.60
N GLU D 270 -24.22 23.40 -1.00
CA GLU D 270 -24.40 23.50 0.45
C GLU D 270 -23.33 22.74 1.20
N ALA D 271 -22.78 21.67 0.63
CA ALA D 271 -21.73 20.90 1.29
C ALA D 271 -20.35 21.40 0.90
N GLY D 272 -20.16 22.71 0.99
CA GLY D 272 -18.85 23.32 0.76
C GLY D 272 -18.24 23.03 -0.59
N LEU D 273 -19.05 23.02 -1.65
CA LEU D 273 -18.56 22.77 -3.01
C LEU D 273 -19.09 23.86 -3.91
N THR D 274 -18.44 25.03 -3.88
CA THR D 274 -18.79 26.12 -4.78
C THR D 274 -17.58 26.86 -5.37
N GLY D 275 -16.43 26.85 -4.70
CA GLY D 275 -15.36 27.78 -5.00
C GLY D 275 -14.40 27.30 -6.06
N SER D 276 -13.23 27.94 -6.09
CA SER D 276 -12.21 27.67 -7.09
C SER D 276 -11.53 26.32 -6.88
N GLY D 277 -11.77 25.65 -5.77
CA GLY D 277 -11.13 24.38 -5.49
C GLY D 277 -11.73 23.17 -6.19
N TYR D 278 -12.80 23.36 -6.96
CA TYR D 278 -13.45 22.27 -7.66
C TYR D 278 -13.93 22.73 -9.02
N VAL D 279 -13.96 21.80 -9.97
CA VAL D 279 -14.38 22.06 -11.34
C VAL D 279 -15.47 21.06 -11.71
N TRP D 280 -16.60 21.56 -12.21
CA TRP D 280 -17.74 20.74 -12.56
C TRP D 280 -17.89 20.68 -14.08
N PHE D 281 -18.01 19.47 -14.61
CA PHE D 281 -18.21 19.25 -16.03
C PHE D 281 -19.68 18.93 -16.29
N MET D 282 -20.31 19.72 -17.16
CA MET D 282 -21.74 19.60 -17.44
C MET D 282 -21.89 19.05 -18.86
N VAL D 283 -22.41 17.83 -18.98
CA VAL D 283 -22.54 17.13 -20.24
C VAL D 283 -23.94 16.54 -20.35
N GLY D 284 -24.38 16.32 -21.58
CA GLY D 284 -25.66 15.70 -21.84
C GLY D 284 -26.66 16.65 -22.47
N PRO D 285 -27.94 16.26 -22.50
CA PRO D 285 -28.97 17.14 -23.05
C PRO D 285 -29.30 18.28 -22.12
N GLN D 286 -28.32 19.15 -21.86
CA GLN D 286 -28.43 20.24 -20.90
C GLN D 286 -28.01 21.56 -21.54
N LEU D 287 -28.59 21.85 -22.70
CA LEU D 287 -28.24 23.04 -23.46
C LEU D 287 -28.37 24.29 -22.61
N ALA D 288 -27.33 25.12 -22.63
CA ALA D 288 -27.27 26.33 -21.84
C ALA D 288 -27.18 27.60 -22.69
N GLY D 289 -26.23 27.65 -23.61
CA GLY D 289 -26.05 28.82 -24.45
C GLY D 289 -27.18 29.07 -25.42
N GLY D 305 -31.50 33.63 -7.67
CA GLY D 305 -30.11 33.88 -7.95
C GLY D 305 -29.51 32.93 -8.97
N ALA D 306 -28.21 32.71 -8.88
CA ALA D 306 -27.49 31.82 -9.78
C ALA D 306 -26.66 30.84 -8.94
N PRO D 307 -27.29 29.80 -8.40
CA PRO D 307 -26.53 28.81 -7.62
C PRO D 307 -25.67 27.92 -8.50
N LEU D 308 -24.57 28.47 -9.01
CA LEU D 308 -23.65 27.74 -9.87
C LEU D 308 -22.25 27.76 -9.28
N PRO D 309 -21.49 26.67 -9.44
CA PRO D 309 -20.13 26.63 -8.91
C PRO D 309 -19.18 27.41 -9.81
N ALA D 310 -17.92 27.46 -9.40
CA ALA D 310 -16.86 28.11 -10.16
C ALA D 310 -16.09 27.07 -10.95
N GLY D 311 -15.72 27.43 -12.18
CA GLY D 311 -15.04 26.50 -13.06
C GLY D 311 -16.00 25.49 -13.69
N LEU D 312 -16.95 25.99 -14.47
CA LEU D 312 -17.94 25.15 -15.12
C LEU D 312 -17.58 24.99 -16.59
N PHE D 313 -17.60 23.76 -17.08
CA PHE D 313 -17.26 23.46 -18.46
C PHE D 313 -18.38 22.64 -19.10
N ALA D 314 -18.51 22.78 -20.41
CA ALA D 314 -19.50 22.04 -21.18
C ALA D 314 -19.02 21.93 -22.61
N VAL D 315 -19.68 21.09 -23.39
CA VAL D 315 -19.33 20.84 -24.78
C VAL D 315 -20.52 21.16 -25.66
N ARG D 316 -20.28 21.89 -26.74
CA ARG D 316 -21.34 22.28 -27.65
C ARG D 316 -20.85 22.21 -29.09
N SER D 317 -21.80 22.20 -30.02
CA SER D 317 -21.47 22.12 -31.44
C SER D 317 -20.98 23.48 -31.95
N ALA D 318 -20.68 23.54 -33.25
CA ALA D 318 -20.12 24.74 -33.84
C ALA D 318 -21.14 25.87 -34.01
N GLY D 319 -22.43 25.58 -33.88
CA GLY D 319 -23.43 26.60 -34.05
C GLY D 319 -24.07 27.03 -32.75
N TRP D 320 -23.26 27.14 -31.69
CA TRP D 320 -23.83 27.44 -30.38
C TRP D 320 -24.31 28.88 -30.29
N ARG D 321 -23.70 29.79 -31.04
CA ARG D 321 -24.15 31.19 -31.08
C ARG D 321 -24.11 31.73 -32.51
N ASP D 322 -24.59 30.94 -33.47
CA ASP D 322 -24.66 31.38 -34.85
C ASP D 322 -26.00 32.03 -35.14
N ASP D 323 -25.98 33.03 -36.03
CA ASP D 323 -27.21 33.71 -36.41
C ASP D 323 -28.10 32.80 -37.23
N LEU D 324 -29.41 33.01 -37.10
CA LEU D 324 -30.38 32.14 -37.77
C LEU D 324 -30.29 32.23 -39.29
N ALA D 325 -29.76 33.33 -39.83
CA ALA D 325 -29.63 33.45 -41.27
C ALA D 325 -28.68 32.39 -41.83
N ARG D 326 -27.55 32.17 -41.15
CA ARG D 326 -26.62 31.13 -41.57
C ARG D 326 -27.12 29.75 -41.20
N ARG D 327 -27.95 29.65 -40.16
CA ARG D 327 -28.44 28.34 -39.72
C ARG D 327 -29.36 27.72 -40.76
N VAL D 328 -30.18 28.53 -41.44
CA VAL D 328 -31.07 28.00 -42.47
C VAL D 328 -30.27 27.44 -43.63
N ALA D 329 -29.14 28.06 -43.97
CA ALA D 329 -28.37 27.63 -45.14
C ALA D 329 -27.89 26.20 -44.99
N ALA D 330 -27.46 25.81 -43.79
CA ALA D 330 -26.98 24.45 -43.57
C ALA D 330 -28.08 23.43 -43.84
N GLY D 331 -29.30 23.71 -43.38
CA GLY D 331 -30.41 22.82 -43.69
C GLY D 331 -30.71 22.73 -45.17
N VAL D 332 -30.66 23.87 -45.86
CA VAL D 332 -30.85 23.86 -47.31
C VAL D 332 -29.65 23.23 -48.01
N ALA D 333 -28.45 23.38 -47.43
CA ALA D 333 -27.27 22.82 -48.06
C ALA D 333 -27.30 21.29 -48.08
N VAL D 334 -27.71 20.67 -46.97
CA VAL D 334 -27.65 19.22 -46.88
C VAL D 334 -28.69 18.57 -47.80
N VAL D 335 -29.89 19.16 -47.90
CA VAL D 335 -30.91 18.58 -48.77
C VAL D 335 -30.53 18.79 -50.23
N ALA D 336 -29.96 19.96 -50.57
CA ALA D 336 -29.54 20.20 -51.94
C ALA D 336 -28.36 19.32 -52.33
N ARG D 337 -27.33 19.28 -51.47
CA ARG D 337 -26.19 18.42 -51.75
C ARG D 337 -26.58 16.95 -51.71
N GLY D 338 -27.46 16.58 -50.77
CA GLY D 338 -27.93 15.20 -50.73
C GLY D 338 -28.70 14.81 -51.97
N ALA D 339 -29.51 15.72 -52.50
CA ALA D 339 -30.25 15.45 -53.72
C ALA D 339 -29.38 15.55 -54.97
N GLN D 340 -28.20 16.18 -54.87
CA GLN D 340 -27.28 16.19 -56.01
C GLN D 340 -26.81 14.79 -56.34
N ALA D 341 -26.50 13.99 -55.32
CA ALA D 341 -26.16 12.59 -55.55
C ALA D 341 -27.35 11.81 -56.09
N LEU D 342 -28.57 12.22 -55.72
CA LEU D 342 -29.77 11.58 -56.26
C LEU D 342 -29.85 11.78 -57.76
N LEU D 343 -29.52 12.97 -58.24
CA LEU D 343 -29.51 13.25 -59.67
C LEU D 343 -28.18 12.87 -60.29
N ARG D 344 -27.71 11.66 -60.00
CA ARG D 344 -26.50 11.12 -60.61
C ARG D 344 -26.73 9.69 -61.04
N ASP D 345 -27.66 8.99 -60.39
CA ASP D 345 -27.93 7.60 -60.68
C ASP D 345 -29.29 7.37 -61.35
N TYR D 346 -30.23 8.30 -61.21
CA TYR D 346 -31.54 8.19 -61.83
C TYR D 346 -31.78 9.22 -62.92
N GLY D 347 -31.31 10.45 -62.73
CA GLY D 347 -31.48 11.50 -63.71
C GLY D 347 -32.84 12.19 -63.69
N PHE D 348 -33.70 11.84 -62.74
CA PHE D 348 -35.02 12.46 -62.62
C PHE D 348 -35.32 12.65 -61.15
N LEU D 349 -36.58 12.97 -60.84
CA LEU D 349 -37.01 13.15 -59.46
C LEU D 349 -37.98 12.03 -59.09
N PRO D 350 -37.53 11.00 -58.38
CA PRO D 350 -38.41 9.87 -58.02
C PRO D 350 -39.24 10.15 -56.76
N GLU D 351 -40.32 10.92 -56.95
CA GLU D 351 -41.21 11.23 -55.83
C GLU D 351 -41.95 9.99 -55.37
N LEU D 352 -42.07 9.85 -54.06
CA LEU D 352 -42.75 8.71 -53.46
C LEU D 352 -44.21 9.08 -53.17
N GLY D 353 -44.93 8.17 -52.51
CA GLY D 353 -46.30 8.44 -52.15
C GLY D 353 -46.39 9.33 -50.92
N HIS D 354 -46.05 10.61 -51.11
CA HIS D 354 -45.95 11.55 -50.00
C HIS D 354 -47.29 11.91 -49.39
N ASP D 355 -48.40 11.55 -50.03
CA ASP D 355 -49.72 11.87 -49.52
C ASP D 355 -49.95 11.23 -48.15
N CYS D 356 -50.06 12.05 -47.10
CA CYS D 356 -50.21 11.53 -45.75
C CYS D 356 -51.61 10.99 -45.50
N ARG D 357 -52.63 11.57 -46.13
CA ARG D 357 -54.02 11.19 -45.88
C ARG D 357 -54.56 10.19 -46.89
N ALA D 358 -53.68 9.56 -47.68
CA ALA D 358 -54.10 8.59 -48.69
C ALA D 358 -53.65 7.18 -48.37
N GLN D 359 -52.35 6.96 -48.21
CA GLN D 359 -51.80 5.63 -47.98
C GLN D 359 -50.63 5.74 -47.01
N ASN D 360 -49.86 4.66 -46.91
CA ASN D 360 -48.70 4.61 -46.04
C ASN D 360 -47.63 3.75 -46.71
N ARG D 361 -46.37 4.15 -46.56
CA ARG D 361 -45.25 3.40 -47.11
C ARG D 361 -44.02 3.64 -46.24
N THR D 362 -43.37 2.55 -45.83
CA THR D 362 -42.18 2.63 -44.99
C THR D 362 -41.04 1.74 -45.46
N HIS D 363 -41.24 0.88 -46.45
CA HIS D 363 -40.19 -0.02 -46.89
C HIS D 363 -39.12 0.70 -47.72
N ARG D 364 -39.51 1.73 -48.48
CA ARG D 364 -38.56 2.43 -49.33
C ARG D 364 -37.68 3.42 -48.57
N GLY D 365 -37.97 3.67 -47.29
CA GLY D 365 -37.20 4.64 -46.53
C GLY D 365 -35.82 4.15 -46.14
N GLU D 366 -35.58 2.85 -46.17
CA GLU D 366 -34.26 2.33 -45.82
C GLU D 366 -33.20 2.79 -46.80
N SER D 367 -33.52 2.83 -48.09
CA SER D 367 -32.58 3.26 -49.12
C SER D 367 -32.60 4.78 -49.29
N LEU D 368 -32.46 5.50 -48.18
CA LEU D 368 -32.42 6.95 -48.20
C LEU D 368 -31.20 7.48 -47.46
N HIS D 369 -30.80 6.80 -46.39
CA HIS D 369 -29.64 7.22 -45.62
C HIS D 369 -28.37 7.17 -46.46
N ARG D 370 -28.24 6.15 -47.31
CA ARG D 370 -27.00 5.92 -48.05
C ARG D 370 -26.63 7.10 -48.94
N TYR D 371 -27.59 7.95 -49.30
CA TYR D 371 -27.29 9.12 -50.10
C TYR D 371 -26.61 10.21 -49.28
N PHE D 372 -26.85 10.26 -47.98
CA PHE D 372 -26.31 11.30 -47.10
C PHE D 372 -25.05 10.84 -46.37
N MET D 373 -24.03 10.38 -47.10
CA MET D 373 -22.74 10.04 -46.51
C MET D 373 -21.59 10.94 -46.93
N ASN D 374 -21.75 11.75 -47.96
CA ASN D 374 -20.64 12.54 -48.50
C ASN D 374 -21.07 13.99 -48.73
N ILE D 375 -21.69 14.59 -47.72
CA ILE D 375 -22.13 15.98 -47.80
C ILE D 375 -21.04 16.86 -47.20
N THR D 376 -20.57 17.82 -47.99
CA THR D 376 -19.54 18.76 -47.54
C THR D 376 -19.93 20.18 -47.96
N TRP D 377 -19.73 21.13 -47.06
CA TRP D 377 -20.06 22.52 -47.33
C TRP D 377 -19.28 23.43 -46.40
N ASP D 378 -18.96 24.63 -46.89
CA ASP D 378 -18.30 25.67 -46.10
C ASP D 378 -17.00 25.17 -45.48
N ASN D 379 -16.25 24.38 -46.24
CA ASN D 379 -14.99 23.78 -45.79
C ASN D 379 -15.19 22.97 -44.51
N ARG D 380 -16.39 22.38 -44.36
CA ARG D 380 -16.72 21.59 -43.18
C ARG D 380 -17.40 20.31 -43.63
N ASP D 381 -17.31 19.29 -42.78
CA ASP D 381 -17.82 17.96 -43.09
C ASP D 381 -19.17 17.76 -42.42
N TYR D 382 -20.18 17.45 -43.23
CA TYR D 382 -21.54 17.23 -42.75
C TYR D 382 -22.01 15.81 -43.04
N SER D 383 -21.09 14.85 -43.00
CA SER D 383 -21.44 13.47 -43.30
C SER D 383 -22.21 12.84 -42.14
N PHE D 384 -23.35 12.24 -42.45
CA PHE D 384 -24.19 11.59 -41.46
C PHE D 384 -23.90 10.10 -41.44
N ASN D 385 -23.82 9.53 -40.25
CA ASN D 385 -23.68 8.08 -40.13
C ASN D 385 -25.05 7.42 -40.32
N GLU D 386 -25.07 6.09 -40.18
CA GLU D 386 -26.31 5.36 -40.37
C GLU D 386 -27.34 5.72 -39.30
N ASP D 387 -26.88 5.97 -38.07
CA ASP D 387 -27.80 6.19 -36.97
C ASP D 387 -28.63 7.44 -37.16
N GLY D 388 -28.02 8.53 -37.64
CA GLY D 388 -28.77 9.73 -37.93
C GLY D 388 -28.06 11.04 -37.60
N PHE D 389 -27.05 10.99 -36.74
CA PHE D 389 -26.32 12.18 -36.34
C PHE D 389 -24.97 12.25 -37.06
N LEU D 390 -24.30 13.38 -36.88
CA LEU D 390 -22.99 13.57 -37.48
C LEU D 390 -21.97 12.62 -36.83
N VAL D 391 -20.97 12.23 -37.61
CA VAL D 391 -19.94 11.31 -37.15
C VAL D 391 -18.64 12.03 -36.81
N ASN D 392 -18.28 13.05 -37.58
CA ASN D 392 -17.04 13.80 -37.39
C ASN D 392 -17.35 15.29 -37.41
N PRO D 393 -17.92 15.82 -36.34
CA PRO D 393 -18.31 17.23 -36.30
C PRO D 393 -17.14 18.11 -35.89
N SER D 394 -17.40 19.41 -35.83
CA SER D 394 -16.43 20.41 -35.37
C SER D 394 -16.96 21.01 -34.07
N LEU D 395 -16.57 20.42 -32.94
CA LEU D 395 -17.07 20.83 -31.64
C LEU D 395 -16.21 21.95 -31.06
N VAL D 396 -16.77 22.61 -30.04
CA VAL D 396 -16.06 23.60 -29.24
C VAL D 396 -16.33 23.31 -27.77
N VAL D 397 -15.50 23.90 -26.91
CA VAL D 397 -15.62 23.71 -25.46
C VAL D 397 -15.90 25.07 -24.84
N ILE D 398 -16.93 25.14 -24.00
CA ILE D 398 -17.37 26.38 -23.37
C ILE D 398 -17.08 26.31 -21.88
N SER D 399 -16.61 27.42 -21.31
CA SER D 399 -16.28 27.51 -19.91
C SER D 399 -16.91 28.75 -19.31
N LEU D 400 -17.29 28.66 -18.03
CA LEU D 400 -17.90 29.77 -17.33
C LEU D 400 -16.89 30.89 -17.11
N THR D 401 -17.38 32.12 -17.13
CA THR D 401 -16.58 33.31 -16.90
C THR D 401 -17.03 33.98 -15.61
N ARG D 402 -16.11 34.74 -14.99
CA ARG D 402 -16.37 35.32 -13.68
C ARG D 402 -17.63 36.19 -13.66
N ASP D 403 -17.93 36.87 -14.77
CA ASP D 403 -19.09 37.74 -14.84
C ASP D 403 -20.35 37.01 -15.30
N ARG D 404 -20.43 35.69 -15.08
CA ARG D 404 -21.58 34.88 -15.44
C ARG D 404 -21.85 34.95 -16.95
N THR D 405 -20.81 34.66 -17.74
CA THR D 405 -20.91 34.62 -19.19
C THR D 405 -20.20 33.38 -19.70
N TRP D 406 -20.47 33.05 -20.96
CA TRP D 406 -19.90 31.88 -21.60
C TRP D 406 -18.85 32.31 -22.62
N GLU D 407 -17.69 31.65 -22.58
CA GLU D 407 -16.60 31.97 -23.49
C GLU D 407 -15.97 30.68 -24.00
N VAL D 408 -15.36 30.75 -25.17
CA VAL D 408 -14.73 29.60 -25.80
C VAL D 408 -13.31 29.45 -25.27
N VAL D 409 -13.00 28.25 -24.75
CA VAL D 409 -11.68 27.97 -24.21
C VAL D 409 -11.02 26.78 -24.92
N GLY D 410 -11.42 26.51 -26.16
CA GLY D 410 -10.83 25.40 -26.88
C GLY D 410 -11.41 25.29 -28.26
N SER D 411 -11.13 24.15 -28.90
CA SER D 411 -11.63 23.87 -30.23
C SER D 411 -11.49 22.37 -30.48
N TRP D 412 -12.12 21.91 -31.56
CA TRP D 412 -12.06 20.49 -31.92
C TRP D 412 -12.32 20.39 -33.42
N GLU D 413 -11.25 20.18 -34.19
CA GLU D 413 -11.33 20.18 -35.65
C GLU D 413 -10.49 19.05 -36.22
N GLN D 414 -11.11 18.25 -37.10
CA GLN D 414 -10.48 17.06 -37.71
C GLN D 414 -9.66 16.27 -36.71
N GLN D 415 -10.32 15.82 -35.64
CA GLN D 415 -9.75 14.87 -34.68
C GLN D 415 -8.45 15.41 -34.07
N THR D 416 -8.40 16.72 -33.86
CA THR D 416 -7.25 17.37 -33.26
C THR D 416 -7.73 18.37 -32.22
N LEU D 417 -6.97 18.51 -31.14
CA LEU D 417 -7.35 19.36 -30.02
C LEU D 417 -6.41 20.54 -29.89
N ARG D 418 -6.95 21.70 -29.53
CA ARG D 418 -6.18 22.88 -29.20
C ARG D 418 -6.77 23.53 -27.96
N LEU D 419 -5.91 24.24 -27.22
CA LEU D 419 -6.32 24.95 -26.02
C LEU D 419 -5.76 26.36 -26.07
N LYS D 420 -6.54 27.30 -25.54
CA LYS D 420 -6.14 28.71 -25.59
C LYS D 420 -5.02 29.00 -24.61
N TYR D 421 -5.11 28.47 -23.39
CA TYR D 421 -4.14 28.77 -22.34
C TYR D 421 -3.66 27.48 -21.70
N PRO D 422 -2.38 27.12 -21.82
CA PRO D 422 -1.86 25.97 -21.08
C PRO D 422 -1.86 26.24 -19.59
N LEU D 423 -2.03 25.17 -18.81
CA LEU D 423 -2.17 25.27 -17.36
C LEU D 423 -1.12 24.40 -16.67
N TRP D 424 -1.20 24.37 -15.34
CA TRP D 424 -0.31 23.58 -14.50
C TRP D 424 -1.11 22.88 -13.41
N SER D 425 -2.24 22.29 -13.78
CA SER D 425 -3.12 21.59 -12.85
C SER D 425 -3.58 22.51 -11.73
N ARG D 426 -2.88 22.45 -10.60
CA ARG D 426 -3.22 23.28 -9.45
C ARG D 426 -2.98 24.76 -9.70
N TYR D 427 -2.28 25.12 -10.78
CA TYR D 427 -1.99 26.49 -11.12
C TYR D 427 -2.43 26.76 -12.56
N GLY D 428 -2.79 28.00 -12.84
CA GLY D 428 -3.27 28.36 -14.16
C GLY D 428 -4.63 29.02 -14.16
N ARG D 429 -4.98 29.66 -13.04
CA ARG D 429 -6.14 30.54 -12.88
C ARG D 429 -7.46 29.86 -13.19
N PHE D 430 -7.46 28.55 -13.41
CA PHE D 430 -8.71 27.79 -13.61
C PHE D 430 -9.06 26.94 -12.41
N LEU D 431 -8.07 26.31 -11.79
CA LEU D 431 -8.26 25.55 -10.57
C LEU D 431 -7.11 25.88 -9.61
N GLN D 432 -7.43 25.96 -8.33
CA GLN D 432 -6.44 26.27 -7.31
C GLN D 432 -6.46 25.23 -6.22
N PRO D 433 -5.33 24.97 -5.56
CA PRO D 433 -5.29 23.93 -4.53
C PRO D 433 -6.24 24.23 -3.39
N VAL D 434 -6.79 23.17 -2.81
CA VAL D 434 -7.75 23.32 -1.72
C VAL D 434 -7.07 23.91 -0.49
N ASP D 435 -5.82 23.51 -0.24
CA ASP D 435 -5.07 23.98 0.92
C ASP D 435 -4.00 25.00 0.58
N ASP D 436 -3.32 24.84 -0.55
CA ASP D 436 -2.23 25.70 -1.01
C ASP D 436 -1.05 25.72 -0.05
N THR D 437 -1.06 24.88 0.98
CA THR D 437 0.06 24.77 1.90
C THR D 437 0.91 23.54 1.67
N GLN D 438 0.35 22.50 1.02
CA GLN D 438 1.09 21.30 0.67
C GLN D 438 1.64 21.35 -0.75
N HIS D 439 1.96 22.54 -1.24
CA HIS D 439 2.51 22.74 -2.57
C HIS D 439 3.86 23.41 -2.46
N LEU D 440 4.84 22.91 -3.22
CA LEU D 440 6.20 23.40 -3.18
C LEU D 440 6.71 23.63 -4.59
N THR D 441 7.67 24.53 -4.71
CA THR D 441 8.41 24.75 -5.96
C THR D 441 9.85 24.33 -5.73
N VAL D 442 10.32 23.37 -6.53
CA VAL D 442 11.63 22.75 -6.34
C VAL D 442 12.51 23.15 -7.51
N ALA D 443 13.67 23.72 -7.21
CA ALA D 443 14.64 24.13 -8.21
C ALA D 443 15.81 23.17 -8.22
N THR D 444 16.23 22.75 -9.41
CA THR D 444 17.35 21.84 -9.58
C THR D 444 18.27 22.37 -10.68
N LEU D 445 19.35 21.64 -10.93
CA LEU D 445 20.29 21.96 -11.98
C LEU D 445 21.04 20.69 -12.36
N GLU D 446 21.27 20.50 -13.65
CA GLU D 446 21.70 19.21 -14.19
C GLU D 446 23.15 18.93 -13.79
N GLU D 447 23.35 17.91 -12.97
CA GLU D 447 24.65 17.33 -12.69
C GLU D 447 24.69 15.92 -13.27
N ARG D 448 25.88 15.52 -13.72
CA ARG D 448 25.96 14.39 -14.64
C ARG D 448 25.35 13.10 -14.10
N PRO D 449 25.71 12.60 -12.91
CA PRO D 449 25.12 11.35 -12.43
C PRO D 449 23.95 11.49 -11.46
N PHE D 450 23.58 12.70 -11.05
CA PHE D 450 22.60 12.90 -9.98
C PHE D 450 21.22 13.30 -10.50
N VAL D 451 21.16 14.26 -11.42
CA VAL D 451 19.92 14.59 -12.12
C VAL D 451 20.21 14.63 -13.62
N ILE D 452 19.49 13.83 -14.39
CA ILE D 452 19.73 13.69 -15.82
C ILE D 452 18.54 14.27 -16.57
N VAL D 453 18.80 15.19 -17.49
CA VAL D 453 17.77 15.86 -18.26
C VAL D 453 17.68 15.22 -19.63
N GLU D 454 16.49 14.76 -20.00
CA GLU D 454 16.27 14.12 -21.29
C GLU D 454 15.05 14.73 -21.96
N PRO D 455 15.08 14.88 -23.28
CA PRO D 455 13.91 15.44 -23.99
C PRO D 455 12.74 14.47 -23.97
N ALA D 456 11.54 15.04 -24.10
CA ALA D 456 10.33 14.25 -24.10
C ALA D 456 10.20 13.47 -25.40
N ASP D 457 9.48 12.36 -25.33
CA ASP D 457 9.26 11.52 -26.51
C ASP D 457 8.22 12.16 -27.41
N PRO D 458 8.53 12.46 -28.67
CA PRO D 458 7.54 13.09 -29.55
C PRO D 458 6.41 12.17 -29.98
N ILE D 459 6.58 10.85 -29.85
CA ILE D 459 5.56 9.91 -30.33
C ILE D 459 4.27 10.08 -29.54
N SER D 460 4.37 10.16 -28.22
CA SER D 460 3.21 10.30 -27.36
C SER D 460 3.15 11.63 -26.63
N GLY D 461 4.25 12.37 -26.57
CA GLY D 461 4.27 13.64 -25.87
C GLY D 461 4.45 13.52 -24.37
N THR D 462 4.58 12.31 -23.84
CA THR D 462 4.72 12.09 -22.41
C THR D 462 6.09 11.50 -22.10
N CYS D 463 6.60 11.81 -20.91
CA CYS D 463 7.91 11.32 -20.51
C CYS D 463 7.87 9.83 -20.23
N ILE D 464 9.06 9.23 -20.19
CA ILE D 464 9.18 7.83 -19.82
C ILE D 464 8.64 7.65 -18.40
N ARG D 465 8.15 6.45 -18.12
CA ARG D 465 7.54 6.18 -16.81
C ARG D 465 8.55 6.08 -15.68
N ASP D 466 9.82 6.41 -15.94
CA ASP D 466 10.86 6.44 -14.93
C ASP D 466 11.40 7.84 -14.69
N SER D 467 10.62 8.87 -15.05
CA SER D 467 11.09 10.25 -14.97
C SER D 467 9.96 11.15 -14.49
N VAL D 468 10.29 12.41 -14.29
CA VAL D 468 9.35 13.43 -13.83
C VAL D 468 9.48 14.65 -14.75
N PRO D 469 8.38 15.26 -15.17
CA PRO D 469 8.50 16.45 -16.04
C PRO D 469 9.14 17.62 -15.32
N CYS D 470 9.86 18.43 -16.10
CA CYS D 470 10.57 19.60 -15.60
C CYS D 470 10.35 20.76 -16.55
N ARG D 471 10.19 21.96 -16.00
CA ARG D 471 10.08 23.16 -16.81
C ARG D 471 11.48 23.61 -17.21
N SER D 472 11.57 24.83 -17.73
CA SER D 472 12.86 25.46 -18.01
C SER D 472 13.04 26.75 -17.23
N GLN D 473 12.00 27.59 -17.15
CA GLN D 473 12.03 28.82 -16.38
C GLN D 473 10.65 29.47 -16.41
N LEU D 474 10.49 30.59 -15.71
CA LEU D 474 9.29 31.41 -15.79
C LEU D 474 9.54 32.77 -16.41
N ASN D 475 10.64 33.43 -16.04
CA ASN D 475 11.10 34.66 -16.68
C ASN D 475 10.07 35.78 -16.57
N ARG D 476 9.41 35.87 -15.42
CA ARG D 476 8.45 36.93 -15.16
C ARG D 476 8.21 37.13 -13.67
N PRO D 485 5.29 28.40 -29.08
CA PRO D 485 6.54 27.93 -28.50
C PRO D 485 6.35 27.52 -27.04
N ARG D 486 6.72 26.28 -26.73
CA ARG D 486 6.61 25.77 -25.36
C ARG D 486 7.65 24.67 -25.18
N PRO D 487 8.81 25.00 -24.62
CA PRO D 487 9.84 23.98 -24.40
C PRO D 487 9.68 23.26 -23.07
N GLU D 488 8.49 23.39 -22.46
CA GLU D 488 8.27 22.82 -21.13
C GLU D 488 8.40 21.30 -21.11
N LYS D 489 8.22 20.63 -22.24
CA LYS D 489 8.26 19.18 -22.26
C LYS D 489 9.69 18.67 -22.10
N ARG D 490 10.09 18.41 -20.86
CA ARG D 490 11.38 17.82 -20.55
C ARG D 490 11.23 16.79 -19.45
N CYS D 491 12.17 15.86 -19.39
CA CYS D 491 12.14 14.76 -18.44
C CYS D 491 13.42 14.77 -17.62
N CYS D 492 13.29 14.49 -16.33
CA CYS D 492 14.44 14.43 -15.43
C CYS D 492 14.39 13.15 -14.61
N LYS D 493 15.56 12.58 -14.35
CA LYS D 493 15.69 11.41 -13.49
C LYS D 493 17.12 11.32 -12.99
N GLY D 494 17.31 10.57 -11.93
CA GLY D 494 18.63 10.35 -11.39
C GLY D 494 18.58 10.05 -9.90
N PHE D 495 19.76 10.12 -9.29
CA PHE D 495 19.89 9.78 -7.88
C PHE D 495 19.11 10.73 -7.00
N CYS D 496 19.15 12.04 -7.31
CA CYS D 496 18.47 13.03 -6.48
C CYS D 496 16.96 13.04 -6.70
N ILE D 497 16.51 12.75 -7.93
CA ILE D 497 15.08 12.74 -8.19
C ILE D 497 14.40 11.59 -7.45
N ASP D 498 15.08 10.45 -7.34
CA ASP D 498 14.51 9.33 -6.59
C ASP D 498 14.32 9.68 -5.12
N ILE D 499 15.28 10.44 -4.56
CA ILE D 499 15.15 10.89 -3.17
C ILE D 499 13.92 11.77 -3.01
N LEU D 500 13.75 12.72 -3.94
CA LEU D 500 12.60 13.62 -3.89
C LEU D 500 11.30 12.86 -4.09
N LYS D 501 11.31 11.86 -4.98
CA LYS D 501 10.11 11.08 -5.24
C LYS D 501 9.66 10.32 -3.99
N ARG D 502 10.60 9.74 -3.25
CA ARG D 502 10.26 9.01 -2.04
C ARG D 502 9.78 9.96 -0.94
N LEU D 503 10.25 11.20 -0.95
CA LEU D 503 9.81 12.17 0.06
C LEU D 503 8.35 12.54 -0.12
N ALA D 504 7.86 12.60 -1.36
CA ALA D 504 6.47 12.95 -1.61
C ALA D 504 5.53 11.88 -1.04
N HIS D 505 5.90 10.61 -1.19
CA HIS D 505 5.06 9.53 -0.71
C HIS D 505 4.88 9.58 0.80
N THR D 506 5.96 9.86 1.53
CA THR D 506 5.95 9.73 2.98
C THR D 506 5.12 10.81 3.68
N ILE D 507 5.20 12.06 3.21
CA ILE D 507 4.58 13.15 3.95
C ILE D 507 3.60 13.95 3.08
N GLY D 508 3.64 13.73 1.78
CA GLY D 508 2.67 14.37 0.90
C GLY D 508 3.15 15.64 0.24
N PHE D 509 3.45 15.57 -1.06
CA PHE D 509 3.97 16.70 -1.81
C PHE D 509 3.16 16.93 -3.07
N SER D 510 3.26 18.16 -3.57
CA SER D 510 2.75 18.53 -4.89
C SER D 510 3.70 19.60 -5.43
N TYR D 511 4.70 19.16 -6.18
CA TYR D 511 5.82 20.00 -6.58
C TYR D 511 5.81 20.26 -8.08
N ASP D 512 6.71 21.14 -8.50
CA ASP D 512 6.93 21.41 -9.92
C ASP D 512 8.40 21.74 -10.11
N LEU D 513 9.09 20.95 -10.93
CA LEU D 513 10.50 21.17 -11.16
C LEU D 513 10.73 22.49 -11.87
N TYR D 514 11.79 23.19 -11.50
CA TYR D 514 11.98 24.60 -11.80
C TYR D 514 13.42 24.85 -12.22
N LEU D 515 13.91 24.07 -13.19
CA LEU D 515 15.31 24.14 -13.62
C LEU D 515 15.80 25.58 -13.74
N VAL D 516 17.02 25.81 -13.28
CA VAL D 516 17.58 27.14 -13.14
C VAL D 516 18.19 27.59 -14.47
N THR D 517 18.20 28.90 -14.70
CA THR D 517 18.82 29.45 -15.90
C THR D 517 19.81 30.57 -15.63
N ASN D 518 19.88 31.11 -14.41
CA ASN D 518 20.82 32.16 -14.06
C ASN D 518 21.80 31.60 -13.03
N GLY D 519 23.06 31.44 -13.44
CA GLY D 519 24.07 30.88 -12.57
C GLY D 519 23.98 29.36 -12.48
N LYS D 520 24.92 28.80 -11.74
CA LYS D 520 24.97 27.36 -11.52
C LYS D 520 24.63 27.00 -10.08
N HIS D 521 25.36 27.55 -9.12
CA HIS D 521 25.07 27.35 -7.70
C HIS D 521 25.15 28.69 -7.01
N GLY D 522 25.13 28.70 -5.69
CA GLY D 522 25.25 29.96 -4.98
C GLY D 522 26.58 30.63 -5.25
N LYS D 523 26.55 31.94 -5.47
CA LYS D 523 27.77 32.71 -5.64
C LYS D 523 27.43 34.17 -5.35
N LYS D 524 27.98 34.70 -4.26
CA LYS D 524 27.69 36.06 -3.82
C LYS D 524 28.53 37.03 -4.64
N ILE D 525 27.92 37.66 -5.63
CA ILE D 525 28.55 38.71 -6.42
C ILE D 525 27.79 40.02 -6.17
N ASP D 526 28.50 41.04 -5.69
CA ASP D 526 27.91 42.34 -5.37
C ASP D 526 26.72 42.20 -4.42
N GLY D 527 26.83 41.28 -3.47
CA GLY D 527 25.79 41.14 -2.46
C GLY D 527 24.50 40.52 -2.94
N VAL D 528 24.51 39.85 -4.08
CA VAL D 528 23.32 39.20 -4.63
C VAL D 528 23.64 37.73 -4.86
N TRP D 529 22.80 36.85 -4.33
CA TRP D 529 22.99 35.41 -4.48
C TRP D 529 22.26 34.92 -5.72
N ASN D 530 22.96 34.18 -6.56
CA ASN D 530 22.40 33.62 -7.78
C ASN D 530 22.39 32.09 -7.69
N GLY D 531 21.90 31.46 -8.74
CA GLY D 531 21.84 30.01 -8.74
C GLY D 531 20.74 29.49 -7.82
N MET D 532 20.94 28.24 -7.38
CA MET D 532 19.95 27.58 -6.55
C MET D 532 19.75 28.31 -5.23
N ILE D 533 20.84 28.82 -4.65
CA ILE D 533 20.74 29.53 -3.37
C ILE D 533 19.95 30.82 -3.53
N GLY D 534 20.12 31.50 -4.66
CA GLY D 534 19.36 32.70 -4.92
C GLY D 534 17.89 32.47 -5.19
N GLU D 535 17.52 31.26 -5.59
CA GLU D 535 16.11 30.91 -5.78
C GLU D 535 15.41 30.57 -4.48
N VAL D 536 16.16 30.35 -3.40
CA VAL D 536 15.59 30.03 -2.10
C VAL D 536 15.72 31.20 -1.14
N PHE D 537 16.84 31.94 -1.21
CA PHE D 537 17.03 33.09 -0.33
C PHE D 537 15.97 34.15 -0.55
N TYR D 538 15.61 34.40 -1.80
CA TYR D 538 14.62 35.41 -2.14
C TYR D 538 13.21 34.85 -2.23
N GLN D 539 12.99 33.65 -1.68
CA GLN D 539 11.67 33.04 -1.59
C GLN D 539 11.04 32.83 -2.96
N ARG D 540 11.88 32.63 -3.99
CA ARG D 540 11.36 32.23 -5.29
C ARG D 540 11.14 30.72 -5.38
N ALA D 541 11.59 29.96 -4.39
CA ALA D 541 11.37 28.52 -4.34
C ALA D 541 11.36 28.07 -2.90
N ASP D 542 10.71 26.94 -2.65
CA ASP D 542 10.62 26.37 -1.31
C ASP D 542 11.67 25.31 -1.05
N MET D 543 12.45 24.93 -2.05
CA MET D 543 13.45 23.87 -1.91
C MET D 543 14.49 24.07 -3.00
N ALA D 544 15.62 23.37 -2.83
CA ALA D 544 16.62 23.29 -3.88
C ALA D 544 17.37 21.98 -3.68
N ILE D 545 17.00 20.97 -4.44
CA ILE D 545 17.63 19.66 -4.36
C ILE D 545 18.56 19.50 -5.56
N GLY D 546 19.59 18.70 -5.37
CA GLY D 546 20.59 18.48 -6.40
C GLY D 546 21.94 18.19 -5.75
N SER D 547 22.99 18.58 -6.46
CA SER D 547 24.36 18.44 -5.95
C SER D 547 24.77 19.77 -5.33
N LEU D 548 24.30 19.99 -4.11
CA LEU D 548 24.55 21.22 -3.36
C LEU D 548 25.33 20.89 -2.11
N THR D 549 26.45 21.57 -1.90
CA THR D 549 27.40 21.27 -0.85
C THR D 549 27.21 22.20 0.32
N ILE D 550 27.25 21.64 1.54
CA ILE D 550 27.10 22.44 2.75
C ILE D 550 28.35 23.29 2.95
N ASN D 551 28.15 24.60 3.09
CA ASN D 551 29.22 25.55 3.25
C ASN D 551 28.84 26.54 4.34
N GLU D 552 29.84 27.05 5.06
CA GLU D 552 29.55 27.96 6.15
C GLU D 552 28.96 29.27 5.65
N GLU D 553 29.40 29.75 4.50
CA GLU D 553 28.89 31.00 3.96
C GLU D 553 27.43 30.86 3.52
N ARG D 554 27.07 29.72 2.95
CA ARG D 554 25.69 29.50 2.52
C ARG D 554 24.77 29.25 3.71
N SER D 555 25.25 28.50 4.70
CA SER D 555 24.40 28.05 5.81
C SER D 555 24.02 29.17 6.77
N GLU D 556 24.58 30.37 6.62
CA GLU D 556 24.13 31.50 7.42
C GLU D 556 22.78 32.02 6.94
N ILE D 557 22.55 32.04 5.63
CA ILE D 557 21.34 32.61 5.06
C ILE D 557 20.25 31.58 4.79
N VAL D 558 20.61 30.30 4.62
CA VAL D 558 19.66 29.22 4.44
C VAL D 558 20.03 28.11 5.40
N ASP D 559 19.07 27.22 5.65
CA ASP D 559 19.27 26.09 6.55
C ASP D 559 19.13 24.79 5.77
N PHE D 560 20.17 23.97 5.83
CA PHE D 560 20.20 22.72 5.09
C PHE D 560 19.56 21.61 5.90
N SER D 561 19.52 20.42 5.33
CA SER D 561 19.06 19.22 6.00
C SER D 561 20.24 18.29 6.27
N VAL D 562 19.94 17.12 6.81
CA VAL D 562 21.00 16.16 7.14
C VAL D 562 21.66 15.70 5.84
N PRO D 563 22.99 15.68 5.75
CA PRO D 563 23.64 15.20 4.53
C PRO D 563 23.31 13.74 4.26
N PHE D 564 23.16 13.42 2.97
CA PHE D 564 22.92 12.04 2.54
C PHE D 564 23.96 11.52 1.57
N VAL D 565 24.90 12.35 1.13
CA VAL D 565 26.03 11.92 0.32
C VAL D 565 27.27 12.65 0.80
N GLU D 566 28.35 11.92 1.04
CA GLU D 566 29.59 12.51 1.50
C GLU D 566 30.42 13.01 0.32
N THR D 567 31.02 14.18 0.48
CA THR D 567 31.80 14.82 -0.56
C THR D 567 33.05 15.43 0.06
N GLY D 568 33.73 16.28 -0.69
CA GLY D 568 34.92 16.95 -0.22
C GLY D 568 35.70 17.60 -1.33
N ILE D 569 37.02 17.41 -1.34
CA ILE D 569 37.89 17.88 -2.41
C ILE D 569 38.93 16.80 -2.68
N SER D 570 39.07 16.40 -3.94
CA SER D 570 40.02 15.36 -4.32
C SER D 570 40.69 15.76 -5.62
N VAL D 571 41.70 14.97 -6.01
CA VAL D 571 42.52 15.24 -7.18
C VAL D 571 42.55 14.01 -8.08
N MET D 572 42.41 14.21 -9.38
CA MET D 572 42.37 13.14 -10.36
C MET D 572 43.58 13.23 -11.28
N VAL D 573 44.23 12.09 -11.50
CA VAL D 573 45.38 12.00 -12.41
C VAL D 573 45.21 10.78 -13.29
N ALA D 574 45.98 10.76 -14.38
CA ALA D 574 45.93 9.68 -15.35
C ALA D 574 47.15 8.78 -15.21
N ARG D 575 46.94 7.48 -15.36
CA ARG D 575 48.03 6.52 -15.27
C ARG D 575 48.99 6.70 -16.44
N SER D 576 50.28 6.48 -16.17
CA SER D 576 51.34 6.57 -17.18
C SER D 576 51.32 7.90 -17.90
N GLY D 660 90.87 -38.80 -2.55
CA GLY D 660 89.80 -38.92 -1.59
C GLY D 660 88.52 -39.51 -2.17
N THR D 661 88.38 -40.83 -2.06
CA THR D 661 87.18 -41.48 -2.57
C THR D 661 85.94 -41.03 -1.80
N THR D 662 86.02 -41.05 -0.46
CA THR D 662 84.90 -40.59 0.35
C THR D 662 84.69 -39.09 0.20
N SER D 663 85.77 -38.32 0.10
CA SER D 663 85.66 -36.87 -0.06
C SER D 663 84.96 -36.53 -1.37
N LYS D 664 85.32 -37.21 -2.47
CA LYS D 664 84.66 -36.96 -3.74
C LYS D 664 83.19 -37.35 -3.68
N ILE D 665 82.88 -38.47 -3.02
CA ILE D 665 81.49 -38.91 -2.90
C ILE D 665 80.69 -37.91 -2.07
N MET D 666 81.26 -37.43 -0.97
CA MET D 666 80.57 -36.49 -0.09
C MET D 666 80.32 -35.14 -0.75
N VAL D 667 80.97 -34.85 -1.88
CA VAL D 667 80.73 -33.58 -2.57
C VAL D 667 79.29 -33.53 -3.08
N LEU D 668 78.76 -34.68 -3.51
CA LEU D 668 77.39 -34.72 -4.03
C LEU D 668 76.39 -34.24 -2.99
N VAL D 669 76.58 -34.63 -1.72
CA VAL D 669 75.73 -34.12 -0.66
C VAL D 669 75.91 -32.61 -0.51
N TRP D 670 77.16 -32.14 -0.58
CA TRP D 670 77.41 -30.69 -0.55
C TRP D 670 76.83 -30.02 -1.79
N ALA D 671 76.98 -30.65 -2.95
CA ALA D 671 76.43 -30.12 -4.19
C ALA D 671 74.92 -30.33 -4.31
N PHE D 672 74.33 -31.14 -3.43
CA PHE D 672 72.89 -31.35 -3.47
C PHE D 672 72.14 -30.05 -3.20
N PHE D 673 72.61 -29.26 -2.24
CA PHE D 673 71.94 -28.02 -1.88
C PHE D 673 72.03 -26.97 -2.97
N ALA D 674 72.93 -27.14 -3.95
CA ALA D 674 73.07 -26.15 -5.01
C ALA D 674 71.79 -26.02 -5.83
N VAL D 675 71.19 -27.15 -6.20
CA VAL D 675 69.94 -27.10 -6.95
C VAL D 675 68.81 -26.61 -6.05
N ILE D 676 68.85 -26.98 -4.77
CA ILE D 676 67.80 -26.56 -3.84
C ILE D 676 67.77 -25.04 -3.71
N PHE D 677 68.95 -24.41 -3.68
CA PHE D 677 69.02 -22.96 -3.70
C PHE D 677 68.37 -22.42 -4.97
N LEU D 678 68.67 -23.04 -6.12
CA LEU D 678 68.05 -22.61 -7.36
C LEU D 678 66.57 -23.01 -7.40
N ALA D 679 66.26 -24.25 -7.01
CA ALA D 679 64.88 -24.73 -7.10
C ALA D 679 63.93 -23.91 -6.22
N SER D 680 64.35 -23.61 -5.00
CA SER D 680 63.49 -22.85 -4.10
C SER D 680 63.30 -21.42 -4.60
N TYR D 681 64.34 -20.82 -5.18
CA TYR D 681 64.24 -19.43 -5.60
C TYR D 681 63.33 -19.26 -6.80
N THR D 682 63.31 -20.23 -7.71
CA THR D 682 62.42 -20.13 -8.87
C THR D 682 60.95 -20.10 -8.44
N ALA D 683 60.59 -20.93 -7.46
CA ALA D 683 59.21 -20.93 -6.97
C ALA D 683 58.86 -19.59 -6.34
N ASN D 684 59.76 -19.03 -5.55
CA ASN D 684 59.51 -17.73 -4.92
C ASN D 684 59.47 -16.60 -5.94
N LEU D 685 60.06 -16.79 -7.12
CA LEU D 685 60.06 -15.74 -8.13
C LEU D 685 58.66 -15.38 -8.60
N ALA D 686 57.70 -16.29 -8.46
CA ALA D 686 56.32 -16.03 -8.82
C ALA D 686 55.53 -15.35 -7.71
N ALA D 687 56.14 -15.14 -6.54
CA ALA D 687 55.47 -14.47 -5.43
C ALA D 687 55.75 -12.97 -5.37
N PHE D 688 56.71 -12.48 -6.17
CA PHE D 688 57.00 -11.05 -6.17
C PHE D 688 55.82 -10.24 -6.68
N MET D 689 55.15 -10.73 -7.72
CA MET D 689 54.05 -10.03 -8.36
C MET D 689 52.68 -10.52 -7.91
N ILE D 690 52.62 -11.34 -6.84
CA ILE D 690 51.34 -11.76 -6.31
C ILE D 690 50.59 -10.59 -5.69
N GLN D 691 51.28 -9.49 -5.38
CA GLN D 691 50.68 -8.34 -4.74
C GLN D 691 51.11 -7.07 -5.45
N GLU D 692 50.31 -6.03 -5.31
CA GLU D 692 50.61 -4.73 -5.91
C GLU D 692 51.34 -3.82 -4.93
N ASP D 696 51.48 6.54 -6.97
CA ASP D 696 50.95 7.76 -6.37
C ASP D 696 52.03 8.57 -5.67
N THR D 697 52.83 9.30 -6.45
CA THR D 697 53.84 10.19 -5.86
C THR D 697 53.28 11.59 -5.66
N VAL D 698 52.08 11.66 -5.08
CA VAL D 698 51.43 12.91 -4.71
C VAL D 698 50.69 12.67 -3.40
N SER D 699 50.95 13.51 -2.40
CA SER D 699 50.33 13.34 -1.10
C SER D 699 49.04 14.14 -0.93
N GLY D 700 48.62 14.89 -1.95
CA GLY D 700 47.39 15.65 -1.91
C GLY D 700 47.65 17.14 -2.05
N LEU D 701 46.91 17.92 -1.27
CA LEU D 701 47.00 19.38 -1.30
C LEU D 701 48.11 19.93 -0.41
N SER D 702 48.84 19.07 0.30
CA SER D 702 49.91 19.50 1.17
C SER D 702 51.29 19.39 0.54
N ASP D 703 51.39 18.87 -0.69
CA ASP D 703 52.68 18.73 -1.33
C ASP D 703 53.25 20.09 -1.72
N ARG D 704 54.56 20.25 -1.50
CA ARG D 704 55.23 21.51 -1.84
C ARG D 704 55.09 21.85 -3.32
N LYS D 705 54.95 20.85 -4.17
CA LYS D 705 54.75 21.08 -5.60
C LYS D 705 53.40 21.72 -5.88
N PHE D 706 52.49 21.73 -4.92
CA PHE D 706 51.16 22.31 -5.12
C PHE D 706 51.10 23.78 -4.72
N GLN D 707 51.54 24.10 -3.50
CA GLN D 707 51.43 25.49 -3.04
C GLN D 707 52.34 26.42 -3.82
N ARG D 708 53.56 25.98 -4.15
CA ARG D 708 54.54 26.81 -4.84
C ARG D 708 55.09 26.08 -6.06
N PRO D 709 54.32 26.00 -7.14
CA PRO D 709 54.82 25.38 -8.38
C PRO D 709 55.73 26.28 -9.20
N GLN D 710 55.90 27.55 -8.80
CA GLN D 710 56.56 28.53 -9.66
C GLN D 710 58.01 28.15 -9.94
N GLU D 711 58.73 27.70 -8.91
CA GLU D 711 60.16 27.44 -9.06
C GLU D 711 60.47 26.05 -9.60
N GLN D 712 59.54 25.09 -9.47
CA GLN D 712 59.84 23.72 -9.86
C GLN D 712 59.67 23.52 -11.36
N TYR D 713 58.45 23.69 -11.87
CA TYR D 713 58.16 23.51 -13.28
C TYR D 713 56.98 24.38 -13.68
N PRO D 714 57.20 25.44 -14.46
CA PRO D 714 56.10 26.31 -14.89
C PRO D 714 54.99 25.55 -15.59
N PRO D 715 55.30 24.52 -16.41
CA PRO D 715 54.15 23.74 -16.94
C PRO D 715 53.59 22.75 -15.93
N LEU D 716 52.95 23.28 -14.89
CA LEU D 716 52.26 22.48 -13.89
C LEU D 716 50.85 23.06 -13.72
N LYS D 717 49.84 22.27 -14.08
CA LYS D 717 48.47 22.76 -14.24
C LYS D 717 47.54 22.11 -13.23
N PHE D 718 46.68 22.92 -12.62
CA PHE D 718 45.66 22.42 -11.71
C PHE D 718 44.25 22.68 -12.24
N GLY D 719 43.91 23.94 -12.51
CA GLY D 719 42.70 24.26 -13.24
C GLY D 719 41.37 23.75 -12.73
N THR D 720 40.88 24.27 -11.61
CA THR D 720 39.54 23.90 -11.16
C THR D 720 38.48 24.75 -11.87
N VAL D 721 37.24 24.26 -11.82
CA VAL D 721 36.09 24.94 -12.41
C VAL D 721 35.63 26.08 -11.51
N PRO D 722 35.54 27.31 -12.00
CA PRO D 722 35.24 28.45 -11.12
C PRO D 722 33.76 28.60 -10.83
N ASN D 723 33.46 29.59 -9.97
CA ASN D 723 32.16 29.82 -9.33
C ASN D 723 31.60 28.58 -8.66
N GLY D 724 32.39 27.89 -7.86
CA GLY D 724 31.91 26.76 -7.07
C GLY D 724 32.17 27.01 -5.60
N SER D 725 32.43 25.92 -4.88
CA SER D 725 32.90 25.99 -3.51
C SER D 725 34.36 25.61 -3.36
N THR D 726 34.88 24.74 -4.23
CA THR D 726 36.30 24.45 -4.22
C THR D 726 37.12 25.69 -4.54
N GLU D 727 36.61 26.57 -5.40
CA GLU D 727 37.26 27.85 -5.61
C GLU D 727 37.25 28.71 -4.36
N LYS D 728 36.23 28.54 -3.51
CA LYS D 728 36.11 29.38 -2.33
C LYS D 728 37.12 28.99 -1.26
N ASN D 729 37.36 27.69 -1.08
CA ASN D 729 38.35 27.25 -0.09
C ASN D 729 39.75 27.74 -0.45
N ILE D 730 40.18 27.48 -1.70
CA ILE D 730 41.53 27.83 -2.10
C ILE D 730 41.70 29.34 -2.16
N ARG D 731 40.64 30.09 -2.42
CA ARG D 731 40.73 31.54 -2.40
C ARG D 731 40.87 32.10 -0.99
N SER D 732 40.47 31.35 0.04
CA SER D 732 40.51 31.84 1.41
C SER D 732 41.51 31.09 2.28
N ASN D 733 42.03 29.96 1.84
CA ASN D 733 43.01 29.19 2.59
C ASN D 733 44.40 29.22 1.98
N TYR D 734 44.52 29.08 0.67
CA TYR D 734 45.80 29.02 -0.02
C TYR D 734 45.81 30.05 -1.14
N PRO D 735 45.99 31.33 -0.82
CA PRO D 735 46.04 32.36 -1.87
C PRO D 735 47.21 32.20 -2.83
N ASP D 736 48.25 31.45 -2.45
CA ASP D 736 49.37 31.24 -3.34
C ASP D 736 48.98 30.43 -4.56
N MET D 737 48.18 29.38 -4.37
CA MET D 737 47.73 28.59 -5.52
C MET D 737 46.77 29.38 -6.40
N HIS D 738 45.90 30.18 -5.79
CA HIS D 738 44.79 30.78 -6.55
C HIS D 738 45.30 31.70 -7.64
N SER D 739 46.31 32.52 -7.35
CA SER D 739 46.83 33.43 -8.36
C SER D 739 47.54 32.70 -9.49
N TYR D 740 47.96 31.45 -9.26
CA TYR D 740 48.59 30.64 -10.29
C TYR D 740 47.69 29.57 -10.86
N MET D 741 46.67 29.15 -10.11
CA MET D 741 45.70 28.16 -10.60
C MET D 741 44.76 28.74 -11.64
N VAL D 742 44.57 30.06 -11.66
CA VAL D 742 43.55 30.67 -12.50
C VAL D 742 43.90 30.57 -13.98
N ARG D 743 45.15 30.30 -14.32
CA ARG D 743 45.57 30.29 -15.72
C ARG D 743 45.00 29.12 -16.51
N TYR D 744 44.49 28.09 -15.84
CA TYR D 744 44.05 26.88 -16.54
C TYR D 744 42.67 26.42 -16.09
N ASN D 745 41.83 27.35 -15.61
CA ASN D 745 40.50 26.97 -15.14
C ASN D 745 39.64 26.51 -16.30
N GLN D 746 39.06 25.31 -16.16
CA GLN D 746 38.21 24.68 -17.17
C GLN D 746 36.76 25.15 -17.04
N PRO D 747 36.02 25.20 -18.15
CA PRO D 747 34.60 25.60 -18.07
C PRO D 747 33.62 24.47 -17.86
N ARG D 748 34.03 23.21 -18.04
CA ARG D 748 33.15 22.08 -17.83
C ARG D 748 33.97 20.89 -17.35
N VAL D 749 33.28 19.94 -16.71
CA VAL D 749 33.96 18.76 -16.18
C VAL D 749 34.42 17.86 -17.31
N GLU D 750 33.54 17.59 -18.29
CA GLU D 750 33.89 16.69 -19.37
C GLU D 750 34.93 17.27 -20.31
N GLU D 751 35.09 18.59 -20.33
CA GLU D 751 36.18 19.19 -21.09
C GLU D 751 37.51 19.02 -20.40
N ALA D 752 37.52 19.04 -19.07
CA ALA D 752 38.77 18.89 -18.32
C ALA D 752 39.39 17.52 -18.54
N LEU D 753 38.57 16.47 -18.57
CA LEU D 753 39.10 15.11 -18.73
C LEU D 753 39.76 14.92 -20.09
N THR D 754 39.15 15.46 -21.15
CA THR D 754 39.76 15.35 -22.47
C THR D 754 41.06 16.12 -22.54
N GLN D 755 41.10 17.32 -21.96
CA GLN D 755 42.35 18.07 -21.87
C GLN D 755 43.38 17.31 -21.04
N LEU D 756 42.93 16.52 -20.07
CA LEU D 756 43.85 15.82 -19.18
C LEU D 756 44.54 14.66 -19.88
N LYS D 757 43.84 13.99 -20.81
CA LYS D 757 44.43 12.86 -21.54
C LYS D 757 45.28 13.29 -22.72
N ALA D 758 45.24 14.57 -23.11
CA ALA D 758 46.04 15.07 -24.21
C ALA D 758 47.36 15.70 -23.75
N GLY D 759 47.64 15.66 -22.46
CA GLY D 759 48.86 16.24 -21.93
C GLY D 759 48.82 17.73 -21.71
N LYS D 760 47.71 18.40 -22.04
CA LYS D 760 47.58 19.82 -21.78
C LYS D 760 47.24 20.13 -20.32
N LEU D 761 46.86 19.12 -19.54
CA LEU D 761 46.56 19.28 -18.13
C LEU D 761 47.22 18.16 -17.35
N ASP D 762 47.48 18.40 -16.08
CA ASP D 762 48.17 17.44 -15.22
C ASP D 762 47.26 16.85 -14.15
N ALA D 763 46.60 17.69 -13.37
CA ALA D 763 45.72 17.23 -12.30
C ALA D 763 44.44 18.06 -12.31
N PHE D 764 43.37 17.48 -11.77
CA PHE D 764 42.07 18.12 -11.72
C PHE D 764 41.58 18.14 -10.28
N ILE D 765 41.11 19.31 -9.83
CA ILE D 765 40.66 19.51 -8.46
C ILE D 765 39.17 19.85 -8.50
N TYR D 766 38.35 18.99 -7.90
CA TYR D 766 36.91 19.13 -8.00
C TYR D 766 36.25 18.34 -6.87
N ASP D 767 34.94 18.19 -6.96
CA ASP D 767 34.17 17.47 -5.94
C ASP D 767 34.59 16.01 -5.88
N ALA D 768 34.52 15.44 -4.68
CA ALA D 768 34.97 14.07 -4.47
C ALA D 768 33.99 13.05 -5.02
N ALA D 769 32.69 13.31 -4.90
CA ALA D 769 31.70 12.34 -5.35
C ALA D 769 31.63 12.27 -6.86
N VAL D 770 31.79 13.41 -7.55
CA VAL D 770 31.78 13.41 -9.00
C VAL D 770 33.02 12.73 -9.55
N LEU D 771 34.20 13.07 -9.02
CA LEU D 771 35.43 12.49 -9.54
C LEU D 771 35.54 11.01 -9.24
N ASN D 772 34.92 10.55 -8.15
CA ASN D 772 34.90 9.12 -7.88
C ASN D 772 34.08 8.37 -8.91
N TYR D 773 33.01 8.97 -9.42
CA TYR D 773 32.18 8.32 -10.42
C TYR D 773 32.90 8.24 -11.76
N MET D 774 33.60 9.30 -12.16
CA MET D 774 34.33 9.27 -13.42
C MET D 774 35.39 8.18 -13.44
N ALA D 775 36.04 7.96 -12.29
CA ALA D 775 37.04 6.89 -12.21
C ALA D 775 36.39 5.52 -12.40
N ARG D 776 35.21 5.31 -11.81
CA ARG D 776 34.50 4.05 -11.95
C ARG D 776 33.61 4.00 -13.19
N LYS D 777 33.51 5.10 -13.94
CA LYS D 777 32.74 5.11 -15.18
C LYS D 777 33.68 4.86 -16.35
N ASP D 778 34.29 3.68 -16.33
CA ASP D 778 35.19 3.23 -17.38
C ASP D 778 36.31 4.23 -17.65
N GLU D 779 36.12 5.08 -18.66
CA GLU D 779 37.15 5.98 -19.15
C GLU D 779 38.38 5.21 -19.66
N GLY D 780 38.15 3.98 -20.11
CA GLY D 780 39.24 3.15 -20.59
C GLY D 780 40.22 2.72 -19.52
N CYS D 781 39.82 2.78 -18.25
CA CYS D 781 40.70 2.46 -17.12
C CYS D 781 41.99 3.27 -17.18
N LYS D 782 41.83 4.59 -17.35
CA LYS D 782 42.95 5.49 -17.51
C LYS D 782 43.11 6.49 -16.38
N LEU D 783 42.02 6.83 -15.68
CA LEU D 783 42.04 7.87 -14.67
C LEU D 783 41.93 7.28 -13.27
N VAL D 784 42.74 7.79 -12.35
CA VAL D 784 42.69 7.41 -10.94
C VAL D 784 42.76 8.66 -10.08
N THR D 785 42.34 8.52 -8.83
CA THR D 785 42.36 9.60 -7.85
C THR D 785 43.47 9.33 -6.84
N ILE D 786 44.29 10.34 -6.59
CA ILE D 786 45.45 10.16 -5.72
C ILE D 786 45.02 9.90 -4.29
N GLY D 787 45.90 9.27 -3.53
CA GLY D 787 45.62 8.93 -2.14
C GLY D 787 44.41 8.04 -1.98
N SER D 788 44.25 7.06 -2.88
CA SER D 788 43.05 6.23 -2.95
C SER D 788 41.86 7.18 -3.11
N GLY D 789 40.77 7.01 -2.37
CA GLY D 789 39.68 7.95 -2.43
C GLY D 789 39.83 9.05 -1.41
N LYS D 790 40.95 9.76 -1.47
CA LYS D 790 41.23 10.79 -0.48
C LYS D 790 40.27 11.95 -0.60
N VAL D 791 39.81 12.46 0.55
CA VAL D 791 38.82 13.52 0.62
C VAL D 791 39.34 14.60 1.56
N PHE D 792 39.31 15.85 1.10
CA PHE D 792 39.71 17.01 1.88
C PHE D 792 38.53 17.95 2.04
N ALA D 793 38.47 18.61 3.20
CA ALA D 793 37.37 19.50 3.56
C ALA D 793 36.02 18.79 3.46
N THR D 794 35.86 17.77 4.31
CA THR D 794 34.70 16.90 4.25
C THR D 794 33.41 17.68 4.45
N THR D 795 32.44 17.46 3.57
CA THR D 795 31.12 18.08 3.63
C THR D 795 30.11 17.05 3.17
N GLY D 796 28.90 17.50 2.86
CA GLY D 796 27.86 16.61 2.39
C GLY D 796 26.91 17.33 1.46
N TYR D 797 25.98 16.58 0.89
CA TYR D 797 24.93 17.11 0.03
C TYR D 797 23.67 17.29 0.86
N GLY D 798 23.05 18.47 0.76
CA GLY D 798 21.87 18.76 1.54
C GLY D 798 20.80 19.42 0.70
N ILE D 799 19.60 19.51 1.29
CA ILE D 799 18.46 20.17 0.68
C ILE D 799 18.29 21.53 1.35
N ALA D 800 18.39 22.60 0.56
CA ALA D 800 18.29 23.94 1.10
C ALA D 800 16.85 24.36 1.31
N LEU D 801 16.59 25.06 2.41
CA LEU D 801 15.28 25.59 2.75
C LEU D 801 15.43 27.06 3.10
N HIS D 802 14.32 27.77 3.22
CA HIS D 802 14.38 29.22 3.15
C HIS D 802 15.21 29.87 4.27
N LYS D 803 14.66 29.95 5.48
CA LYS D 803 15.49 30.26 6.65
C LYS D 803 15.07 29.45 7.86
N GLY D 804 13.76 29.31 8.03
CA GLY D 804 13.18 28.65 9.19
C GLY D 804 11.97 27.83 8.80
N SER D 805 12.01 27.28 7.59
CA SER D 805 10.85 26.58 7.05
C SER D 805 10.44 25.43 7.95
N ARG D 806 9.14 25.23 8.06
CA ARG D 806 8.52 24.17 8.86
C ARG D 806 8.71 22.81 8.24
N TRP D 807 9.52 22.69 7.20
CA TRP D 807 9.67 21.43 6.48
C TRP D 807 10.94 20.67 6.82
N LYS D 808 11.93 21.33 7.44
CA LYS D 808 13.20 20.64 7.69
C LYS D 808 13.02 19.53 8.72
N ARG D 809 12.25 19.77 9.77
CA ARG D 809 12.03 18.74 10.78
C ARG D 809 11.34 17.50 10.22
N PRO D 810 10.23 17.60 9.47
CA PRO D 810 9.61 16.37 8.97
C PRO D 810 10.40 15.65 7.88
N ILE D 811 11.30 16.32 7.17
CA ILE D 811 12.08 15.65 6.13
C ILE D 811 13.44 15.18 6.61
N ASP D 812 13.96 15.73 7.72
CA ASP D 812 15.18 15.18 8.30
C ASP D 812 14.95 13.79 8.84
N LEU D 813 13.86 13.61 9.60
CA LEU D 813 13.57 12.30 10.18
C LEU D 813 13.32 11.26 9.09
N ALA D 814 12.66 11.67 7.99
CA ALA D 814 12.47 10.76 6.87
C ALA D 814 13.80 10.35 6.26
N LEU D 815 14.73 11.30 6.10
CA LEU D 815 16.05 10.98 5.57
C LEU D 815 16.80 10.04 6.49
N LEU D 816 16.73 10.27 7.80
CA LEU D 816 17.36 9.34 8.74
C LEU D 816 16.69 7.98 8.71
N GLN D 817 15.40 7.92 8.37
CA GLN D 817 14.70 6.65 8.32
C GLN D 817 15.10 5.84 7.09
N PHE D 818 15.32 6.51 5.95
CA PHE D 818 15.82 5.81 4.78
C PHE D 818 17.19 5.21 5.06
N LEU D 819 18.06 5.97 5.72
CA LEU D 819 19.39 5.49 6.05
C LEU D 819 19.34 4.43 7.15
N GLY D 820 18.30 4.43 7.98
CA GLY D 820 18.16 3.37 8.97
C GLY D 820 18.02 2.01 8.32
N ASP D 821 17.16 1.91 7.31
CA ASP D 821 17.14 0.76 6.42
C ASP D 821 18.22 0.97 5.35
N ASP D 822 18.17 0.17 4.29
CA ASP D 822 19.18 0.25 3.24
C ASP D 822 18.63 0.89 1.96
N GLU D 823 17.68 1.82 2.09
CA GLU D 823 17.14 2.49 0.91
C GLU D 823 18.22 3.29 0.19
N ILE D 824 19.03 4.02 0.94
CA ILE D 824 20.10 4.81 0.32
C ILE D 824 21.14 3.90 -0.30
N GLU D 825 21.41 2.76 0.35
CA GLU D 825 22.43 1.84 -0.14
C GLU D 825 22.07 1.29 -1.52
N MET D 826 20.80 0.94 -1.73
CA MET D 826 20.39 0.41 -3.03
C MET D 826 20.47 1.46 -4.12
N LEU D 827 20.21 2.73 -3.78
CA LEU D 827 20.28 3.80 -4.78
C LEU D 827 21.70 3.99 -5.29
N GLU D 828 22.69 3.94 -4.38
CA GLU D 828 24.07 4.12 -4.79
C GLU D 828 24.53 3.02 -5.73
N ARG D 829 24.16 1.77 -5.44
CA ARG D 829 24.56 0.65 -6.28
C ARG D 829 23.82 0.61 -7.62
N LEU D 830 22.79 1.43 -7.79
CA LEU D 830 22.03 1.47 -9.04
C LEU D 830 22.54 2.53 -10.00
N TRP D 831 22.91 3.71 -9.49
CA TRP D 831 23.40 4.81 -10.31
C TRP D 831 24.90 5.04 -10.17
N LEU D 832 25.44 4.96 -8.96
CA LEU D 832 26.83 5.32 -8.70
C LEU D 832 27.79 4.14 -8.79
N SER D 833 27.30 2.95 -9.13
CA SER D 833 28.14 1.76 -9.23
C SER D 833 28.57 1.55 -10.68
N GLY D 834 29.77 1.01 -10.84
CA GLY D 834 30.32 0.81 -12.16
C GLY D 834 31.41 -0.24 -12.17
N ILE D 835 32.26 -0.16 -13.19
CA ILE D 835 33.33 -1.12 -13.41
C ILE D 835 34.64 -0.34 -13.39
N CYS D 836 35.76 -1.01 -13.60
CA CYS D 836 37.09 -0.39 -13.56
C CYS D 836 37.39 0.15 -12.16
N HIS D 837 37.17 -0.71 -11.16
CA HIS D 837 37.44 -0.34 -9.77
C HIS D 837 38.95 -0.24 -9.54
N ASN D 838 39.32 0.68 -8.66
CA ASN D 838 40.73 0.89 -8.31
C ASN D 838 41.23 -0.20 -7.36
N ALA D 854 61.88 -3.32 -14.78
CA ALA D 854 63.01 -4.23 -14.71
C ALA D 854 64.28 -3.48 -14.30
N GLY D 855 64.09 -2.37 -13.59
CA GLY D 855 65.24 -1.60 -13.12
C GLY D 855 66.11 -2.35 -12.15
N VAL D 856 65.50 -3.22 -11.33
CA VAL D 856 66.27 -3.99 -10.37
C VAL D 856 67.22 -4.95 -11.06
N PHE D 857 66.80 -5.49 -12.22
CA PHE D 857 67.65 -6.45 -12.92
C PHE D 857 68.95 -5.81 -13.37
N TYR D 858 68.90 -4.57 -13.85
CA TYR D 858 70.13 -3.87 -14.23
C TYR D 858 70.96 -3.52 -13.01
N MET D 859 70.33 -3.32 -11.85
CA MET D 859 71.07 -3.01 -10.64
C MET D 859 71.96 -4.17 -10.22
N LEU D 860 71.47 -5.40 -10.34
CA LEU D 860 72.28 -6.57 -10.01
C LEU D 860 73.49 -6.66 -10.94
N LEU D 861 73.28 -6.40 -12.23
CA LEU D 861 74.41 -6.41 -13.17
C LEU D 861 75.40 -5.31 -12.83
N VAL D 862 74.92 -4.12 -12.47
CA VAL D 862 75.81 -3.03 -12.10
C VAL D 862 76.61 -3.39 -10.86
N ALA D 863 75.96 -4.00 -9.86
CA ALA D 863 76.69 -4.48 -8.69
C ALA D 863 77.66 -5.58 -9.07
N MET D 864 77.25 -6.47 -9.98
CA MET D 864 78.15 -7.51 -10.45
C MET D 864 79.34 -6.91 -11.20
N GLY D 865 79.08 -5.89 -12.04
CA GLY D 865 80.16 -5.26 -12.78
C GLY D 865 81.18 -4.59 -11.86
N LEU D 866 80.69 -3.90 -10.83
CA LEU D 866 81.59 -3.27 -9.87
C LEU D 866 82.26 -4.28 -8.97
N SER D 867 81.71 -5.48 -8.85
CA SER D 867 82.30 -6.49 -7.96
C SER D 867 83.66 -6.95 -8.47
N LEU D 868 83.73 -7.32 -9.75
CA LEU D 868 85.00 -7.78 -10.32
C LEU D 868 85.93 -6.61 -10.64
N LEU D 869 85.38 -5.46 -11.02
CA LEU D 869 86.21 -4.31 -11.36
C LEU D 869 87.02 -3.83 -10.17
N VAL D 870 86.42 -3.82 -8.98
CA VAL D 870 87.10 -3.40 -7.77
C VAL D 870 87.95 -4.53 -7.21
#